data_3FG1
#
_entry.id   3FG1
#
_cell.length_a   103.982
_cell.length_b   170.224
_cell.length_c   104.497
_cell.angle_alpha   90.000
_cell.angle_beta   95.880
_cell.angle_gamma   90.000
#
_symmetry.space_group_name_H-M   'P 1 21 1'
#
loop_
_entity.id
_entity.type
_entity.pdbx_description
1 polymer 'Allene oxide synthase-lipoxygenase protein'
2 non-polymer 'FE (II) ION'
3 non-polymer 'CALCIUM ION'
4 non-polymer 'ACETIC ACID'
5 non-polymer GLYCEROL
6 non-polymer 'CHLORIDE ION'
7 water water
#
_entity_poly.entity_id   1
_entity_poly.type   'polypeptide(L)'
_entity_poly.pdbx_seq_one_letter_code
;MHHHHHAIYNVEVETGDREHAGTDATITIRITGAKGRTDYLKLDKGSFEAGSKEQYTVQGFDVGDIQLIELHSDGGGYWS
GDPDWFVNRVIIISSTQDRVYSFPCFRWVIKDMVLFPGEATLPFNEVPAIVSEQRQKELEQRKLTYQWDYVSDDMPGNIK
AKTHDDLPRDVQFTDEKSRSYQESRKAALVNLGIGSLFTMFENWDSYDDYHILYRNWILGGTPNMADRWHEDRWFGYQFL
NGANPVILTRCDALPSNFPVTNEHVNASLDRGKNLDEEIKDGHIYIVDFKVLVGAKSYGGPVLEDIGYKVPDHLKHDEAD
IRYCAAPLALFYVNKLGHLMPIAIQINQEPGPENPIWTPHEENEHDWMMAKFWLGVAESNFHQLNTHLLRTHLTTESFAL
STWRNLASAHPIFKLLQPHIYGVLAIDTIGRKELIGSGGIVDQSLSLGGGGHVTFMEKCFKEVNLQDYHLPNALKKRGVD
DPSKLPGFYYRDDGLALWEAIETFIGEIIAIFYKNDDDVKRDNEIQSWIYDVHKNGWRVNPGHQDHGVPASFESREQLKE
VLTSLVFTFSCQHAAVNFSQKDHYGFTPNAPAILRHPPPKKKGEATLQSILSTLPSKSQAAKAIATVYILTKFSEDERYL
GNYSATAWEDKDALDAINRFQDKLEDISKKIKQRNENLEVPYIYLLPERIPNGTAI
;
_entity_poly.pdbx_strand_id   A,B,C,D
#
loop_
_chem_comp.id
_chem_comp.type
_chem_comp.name
_chem_comp.formula
ACY non-polymer 'ACETIC ACID' 'C2 H4 O2'
CA non-polymer 'CALCIUM ION' 'Ca 2'
CL non-polymer 'CHLORIDE ION' 'Cl -1'
FE2 non-polymer 'FE (II) ION' 'Fe 2'
GOL non-polymer GLYCEROL 'C3 H8 O3'
#
# COMPACT_ATOMS: atom_id res chain seq x y z
N HIS A 5 -24.23 47.77 54.23
CA HIS A 5 -23.94 46.33 54.41
C HIS A 5 -23.81 45.67 53.03
N HIS A 6 -22.64 45.81 52.43
CA HIS A 6 -22.31 44.97 51.30
C HIS A 6 -21.66 43.69 51.85
N ALA A 7 -21.45 42.71 50.99
CA ALA A 7 -20.57 41.62 51.34
C ALA A 7 -19.53 41.55 50.29
N ILE A 8 -18.39 40.99 50.67
CA ILE A 8 -17.37 40.66 49.69
C ILE A 8 -17.42 39.17 49.46
N TYR A 9 -17.47 38.75 48.19
CA TYR A 9 -17.55 37.35 47.86
C TYR A 9 -16.26 36.94 47.17
N ASN A 10 -15.56 35.97 47.77
CA ASN A 10 -14.43 35.34 47.11
C ASN A 10 -14.96 34.17 46.31
N VAL A 11 -14.70 34.16 45.01
CA VAL A 11 -15.30 33.20 44.12
C VAL A 11 -14.18 32.42 43.44
N GLU A 12 -14.17 31.10 43.59
CA GLU A 12 -13.16 30.32 42.87
C GLU A 12 -13.87 29.37 41.94
N VAL A 13 -13.45 29.36 40.67
CA VAL A 13 -14.08 28.51 39.66
C VAL A 13 -13.06 27.49 39.10
N GLU A 14 -13.45 26.22 39.16
CA GLU A 14 -12.64 25.14 38.64
CA GLU A 14 -12.66 25.11 38.67
C GLU A 14 -13.20 24.63 37.30
N THR A 15 -12.46 24.88 36.23
CA THR A 15 -12.86 24.45 34.89
C THR A 15 -12.31 23.02 34.64
N GLY A 16 -13.14 22.17 34.05
CA GLY A 16 -12.74 20.80 33.79
C GLY A 16 -11.53 20.71 32.86
N ASP A 17 -10.77 19.63 32.98
CA ASP A 17 -9.56 19.49 32.17
C ASP A 17 -9.83 19.04 30.74
N ARG A 18 -11.04 18.64 30.41
CA ARG A 18 -11.27 18.00 29.10
C ARG A 18 -11.14 19.02 27.95
N GLU A 19 -10.78 18.53 26.76
CA GLU A 19 -10.67 19.39 25.60
C GLU A 19 -11.89 20.26 25.41
N HIS A 20 -11.62 21.54 25.12
CA HIS A 20 -12.64 22.57 24.90
C HIS A 20 -13.43 22.95 26.11
N ALA A 21 -13.00 22.47 27.28
CA ALA A 21 -13.66 22.84 28.55
C ALA A 21 -13.67 24.37 28.77
N GLY A 22 -12.62 25.03 28.28
CA GLY A 22 -12.39 26.44 28.57
C GLY A 22 -13.35 27.36 27.85
N THR A 23 -13.27 28.66 28.15
CA THR A 23 -14.14 29.58 27.43
C THR A 23 -13.53 30.96 27.39
N ASP A 24 -13.84 31.72 26.33
CA ASP A 24 -13.56 33.16 26.36
C ASP A 24 -14.81 34.04 26.34
N ALA A 25 -15.95 33.44 26.64
CA ALA A 25 -17.18 34.18 26.79
C ALA A 25 -17.06 35.05 28.02
N THR A 26 -17.87 36.09 28.05
CA THR A 26 -17.95 36.94 29.23
C THR A 26 -18.84 36.22 30.22
N ILE A 27 -18.32 36.02 31.44
CA ILE A 27 -19.01 35.25 32.46
C ILE A 27 -19.40 36.17 33.59
N THR A 28 -20.65 36.03 34.03
CA THR A 28 -21.09 36.73 35.21
C THR A 28 -21.70 35.74 36.20
N ILE A 29 -21.84 36.16 37.45
CA ILE A 29 -22.43 35.26 38.45
C ILE A 29 -23.44 36.05 39.29
N ARG A 30 -24.64 35.50 39.48
CA ARG A 30 -25.59 36.08 40.42
C ARG A 30 -25.67 35.17 41.64
N ILE A 31 -25.59 35.81 42.81
CA ILE A 31 -25.64 35.08 44.07
C ILE A 31 -26.97 35.35 44.79
N THR A 32 -27.66 34.28 45.18
CA THR A 32 -28.95 34.37 45.91
C THR A 32 -28.80 33.80 47.34
N GLY A 33 -29.36 34.50 48.33
CA GLY A 33 -29.44 33.92 49.68
C GLY A 33 -30.71 34.31 50.41
N ALA A 34 -30.69 34.05 51.72
CA ALA A 34 -31.83 34.30 52.57
C ALA A 34 -32.31 35.73 52.52
N LYS A 35 -31.39 36.69 52.32
CA LYS A 35 -31.73 38.12 52.42
C LYS A 35 -32.08 38.81 51.10
N GLY A 36 -31.80 38.15 49.98
CA GLY A 36 -32.12 38.75 48.67
C GLY A 36 -31.09 38.19 47.71
N ARG A 37 -30.81 38.96 46.65
CA ARG A 37 -29.80 38.51 45.73
C ARG A 37 -29.01 39.67 45.14
N THR A 38 -27.78 39.38 44.74
CA THR A 38 -26.90 40.34 44.09
C THR A 38 -27.41 40.51 42.64
N ASP A 39 -26.87 41.48 41.92
CA ASP A 39 -26.99 41.50 40.46
C ASP A 39 -26.02 40.48 39.86
N TYR A 40 -26.00 40.34 38.53
CA TYR A 40 -24.92 39.58 37.89
C TYR A 40 -23.60 40.34 38.03
N LEU A 41 -22.63 39.68 38.68
CA LEU A 41 -21.31 40.27 38.94
C LEU A 41 -20.29 39.67 37.99
N LYS A 42 -19.44 40.53 37.44
CA LYS A 42 -18.49 40.10 36.41
C LYS A 42 -17.33 39.29 37.02
N LEU A 43 -17.03 38.17 36.37
CA LEU A 43 -15.80 37.41 36.61
C LEU A 43 -14.96 37.62 35.35
N ASP A 44 -14.22 38.71 35.28
CA ASP A 44 -13.70 39.08 33.96
CA ASP A 44 -13.71 39.24 34.00
C ASP A 44 -12.18 39.19 33.80
N LYS A 45 -11.43 39.30 34.91
CA LYS A 45 -9.98 39.37 34.82
C LYS A 45 -9.36 37.98 34.62
N GLY A 46 -8.62 37.79 33.51
CA GLY A 46 -7.84 36.58 33.26
C GLY A 46 -8.66 35.58 32.44
N SER A 47 -8.05 34.46 32.08
CA SER A 47 -8.70 33.48 31.21
CA SER A 47 -8.68 33.47 31.23
C SER A 47 -9.38 32.36 32.02
N PHE A 48 -10.23 31.60 31.34
CA PHE A 48 -10.79 30.36 31.84
C PHE A 48 -10.26 29.22 30.92
N GLU A 49 -9.03 28.77 31.16
CA GLU A 49 -8.51 27.61 30.44
C GLU A 49 -8.98 26.28 31.01
N ALA A 50 -8.90 25.22 30.21
CA ALA A 50 -9.16 23.85 30.73
C ALA A 50 -8.24 23.52 31.89
N GLY A 51 -8.80 22.94 32.96
CA GLY A 51 -8.01 22.54 34.13
C GLY A 51 -7.69 23.69 35.06
N SER A 52 -8.16 24.90 34.75
CA SER A 52 -7.75 26.07 35.55
C SER A 52 -8.56 26.18 36.86
N LYS A 53 -7.93 26.76 37.87
CA LYS A 53 -8.66 27.13 39.09
C LYS A 53 -8.50 28.62 39.25
N GLU A 54 -9.56 29.39 39.02
CA GLU A 54 -9.43 30.83 38.84
C GLU A 54 -10.16 31.56 39.96
N GLN A 55 -9.54 32.60 40.52
CA GLN A 55 -10.14 33.33 41.63
C GLN A 55 -10.57 34.75 41.31
N TYR A 56 -11.69 35.15 41.91
CA TYR A 56 -12.32 36.45 41.71
C TYR A 56 -12.77 36.98 43.08
N THR A 57 -12.79 38.31 43.24
CA THR A 57 -13.30 38.95 44.46
C THR A 57 -14.31 40.01 43.98
N VAL A 58 -15.59 39.76 44.27
CA VAL A 58 -16.65 40.66 43.81
C VAL A 58 -17.43 41.11 45.02
N GLN A 59 -18.07 42.28 44.92
CA GLN A 59 -18.77 42.84 46.07
C GLN A 59 -20.21 43.11 45.63
N GLY A 60 -21.15 42.98 46.55
CA GLY A 60 -22.53 43.24 46.20
C GLY A 60 -23.35 43.22 47.47
N PHE A 61 -24.66 43.32 47.29
CA PHE A 61 -25.62 43.18 48.38
C PHE A 61 -25.29 41.94 49.22
N ASP A 62 -25.36 42.09 50.54
CA ASP A 62 -25.18 40.96 51.43
C ASP A 62 -26.42 40.07 51.46
N VAL A 63 -26.33 38.90 50.83
CA VAL A 63 -27.48 37.99 50.76
C VAL A 63 -27.66 37.12 52.01
N GLY A 64 -26.77 37.27 52.99
CA GLY A 64 -26.86 36.40 54.15
C GLY A 64 -26.41 35.00 53.77
N ASP A 65 -27.07 33.98 54.30
CA ASP A 65 -26.69 32.59 54.00
C ASP A 65 -26.96 32.34 52.51
N ILE A 66 -25.91 32.02 51.75
CA ILE A 66 -26.06 31.72 50.31
C ILE A 66 -26.86 30.44 50.02
N GLN A 67 -27.81 30.51 49.08
CA GLN A 67 -28.69 29.37 48.84
C GLN A 67 -28.58 28.76 47.44
N LEU A 68 -28.23 29.62 46.48
CA LEU A 68 -27.97 29.17 45.11
C LEU A 68 -27.20 30.26 44.38
N ILE A 69 -26.58 29.87 43.29
CA ILE A 69 -25.91 30.81 42.39
C ILE A 69 -26.36 30.53 40.95
N GLU A 70 -26.13 31.52 40.09
CA GLU A 70 -26.46 31.41 38.69
C GLU A 70 -25.28 31.95 37.89
N LEU A 71 -24.72 31.12 37.02
CA LEU A 71 -23.65 31.56 36.14
C LEU A 71 -24.32 31.95 34.85
N HIS A 72 -23.87 33.03 34.24
CA HIS A 72 -24.35 33.39 32.91
C HIS A 72 -23.18 33.58 31.97
N SER A 73 -23.33 33.06 30.75
CA SER A 73 -22.34 33.26 29.69
C SER A 73 -22.98 34.04 28.54
N ASP A 74 -22.25 35.01 28.00
CA ASP A 74 -22.80 35.78 26.88
C ASP A 74 -22.68 35.02 25.56
N GLY A 75 -22.15 33.80 25.65
CA GLY A 75 -22.01 32.92 24.47
C GLY A 75 -20.89 33.32 23.53
N GLY A 76 -19.96 34.17 24.02
CA GLY A 76 -18.82 34.60 23.25
C GLY A 76 -19.11 35.75 22.31
N GLY A 77 -18.06 36.19 21.63
CA GLY A 77 -18.19 37.25 20.62
C GLY A 77 -17.81 36.70 19.26
N TYR A 78 -17.56 37.59 18.31
CA TYR A 78 -17.33 37.24 16.91
C TYR A 78 -16.25 36.19 16.75
N TRP A 79 -15.16 36.35 17.50
CA TRP A 79 -13.97 35.50 17.36
C TRP A 79 -13.96 34.24 18.24
N SER A 80 -14.99 34.04 19.05
CA SER A 80 -15.03 32.93 20.00
C SER A 80 -15.19 31.60 19.30
N GLY A 81 -14.21 30.71 19.45
CA GLY A 81 -14.24 29.41 18.79
C GLY A 81 -15.22 28.44 19.42
N ASP A 82 -15.14 28.28 20.74
CA ASP A 82 -16.03 27.32 21.43
C ASP A 82 -16.41 27.87 22.81
N PRO A 83 -17.41 28.77 22.87
CA PRO A 83 -17.82 29.42 24.11
C PRO A 83 -18.34 28.49 25.21
N ASP A 84 -18.86 27.31 24.85
CA ASP A 84 -19.35 26.37 25.86
C ASP A 84 -18.24 26.06 26.86
N TRP A 85 -18.62 25.96 28.12
CA TRP A 85 -17.66 26.00 29.23
C TRP A 85 -17.96 24.83 30.17
N PHE A 86 -17.02 23.92 30.35
CA PHE A 86 -17.28 22.78 31.23
C PHE A 86 -16.76 23.12 32.62
N VAL A 87 -17.68 23.26 33.58
CA VAL A 87 -17.32 23.72 34.91
C VAL A 87 -17.40 22.53 35.88
N ASN A 88 -16.30 22.27 36.59
CA ASN A 88 -16.27 21.23 37.62
C ASN A 88 -17.01 21.72 38.85
N ARG A 89 -16.59 22.86 39.37
CA ARG A 89 -17.07 23.31 40.68
C ARG A 89 -16.86 24.80 40.88
N VAL A 90 -17.72 25.43 41.68
CA VAL A 90 -17.51 26.82 42.12
C VAL A 90 -17.47 26.78 43.65
N ILE A 91 -16.53 27.50 44.25
CA ILE A 91 -16.45 27.60 45.72
C ILE A 91 -16.57 29.07 46.09
N ILE A 92 -17.43 29.38 47.05
CA ILE A 92 -17.62 30.78 47.43
C ILE A 92 -17.50 30.95 48.93
N ILE A 93 -16.84 32.03 49.32
CA ILE A 93 -16.77 32.44 50.73
C ILE A 93 -17.32 33.84 50.74
N SER A 94 -18.32 34.06 51.58
CA SER A 94 -18.86 35.38 51.80
C SER A 94 -18.25 35.96 53.07
N SER A 95 -17.91 37.24 53.00
CA SER A 95 -17.36 37.98 54.15
C SER A 95 -18.29 38.01 55.34
N THR A 96 -19.56 37.69 55.14
CA THR A 96 -20.52 37.78 56.25
C THR A 96 -20.90 36.43 56.84
N GLN A 97 -20.38 35.35 56.25
CA GLN A 97 -20.81 34.01 56.61
C GLN A 97 -19.58 33.16 56.95
N ASP A 98 -19.66 32.44 58.05
CA ASP A 98 -18.51 31.68 58.50
C ASP A 98 -18.67 30.24 57.98
N ARG A 99 -18.50 30.08 56.68
CA ARG A 99 -18.89 28.88 55.92
C ARG A 99 -18.13 28.92 54.60
N VAL A 100 -17.83 27.75 54.05
CA VAL A 100 -17.33 27.68 52.69
C VAL A 100 -18.47 27.01 51.90
N TYR A 101 -18.91 27.63 50.82
CA TYR A 101 -20.02 27.07 50.04
C TYR A 101 -19.43 26.42 48.80
N SER A 102 -19.80 25.15 48.57
CA SER A 102 -19.21 24.40 47.48
C SER A 102 -20.33 23.96 46.56
N PHE A 103 -20.18 24.28 45.27
CA PHE A 103 -21.23 24.07 44.29
C PHE A 103 -20.70 23.14 43.19
N PRO A 104 -20.93 21.81 43.32
CA PRO A 104 -20.43 20.91 42.28
C PRO A 104 -21.25 21.08 41.01
N CYS A 105 -20.62 20.92 39.85
CA CYS A 105 -21.31 21.08 38.59
C CYS A 105 -21.07 19.86 37.69
N PHE A 106 -19.88 19.78 37.09
CA PHE A 106 -19.49 18.69 36.19
C PHE A 106 -20.44 18.54 35.01
N ARG A 107 -20.83 19.70 34.46
CA ARG A 107 -21.73 19.75 33.32
C ARG A 107 -21.33 20.94 32.49
N TRP A 108 -21.78 20.97 31.24
CA TRP A 108 -21.48 22.06 30.33
C TRP A 108 -22.34 23.30 30.58
N VAL A 109 -21.69 24.45 30.61
CA VAL A 109 -22.37 25.73 30.72
C VAL A 109 -22.51 26.35 29.32
N ILE A 110 -23.74 26.53 28.89
CA ILE A 110 -24.04 27.03 27.55
C ILE A 110 -24.35 28.52 27.64
N LYS A 111 -25.47 28.88 28.29
CA LYS A 111 -25.81 30.29 28.50
C LYS A 111 -26.07 30.53 30.00
N ASP A 112 -26.85 29.66 30.62
CA ASP A 112 -27.23 29.85 32.03
C ASP A 112 -27.06 28.54 32.81
N MET A 113 -26.56 28.62 34.05
CA MET A 113 -26.45 27.42 34.87
C MET A 113 -26.75 27.78 36.31
N VAL A 114 -27.79 27.14 36.86
CA VAL A 114 -28.10 27.25 38.28
C VAL A 114 -27.39 26.15 39.11
N LEU A 115 -26.75 26.51 40.23
CA LEU A 115 -26.08 25.51 41.07
C LEU A 115 -26.47 25.67 42.53
N PHE A 116 -26.53 24.55 43.27
CA PHE A 116 -26.84 24.63 44.71
C PHE A 116 -25.61 24.17 45.51
N PRO A 117 -25.43 24.72 46.73
CA PRO A 117 -24.30 24.35 47.57
C PRO A 117 -24.58 23.08 48.36
N GLY A 118 -23.52 22.35 48.66
CA GLY A 118 -23.60 21.28 49.66
C GLY A 118 -24.09 19.97 49.10
N GLU A 119 -24.61 19.14 50.00
CA GLU A 119 -24.91 17.74 49.74
C GLU A 119 -26.11 17.57 48.85
N ALA A 120 -26.15 16.42 48.20
CA ALA A 120 -27.30 15.97 47.38
C ALA A 120 -28.52 15.87 48.25
N THR A 121 -29.68 16.06 47.63
CA THR A 121 -30.98 15.97 48.33
C THR A 121 -32.02 15.18 47.53
N LEU A 122 -32.93 14.53 48.26
CA LEU A 122 -34.14 14.02 47.63
C LEU A 122 -35.10 15.20 47.51
N PRO A 123 -36.08 15.12 46.57
CA PRO A 123 -36.96 16.29 46.29
C PRO A 123 -37.72 16.80 47.50
N PHE A 124 -38.05 15.91 48.42
CA PHE A 124 -38.83 16.27 49.61
C PHE A 124 -37.97 16.71 50.80
N ASN A 125 -36.64 16.62 50.70
CA ASN A 125 -35.78 17.11 51.78
C ASN A 125 -35.92 18.63 51.92
N GLU A 126 -35.91 19.11 53.15
CA GLU A 126 -36.16 20.51 53.43
C GLU A 126 -35.09 21.43 52.85
N VAL A 127 -35.48 22.31 51.92
CA VAL A 127 -34.56 23.31 51.32
C VAL A 127 -35.36 24.61 51.13
N PRO A 128 -34.67 25.74 50.85
CA PRO A 128 -35.41 26.99 50.58
C PRO A 128 -36.39 26.80 49.41
N ALA A 129 -37.53 27.49 49.44
CA ALA A 129 -38.52 27.40 48.37
C ALA A 129 -37.90 27.72 47.02
N ILE A 130 -37.00 28.70 46.99
CA ILE A 130 -36.42 29.10 45.70
C ILE A 130 -35.57 27.96 45.08
N VAL A 131 -34.96 27.18 45.95
CA VAL A 131 -34.22 25.97 45.55
C VAL A 131 -35.18 24.94 44.93
N SER A 132 -36.28 24.62 45.62
CA SER A 132 -37.27 23.69 45.03
C SER A 132 -37.84 24.16 43.70
N GLU A 133 -38.11 25.46 43.58
CA GLU A 133 -38.62 26.00 42.32
C GLU A 133 -37.64 25.80 41.20
N GLN A 134 -36.36 26.06 41.47
CA GLN A 134 -35.33 25.91 40.47
C GLN A 134 -35.12 24.46 40.10
N ARG A 135 -35.25 23.57 41.09
CA ARG A 135 -35.15 22.12 40.84
C ARG A 135 -36.25 21.67 39.90
N GLN A 136 -37.49 22.11 40.17
CA GLN A 136 -38.61 21.78 39.28
C GLN A 136 -38.39 22.32 37.86
N LYS A 137 -37.90 23.57 37.76
CA LYS A 137 -37.58 24.17 36.47
C LYS A 137 -36.53 23.35 35.68
N GLU A 138 -35.49 22.91 36.37
CA GLU A 138 -34.48 22.03 35.74
C GLU A 138 -35.17 20.81 35.07
N LEU A 139 -36.04 20.16 35.83
CA LEU A 139 -36.64 18.93 35.36
C LEU A 139 -37.62 19.19 34.22
N GLU A 140 -38.30 20.33 34.26
CA GLU A 140 -39.16 20.71 33.12
C GLU A 140 -38.34 20.83 31.85
N GLN A 141 -37.22 21.53 31.96
CA GLN A 141 -36.29 21.72 30.83
C GLN A 141 -35.72 20.38 30.33
N ARG A 142 -35.33 19.50 31.27
CA ARG A 142 -34.78 18.17 30.93
C ARG A 142 -35.71 17.44 29.98
N LYS A 143 -37.01 17.47 30.31
CA LYS A 143 -38.03 16.77 29.49
C LYS A 143 -38.19 17.31 28.07
N LEU A 144 -37.87 18.58 27.87
CA LEU A 144 -37.84 19.14 26.52
C LEU A 144 -36.59 18.74 25.76
N THR A 145 -35.47 18.66 26.47
CA THR A 145 -34.17 18.38 25.86
C THR A 145 -33.99 16.88 25.57
N TYR A 146 -34.48 16.06 26.49
CA TYR A 146 -34.21 14.61 26.49
C TYR A 146 -35.53 13.91 26.21
N GLN A 147 -35.71 13.48 24.97
CA GLN A 147 -36.99 12.92 24.49
C GLN A 147 -36.82 11.50 23.98
N TRP A 148 -37.88 10.71 24.16
CA TRP A 148 -37.94 9.31 23.70
C TRP A 148 -38.02 9.24 22.18
N ASP A 149 -37.40 8.23 21.60
CA ASP A 149 -37.64 7.89 20.18
C ASP A 149 -37.45 6.39 20.06
N TYR A 150 -37.90 5.82 18.95
CA TYR A 150 -37.96 4.35 18.80
C TYR A 150 -37.61 3.91 17.37
N VAL A 151 -36.79 2.85 17.27
CA VAL A 151 -36.50 2.17 15.99
C VAL A 151 -37.76 1.50 15.46
N SER A 152 -38.56 0.92 16.37
CA SER A 152 -39.79 0.21 16.05
C SER A 152 -40.55 -0.06 17.32
N ASP A 153 -41.75 -0.65 17.18
CA ASP A 153 -42.56 -1.01 18.33
C ASP A 153 -41.90 -2.09 19.17
N ASP A 154 -40.94 -2.78 18.58
CA ASP A 154 -40.28 -3.94 19.22
C ASP A 154 -38.82 -3.69 19.67
N MET A 155 -38.47 -2.42 19.91
CA MET A 155 -37.13 -2.04 20.36
C MET A 155 -37.22 -1.14 21.59
N PRO A 156 -36.24 -1.24 22.50
CA PRO A 156 -36.24 -0.33 23.66
C PRO A 156 -36.10 1.14 23.22
N GLY A 157 -36.70 2.04 24.01
CA GLY A 157 -36.67 3.48 23.71
C GLY A 157 -35.24 3.99 23.67
N ASN A 158 -34.97 4.88 22.72
CA ASN A 158 -33.67 5.54 22.61
C ASN A 158 -33.82 7.05 22.67
N ILE A 159 -32.70 7.76 22.75
CA ILE A 159 -32.75 9.24 22.70
C ILE A 159 -33.10 9.71 21.31
N LYS A 160 -33.97 10.72 21.27
CA LYS A 160 -34.26 11.41 20.02
C LYS A 160 -33.11 12.37 19.67
N ALA A 161 -32.44 12.08 18.55
CA ALA A 161 -31.31 12.88 18.05
C ALA A 161 -31.02 12.40 16.64
N LYS A 162 -30.97 13.33 15.70
CA LYS A 162 -30.66 13.00 14.31
C LYS A 162 -29.22 12.49 14.18
N THR A 163 -28.25 13.25 14.69
CA THR A 163 -26.85 12.84 14.66
C THR A 163 -26.25 13.12 16.03
N HIS A 164 -25.03 12.65 16.22
CA HIS A 164 -24.30 12.86 17.47
C HIS A 164 -24.27 14.33 17.84
N ASP A 165 -24.00 15.19 16.87
CA ASP A 165 -23.85 16.61 17.21
C ASP A 165 -25.20 17.28 17.56
N ASP A 166 -26.31 16.58 17.37
CA ASP A 166 -27.62 17.07 17.81
C ASP A 166 -27.90 16.73 19.28
N LEU A 167 -27.00 15.99 19.91
CA LEU A 167 -27.19 15.56 21.29
C LEU A 167 -26.83 16.72 22.19
N PRO A 168 -27.49 16.81 23.36
CA PRO A 168 -27.06 17.77 24.37
C PRO A 168 -25.57 17.56 24.63
N ARG A 169 -24.82 18.63 24.84
CA ARG A 169 -23.37 18.43 25.00
C ARG A 169 -23.00 17.53 26.19
N ASP A 170 -23.84 17.54 27.25
CA ASP A 170 -23.59 16.72 28.43
C ASP A 170 -23.54 15.23 28.08
N VAL A 171 -24.17 14.82 26.98
CA VAL A 171 -24.19 13.40 26.64
C VAL A 171 -23.48 13.06 25.32
N GLN A 172 -22.83 14.05 24.72
CA GLN A 172 -21.97 13.76 23.57
C GLN A 172 -20.70 13.11 24.07
N PHE A 173 -19.97 12.44 23.16
CA PHE A 173 -18.58 12.07 23.45
C PHE A 173 -17.78 13.32 23.78
N THR A 174 -16.85 13.21 24.73
CA THR A 174 -15.75 14.19 24.86
C THR A 174 -14.99 14.26 23.52
N ASP A 175 -14.31 15.38 23.27
CA ASP A 175 -13.52 15.45 22.04
C ASP A 175 -12.44 14.37 21.95
N GLU A 176 -11.91 13.99 23.11
CA GLU A 176 -10.94 12.89 23.20
C GLU A 176 -11.58 11.55 22.71
N LYS A 177 -12.83 11.27 23.13
CA LYS A 177 -13.50 10.05 22.65
C LYS A 177 -13.87 10.14 21.18
N SER A 178 -14.28 11.35 20.73
CA SER A 178 -14.57 11.50 19.32
C SER A 178 -13.31 11.27 18.49
N ARG A 179 -12.18 11.80 18.94
CA ARG A 179 -10.89 11.58 18.24
C ARG A 179 -10.48 10.11 18.26
N SER A 180 -10.57 9.47 19.42
CA SER A 180 -10.24 8.06 19.52
C SER A 180 -11.08 7.24 18.50
N TYR A 181 -12.38 7.52 18.45
CA TYR A 181 -13.31 6.83 17.57
C TYR A 181 -12.97 7.14 16.11
N GLN A 182 -12.90 8.43 15.75
CA GLN A 182 -12.65 8.78 14.35
CA GLN A 182 -12.62 8.86 14.37
C GLN A 182 -11.30 8.29 13.89
N GLU A 183 -10.25 8.39 14.73
CA GLU A 183 -8.93 7.86 14.35
C GLU A 183 -8.95 6.35 14.18
N SER A 184 -9.73 5.65 15.00
CA SER A 184 -9.83 4.20 14.84
C SER A 184 -10.45 3.80 13.52
N ARG A 185 -11.44 4.58 13.07
CA ARG A 185 -12.07 4.30 11.78
C ARG A 185 -11.08 4.54 10.64
N LYS A 186 -10.30 5.61 10.74
CA LYS A 186 -9.21 5.88 9.76
C LYS A 186 -8.12 4.78 9.74
N ALA A 187 -7.61 4.46 10.92
CA ALA A 187 -6.63 3.37 11.03
C ALA A 187 -7.17 2.07 10.47
N ALA A 188 -8.45 1.78 10.69
CA ALA A 188 -9.02 0.51 10.23
C ALA A 188 -9.01 0.51 8.68
N LEU A 189 -9.42 1.62 8.07
CA LEU A 189 -9.37 1.73 6.60
C LEU A 189 -7.96 1.56 6.02
N VAL A 190 -6.97 2.16 6.69
CA VAL A 190 -5.55 2.04 6.27
C VAL A 190 -5.06 0.58 6.41
N ASN A 191 -5.32 -0.04 7.57
CA ASN A 191 -4.88 -1.42 7.78
C ASN A 191 -5.58 -2.39 6.83
N LEU A 192 -6.86 -2.16 6.55
CA LEU A 192 -7.60 -2.97 5.58
C LEU A 192 -6.97 -2.84 4.18
N GLY A 193 -6.66 -1.60 3.80
CA GLY A 193 -6.08 -1.33 2.45
C GLY A 193 -4.70 -1.94 2.34
N ILE A 194 -3.85 -1.78 3.37
CA ILE A 194 -2.50 -2.37 3.33
C ILE A 194 -2.58 -3.88 3.34
N GLY A 195 -3.45 -4.44 4.21
CA GLY A 195 -3.61 -5.88 4.23
C GLY A 195 -4.15 -6.44 2.91
N SER A 196 -5.07 -5.71 2.28
CA SER A 196 -5.65 -6.11 0.97
C SER A 196 -4.58 -6.22 -0.11
N LEU A 197 -3.71 -5.22 -0.17
CA LEU A 197 -2.59 -5.27 -1.11
C LEU A 197 -1.68 -6.43 -0.83
N PHE A 198 -1.38 -6.63 0.47
CA PHE A 198 -0.41 -7.66 0.84
C PHE A 198 -0.88 -9.07 0.48
N THR A 199 -2.16 -9.33 0.72
CA THR A 199 -2.77 -10.66 0.55
C THR A 199 -3.53 -10.77 -0.77
N MET A 200 -3.37 -9.78 -1.62
CA MET A 200 -4.22 -9.67 -2.80
C MET A 200 -4.29 -10.95 -3.66
N PHE A 201 -3.15 -11.56 -3.92
CA PHE A 201 -3.14 -12.74 -4.77
C PHE A 201 -2.89 -14.04 -4.02
N GLU A 202 -3.15 -14.03 -2.71
CA GLU A 202 -2.98 -15.25 -1.92
C GLU A 202 -4.00 -16.31 -2.22
N ASN A 203 -3.53 -17.54 -2.37
CA ASN A 203 -4.43 -18.66 -2.53
C ASN A 203 -4.81 -19.08 -1.13
N TRP A 204 -6.07 -18.90 -0.76
CA TRP A 204 -6.50 -19.13 0.60
C TRP A 204 -6.70 -20.64 0.73
N ASP A 205 -5.76 -21.25 1.43
CA ASP A 205 -5.33 -22.62 1.26
C ASP A 205 -5.48 -23.44 2.56
N SER A 206 -5.45 -22.74 3.69
CA SER A 206 -5.36 -23.43 4.96
C SER A 206 -5.92 -22.52 6.03
N TYR A 207 -6.31 -23.09 7.17
CA TYR A 207 -6.74 -22.27 8.33
C TYR A 207 -5.66 -21.28 8.73
N ASP A 208 -4.39 -21.70 8.68
CA ASP A 208 -3.31 -20.80 9.12
C ASP A 208 -3.10 -19.53 8.28
N ASP A 209 -3.64 -19.52 7.07
CA ASP A 209 -3.70 -18.31 6.23
C ASP A 209 -4.40 -17.13 6.90
N TYR A 210 -5.40 -17.41 7.74
CA TYR A 210 -6.11 -16.34 8.44
C TYR A 210 -5.24 -15.61 9.48
N HIS A 211 -4.13 -16.19 9.90
CA HIS A 211 -3.31 -15.51 10.91
C HIS A 211 -2.73 -14.20 10.39
N ILE A 212 -2.57 -14.13 9.07
CA ILE A 212 -2.00 -12.95 8.44
C ILE A 212 -2.87 -11.75 8.77
N LEU A 213 -4.17 -11.98 8.94
CA LEU A 213 -5.12 -10.88 8.94
C LEU A 213 -5.09 -10.01 10.19
N TYR A 214 -4.56 -10.53 11.30
CA TYR A 214 -4.44 -9.67 12.49
C TYR A 214 -3.05 -9.10 12.67
N ARG A 215 -2.15 -9.44 11.76
CA ARG A 215 -0.73 -9.18 11.96
C ARG A 215 -0.38 -7.70 11.90
N ASN A 216 -1.02 -6.94 11.00
CA ASN A 216 -0.77 -5.49 10.87
C ASN A 216 -1.73 -4.59 11.64
N TRP A 217 -2.33 -5.14 12.70
CA TRP A 217 -3.27 -4.40 13.55
C TRP A 217 -2.69 -4.36 14.95
N ILE A 218 -2.89 -3.23 15.62
CA ILE A 218 -2.52 -3.06 17.04
C ILE A 218 -3.71 -3.49 17.84
N LEU A 219 -3.60 -4.68 18.41
CA LEU A 219 -4.74 -5.30 19.10
C LEU A 219 -4.41 -5.51 20.56
N GLY A 220 -3.18 -5.25 20.94
CA GLY A 220 -2.75 -5.47 22.31
C GLY A 220 -2.18 -6.87 22.50
N GLY A 221 -1.83 -7.54 21.40
CA GLY A 221 -1.24 -8.87 21.46
C GLY A 221 -1.95 -9.82 20.50
N THR A 222 -1.26 -10.86 20.08
CA THR A 222 -1.85 -11.92 19.27
C THR A 222 -3.08 -12.46 20.01
N PRO A 223 -4.22 -12.67 19.30
CA PRO A 223 -5.41 -13.25 19.92
C PRO A 223 -5.02 -14.50 20.69
N ASN A 224 -5.45 -14.61 21.95
CA ASN A 224 -4.94 -15.66 22.80
C ASN A 224 -5.43 -17.07 22.48
N MET A 225 -6.41 -17.16 21.58
CA MET A 225 -6.88 -18.43 21.04
C MET A 225 -6.24 -18.78 19.68
N ALA A 226 -5.39 -17.90 19.16
CA ALA A 226 -4.73 -18.19 17.87
C ALA A 226 -3.98 -19.53 17.79
N ASP A 227 -3.29 -19.91 18.87
CA ASP A 227 -2.45 -21.12 18.87
C ASP A 227 -3.21 -22.38 19.31
N ARG A 228 -4.49 -22.25 19.65
CA ARG A 228 -5.19 -23.37 20.29
C ARG A 228 -6.69 -23.51 19.93
N TRP A 229 -7.17 -22.65 19.04
CA TRP A 229 -8.57 -22.60 18.58
C TRP A 229 -9.12 -23.97 18.12
N HIS A 230 -8.24 -24.80 17.57
CA HIS A 230 -8.69 -26.06 16.92
C HIS A 230 -8.83 -27.20 17.93
N GLU A 231 -8.40 -26.98 19.18
CA GLU A 231 -8.45 -28.02 20.21
C GLU A 231 -9.82 -27.99 20.89
N ASP A 232 -10.46 -29.16 21.01
CA ASP A 232 -11.80 -29.22 21.61
C ASP A 232 -11.77 -28.59 23.01
N ARG A 233 -10.74 -28.82 23.81
CA ARG A 233 -10.70 -28.23 25.16
CA ARG A 233 -10.66 -28.22 25.16
C ARG A 233 -10.84 -26.69 25.11
N TRP A 234 -10.15 -26.06 24.18
CA TRP A 234 -10.15 -24.58 24.09
C TRP A 234 -11.36 -24.07 23.35
N PHE A 235 -11.93 -24.91 22.48
CA PHE A 235 -13.24 -24.58 21.93
C PHE A 235 -14.29 -24.48 23.07
N GLY A 236 -14.33 -25.49 23.93
CA GLY A 236 -15.25 -25.56 25.10
C GLY A 236 -15.01 -24.44 26.10
N TYR A 237 -13.72 -24.18 26.36
CA TYR A 237 -13.29 -23.18 27.32
C TYR A 237 -13.97 -21.85 27.07
N GLN A 238 -14.15 -21.50 25.80
CA GLN A 238 -14.64 -20.17 25.45
C GLN A 238 -16.13 -19.97 25.70
N PHE A 239 -16.88 -21.06 25.97
CA PHE A 239 -18.28 -20.93 26.39
C PHE A 239 -18.40 -20.47 27.83
N LEU A 240 -17.29 -20.55 28.55
CA LEU A 240 -17.18 -20.00 29.89
C LEU A 240 -16.44 -18.65 29.90
N ASN A 241 -15.34 -18.56 29.16
CA ASN A 241 -14.43 -17.43 29.36
C ASN A 241 -14.14 -16.61 28.11
N GLY A 242 -14.92 -16.83 27.07
CA GLY A 242 -14.78 -16.05 25.83
C GLY A 242 -15.80 -14.90 25.81
N ALA A 243 -16.16 -14.45 24.62
CA ALA A 243 -16.95 -13.24 24.50
C ALA A 243 -18.43 -13.41 24.84
N ASN A 244 -18.93 -14.64 24.82
CA ASN A 244 -20.36 -14.89 24.96
C ASN A 244 -20.65 -15.87 26.11
N PRO A 245 -20.19 -15.55 27.33
CA PRO A 245 -20.31 -16.54 28.43
C PRO A 245 -21.72 -16.63 29.02
N VAL A 246 -22.74 -16.40 28.22
CA VAL A 246 -24.07 -16.13 28.78
C VAL A 246 -25.16 -17.16 28.45
N ILE A 247 -24.85 -18.13 27.58
CA ILE A 247 -25.93 -18.98 27.07
C ILE A 247 -25.85 -20.43 27.64
N LEU A 248 -24.65 -20.89 27.99
CA LEU A 248 -24.49 -22.26 28.52
C LEU A 248 -25.38 -22.45 29.76
N THR A 249 -26.06 -23.59 29.84
CA THR A 249 -26.87 -23.93 31.03
C THR A 249 -26.56 -25.37 31.41
N ARG A 250 -26.79 -25.71 32.68
CA ARG A 250 -26.73 -27.12 33.09
C ARG A 250 -27.85 -27.91 32.43
N CYS A 251 -27.50 -29.09 31.95
CA CYS A 251 -28.48 -29.92 31.24
C CYS A 251 -28.95 -30.97 32.21
N ASP A 252 -30.21 -30.89 32.63
CA ASP A 252 -30.72 -31.93 33.52
C ASP A 252 -31.53 -32.99 32.78
N ALA A 253 -31.72 -32.78 31.49
CA ALA A 253 -32.34 -33.74 30.56
C ALA A 253 -32.12 -33.24 29.15
N LEU A 254 -31.83 -34.15 28.20
CA LEU A 254 -31.73 -33.72 26.83
C LEU A 254 -33.07 -33.22 26.33
N PRO A 255 -33.06 -32.13 25.56
CA PRO A 255 -34.26 -31.73 24.85
C PRO A 255 -34.75 -32.83 23.91
N SER A 256 -36.07 -32.91 23.73
CA SER A 256 -36.66 -33.98 22.94
C SER A 256 -36.17 -33.93 21.50
N ASN A 257 -35.86 -32.73 21.02
CA ASN A 257 -35.40 -32.50 19.64
C ASN A 257 -33.86 -32.63 19.45
N PHE A 258 -33.17 -33.11 20.48
CA PHE A 258 -31.69 -33.23 20.43
C PHE A 258 -31.37 -34.61 20.98
N PRO A 259 -31.55 -35.65 20.13
CA PRO A 259 -31.65 -37.01 20.66
C PRO A 259 -30.26 -37.66 20.88
N VAL A 260 -29.44 -37.04 21.73
CA VAL A 260 -28.09 -37.54 22.00
C VAL A 260 -28.26 -38.72 22.94
N THR A 261 -27.57 -39.83 22.65
CA THR A 261 -27.58 -40.98 23.53
C THR A 261 -26.21 -41.26 24.11
N ASN A 262 -26.16 -42.12 25.13
CA ASN A 262 -24.86 -42.62 25.62
C ASN A 262 -24.01 -43.20 24.48
N GLU A 263 -24.60 -43.90 23.52
CA GLU A 263 -23.82 -44.39 22.37
C GLU A 263 -23.10 -43.29 21.55
N HIS A 264 -23.72 -42.13 21.39
CA HIS A 264 -23.05 -41.04 20.61
C HIS A 264 -21.82 -40.55 21.37
N VAL A 265 -21.90 -40.48 22.69
CA VAL A 265 -20.90 -39.70 23.46
C VAL A 265 -20.04 -40.47 24.43
N ASN A 266 -20.28 -41.78 24.55
CA ASN A 266 -19.54 -42.53 25.56
C ASN A 266 -18.01 -42.42 25.45
N ALA A 267 -17.50 -42.37 24.23
CA ALA A 267 -16.05 -42.21 24.00
C ALA A 267 -15.45 -40.91 24.58
N SER A 268 -16.29 -39.90 24.86
CA SER A 268 -15.81 -38.62 25.45
C SER A 268 -15.88 -38.61 26.97
N LEU A 269 -16.70 -39.49 27.54
CA LEU A 269 -16.91 -39.47 29.00
C LEU A 269 -15.66 -40.09 29.61
N ASP A 270 -15.26 -39.63 30.77
CA ASP A 270 -14.00 -40.13 31.30
C ASP A 270 -13.91 -40.21 32.79
N ARG A 271 -15.04 -40.23 33.49
CA ARG A 271 -15.05 -40.32 34.95
C ARG A 271 -15.61 -41.66 35.42
N GLY A 272 -15.82 -42.57 34.48
CA GLY A 272 -16.35 -43.88 34.79
C GLY A 272 -17.86 -44.04 34.77
N LYS A 273 -18.59 -43.02 34.28
CA LYS A 273 -20.07 -43.02 34.30
C LYS A 273 -20.62 -42.81 32.92
N ASN A 274 -21.86 -43.26 32.71
CA ASN A 274 -22.53 -43.11 31.42
CA ASN A 274 -22.49 -43.10 31.41
C ASN A 274 -23.17 -41.72 31.32
N LEU A 275 -23.71 -41.37 30.15
CA LEU A 275 -24.32 -40.04 29.95
C LEU A 275 -25.41 -39.71 30.97
N ASP A 276 -26.30 -40.66 31.22
CA ASP A 276 -27.40 -40.43 32.15
CA ASP A 276 -27.40 -40.45 32.15
C ASP A 276 -26.88 -40.08 33.52
N GLU A 277 -25.83 -40.76 33.97
CA GLU A 277 -25.29 -40.53 35.31
C GLU A 277 -24.57 -39.19 35.37
N GLU A 278 -23.90 -38.85 34.27
CA GLU A 278 -23.16 -37.56 34.23
C GLU A 278 -24.14 -36.39 34.26
N ILE A 279 -25.27 -36.54 33.60
CA ILE A 279 -26.38 -35.57 33.69
C ILE A 279 -26.81 -35.36 35.14
N LYS A 280 -27.09 -36.46 35.83
CA LYS A 280 -27.49 -36.39 37.24
C LYS A 280 -26.36 -35.79 38.10
N ASP A 281 -25.12 -36.02 37.69
CA ASP A 281 -23.97 -35.52 38.47
C ASP A 281 -23.67 -34.04 38.24
N GLY A 282 -24.31 -33.41 37.27
CA GLY A 282 -24.14 -31.97 37.09
C GLY A 282 -22.89 -31.67 36.28
N HIS A 283 -22.49 -32.62 35.42
CA HIS A 283 -21.28 -32.40 34.60
C HIS A 283 -21.64 -32.23 33.15
N ILE A 284 -22.94 -32.17 32.84
CA ILE A 284 -23.38 -32.00 31.46
C ILE A 284 -24.05 -30.64 31.26
N TYR A 285 -23.58 -29.90 30.24
CA TYR A 285 -24.00 -28.53 29.98
C TYR A 285 -24.44 -28.45 28.51
N ILE A 286 -25.22 -27.43 28.21
CA ILE A 286 -25.83 -27.34 26.88
C ILE A 286 -26.00 -25.87 26.44
N VAL A 287 -25.95 -25.66 25.11
CA VAL A 287 -26.38 -24.41 24.52
C VAL A 287 -27.51 -24.70 23.51
N ASP A 288 -28.49 -23.80 23.47
CA ASP A 288 -29.59 -23.96 22.53
C ASP A 288 -29.82 -22.61 21.88
N PHE A 289 -29.47 -22.51 20.61
CA PHE A 289 -29.60 -21.28 19.85
C PHE A 289 -30.93 -21.18 19.08
N LYS A 290 -31.97 -21.82 19.62
CA LYS A 290 -33.31 -21.83 19.04
C LYS A 290 -33.80 -20.45 18.57
N VAL A 291 -33.40 -19.39 19.27
CA VAL A 291 -33.88 -18.05 18.93
C VAL A 291 -33.54 -17.63 17.49
N LEU A 292 -32.54 -18.26 16.89
CA LEU A 292 -32.07 -17.91 15.59
C LEU A 292 -32.97 -18.47 14.48
N VAL A 293 -33.86 -19.41 14.81
CA VAL A 293 -34.82 -19.92 13.80
C VAL A 293 -35.57 -18.73 13.25
N GLY A 294 -35.71 -18.71 11.94
CA GLY A 294 -36.45 -17.65 11.23
C GLY A 294 -35.56 -16.49 10.82
N ALA A 295 -34.28 -16.52 11.23
CA ALA A 295 -33.38 -15.42 10.92
C ALA A 295 -33.14 -15.30 9.42
N LYS A 296 -33.25 -14.06 8.92
CA LYS A 296 -32.95 -13.72 7.54
C LYS A 296 -31.53 -13.22 7.42
N SER A 297 -30.75 -13.91 6.59
CA SER A 297 -29.38 -13.60 6.37
C SER A 297 -29.18 -12.91 5.02
N TYR A 298 -28.05 -12.24 4.91
CA TYR A 298 -27.71 -11.40 3.77
C TYR A 298 -27.85 -12.22 2.48
N GLY A 299 -28.56 -11.68 1.50
CA GLY A 299 -28.68 -12.38 0.21
C GLY A 299 -29.92 -13.25 0.18
N GLY A 300 -30.64 -13.31 1.30
CA GLY A 300 -32.00 -13.84 1.31
C GLY A 300 -32.36 -15.15 2.03
N PRO A 301 -31.38 -16.05 2.28
CA PRO A 301 -31.76 -17.30 2.97
C PRO A 301 -32.52 -17.03 4.26
N VAL A 302 -33.54 -17.83 4.55
CA VAL A 302 -34.28 -17.73 5.81
C VAL A 302 -34.17 -19.07 6.55
N LEU A 303 -33.67 -19.00 7.79
CA LEU A 303 -33.45 -20.20 8.60
C LEU A 303 -34.74 -20.87 9.03
N GLU A 304 -34.83 -22.17 8.79
CA GLU A 304 -35.95 -23.00 9.26
C GLU A 304 -35.46 -23.96 10.36
N ASP A 305 -36.42 -24.63 11.01
CA ASP A 305 -36.13 -25.71 11.97
CA ASP A 305 -36.12 -25.70 11.97
C ASP A 305 -35.24 -26.79 11.35
N ILE A 306 -35.41 -27.03 10.05
CA ILE A 306 -34.66 -28.07 9.36
C ILE A 306 -33.34 -27.53 8.80
N GLY A 307 -33.10 -26.23 8.95
CA GLY A 307 -31.95 -25.59 8.29
C GLY A 307 -32.38 -24.78 7.08
N TYR A 308 -31.93 -25.17 5.88
CA TYR A 308 -32.33 -24.46 4.66
C TYR A 308 -32.91 -25.38 3.60
N LYS A 309 -33.98 -24.92 2.94
CA LYS A 309 -34.65 -25.66 1.85
C LYS A 309 -33.72 -25.89 0.66
N GLU A 318 -21.34 -16.79 -6.89
CA GLU A 318 -20.55 -15.57 -6.83
C GLU A 318 -21.22 -14.53 -5.93
N ALA A 319 -22.55 -14.59 -5.86
CA ALA A 319 -23.38 -13.67 -5.07
C ALA A 319 -23.01 -13.74 -3.59
N ASP A 320 -23.10 -12.60 -2.91
CA ASP A 320 -22.90 -12.55 -1.46
C ASP A 320 -24.15 -13.11 -0.81
N ILE A 321 -24.14 -14.42 -0.54
CA ILE A 321 -25.25 -15.14 0.12
C ILE A 321 -24.70 -15.79 1.40
N ARG A 322 -25.30 -15.45 2.56
CA ARG A 322 -24.74 -15.84 3.86
C ARG A 322 -25.75 -16.71 4.59
N TYR A 323 -25.25 -17.53 5.54
CA TYR A 323 -26.02 -18.51 6.25
C TYR A 323 -25.76 -18.46 7.76
N CYS A 324 -26.75 -18.88 8.52
CA CYS A 324 -26.57 -19.02 9.96
C CYS A 324 -27.15 -20.38 10.36
N ALA A 325 -27.32 -20.63 11.66
CA ALA A 325 -27.88 -21.90 12.10
C ALA A 325 -28.50 -21.67 13.48
N ALA A 326 -29.35 -22.61 13.93
CA ALA A 326 -29.90 -22.58 15.30
C ALA A 326 -29.51 -23.88 16.00
N PRO A 327 -28.21 -24.04 16.32
CA PRO A 327 -27.78 -25.35 16.79
C PRO A 327 -28.09 -25.64 18.25
N LEU A 328 -27.96 -26.93 18.60
CA LEU A 328 -27.83 -27.29 20.01
C LEU A 328 -26.47 -27.94 20.18
N ALA A 329 -25.81 -27.73 21.32
CA ALA A 329 -24.51 -28.37 21.53
C ALA A 329 -24.41 -28.81 22.96
N LEU A 330 -23.84 -30.00 23.16
CA LEU A 330 -23.72 -30.60 24.47
C LEU A 330 -22.26 -30.60 24.91
N PHE A 331 -22.03 -30.38 26.20
CA PHE A 331 -20.67 -30.25 26.73
C PHE A 331 -20.55 -31.06 27.97
N TYR A 332 -19.33 -31.45 28.26
CA TYR A 332 -19.10 -32.31 29.43
C TYR A 332 -17.90 -31.83 30.21
N VAL A 333 -18.06 -31.67 31.53
CA VAL A 333 -16.88 -31.34 32.37
C VAL A 333 -16.09 -32.65 32.64
N ASN A 334 -14.88 -32.74 32.08
CA ASN A 334 -14.15 -33.99 32.17
C ASN A 334 -13.42 -34.10 33.51
N LYS A 335 -12.74 -35.21 33.73
CA LYS A 335 -12.13 -35.48 35.02
C LYS A 335 -11.07 -34.45 35.41
N LEU A 336 -10.49 -33.74 34.43
CA LEU A 336 -9.51 -32.68 34.65
C LEU A 336 -10.16 -31.30 34.85
N GLY A 337 -11.48 -31.24 34.77
CA GLY A 337 -12.23 -30.00 34.96
C GLY A 337 -12.37 -29.17 33.69
N HIS A 338 -12.05 -29.76 32.54
CA HIS A 338 -12.20 -29.09 31.22
C HIS A 338 -13.58 -29.24 30.64
N LEU A 339 -14.13 -28.17 30.09
CA LEU A 339 -15.46 -28.24 29.48
C LEU A 339 -15.28 -28.66 28.04
N MET A 340 -15.69 -29.88 27.69
CA MET A 340 -15.44 -30.44 26.37
C MET A 340 -16.72 -30.50 25.53
N PRO A 341 -16.64 -30.10 24.23
CA PRO A 341 -17.77 -30.21 23.33
C PRO A 341 -17.97 -31.71 23.00
N ILE A 342 -19.17 -32.27 23.17
CA ILE A 342 -19.33 -33.73 22.97
C ILE A 342 -20.38 -34.08 21.92
N ALA A 343 -21.27 -33.11 21.60
CA ALA A 343 -22.23 -33.32 20.51
C ALA A 343 -22.72 -32.01 19.96
N ILE A 344 -22.95 -31.96 18.64
CA ILE A 344 -23.52 -30.75 18.05
C ILE A 344 -24.61 -31.20 17.08
N GLN A 345 -25.77 -30.56 17.15
CA GLN A 345 -26.77 -30.73 16.09
C GLN A 345 -26.94 -29.33 15.50
N ILE A 346 -26.74 -29.18 14.19
CA ILE A 346 -26.56 -27.85 13.62
C ILE A 346 -27.86 -27.06 13.63
N ASN A 347 -28.98 -27.76 13.44
CA ASN A 347 -30.29 -27.12 13.49
C ASN A 347 -31.28 -27.76 14.40
N GLN A 348 -32.48 -27.19 14.47
CA GLN A 348 -33.41 -27.55 15.54
C GLN A 348 -34.11 -28.91 15.39
N GLU A 349 -34.45 -29.31 14.15
CA GLU A 349 -35.31 -30.50 13.92
C GLU A 349 -34.46 -31.71 13.50
N PRO A 350 -34.38 -32.74 14.40
CA PRO A 350 -33.41 -33.81 14.21
C PRO A 350 -33.82 -34.78 13.12
N GLY A 351 -32.84 -35.37 12.46
CA GLY A 351 -33.11 -36.44 11.50
C GLY A 351 -31.86 -36.67 10.70
N PRO A 352 -31.92 -37.59 9.72
CA PRO A 352 -30.78 -37.97 8.87
C PRO A 352 -30.12 -36.79 8.17
N GLU A 353 -30.90 -35.80 7.78
CA GLU A 353 -30.37 -34.62 7.09
C GLU A 353 -29.90 -33.52 8.07
N ASN A 354 -30.02 -33.78 9.37
CA ASN A 354 -29.58 -32.83 10.40
C ASN A 354 -29.17 -33.68 11.60
N PRO A 355 -28.06 -34.41 11.46
CA PRO A 355 -27.74 -35.47 12.43
C PRO A 355 -26.94 -34.94 13.61
N ILE A 356 -26.57 -35.84 14.51
CA ILE A 356 -25.73 -35.48 15.63
C ILE A 356 -24.26 -35.72 15.24
N TRP A 357 -23.45 -34.65 15.36
CA TRP A 357 -22.00 -34.71 15.07
C TRP A 357 -21.27 -34.78 16.38
N THR A 358 -20.19 -35.56 16.43
CA THR A 358 -19.36 -35.68 17.65
C THR A 358 -17.86 -35.60 17.31
N PRO A 359 -16.99 -35.40 18.33
CA PRO A 359 -15.52 -35.38 18.11
C PRO A 359 -15.07 -36.70 17.44
N HIS A 360 -15.90 -37.75 17.49
CA HIS A 360 -15.52 -39.07 16.95
C HIS A 360 -15.96 -39.37 15.51
N GLU A 361 -16.36 -38.33 14.80
CA GLU A 361 -16.73 -38.48 13.39
C GLU A 361 -15.68 -39.26 12.63
N GLU A 362 -16.11 -40.17 11.78
CA GLU A 362 -15.20 -40.91 10.90
C GLU A 362 -14.42 -39.94 10.00
N ASN A 363 -15.10 -38.91 9.53
CA ASN A 363 -14.48 -37.85 8.74
C ASN A 363 -14.20 -36.67 9.65
N GLU A 364 -12.94 -36.45 10.00
CA GLU A 364 -12.60 -35.41 11.00
C GLU A 364 -13.08 -34.00 10.60
N HIS A 365 -13.09 -33.74 9.29
CA HIS A 365 -13.53 -32.46 8.72
C HIS A 365 -15.00 -32.21 9.04
N ASP A 366 -15.80 -33.27 9.16
CA ASP A 366 -17.22 -33.10 9.53
C ASP A 366 -17.38 -32.52 10.95
N TRP A 367 -16.53 -32.97 11.86
CA TRP A 367 -16.58 -32.43 13.23
C TRP A 367 -16.11 -30.97 13.26
N MET A 368 -14.99 -30.64 12.60
CA MET A 368 -14.58 -29.25 12.50
C MET A 368 -15.70 -28.35 11.90
N MET A 369 -16.35 -28.83 10.84
CA MET A 369 -17.42 -28.06 10.20
C MET A 369 -18.61 -27.83 11.17
N ALA A 370 -18.97 -28.87 11.93
CA ALA A 370 -20.00 -28.75 12.94
C ALA A 370 -19.66 -27.64 13.94
N LYS A 371 -18.40 -27.61 14.38
CA LYS A 371 -17.91 -26.57 15.31
C LYS A 371 -18.03 -25.17 14.68
N PHE A 372 -17.72 -25.05 13.39
CA PHE A 372 -17.86 -23.76 12.70
C PHE A 372 -19.33 -23.31 12.65
N TRP A 373 -20.26 -24.25 12.44
CA TRP A 373 -21.68 -23.91 12.39
C TRP A 373 -22.11 -23.44 13.77
N LEU A 374 -21.61 -24.08 14.81
CA LEU A 374 -21.95 -23.64 16.18
C LEU A 374 -21.41 -22.21 16.39
N GLY A 375 -20.19 -21.98 15.92
CA GLY A 375 -19.54 -20.66 16.03
C GLY A 375 -20.27 -19.55 15.27
N VAL A 376 -20.75 -19.82 14.06
CA VAL A 376 -21.51 -18.78 13.36
C VAL A 376 -22.79 -18.36 14.11
N ALA A 377 -23.45 -19.33 14.72
CA ALA A 377 -24.68 -19.06 15.49
C ALA A 377 -24.28 -18.25 16.70
N GLU A 378 -23.24 -18.70 17.39
CA GLU A 378 -22.72 -17.97 18.54
C GLU A 378 -22.35 -16.50 18.23
N SER A 379 -21.61 -16.28 17.14
CA SER A 379 -21.19 -14.92 16.73
C SER A 379 -22.38 -14.00 16.48
N ASN A 380 -23.39 -14.47 15.74
CA ASN A 380 -24.53 -13.59 15.46
C ASN A 380 -25.37 -13.33 16.72
N PHE A 381 -25.56 -14.38 17.52
CA PHE A 381 -26.23 -14.25 18.83
C PHE A 381 -25.46 -13.27 19.73
N HIS A 382 -24.14 -13.47 19.87
CA HIS A 382 -23.31 -12.62 20.69
C HIS A 382 -23.34 -11.14 20.27
N GLN A 383 -23.04 -10.86 19.02
CA GLN A 383 -22.89 -9.46 18.61
CA GLN A 383 -22.90 -9.47 18.61
C GLN A 383 -24.22 -8.71 18.73
N LEU A 384 -25.31 -9.33 18.30
CA LEU A 384 -26.62 -8.66 18.23
C LEU A 384 -27.44 -8.70 19.52
N ASN A 385 -27.45 -9.84 20.21
CA ASN A 385 -28.29 -10.02 21.40
C ASN A 385 -27.47 -9.69 22.65
N THR A 386 -26.47 -10.50 22.92
CA THR A 386 -25.66 -10.34 24.14
C THR A 386 -25.03 -8.95 24.24
N HIS A 387 -24.45 -8.48 23.14
CA HIS A 387 -23.73 -7.23 23.19
C HIS A 387 -24.60 -6.02 22.85
N LEU A 388 -24.98 -5.89 21.58
CA LEU A 388 -25.70 -4.68 21.16
C LEU A 388 -27.01 -4.47 21.88
N LEU A 389 -27.90 -5.47 21.89
CA LEU A 389 -29.19 -5.25 22.51
C LEU A 389 -29.07 -5.18 24.02
N ARG A 390 -28.41 -6.20 24.59
CA ARG A 390 -28.52 -6.38 26.05
C ARG A 390 -27.55 -5.54 26.86
N THR A 391 -26.64 -4.86 26.19
CA THR A 391 -25.85 -3.83 26.90
C THR A 391 -26.35 -2.47 26.36
N HIS A 392 -25.75 -2.02 25.26
CA HIS A 392 -26.08 -0.75 24.65
C HIS A 392 -27.55 -0.39 24.63
N LEU A 393 -28.36 -1.06 23.79
CA LEU A 393 -29.66 -0.49 23.41
C LEU A 393 -30.67 -0.49 24.55
N THR A 394 -30.66 -1.57 25.33
CA THR A 394 -31.56 -1.68 26.48
C THR A 394 -31.16 -0.75 27.66
N THR A 395 -29.87 -0.67 28.00
CA THR A 395 -29.47 0.25 29.08
C THR A 395 -29.58 1.72 28.65
N GLU A 396 -29.53 1.97 27.34
CA GLU A 396 -29.70 3.34 26.87
C GLU A 396 -31.02 3.93 27.41
N SER A 397 -32.09 3.12 27.49
CA SER A 397 -33.39 3.58 27.99
C SER A 397 -33.25 4.13 29.41
N PHE A 398 -32.45 3.46 30.23
CA PHE A 398 -32.24 3.93 31.61
C PHE A 398 -31.37 5.18 31.64
N ALA A 399 -30.36 5.27 30.77
CA ALA A 399 -29.50 6.49 30.70
C ALA A 399 -30.43 7.68 30.41
N LEU A 400 -31.28 7.53 29.39
CA LEU A 400 -32.22 8.59 29.00
C LEU A 400 -33.16 8.96 30.14
N SER A 401 -33.70 7.95 30.84
CA SER A 401 -34.63 8.24 31.93
C SER A 401 -33.92 8.99 33.06
N THR A 402 -32.63 8.71 33.27
CA THR A 402 -31.86 9.42 34.32
C THR A 402 -31.85 10.92 34.00
N TRP A 403 -31.53 11.27 32.74
CA TRP A 403 -31.55 12.68 32.34
C TRP A 403 -32.95 13.31 32.38
N ARG A 404 -33.98 12.55 31.98
CA ARG A 404 -35.33 13.08 32.01
C ARG A 404 -35.85 13.37 33.44
N ASN A 405 -35.52 12.52 34.40
CA ASN A 405 -36.30 12.42 35.66
C ASN A 405 -35.58 12.71 36.95
N LEU A 406 -34.26 12.58 36.97
CA LEU A 406 -33.51 12.87 38.19
C LEU A 406 -32.79 14.21 38.12
N ALA A 407 -33.02 15.07 39.12
CA ALA A 407 -32.41 16.38 39.13
C ALA A 407 -30.92 16.23 39.38
N SER A 408 -30.12 17.23 38.95
CA SER A 408 -28.67 17.17 39.15
CA SER A 408 -28.66 17.12 39.16
C SER A 408 -28.32 17.11 40.63
N ALA A 409 -29.25 17.63 41.47
CA ALA A 409 -29.04 17.62 42.91
C ALA A 409 -29.36 16.28 43.59
N HIS A 410 -29.94 15.36 42.81
CA HIS A 410 -30.35 14.07 43.33
C HIS A 410 -29.15 13.13 43.51
N PRO A 411 -29.03 12.48 44.68
CA PRO A 411 -27.91 11.56 44.90
C PRO A 411 -27.84 10.43 43.89
N ILE A 412 -28.98 9.96 43.38
CA ILE A 412 -28.94 8.86 42.40
C ILE A 412 -28.53 9.37 40.99
N PHE A 413 -28.81 10.64 40.73
CA PHE A 413 -28.22 11.26 39.55
C PHE A 413 -26.69 11.26 39.66
N LYS A 414 -26.19 11.69 40.81
CA LYS A 414 -24.74 11.71 41.04
C LYS A 414 -24.10 10.32 40.94
N LEU A 415 -24.82 9.31 41.45
CA LEU A 415 -24.34 7.93 41.39
C LEU A 415 -24.25 7.43 39.95
N LEU A 416 -25.29 7.70 39.18
CA LEU A 416 -25.39 7.17 37.83
C LEU A 416 -24.56 7.91 36.81
N GLN A 417 -24.32 9.20 37.04
CA GLN A 417 -23.60 10.02 36.04
C GLN A 417 -22.34 9.35 35.44
N PRO A 418 -21.39 8.88 36.28
CA PRO A 418 -20.18 8.32 35.66
C PRO A 418 -20.45 7.01 34.87
N HIS A 419 -21.56 6.37 35.17
CA HIS A 419 -21.92 5.07 34.56
C HIS A 419 -22.76 5.16 33.30
N ILE A 420 -23.60 6.20 33.20
CA ILE A 420 -24.48 6.35 32.04
C ILE A 420 -23.76 7.08 30.92
N TYR A 421 -22.61 7.65 31.23
CA TYR A 421 -21.95 8.41 30.21
CA TYR A 421 -21.79 8.38 30.26
C TYR A 421 -21.49 7.51 29.06
N GLY A 422 -21.63 8.05 27.84
CA GLY A 422 -21.15 7.39 26.65
C GLY A 422 -22.23 6.68 25.86
N VAL A 423 -23.20 6.08 26.56
CA VAL A 423 -24.11 5.15 25.87
C VAL A 423 -25.02 5.87 24.89
N LEU A 424 -25.51 7.06 25.26
CA LEU A 424 -26.33 7.86 24.36
C LEU A 424 -25.50 8.26 23.13
N ALA A 425 -24.25 8.67 23.34
CA ALA A 425 -23.34 9.08 22.25
C ALA A 425 -23.06 7.96 21.25
N ILE A 426 -22.53 6.83 21.74
CA ILE A 426 -22.16 5.74 20.84
C ILE A 426 -23.37 5.14 20.13
N ASP A 427 -24.50 5.06 20.84
CA ASP A 427 -25.69 4.51 20.20
C ASP A 427 -26.24 5.43 19.12
N THR A 428 -26.18 6.74 19.36
CA THR A 428 -26.60 7.71 18.33
C THR A 428 -25.68 7.60 17.09
N ILE A 429 -24.37 7.54 17.30
CA ILE A 429 -23.43 7.35 16.22
C ILE A 429 -23.71 6.01 15.52
N GLY A 430 -23.91 4.99 16.35
CA GLY A 430 -24.13 3.63 15.91
C GLY A 430 -25.39 3.40 15.10
N ARG A 431 -26.45 4.16 15.38
CA ARG A 431 -27.68 4.03 14.61
C ARG A 431 -27.46 4.38 13.14
N LYS A 432 -26.42 5.16 12.88
CA LYS A 432 -25.89 5.32 11.52
C LYS A 432 -24.88 4.17 11.21
N GLU A 433 -23.71 4.25 11.84
CA GLU A 433 -22.47 3.56 11.47
C GLU A 433 -22.31 2.04 11.80
N LEU A 434 -23.22 1.44 12.58
CA LEU A 434 -23.08 0.02 12.92
C LEU A 434 -24.31 -0.80 12.58
N ILE A 435 -25.47 -0.28 12.96
CA ILE A 435 -26.75 -0.93 12.72
C ILE A 435 -27.33 -0.53 11.37
N GLY A 436 -26.90 0.63 10.85
CA GLY A 436 -27.46 1.15 9.61
C GLY A 436 -27.05 0.41 8.35
N SER A 437 -27.91 0.51 7.33
CA SER A 437 -27.67 -0.14 6.05
C SER A 437 -26.31 0.22 5.45
N GLY A 438 -25.57 -0.80 5.02
CA GLY A 438 -24.20 -0.66 4.53
C GLY A 438 -23.16 -0.60 5.64
N GLY A 439 -23.63 -0.55 6.90
CA GLY A 439 -22.77 -0.36 8.06
C GLY A 439 -21.96 -1.56 8.50
N ILE A 440 -21.41 -1.48 9.71
CA ILE A 440 -20.45 -2.47 10.24
C ILE A 440 -21.00 -3.90 10.26
N VAL A 441 -22.22 -4.08 10.77
CA VAL A 441 -22.91 -5.38 10.75
C VAL A 441 -23.12 -5.90 9.33
N ASP A 442 -23.60 -5.05 8.44
CA ASP A 442 -23.89 -5.50 7.09
C ASP A 442 -22.68 -6.12 6.42
N GLN A 443 -21.48 -5.65 6.74
CA GLN A 443 -20.30 -6.16 6.07
C GLN A 443 -19.81 -7.47 6.70
N SER A 444 -20.12 -7.68 7.99
CA SER A 444 -19.33 -8.65 8.77
C SER A 444 -20.10 -9.82 9.40
N LEU A 445 -21.43 -9.73 9.45
CA LEU A 445 -22.33 -10.74 10.04
C LEU A 445 -23.21 -11.44 9.02
N SER A 446 -23.47 -12.74 9.17
CA SER A 446 -24.49 -13.40 8.31
C SER A 446 -25.84 -12.68 8.35
N LEU A 447 -26.22 -12.18 9.53
CA LEU A 447 -27.53 -11.54 9.67
C LEU A 447 -27.55 -10.09 9.17
N GLY A 448 -26.41 -9.58 8.72
CA GLY A 448 -26.38 -8.26 8.08
C GLY A 448 -27.38 -8.19 6.93
N GLY A 449 -27.74 -6.98 6.52
CA GLY A 449 -28.71 -6.78 5.44
C GLY A 449 -30.13 -6.47 5.86
N GLY A 450 -30.40 -6.47 7.17
CA GLY A 450 -31.74 -6.15 7.66
C GLY A 450 -32.29 -7.17 8.66
N GLY A 451 -31.93 -8.44 8.45
CA GLY A 451 -32.32 -9.52 9.35
C GLY A 451 -31.81 -9.29 10.76
N HIS A 452 -30.73 -8.51 10.88
CA HIS A 452 -30.16 -8.23 12.21
C HIS A 452 -31.12 -7.43 13.10
N VAL A 453 -31.86 -6.47 12.52
CA VAL A 453 -32.84 -5.69 13.31
C VAL A 453 -34.03 -6.56 13.74
N THR A 454 -34.56 -7.36 12.81
CA THR A 454 -35.67 -8.26 13.14
C THR A 454 -35.24 -9.22 14.23
N PHE A 455 -33.98 -9.67 14.14
CA PHE A 455 -33.47 -10.60 15.13
C PHE A 455 -33.40 -9.91 16.47
N MET A 456 -32.88 -8.69 16.55
CA MET A 456 -32.86 -7.98 17.87
C MET A 456 -34.25 -7.72 18.44
N GLU A 457 -35.20 -7.40 17.54
CA GLU A 457 -36.61 -7.27 17.94
C GLU A 457 -37.14 -8.55 18.53
N LYS A 458 -36.92 -9.68 17.85
CA LYS A 458 -37.27 -11.01 18.41
C LYS A 458 -36.67 -11.24 19.81
N CYS A 459 -35.38 -10.94 19.96
CA CYS A 459 -34.71 -11.10 21.27
C CYS A 459 -35.32 -10.17 22.31
N PHE A 460 -35.58 -8.91 21.91
CA PHE A 460 -36.07 -7.94 22.88
C PHE A 460 -37.42 -8.37 23.46
N LYS A 461 -38.28 -8.97 22.64
CA LYS A 461 -39.56 -9.49 23.15
C LYS A 461 -39.43 -10.38 24.40
N GLU A 462 -38.26 -11.05 24.55
CA GLU A 462 -38.02 -11.94 25.69
C GLU A 462 -37.23 -11.34 26.84
N VAL A 463 -36.69 -10.13 26.61
CA VAL A 463 -35.82 -9.48 27.61
C VAL A 463 -36.56 -9.23 28.92
N ASN A 464 -35.94 -9.56 30.06
CA ASN A 464 -36.49 -9.22 31.37
C ASN A 464 -35.39 -8.62 32.22
N LEU A 465 -35.72 -7.59 32.97
CA LEU A 465 -34.74 -6.96 33.87
C LEU A 465 -34.05 -7.97 34.83
N GLN A 466 -34.73 -9.07 35.15
CA GLN A 466 -34.12 -10.08 36.03
C GLN A 466 -32.93 -10.74 35.35
N ASP A 467 -32.90 -10.68 34.02
CA ASP A 467 -31.75 -11.22 33.27
C ASP A 467 -30.44 -10.51 33.60
N TYR A 468 -30.54 -9.27 34.11
CA TYR A 468 -29.37 -8.40 34.36
C TYR A 468 -28.85 -8.56 35.78
N HIS A 469 -29.49 -9.46 36.54
CA HIS A 469 -29.08 -9.73 37.91
C HIS A 469 -28.12 -10.92 37.85
N LEU A 470 -26.84 -10.67 37.98
CA LEU A 470 -25.85 -11.74 37.70
C LEU A 470 -26.01 -12.97 38.61
N PRO A 471 -26.07 -12.77 39.94
CA PRO A 471 -26.19 -14.03 40.71
C PRO A 471 -27.44 -14.84 40.36
N ASN A 472 -28.59 -14.18 40.24
CA ASN A 472 -29.84 -14.87 39.94
C ASN A 472 -29.80 -15.53 38.56
N ALA A 473 -29.17 -14.87 37.60
CA ALA A 473 -29.07 -15.42 36.22
C ALA A 473 -28.16 -16.64 36.20
N LEU A 474 -27.01 -16.56 36.89
CA LEU A 474 -26.11 -17.73 36.95
C LEU A 474 -26.78 -18.92 37.66
N LYS A 475 -27.49 -18.64 38.75
CA LYS A 475 -28.24 -19.70 39.43
C LYS A 475 -29.31 -20.31 38.56
N LYS A 476 -30.10 -19.46 37.89
CA LYS A 476 -31.13 -19.93 36.94
C LYS A 476 -30.57 -20.84 35.87
N ARG A 477 -29.40 -20.47 35.33
CA ARG A 477 -28.72 -21.31 34.30
C ARG A 477 -28.08 -22.57 34.86
N GLY A 478 -27.98 -22.71 36.19
CA GLY A 478 -27.33 -23.88 36.77
C GLY A 478 -25.80 -23.89 36.61
N VAL A 479 -25.21 -22.70 36.48
CA VAL A 479 -23.77 -22.61 36.25
C VAL A 479 -22.97 -22.03 37.37
N ASP A 480 -23.57 -21.97 38.56
CA ASP A 480 -22.92 -21.29 39.69
C ASP A 480 -22.23 -22.19 40.75
N ASP A 481 -22.17 -23.48 40.45
CA ASP A 481 -21.53 -24.45 41.36
C ASP A 481 -20.12 -24.76 40.86
N PRO A 482 -19.09 -24.14 41.47
CA PRO A 482 -17.71 -24.33 41.00
C PRO A 482 -17.20 -25.78 41.17
N SER A 483 -17.87 -26.57 42.01
CA SER A 483 -17.47 -27.99 42.14
C SER A 483 -17.94 -28.82 40.97
N LYS A 484 -19.02 -28.40 40.32
CA LYS A 484 -19.54 -29.15 39.17
C LYS A 484 -19.03 -28.52 37.87
N LEU A 485 -18.87 -27.21 37.88
CA LEU A 485 -18.39 -26.48 36.72
C LEU A 485 -17.22 -25.57 37.10
N PRO A 486 -15.98 -26.11 37.05
CA PRO A 486 -14.82 -25.32 37.44
C PRO A 486 -14.30 -24.45 36.29
N GLY A 487 -13.37 -23.56 36.59
CA GLY A 487 -12.66 -22.83 35.52
C GLY A 487 -13.52 -21.82 34.80
N PHE A 488 -14.39 -21.16 35.53
CA PHE A 488 -15.40 -20.23 34.94
C PHE A 488 -15.13 -18.84 35.51
N TYR A 489 -14.24 -18.07 34.85
CA TYR A 489 -13.69 -16.87 35.50
C TYR A 489 -14.60 -15.67 35.31
N TYR A 490 -15.38 -15.65 34.26
CA TYR A 490 -16.46 -14.66 34.14
C TYR A 490 -17.39 -14.71 35.37
N ARG A 491 -17.81 -15.92 35.75
CA ARG A 491 -18.62 -16.11 36.97
C ARG A 491 -17.87 -15.58 38.15
N ASP A 492 -16.64 -16.06 38.35
CA ASP A 492 -15.96 -15.78 39.62
C ASP A 492 -15.69 -14.29 39.79
N ASP A 493 -15.16 -13.68 38.73
CA ASP A 493 -14.81 -12.25 38.78
C ASP A 493 -16.07 -11.40 38.77
N GLY A 494 -17.02 -11.76 37.91
CA GLY A 494 -18.33 -11.08 37.84
C GLY A 494 -19.04 -11.06 39.21
N LEU A 495 -19.06 -12.19 39.88
CA LEU A 495 -19.76 -12.24 41.19
C LEU A 495 -19.05 -11.39 42.25
N ALA A 496 -17.73 -11.37 42.21
CA ALA A 496 -16.92 -10.52 43.14
C ALA A 496 -17.23 -9.04 42.90
N LEU A 497 -17.27 -8.65 41.63
CA LEU A 497 -17.56 -7.23 41.26
C LEU A 497 -19.01 -6.87 41.53
N TRP A 498 -19.94 -7.81 41.29
CA TRP A 498 -21.40 -7.61 41.57
C TRP A 498 -21.53 -7.24 43.05
N GLU A 499 -20.90 -8.05 43.90
CA GLU A 499 -20.99 -7.85 45.37
C GLU A 499 -20.38 -6.51 45.76
N ALA A 500 -19.23 -6.14 45.18
CA ALA A 500 -18.61 -4.85 45.52
C ALA A 500 -19.53 -3.67 45.12
N ILE A 501 -20.14 -3.75 43.94
CA ILE A 501 -21.01 -2.66 43.45
C ILE A 501 -22.25 -2.61 44.31
N GLU A 502 -22.81 -3.77 44.61
CA GLU A 502 -24.03 -3.82 45.41
C GLU A 502 -23.78 -3.21 46.80
N THR A 503 -22.65 -3.55 47.42
CA THR A 503 -22.31 -3.02 48.76
C THR A 503 -22.19 -1.50 48.72
N PHE A 504 -21.46 -1.00 47.74
CA PHE A 504 -21.31 0.45 47.56
C PHE A 504 -22.67 1.11 47.40
N ILE A 505 -23.46 0.62 46.45
CA ILE A 505 -24.77 1.23 46.17
C ILE A 505 -25.68 1.23 47.42
N GLY A 506 -25.72 0.09 48.11
CA GLY A 506 -26.47 0.04 49.38
C GLY A 506 -26.02 1.09 50.39
N GLU A 507 -24.72 1.32 50.48
CA GLU A 507 -24.21 2.32 51.43
C GLU A 507 -24.60 3.74 51.01
N ILE A 508 -24.53 4.01 49.71
CA ILE A 508 -25.01 5.29 49.22
C ILE A 508 -26.52 5.49 49.47
N ILE A 509 -27.33 4.48 49.16
CA ILE A 509 -28.77 4.56 49.40
C ILE A 509 -29.04 4.89 50.88
N ALA A 510 -28.31 4.23 51.78
CA ALA A 510 -28.52 4.36 53.24
C ALA A 510 -28.20 5.77 53.75
N ILE A 511 -27.32 6.48 53.04
CA ILE A 511 -27.00 7.86 53.42
C ILE A 511 -28.18 8.78 53.15
N PHE A 512 -28.82 8.61 51.99
CA PHE A 512 -29.87 9.56 51.62
C PHE A 512 -31.29 9.12 51.87
N TYR A 513 -31.51 7.82 51.94
CA TYR A 513 -32.86 7.25 52.14
C TYR A 513 -32.81 6.53 53.47
N LYS A 514 -33.59 7.01 54.43
CA LYS A 514 -33.45 6.50 55.80
C LYS A 514 -34.33 5.28 56.08
N ASN A 515 -35.27 5.03 55.16
CA ASN A 515 -36.24 3.96 55.28
C ASN A 515 -36.96 3.84 53.96
N ASP A 516 -37.89 2.89 53.86
CA ASP A 516 -38.67 2.68 52.64
C ASP A 516 -39.65 3.78 52.29
N ASP A 517 -40.17 4.47 53.31
CA ASP A 517 -41.04 5.62 53.07
CA ASP A 517 -41.06 5.62 53.07
C ASP A 517 -40.33 6.71 52.27
N ASP A 518 -39.05 6.91 52.56
CA ASP A 518 -38.21 7.91 51.85
C ASP A 518 -38.14 7.54 50.36
N VAL A 519 -38.07 6.24 50.07
CA VAL A 519 -38.09 5.77 48.66
C VAL A 519 -39.46 6.04 48.03
N LYS A 520 -40.53 5.66 48.73
CA LYS A 520 -41.89 5.90 48.23
C LYS A 520 -42.20 7.38 47.99
N ARG A 521 -41.70 8.26 48.84
CA ARG A 521 -41.95 9.70 48.75
C ARG A 521 -41.09 10.42 47.71
N ASP A 522 -40.05 9.73 47.22
CA ASP A 522 -39.14 10.32 46.25
C ASP A 522 -39.76 10.29 44.87
N ASN A 523 -40.42 11.37 44.49
CA ASN A 523 -41.11 11.42 43.22
C ASN A 523 -40.20 11.31 42.02
N GLU A 524 -38.96 11.74 42.17
CA GLU A 524 -38.03 11.65 41.01
C GLU A 524 -37.60 10.20 40.72
N ILE A 525 -37.25 9.43 41.74
CA ILE A 525 -36.86 8.01 41.55
C ILE A 525 -38.09 7.22 41.09
N GLN A 526 -39.29 7.63 41.56
CA GLN A 526 -40.53 7.00 41.08
C GLN A 526 -40.77 7.31 39.62
N SER A 527 -40.66 8.59 39.26
CA SER A 527 -40.73 8.98 37.85
C SER A 527 -39.71 8.30 36.94
N TRP A 528 -38.52 8.13 37.48
CA TRP A 528 -37.39 7.50 36.77
C TRP A 528 -37.69 6.05 36.35
N ILE A 529 -38.15 5.25 37.30
CA ILE A 529 -38.48 3.85 36.97
C ILE A 529 -39.76 3.75 36.16
N TYR A 530 -40.74 4.59 36.44
CA TYR A 530 -42.00 4.53 35.68
C TYR A 530 -41.79 4.89 34.22
N ASP A 531 -40.89 5.85 33.96
CA ASP A 531 -40.59 6.26 32.60
C ASP A 531 -40.03 5.07 31.82
N VAL A 532 -39.17 4.28 32.44
CA VAL A 532 -38.59 3.12 31.76
C VAL A 532 -39.70 2.07 31.58
N HIS A 533 -40.51 1.89 32.63
CA HIS A 533 -41.60 0.90 32.63
C HIS A 533 -42.59 1.14 31.47
N LYS A 534 -42.98 2.40 31.31
CA LYS A 534 -44.05 2.76 30.40
C LYS A 534 -43.53 3.08 28.99
N ASN A 535 -42.40 3.78 28.94
CA ASN A 535 -41.89 4.37 27.71
C ASN A 535 -40.58 3.80 27.21
N GLY A 536 -39.93 3.00 28.04
CA GLY A 536 -38.54 2.56 27.76
C GLY A 536 -38.50 1.16 27.21
N TRP A 537 -38.84 0.21 28.07
CA TRP A 537 -38.93 -1.19 27.66
C TRP A 537 -40.42 -1.54 27.53
N ARG A 538 -41.02 -1.08 26.43
CA ARG A 538 -42.48 -1.12 26.34
C ARG A 538 -42.98 -2.56 26.16
N VAL A 539 -43.89 -2.97 27.03
CA VAL A 539 -44.50 -4.29 26.83
C VAL A 539 -45.59 -4.21 25.74
N ASN A 540 -45.20 -4.43 24.49
CA ASN A 540 -46.04 -4.19 23.32
C ASN A 540 -46.59 -5.51 22.83
N PRO A 541 -47.45 -5.49 21.79
CA PRO A 541 -48.06 -6.75 21.38
C PRO A 541 -47.00 -7.81 21.07
N GLY A 542 -47.15 -8.99 21.67
CA GLY A 542 -46.21 -10.07 21.37
C GLY A 542 -45.01 -10.09 22.29
N HIS A 543 -44.95 -9.16 23.23
CA HIS A 543 -43.86 -9.09 24.20
C HIS A 543 -44.20 -9.84 25.50
N GLN A 544 -43.20 -10.56 26.01
CA GLN A 544 -43.24 -11.00 27.38
C GLN A 544 -43.18 -9.76 28.26
N ASP A 545 -43.54 -9.90 29.53
CA ASP A 545 -43.27 -8.83 30.49
C ASP A 545 -41.77 -8.56 30.57
N HIS A 546 -41.38 -7.30 30.73
CA HIS A 546 -39.97 -6.92 30.71
C HIS A 546 -39.35 -6.76 32.09
N GLY A 547 -40.14 -7.04 33.15
CA GLY A 547 -39.63 -7.08 34.52
C GLY A 547 -39.28 -5.72 35.10
N VAL A 548 -39.75 -4.65 34.46
CA VAL A 548 -39.45 -3.30 34.93
C VAL A 548 -40.57 -2.87 35.85
N PRO A 549 -40.25 -2.62 37.12
CA PRO A 549 -41.31 -2.20 38.05
C PRO A 549 -41.90 -0.83 37.69
N ALA A 550 -43.17 -0.60 38.01
CA ALA A 550 -43.81 0.68 37.73
C ALA A 550 -43.50 1.70 38.82
N SER A 551 -42.94 1.22 39.93
CA SER A 551 -42.64 2.05 41.11
C SER A 551 -41.62 1.36 42.02
N PHE A 552 -41.04 2.09 42.96
CA PHE A 552 -40.17 1.49 43.98
C PHE A 552 -40.84 1.52 45.34
N GLU A 553 -40.85 0.37 45.99
CA GLU A 553 -41.41 0.26 47.33
C GLU A 553 -40.40 0.18 48.45
N SER A 554 -39.13 -0.13 48.16
CA SER A 554 -38.18 -0.32 49.25
C SER A 554 -36.78 0.05 48.85
N ARG A 555 -35.91 0.26 49.86
CA ARG A 555 -34.46 0.48 49.63
C ARG A 555 -33.77 -0.74 49.00
N GLU A 556 -34.15 -1.95 49.40
CA GLU A 556 -33.58 -3.18 48.82
CA GLU A 556 -33.57 -3.17 48.81
C GLU A 556 -33.91 -3.30 47.32
N GLN A 557 -35.14 -2.94 46.96
CA GLN A 557 -35.56 -3.02 45.56
C GLN A 557 -34.78 -2.01 44.70
N LEU A 558 -34.62 -0.81 45.25
CA LEU A 558 -33.88 0.27 44.61
C LEU A 558 -32.42 -0.18 44.42
N LYS A 559 -31.86 -0.79 45.45
CA LYS A 559 -30.51 -1.32 45.36
C LYS A 559 -30.38 -2.37 44.24
N GLU A 560 -31.36 -3.27 44.12
CA GLU A 560 -31.22 -4.39 43.18
C GLU A 560 -31.26 -3.85 41.75
N VAL A 561 -32.13 -2.88 41.48
CA VAL A 561 -32.22 -2.33 40.12
C VAL A 561 -30.95 -1.52 39.80
N LEU A 562 -30.51 -0.71 40.74
CA LEU A 562 -29.30 0.10 40.48
C LEU A 562 -28.06 -0.74 40.30
N THR A 563 -27.94 -1.80 41.11
CA THR A 563 -26.80 -2.70 40.99
C THR A 563 -26.83 -3.37 39.61
N SER A 564 -27.99 -3.90 39.21
CA SER A 564 -28.12 -4.51 37.88
C SER A 564 -27.65 -3.55 36.80
N LEU A 565 -28.14 -2.31 36.89
CA LEU A 565 -27.84 -1.28 35.87
C LEU A 565 -26.36 -0.92 35.86
N VAL A 566 -25.79 -0.61 37.04
CA VAL A 566 -24.38 -0.20 37.11
C VAL A 566 -23.45 -1.37 36.67
N PHE A 567 -23.75 -2.58 37.15
CA PHE A 567 -22.93 -3.72 36.77
C PHE A 567 -22.99 -3.89 35.25
N THR A 568 -24.18 -3.71 34.66
CA THR A 568 -24.30 -3.91 33.20
C THR A 568 -23.52 -2.84 32.44
N PHE A 569 -23.69 -1.57 32.84
CA PHE A 569 -22.98 -0.47 32.14
C PHE A 569 -21.47 -0.69 32.08
N SER A 570 -20.90 -1.24 33.16
CA SER A 570 -19.45 -1.34 33.35
C SER A 570 -19.02 -2.76 33.02
N CYS A 571 -19.22 -3.65 33.97
CA CYS A 571 -18.72 -5.01 33.95
C CYS A 571 -19.27 -5.87 32.85
N GLN A 572 -20.59 -5.93 32.70
CA GLN A 572 -21.15 -6.84 31.71
C GLN A 572 -20.68 -6.43 30.33
N HIS A 573 -20.82 -5.14 30.02
CA HIS A 573 -20.39 -4.64 28.74
C HIS A 573 -18.91 -4.97 28.51
N ALA A 574 -18.05 -4.75 29.51
CA ALA A 574 -16.61 -5.03 29.32
C ALA A 574 -16.37 -6.52 28.96
N ALA A 575 -17.00 -7.41 29.74
CA ALA A 575 -16.84 -8.86 29.54
C ALA A 575 -17.26 -9.35 28.15
N VAL A 576 -18.30 -8.73 27.58
CA VAL A 576 -18.79 -9.20 26.26
C VAL A 576 -18.25 -8.36 25.10
N ASN A 577 -17.57 -7.24 25.43
CA ASN A 577 -17.03 -6.33 24.40
C ASN A 577 -15.51 -6.44 24.28
N PHE A 578 -14.80 -6.24 25.39
CA PHE A 578 -13.34 -6.14 25.28
C PHE A 578 -12.65 -7.51 25.12
N SER A 579 -13.44 -8.57 25.29
CA SER A 579 -13.05 -9.94 25.04
C SER A 579 -12.98 -10.26 23.53
N GLN A 580 -13.44 -9.31 22.70
CA GLN A 580 -13.60 -9.63 21.28
C GLN A 580 -12.33 -9.78 20.47
N LYS A 581 -11.25 -9.11 20.89
CA LYS A 581 -9.96 -9.30 20.17
C LYS A 581 -9.50 -10.77 20.26
N ASP A 582 -9.52 -11.32 21.47
CA ASP A 582 -9.08 -12.69 21.66
C ASP A 582 -10.01 -13.69 20.97
N HIS A 583 -11.32 -13.39 20.95
CA HIS A 583 -12.35 -14.33 20.50
C HIS A 583 -12.35 -14.34 18.97
N TYR A 584 -12.36 -13.14 18.38
CA TYR A 584 -12.62 -12.99 16.95
C TYR A 584 -11.37 -12.67 16.11
N GLY A 585 -10.30 -12.29 16.78
CA GLY A 585 -9.05 -11.84 16.10
C GLY A 585 -8.51 -12.86 15.10
N PHE A 586 -8.56 -14.14 15.45
CA PHE A 586 -8.28 -15.22 14.48
C PHE A 586 -9.60 -15.80 14.01
N THR A 587 -9.95 -15.49 12.77
CA THR A 587 -11.30 -15.76 12.27
C THR A 587 -11.87 -17.19 12.47
N PRO A 588 -11.09 -18.25 12.09
CA PRO A 588 -11.60 -19.60 12.33
C PRO A 588 -11.98 -19.93 13.78
N ASN A 589 -11.42 -19.21 14.75
CA ASN A 589 -11.83 -19.41 16.14
C ASN A 589 -13.31 -19.09 16.36
N ALA A 590 -13.84 -18.18 15.53
CA ALA A 590 -15.20 -17.66 15.72
C ALA A 590 -15.70 -16.95 14.46
N PRO A 591 -16.01 -17.73 13.41
CA PRO A 591 -16.55 -17.13 12.18
C PRO A 591 -17.95 -16.48 12.39
N ALA A 592 -18.20 -15.33 11.75
CA ALA A 592 -19.47 -14.61 11.90
C ALA A 592 -20.28 -14.62 10.62
N ILE A 593 -19.67 -15.14 9.56
CA ILE A 593 -20.35 -15.39 8.28
C ILE A 593 -20.00 -16.80 7.85
N LEU A 594 -20.97 -17.52 7.29
CA LEU A 594 -20.65 -18.75 6.50
C LEU A 594 -21.31 -18.63 5.12
N ARG A 595 -20.67 -19.19 4.09
CA ARG A 595 -21.03 -18.89 2.69
C ARG A 595 -21.78 -20.00 1.93
N HIS A 596 -21.97 -21.16 2.56
CA HIS A 596 -22.75 -22.25 1.98
C HIS A 596 -23.66 -22.84 3.03
N PRO A 597 -24.74 -23.54 2.62
CA PRO A 597 -25.66 -24.12 3.59
C PRO A 597 -25.04 -25.34 4.30
N PRO A 598 -25.67 -25.79 5.39
CA PRO A 598 -25.05 -26.93 6.09
C PRO A 598 -25.25 -28.25 5.32
N PRO A 599 -24.48 -29.30 5.69
CA PRO A 599 -24.58 -30.59 5.01
C PRO A 599 -25.89 -31.29 5.35
N LYS A 600 -26.35 -32.13 4.42
CA LYS A 600 -27.58 -32.89 4.60
C LYS A 600 -27.28 -34.40 4.73
N LYS A 601 -25.98 -34.71 4.83
CA LYS A 601 -25.51 -36.09 5.07
C LYS A 601 -24.08 -36.01 5.55
N LYS A 602 -23.57 -37.10 6.13
CA LYS A 602 -22.22 -37.11 6.70
C LYS A 602 -21.22 -37.47 5.60
N GLY A 603 -19.94 -37.18 5.81
CA GLY A 603 -18.88 -37.57 4.87
C GLY A 603 -18.49 -36.56 3.81
N GLU A 604 -19.19 -35.43 3.73
CA GLU A 604 -18.94 -34.44 2.67
C GLU A 604 -17.75 -33.50 2.92
N ALA A 605 -17.45 -33.19 4.19
CA ALA A 605 -16.52 -32.10 4.43
C ALA A 605 -15.08 -32.45 4.08
N THR A 606 -14.45 -31.55 3.34
CA THR A 606 -13.01 -31.58 3.10
C THR A 606 -12.44 -30.24 3.54
N LEU A 607 -11.11 -30.13 3.70
CA LEU A 607 -10.50 -28.84 3.98
C LEU A 607 -10.94 -27.80 2.96
N GLN A 608 -10.98 -28.18 1.68
CA GLN A 608 -11.37 -27.24 0.65
C GLN A 608 -12.83 -26.77 0.76
N SER A 609 -13.76 -27.69 1.06
CA SER A 609 -15.15 -27.29 1.14
C SER A 609 -15.33 -26.41 2.37
N ILE A 610 -14.58 -26.74 3.42
CA ILE A 610 -14.60 -25.92 4.66
C ILE A 610 -14.11 -24.51 4.39
N LEU A 611 -12.97 -24.37 3.71
CA LEU A 611 -12.43 -23.02 3.42
C LEU A 611 -13.37 -22.18 2.56
N SER A 612 -14.12 -22.83 1.66
CA SER A 612 -15.08 -22.09 0.84
CA SER A 612 -15.12 -22.16 0.82
C SER A 612 -16.35 -21.73 1.59
N THR A 613 -16.59 -22.38 2.75
CA THR A 613 -17.75 -22.05 3.60
C THR A 613 -17.43 -20.98 4.63
N LEU A 614 -16.22 -21.04 5.15
CA LEU A 614 -15.68 -20.04 6.07
C LEU A 614 -15.68 -18.64 5.40
N PRO A 615 -15.64 -17.57 6.21
CA PRO A 615 -15.60 -16.23 5.64
C PRO A 615 -14.47 -16.08 4.62
N SER A 616 -14.73 -15.31 3.58
CA SER A 616 -13.66 -14.91 2.66
C SER A 616 -12.59 -14.10 3.39
N LYS A 617 -11.42 -13.97 2.76
CA LYS A 617 -10.34 -13.14 3.25
C LYS A 617 -10.88 -11.73 3.59
N SER A 618 -11.68 -11.13 2.71
CA SER A 618 -12.09 -9.74 3.01
C SER A 618 -13.19 -9.67 4.05
N GLN A 619 -14.04 -10.68 4.10
CA GLN A 619 -15.06 -10.75 5.15
C GLN A 619 -14.36 -10.88 6.51
N ALA A 620 -13.38 -11.76 6.59
CA ALA A 620 -12.58 -11.94 7.80
C ALA A 620 -11.88 -10.65 8.21
N ALA A 621 -11.20 -9.99 7.25
CA ALA A 621 -10.55 -8.71 7.50
C ALA A 621 -11.50 -7.66 8.06
N LYS A 622 -12.71 -7.58 7.53
CA LYS A 622 -13.68 -6.59 8.03
C LYS A 622 -14.16 -6.93 9.45
N ALA A 623 -14.27 -8.22 9.75
CA ALA A 623 -14.61 -8.62 11.15
C ALA A 623 -13.55 -8.10 12.12
N ILE A 624 -12.29 -8.28 11.75
CA ILE A 624 -11.14 -7.79 12.54
C ILE A 624 -11.15 -6.25 12.69
N ALA A 625 -11.39 -5.56 11.58
CA ALA A 625 -11.51 -4.10 11.57
C ALA A 625 -12.62 -3.67 12.54
N THR A 626 -13.78 -4.32 12.45
CA THR A 626 -14.90 -4.03 13.37
C THR A 626 -14.47 -4.20 14.84
N VAL A 627 -13.87 -5.35 15.11
CA VAL A 627 -13.38 -5.63 16.48
C VAL A 627 -12.41 -4.55 16.92
N TYR A 628 -11.49 -4.16 16.02
CA TYR A 628 -10.52 -3.10 16.35
C TYR A 628 -11.22 -1.81 16.84
N ILE A 629 -12.22 -1.35 16.09
CA ILE A 629 -12.98 -0.12 16.41
C ILE A 629 -13.74 -0.26 17.74
N LEU A 630 -14.43 -1.38 17.91
CA LEU A 630 -15.33 -1.55 19.06
C LEU A 630 -14.62 -1.82 20.36
N THR A 631 -13.35 -2.17 20.28
CA THR A 631 -12.56 -2.51 21.46
C THR A 631 -11.51 -1.45 21.86
N LYS A 632 -11.50 -0.31 21.15
CA LYS A 632 -10.48 0.70 21.39
C LYS A 632 -10.84 1.56 22.62
N PHE A 633 -10.02 1.48 23.66
CA PHE A 633 -10.20 2.34 24.83
C PHE A 633 -9.75 3.76 24.50
N SER A 634 -10.53 4.76 24.87
CA SER A 634 -10.11 6.15 24.64
CA SER A 634 -10.12 6.16 24.66
C SER A 634 -8.99 6.53 25.60
N GLU A 635 -8.15 7.47 25.18
CA GLU A 635 -7.07 7.89 26.06
C GLU A 635 -7.63 8.60 27.31
N ASP A 636 -8.88 9.08 27.27
CA ASP A 636 -9.48 9.70 28.46
C ASP A 636 -10.43 8.77 29.24
N GLU A 637 -10.36 7.48 29.00
CA GLU A 637 -11.30 6.58 29.68
C GLU A 637 -11.10 6.58 31.18
N ARG A 638 -12.21 6.49 31.91
CA ARG A 638 -12.15 6.29 33.35
C ARG A 638 -12.70 4.90 33.68
N TYR A 639 -11.91 4.17 34.47
CA TYR A 639 -12.25 2.79 34.74
C TYR A 639 -12.95 2.66 36.09
N LEU A 640 -13.38 1.42 36.39
CA LEU A 640 -14.44 1.18 37.35
C LEU A 640 -14.08 1.78 38.72
N GLY A 641 -14.96 2.66 39.21
CA GLY A 641 -14.74 3.29 40.54
C GLY A 641 -13.94 4.58 40.50
N ASN A 642 -13.43 4.95 39.33
CA ASN A 642 -12.68 6.21 39.22
C ASN A 642 -13.74 7.29 39.12
N TYR A 643 -13.95 7.98 40.22
CA TYR A 643 -15.00 8.95 40.34
C TYR A 643 -14.41 10.37 40.44
N SER A 644 -13.27 10.57 39.78
CA SER A 644 -12.60 11.88 39.79
C SER A 644 -13.47 13.00 39.17
N ALA A 645 -14.43 12.66 38.32
CA ALA A 645 -15.27 13.68 37.68
C ALA A 645 -16.71 13.55 38.11
N THR A 646 -16.92 13.23 39.38
CA THR A 646 -18.27 13.13 39.95
C THR A 646 -18.55 14.28 40.92
N ALA A 647 -19.84 14.52 41.20
CA ALA A 647 -20.31 15.75 41.82
C ALA A 647 -20.64 15.57 43.33
N TRP A 648 -20.08 14.56 43.97
CA TRP A 648 -20.34 14.30 45.41
C TRP A 648 -19.72 15.35 46.35
N GLU A 649 -20.46 15.72 47.41
CA GLU A 649 -19.99 16.64 48.46
C GLU A 649 -20.12 16.01 49.84
N ASP A 650 -21.10 15.14 50.00
CA ASP A 650 -21.40 14.53 51.29
C ASP A 650 -20.20 13.71 51.78
N LYS A 651 -19.73 13.99 52.99
CA LYS A 651 -18.56 13.31 53.57
C LYS A 651 -18.74 11.79 53.68
N ASP A 652 -19.95 11.38 54.02
CA ASP A 652 -20.25 9.96 54.14
C ASP A 652 -20.27 9.30 52.76
N ALA A 653 -20.77 10.01 51.74
CA ALA A 653 -20.68 9.46 50.36
C ALA A 653 -19.21 9.28 49.97
N LEU A 654 -18.37 10.27 50.28
CA LEU A 654 -16.94 10.19 49.97
C LEU A 654 -16.30 8.99 50.66
N ASP A 655 -16.73 8.70 51.90
CA ASP A 655 -16.20 7.56 52.63
C ASP A 655 -16.65 6.26 51.99
N ALA A 656 -17.90 6.20 51.55
CA ALA A 656 -18.42 4.99 50.87
C ALA A 656 -17.65 4.74 49.58
N ILE A 657 -17.32 5.83 48.88
CA ILE A 657 -16.50 5.72 47.67
C ILE A 657 -15.11 5.16 48.01
N ASN A 658 -14.49 5.67 49.09
CA ASN A 658 -13.18 5.17 49.51
C ASN A 658 -13.19 3.66 49.74
N ARG A 659 -14.23 3.19 50.41
CA ARG A 659 -14.33 1.76 50.75
C ARG A 659 -14.50 0.94 49.49
N PHE A 660 -15.33 1.44 48.56
CA PHE A 660 -15.58 0.77 47.27
C PHE A 660 -14.27 0.64 46.45
N GLN A 661 -13.53 1.73 46.33
CA GLN A 661 -12.26 1.72 45.61
C GLN A 661 -11.25 0.78 46.24
N ASP A 662 -11.18 0.77 47.56
CA ASP A 662 -10.29 -0.17 48.24
C ASP A 662 -10.70 -1.64 47.98
N LYS A 663 -12.00 -1.92 48.01
CA LYS A 663 -12.51 -3.26 47.71
C LYS A 663 -12.15 -3.67 46.26
N LEU A 664 -12.34 -2.75 45.33
CA LEU A 664 -11.93 -3.00 43.90
C LEU A 664 -10.44 -3.30 43.76
N GLU A 665 -9.63 -2.55 44.50
CA GLU A 665 -8.19 -2.82 44.54
C GLU A 665 -7.87 -4.24 45.03
N ASP A 666 -8.57 -4.69 46.06
CA ASP A 666 -8.38 -6.05 46.56
C ASP A 666 -8.80 -7.12 45.54
N ILE A 667 -9.95 -6.89 44.91
CA ILE A 667 -10.44 -7.76 43.82
C ILE A 667 -9.43 -7.84 42.67
N SER A 668 -8.89 -6.69 42.27
CA SER A 668 -7.85 -6.64 41.24
CA SER A 668 -7.82 -6.60 41.25
C SER A 668 -6.63 -7.50 41.62
N LYS A 669 -6.11 -7.35 42.84
CA LYS A 669 -4.97 -8.20 43.26
C LYS A 669 -5.30 -9.68 43.23
N LYS A 670 -6.51 -10.05 43.67
CA LYS A 670 -6.94 -11.45 43.68
C LYS A 670 -7.06 -12.03 42.26
N ILE A 671 -7.58 -11.23 41.35
CA ILE A 671 -7.67 -11.65 39.96
C ILE A 671 -6.27 -11.83 39.38
N LYS A 672 -5.36 -10.88 39.64
CA LYS A 672 -3.99 -11.05 39.08
C LYS A 672 -3.26 -12.29 39.64
N GLN A 673 -3.44 -12.55 40.93
CA GLN A 673 -2.87 -13.73 41.58
C GLN A 673 -3.44 -15.02 40.97
N ARG A 674 -4.74 -15.01 40.71
CA ARG A 674 -5.45 -16.17 40.13
C ARG A 674 -4.89 -16.35 38.71
N ASN A 675 -4.79 -15.26 37.98
CA ASN A 675 -4.29 -15.32 36.62
C ASN A 675 -2.85 -15.83 36.46
N GLU A 676 -2.01 -15.58 37.47
CA GLU A 676 -0.61 -15.98 37.28
C GLU A 676 -0.46 -17.50 37.26
N ASN A 677 -1.48 -18.21 37.75
CA ASN A 677 -1.53 -19.66 37.68
C ASN A 677 -2.39 -20.28 36.55
N LEU A 678 -2.88 -19.46 35.63
CA LEU A 678 -3.72 -19.90 34.51
C LEU A 678 -2.93 -20.02 33.23
N GLU A 679 -3.25 -21.04 32.42
CA GLU A 679 -2.67 -21.16 31.09
C GLU A 679 -3.02 -19.95 30.26
N VAL A 680 -4.28 -19.48 30.37
CA VAL A 680 -4.76 -18.31 29.63
C VAL A 680 -5.43 -17.38 30.64
N PRO A 681 -4.67 -16.40 31.17
CA PRO A 681 -5.23 -15.41 32.10
C PRO A 681 -6.56 -14.86 31.58
N TYR A 682 -7.49 -14.62 32.49
CA TYR A 682 -8.79 -14.01 32.14
C TYR A 682 -8.75 -12.57 32.66
N ILE A 683 -8.60 -11.61 31.75
CA ILE A 683 -8.28 -10.23 32.18
C ILE A 683 -9.42 -9.24 32.02
N TYR A 684 -10.52 -9.62 31.37
CA TYR A 684 -11.49 -8.60 30.95
C TYR A 684 -12.27 -8.01 32.12
N LEU A 685 -12.26 -8.69 33.27
CA LEU A 685 -12.93 -8.13 34.43
C LEU A 685 -12.01 -7.61 35.52
N LEU A 686 -10.77 -7.28 35.16
CA LEU A 686 -9.94 -6.45 36.06
C LEU A 686 -10.54 -5.03 36.14
N PRO A 687 -10.70 -4.49 37.35
CA PRO A 687 -11.26 -3.14 37.47
C PRO A 687 -10.54 -2.11 36.62
N GLU A 688 -9.23 -2.21 36.48
CA GLU A 688 -8.42 -1.24 35.68
C GLU A 688 -8.69 -1.34 34.19
N ARG A 689 -9.41 -2.39 33.78
CA ARG A 689 -9.76 -2.63 32.38
C ARG A 689 -11.27 -2.48 32.11
N ILE A 690 -12.05 -2.25 33.17
CA ILE A 690 -13.52 -2.09 33.02
C ILE A 690 -13.90 -0.58 33.01
N PRO A 691 -14.31 -0.05 31.85
CA PRO A 691 -14.80 1.35 31.89
C PRO A 691 -15.99 1.49 32.83
N ASN A 692 -16.15 2.68 33.42
CA ASN A 692 -17.37 2.94 34.21
C ASN A 692 -18.62 2.73 33.38
N GLY A 693 -18.52 3.00 32.07
CA GLY A 693 -19.72 3.03 31.21
C GLY A 693 -19.59 2.24 29.92
N THR A 694 -20.68 2.28 29.13
CA THR A 694 -20.76 1.60 27.85
C THR A 694 -20.59 2.70 26.82
N ALA A 695 -19.38 2.85 26.32
CA ALA A 695 -19.02 4.04 25.55
C ALA A 695 -18.48 3.73 24.16
N ILE A 696 -18.42 2.45 23.83
CA ILE A 696 -17.85 2.00 22.55
C ILE A 696 -18.42 0.64 22.17
N HIS B 6 -2.95 16.66 70.90
N HIS B 6 -2.11 16.85 70.72
CA HIS B 6 -2.81 16.39 69.44
CA HIS B 6 -2.47 16.40 69.33
C HIS B 6 -3.34 17.55 68.59
C HIS B 6 -3.39 17.38 68.59
N ALA B 7 -3.24 17.39 67.26
CA ALA B 7 -4.02 18.23 66.35
C ALA B 7 -4.64 17.23 65.35
N ILE B 8 -5.78 17.61 64.76
CA ILE B 8 -6.41 16.90 63.63
C ILE B 8 -6.04 17.71 62.39
N TYR B 9 -5.46 17.06 61.40
CA TYR B 9 -5.13 17.71 60.14
C TYR B 9 -6.09 17.23 59.03
N ASN B 10 -6.80 18.15 58.40
CA ASN B 10 -7.55 17.84 57.17
C ASN B 10 -6.62 18.06 55.99
N VAL B 11 -6.39 17.03 55.19
CA VAL B 11 -5.40 17.07 54.14
C VAL B 11 -6.14 16.81 52.83
N GLU B 12 -6.03 17.73 51.87
CA GLU B 12 -6.62 17.50 50.54
C GLU B 12 -5.49 17.46 49.51
N VAL B 13 -5.47 16.43 48.66
CA VAL B 13 -4.42 16.33 47.67
C VAL B 13 -5.08 16.40 46.33
N GLU B 14 -4.56 17.26 45.45
CA GLU B 14 -5.05 17.36 44.07
CA GLU B 14 -5.06 17.37 44.08
C GLU B 14 -4.01 16.75 43.18
N THR B 15 -4.39 15.67 42.50
CA THR B 15 -3.51 14.96 41.61
C THR B 15 -3.69 15.53 40.21
N GLY B 16 -2.57 15.68 39.49
CA GLY B 16 -2.63 16.21 38.13
C GLY B 16 -3.50 15.37 37.22
N ASP B 17 -4.04 16.03 36.18
CA ASP B 17 -4.87 15.36 35.17
C ASP B 17 -4.13 14.60 34.06
N ARG B 18 -2.81 14.83 33.93
CA ARG B 18 -2.05 14.18 32.87
C ARG B 18 -2.00 12.66 33.00
N GLU B 19 -1.81 11.96 31.88
CA GLU B 19 -1.75 10.50 31.88
CA GLU B 19 -1.75 10.49 31.85
C GLU B 19 -0.70 9.99 32.83
N HIS B 20 -1.05 8.95 33.56
CA HIS B 20 -0.17 8.33 34.56
C HIS B 20 0.10 9.18 35.80
N ALA B 21 -0.66 10.24 35.94
CA ALA B 21 -0.51 11.11 37.14
C ALA B 21 -0.85 10.36 38.42
N GLY B 22 -1.77 9.42 38.34
CA GLY B 22 -2.25 8.69 39.53
C GLY B 22 -1.24 7.71 40.10
N THR B 23 -1.52 7.19 41.28
CA THR B 23 -0.65 6.20 41.91
C THR B 23 -1.49 5.25 42.74
N ASP B 24 -0.98 4.03 42.92
CA ASP B 24 -1.50 3.17 43.95
C ASP B 24 -0.45 2.79 44.98
N ALA B 25 0.66 3.53 45.02
CA ALA B 25 1.65 3.40 46.13
C ALA B 25 0.99 3.75 47.45
N THR B 26 1.56 3.27 48.54
CA THR B 26 1.15 3.69 49.88
C THR B 26 1.78 5.06 50.14
N ILE B 27 0.93 6.03 50.44
CA ILE B 27 1.40 7.42 50.65
C ILE B 27 1.30 7.77 52.11
N THR B 28 2.37 8.41 52.60
CA THR B 28 2.38 8.93 53.96
C THR B 28 2.78 10.39 53.88
N ILE B 29 2.44 11.18 54.88
CA ILE B 29 2.80 12.59 54.91
C ILE B 29 3.34 12.90 56.31
N ARG B 30 4.44 13.63 56.38
CA ARG B 30 4.96 14.15 57.65
C ARG B 30 4.77 15.67 57.64
N ILE B 31 4.24 16.21 58.73
CA ILE B 31 3.99 17.65 58.81
C ILE B 31 4.94 18.31 59.81
N THR B 32 5.60 19.39 59.39
CA THR B 32 6.57 20.12 60.22
C THR B 32 6.05 21.52 60.49
N GLY B 33 6.15 21.99 61.74
CA GLY B 33 5.73 23.34 62.08
C GLY B 33 6.56 23.90 63.22
N ALA B 34 6.13 25.05 63.71
CA ALA B 34 6.83 25.80 64.76
C ALA B 34 7.19 24.95 65.98
N LYS B 35 6.29 24.05 66.37
CA LYS B 35 6.42 23.32 67.64
C LYS B 35 7.04 21.95 67.54
N GLY B 36 7.32 21.50 66.32
CA GLY B 36 7.90 20.18 66.10
C GLY B 36 7.38 19.55 64.81
N ARG B 37 7.28 18.23 64.82
CA ARG B 37 6.83 17.51 63.64
C ARG B 37 6.17 16.18 63.99
N THR B 38 5.23 15.77 63.13
CA THR B 38 4.44 14.55 63.35
C THR B 38 5.22 13.35 62.86
N ASP B 39 4.77 12.14 63.19
CA ASP B 39 5.31 10.96 62.47
CA ASP B 39 5.21 10.92 62.51
C ASP B 39 4.73 10.96 61.05
N TYR B 40 5.23 10.07 60.21
CA TYR B 40 4.61 9.87 58.89
C TYR B 40 3.23 9.29 59.11
N LEU B 41 2.23 10.00 58.59
CA LEU B 41 0.81 9.67 58.77
C LEU B 41 0.26 9.13 57.46
N LYS B 42 -0.55 8.08 57.54
CA LYS B 42 -1.06 7.41 56.34
C LYS B 42 -2.19 8.17 55.66
N LEU B 43 -2.11 8.26 54.33
CA LEU B 43 -3.20 8.75 53.50
C LEU B 43 -3.66 7.53 52.69
N ASP B 44 -4.58 6.76 53.23
CA ASP B 44 -4.75 5.37 52.75
C ASP B 44 -6.19 4.86 52.84
N LYS B 45 -7.13 5.68 52.39
CA LYS B 45 -8.51 5.26 52.15
C LYS B 45 -8.83 5.84 50.78
N GLY B 46 -9.20 4.97 49.85
CA GLY B 46 -9.61 5.35 48.51
C GLY B 46 -8.42 5.46 47.57
N SER B 47 -8.68 5.82 46.32
CA SER B 47 -7.64 5.83 45.30
C SER B 47 -7.06 7.23 45.07
N PHE B 48 -5.98 7.31 44.28
CA PHE B 48 -5.42 8.58 43.80
C PHE B 48 -5.42 8.54 42.28
N GLU B 49 -6.55 8.81 41.66
CA GLU B 49 -6.61 8.83 40.19
C GLU B 49 -6.19 10.18 39.65
N ALA B 50 -5.73 10.19 38.40
CA ALA B 50 -5.50 11.46 37.71
C ALA B 50 -6.71 12.39 37.83
N GLY B 51 -6.46 13.65 38.19
CA GLY B 51 -7.49 14.67 38.24
C GLY B 51 -8.32 14.64 39.52
N SER B 52 -8.00 13.72 40.42
CA SER B 52 -8.79 13.59 41.66
C SER B 52 -8.43 14.67 42.68
N LYS B 53 -9.41 15.01 43.50
CA LYS B 53 -9.22 15.82 44.69
C LYS B 53 -9.70 14.98 45.86
N GLU B 54 -8.76 14.54 46.70
CA GLU B 54 -9.03 13.49 47.68
C GLU B 54 -8.77 14.02 49.07
N GLN B 55 -9.63 13.63 50.02
CA GLN B 55 -9.57 14.19 51.37
C GLN B 55 -9.24 13.10 52.39
N TYR B 56 -8.41 13.50 53.34
CA TYR B 56 -7.95 12.66 54.44
C TYR B 56 -8.05 13.45 55.74
N THR B 57 -8.31 12.73 56.83
CA THR B 57 -8.31 13.36 58.15
C THR B 57 -7.35 12.52 58.98
N VAL B 58 -6.26 13.15 59.39
CA VAL B 58 -5.24 12.47 60.18
C VAL B 58 -4.97 13.22 61.49
N GLN B 59 -4.45 12.49 62.47
CA GLN B 59 -4.24 13.03 63.81
C GLN B 59 -2.81 12.78 64.18
N GLY B 60 -2.15 13.81 64.72
CA GLY B 60 -0.76 13.68 65.13
C GLY B 60 -0.35 14.78 66.12
N PHE B 61 0.92 14.76 66.48
CA PHE B 61 1.52 15.84 67.23
C PHE B 61 1.13 17.21 66.68
N ASP B 62 0.73 18.11 67.58
CA ASP B 62 0.38 19.47 67.17
C ASP B 62 1.65 20.27 66.90
N VAL B 63 1.88 20.57 65.63
CA VAL B 63 3.12 21.24 65.24
C VAL B 63 3.03 22.76 65.32
N GLY B 64 1.88 23.27 65.71
CA GLY B 64 1.64 24.71 65.71
C GLY B 64 1.50 25.17 64.27
N ASP B 65 2.05 26.34 63.97
CA ASP B 65 1.97 26.92 62.64
C ASP B 65 2.75 26.04 61.70
N ILE B 66 2.10 25.57 60.64
CA ILE B 66 2.75 24.61 59.72
C ILE B 66 3.74 25.32 58.81
N GLN B 67 4.93 24.72 58.71
CA GLN B 67 6.00 25.32 57.94
C GLN B 67 6.42 24.58 56.68
N LEU B 68 6.31 23.24 56.69
CA LEU B 68 6.62 22.44 55.51
C LEU B 68 5.98 21.08 55.70
N ILE B 69 5.79 20.37 54.58
CA ILE B 69 5.34 18.97 54.63
C ILE B 69 6.26 18.09 53.77
N GLU B 70 6.24 16.78 54.03
CA GLU B 70 6.98 15.82 53.24
C GLU B 70 6.00 14.72 52.86
N LEU B 71 5.94 14.41 51.58
CA LEU B 71 5.15 13.26 51.11
C LEU B 71 6.11 12.11 50.94
N HIS B 72 5.66 10.91 51.32
CA HIS B 72 6.49 9.74 51.05
C HIS B 72 5.66 8.69 50.30
N SER B 73 6.22 8.15 49.23
CA SER B 73 5.64 7.01 48.52
C SER B 73 6.50 5.75 48.72
N ASP B 74 5.88 4.61 49.01
CA ASP B 74 6.65 3.35 49.15
C ASP B 74 7.05 2.78 47.78
N GLY B 75 6.65 3.46 46.72
CA GLY B 75 7.03 3.03 45.37
C GLY B 75 6.14 1.92 44.83
N GLY B 76 5.04 1.63 45.52
CA GLY B 76 4.06 0.63 45.08
C GLY B 76 4.44 -0.79 45.43
N GLY B 77 3.56 -1.72 45.13
CA GLY B 77 3.87 -3.12 45.41
C GLY B 77 4.15 -3.92 44.16
N TYR B 78 4.12 -5.24 44.31
CA TYR B 78 4.35 -6.16 43.21
C TYR B 78 3.52 -5.81 41.96
N TRP B 79 2.24 -5.49 42.17
CA TRP B 79 1.28 -5.24 41.07
C TRP B 79 1.21 -3.80 40.55
N SER B 80 1.92 -2.89 41.18
CA SER B 80 1.88 -1.48 40.80
C SER B 80 2.43 -1.20 39.41
N GLY B 81 1.60 -0.67 38.52
CA GLY B 81 2.06 -0.38 37.17
C GLY B 81 2.98 0.83 37.07
N ASP B 82 2.53 1.96 37.63
CA ASP B 82 3.26 3.24 37.50
C ASP B 82 3.14 4.00 38.79
N PRO B 83 3.95 3.61 39.80
CA PRO B 83 3.83 4.26 41.10
C PRO B 83 4.11 5.80 41.13
N ASP B 84 4.83 6.35 40.14
CA ASP B 84 5.15 7.79 40.17
C ASP B 84 3.84 8.60 40.16
N TRP B 85 3.80 9.70 40.91
CA TRP B 85 2.54 10.39 41.20
C TRP B 85 2.71 11.87 40.89
N PHE B 86 1.91 12.41 39.97
CA PHE B 86 2.07 13.84 39.68
C PHE B 86 1.08 14.63 40.54
N VAL B 87 1.60 15.36 41.52
CA VAL B 87 0.74 16.08 42.48
C VAL B 87 0.69 17.53 42.07
N ASN B 88 -0.53 18.06 41.89
CA ASN B 88 -0.69 19.50 41.69
C ASN B 88 -0.45 20.29 43.00
N ARG B 89 -1.22 19.96 44.03
CA ARG B 89 -1.24 20.75 45.24
C ARG B 89 -1.75 19.94 46.42
N VAL B 90 -1.29 20.31 47.61
CA VAL B 90 -1.82 19.75 48.84
C VAL B 90 -2.33 20.95 49.65
N ILE B 91 -3.50 20.81 50.28
CA ILE B 91 -4.05 21.85 51.14
C ILE B 91 -4.28 21.22 52.51
N ILE B 92 -3.87 21.91 53.58
CA ILE B 92 -4.00 21.41 54.94
C ILE B 92 -4.62 22.46 55.85
N ILE B 93 -5.54 22.00 56.70
CA ILE B 93 -6.14 22.80 57.76
C ILE B 93 -5.80 22.06 59.04
N SER B 94 -5.21 22.77 60.00
CA SER B 94 -4.94 22.19 61.30
C SER B 94 -6.02 22.66 62.27
N SER B 95 -6.47 21.76 63.13
CA SER B 95 -7.53 22.09 64.09
C SER B 95 -7.07 23.15 65.11
N THR B 96 -5.76 23.37 65.21
CA THR B 96 -5.18 24.34 66.19
C THR B 96 -4.81 25.68 65.56
N GLN B 97 -4.96 25.80 64.25
CA GLN B 97 -4.54 27.00 63.53
C GLN B 97 -5.67 27.57 62.68
N ASP B 98 -5.76 28.89 62.60
CA ASP B 98 -6.80 29.50 61.77
CA ASP B 98 -6.78 29.57 61.79
C ASP B 98 -6.24 29.94 60.42
N ARG B 99 -5.50 29.04 59.78
CA ARG B 99 -4.94 29.27 58.47
C ARG B 99 -5.34 28.11 57.55
N VAL B 100 -5.40 28.40 56.25
CA VAL B 100 -5.45 27.37 55.23
C VAL B 100 -4.05 27.31 54.57
N TYR B 101 -3.37 26.18 54.69
CA TYR B 101 -2.01 26.07 54.16
C TYR B 101 -2.03 25.44 52.78
N SER B 102 -1.52 26.15 51.79
CA SER B 102 -1.55 25.63 50.43
C SER B 102 -0.13 25.37 49.95
N PHE B 103 0.13 24.14 49.47
CA PHE B 103 1.44 23.68 49.08
C PHE B 103 1.41 23.32 47.60
N PRO B 104 1.78 24.27 46.73
CA PRO B 104 1.81 23.95 45.28
C PRO B 104 2.96 23.01 45.00
N CYS B 105 2.79 22.14 43.99
CA CYS B 105 3.80 21.17 43.66
C CYS B 105 4.02 21.22 42.15
N PHE B 106 3.13 20.57 41.39
CA PHE B 106 3.24 20.49 39.92
C PHE B 106 4.53 19.81 39.50
N ARG B 107 4.87 18.73 40.20
CA ARG B 107 6.04 17.92 39.87
C ARG B 107 5.71 16.49 40.22
N TRP B 108 6.53 15.58 39.69
CA TRP B 108 6.41 14.15 39.99
C TRP B 108 6.95 13.77 41.36
N VAL B 109 6.13 13.02 42.12
CA VAL B 109 6.57 12.41 43.37
C VAL B 109 7.01 11.00 43.07
N ILE B 110 8.30 10.74 43.27
CA ILE B 110 8.90 9.42 43.02
C ILE B 110 8.94 8.66 44.34
N LYS B 111 9.79 9.10 45.28
CA LYS B 111 9.81 8.49 46.61
C LYS B 111 9.53 9.50 47.74
N ASP B 112 10.26 10.62 47.73
CA ASP B 112 10.07 11.68 48.73
C ASP B 112 9.89 13.03 48.06
N MET B 113 9.08 13.86 48.69
CA MET B 113 8.83 15.19 48.18
C MET B 113 8.58 16.15 49.32
N VAL B 114 9.46 17.13 49.45
CA VAL B 114 9.29 18.26 50.35
C VAL B 114 8.53 19.44 49.69
N LEU B 115 7.53 19.95 50.37
CA LEU B 115 6.75 21.09 49.88
C LEU B 115 6.68 22.17 50.95
N PHE B 116 6.69 23.44 50.53
CA PHE B 116 6.49 24.60 51.45
C PHE B 116 5.16 25.29 51.17
N PRO B 117 4.51 25.89 52.22
CA PRO B 117 3.21 26.55 51.98
C PRO B 117 3.38 28.01 51.61
N GLY B 118 2.35 28.56 50.94
CA GLY B 118 2.29 30.00 50.61
C GLY B 118 3.12 30.49 49.42
N GLU B 119 3.51 31.76 49.47
CA GLU B 119 4.04 32.46 48.34
C GLU B 119 5.48 32.05 48.06
N ALA B 120 5.87 32.24 46.81
CA ALA B 120 7.27 32.16 46.35
C ALA B 120 8.15 33.13 47.13
N THR B 121 9.40 32.75 47.33
CA THR B 121 10.34 33.59 48.07
C THR B 121 11.70 33.58 47.43
N LEU B 122 12.43 34.67 47.64
CA LEU B 122 13.87 34.72 47.36
C LEU B 122 14.62 34.06 48.51
N PRO B 123 15.85 33.54 48.26
CA PRO B 123 16.44 32.71 49.32
C PRO B 123 16.77 33.48 50.59
N PHE B 124 16.99 34.80 50.50
CA PHE B 124 17.29 35.60 51.70
C PHE B 124 16.03 36.12 52.41
N ASN B 125 14.84 35.93 51.81
CA ASN B 125 13.61 36.30 52.51
C ASN B 125 13.50 35.51 53.79
N GLU B 126 13.04 36.18 54.86
CA GLU B 126 12.98 35.53 56.17
C GLU B 126 12.00 34.34 56.22
N VAL B 127 12.53 33.16 56.53
CA VAL B 127 11.73 31.93 56.67
C VAL B 127 12.29 31.13 57.85
N PRO B 128 11.53 30.13 58.35
CA PRO B 128 12.08 29.28 59.41
C PRO B 128 13.35 28.59 58.95
N ALA B 129 14.29 28.39 59.89
CA ALA B 129 15.57 27.71 59.63
C ALA B 129 15.43 26.39 58.87
N ILE B 130 14.48 25.57 59.27
CA ILE B 130 14.30 24.27 58.63
C ILE B 130 13.85 24.42 57.14
N VAL B 131 13.11 25.47 56.85
CA VAL B 131 12.74 25.76 55.44
C VAL B 131 13.99 26.11 54.60
N SER B 132 14.85 26.98 55.14
CA SER B 132 16.12 27.30 54.47
C SER B 132 17.01 26.08 54.23
N GLU B 133 17.11 25.24 55.25
CA GLU B 133 17.88 23.99 55.20
C GLU B 133 17.37 23.08 54.08
N GLN B 134 16.06 22.92 54.03
CA GLN B 134 15.42 22.10 53.02
C GLN B 134 15.61 22.65 51.62
N ARG B 135 15.57 23.97 51.49
CA ARG B 135 15.77 24.63 50.20
C ARG B 135 17.19 24.38 49.68
N GLN B 136 18.19 24.54 50.57
N GLN B 136 18.19 24.51 50.55
CA GLN B 136 19.59 24.20 50.24
CA GLN B 136 19.56 24.21 50.15
C GLN B 136 19.72 22.75 49.79
C GLN B 136 19.76 22.74 49.79
N LYS B 137 19.14 21.84 50.56
CA LYS B 137 19.15 20.41 50.23
C LYS B 137 18.54 20.17 48.85
N GLU B 138 17.42 20.84 48.56
CA GLU B 138 16.79 20.71 47.23
C GLU B 138 17.80 21.04 46.15
N LEU B 139 18.48 22.19 46.27
CA LEU B 139 19.43 22.68 45.28
C LEU B 139 20.68 21.80 45.12
N GLU B 140 21.16 21.25 46.23
CA GLU B 140 22.24 20.23 46.16
C GLU B 140 21.84 18.98 45.34
N GLN B 141 20.65 18.46 45.59
CA GLN B 141 20.15 17.35 44.79
CA GLN B 141 20.08 17.35 44.81
C GLN B 141 19.98 17.73 43.31
N ARG B 142 19.50 18.95 43.04
CA ARG B 142 19.29 19.40 41.65
C ARG B 142 20.60 19.32 40.85
N LYS B 143 21.71 19.71 41.48
CA LYS B 143 22.99 19.77 40.78
C LYS B 143 23.57 18.36 40.52
N LEU B 144 23.14 17.40 41.30
CA LEU B 144 23.46 16.00 41.02
C LEU B 144 22.57 15.40 39.90
N THR B 145 21.30 15.78 39.87
CA THR B 145 20.33 15.25 38.94
C THR B 145 20.50 15.86 37.55
N TYR B 146 20.75 17.17 37.52
CA TYR B 146 20.81 17.95 36.30
C TYR B 146 22.26 18.38 36.01
N GLN B 147 22.88 17.70 35.08
CA GLN B 147 24.31 17.90 34.80
C GLN B 147 24.54 18.37 33.37
N TRP B 148 25.60 19.18 33.19
CA TRP B 148 26.02 19.66 31.88
C TRP B 148 26.62 18.54 31.06
N ASP B 149 26.42 18.65 29.75
CA ASP B 149 27.07 17.80 28.79
C ASP B 149 27.18 18.65 27.52
N TYR B 150 28.10 18.30 26.63
CA TYR B 150 28.44 19.11 25.46
C TYR B 150 28.65 18.20 24.24
N VAL B 151 28.10 18.60 23.09
CA VAL B 151 28.30 17.91 21.81
C VAL B 151 29.75 18.19 21.35
N SER B 152 30.19 19.43 21.51
CA SER B 152 31.58 19.78 21.24
C SER B 152 31.96 21.01 22.05
N ASP B 153 33.21 21.45 21.93
CA ASP B 153 33.66 22.69 22.58
C ASP B 153 32.98 23.90 21.97
N ASP B 154 32.41 23.72 20.77
CA ASP B 154 31.78 24.84 20.07
C ASP B 154 30.24 24.80 20.01
N MET B 155 29.64 24.10 20.95
CA MET B 155 28.17 24.04 21.04
C MET B 155 27.68 24.43 22.45
N PRO B 156 26.49 25.04 22.55
CA PRO B 156 25.94 25.39 23.87
C PRO B 156 25.73 24.14 24.75
N GLY B 157 25.83 24.30 26.07
CA GLY B 157 25.68 23.16 26.95
C GLY B 157 24.27 22.57 26.90
N ASN B 158 24.19 21.25 27.03
CA ASN B 158 22.93 20.51 27.05
C ASN B 158 22.82 19.67 28.32
N ILE B 159 21.65 19.09 28.54
CA ILE B 159 21.48 18.20 29.67
C ILE B 159 22.19 16.86 29.39
N LYS B 160 22.87 16.34 30.41
CA LYS B 160 23.47 15.02 30.35
C LYS B 160 22.37 13.96 30.40
N ALA B 161 22.18 13.22 29.32
CA ALA B 161 21.15 12.14 29.30
C ALA B 161 21.33 11.30 28.07
N LYS B 162 21.55 10.00 28.26
CA LYS B 162 21.77 9.11 27.10
C LYS B 162 20.50 9.02 26.26
N THR B 163 19.34 8.76 26.89
CA THR B 163 18.08 8.75 26.12
C THR B 163 17.01 9.53 26.86
N HIS B 164 15.88 9.74 26.19
CA HIS B 164 14.74 10.45 26.80
C HIS B 164 14.35 9.81 28.12
N ASP B 165 14.32 8.48 28.20
CA ASP B 165 13.92 7.84 29.46
C ASP B 165 14.96 7.93 30.60
N ASP B 166 16.17 8.35 30.29
CA ASP B 166 17.17 8.70 31.30
C ASP B 166 16.91 10.06 31.96
N LEU B 167 16.03 10.88 31.39
CA LEU B 167 15.74 12.22 31.92
C LEU B 167 14.92 12.10 33.19
N PRO B 168 15.13 13.01 34.17
CA PRO B 168 14.19 13.12 35.27
C PRO B 168 12.75 13.29 34.71
N ARG B 169 11.79 12.63 35.38
CA ARG B 169 10.44 12.62 34.86
C ARG B 169 9.86 14.03 34.71
N ASP B 170 10.28 14.92 35.60
CA ASP B 170 9.88 16.34 35.50
C ASP B 170 10.21 17.00 34.17
N VAL B 171 11.25 16.54 33.51
CA VAL B 171 11.61 17.14 32.22
C VAL B 171 11.35 16.23 31.02
N GLN B 172 10.75 15.07 31.27
CA GLN B 172 10.34 14.20 30.16
C GLN B 172 9.11 14.77 29.47
N PHE B 173 8.90 14.37 28.20
CA PHE B 173 7.60 14.59 27.64
C PHE B 173 6.51 13.98 28.54
N THR B 174 5.35 14.62 28.55
CA THR B 174 4.14 13.95 29.03
C THR B 174 3.89 12.74 28.15
N ASP B 175 3.10 11.81 28.65
CA ASP B 175 2.75 10.68 27.80
C ASP B 175 1.98 11.12 26.58
N GLU B 176 1.17 12.15 26.76
CA GLU B 176 0.40 12.71 25.65
C GLU B 176 1.34 13.22 24.55
N LYS B 177 2.42 13.92 24.94
CA LYS B 177 3.34 14.43 23.91
C LYS B 177 4.19 13.32 23.33
N SER B 178 4.58 12.34 24.14
CA SER B 178 5.29 11.16 23.64
C SER B 178 4.45 10.43 22.61
N ARG B 179 3.15 10.26 22.87
CA ARG B 179 2.22 9.62 21.91
C ARG B 179 2.09 10.49 20.65
N SER B 180 1.91 11.80 20.81
CA SER B 180 1.77 12.67 19.65
C SER B 180 3.02 12.51 18.79
N TYR B 181 4.18 12.56 19.43
CA TYR B 181 5.43 12.43 18.73
C TYR B 181 5.59 11.05 18.05
N GLN B 182 5.41 9.97 18.80
CA GLN B 182 5.60 8.64 18.21
C GLN B 182 4.57 8.34 17.11
N GLU B 183 3.34 8.77 17.33
CA GLU B 183 2.31 8.58 16.31
C GLU B 183 2.62 9.34 15.02
N SER B 184 3.19 10.56 15.17
CA SER B 184 3.59 11.34 13.99
C SER B 184 4.70 10.65 13.19
N ARG B 185 5.61 9.97 13.87
CA ARG B 185 6.71 9.24 13.22
C ARG B 185 6.16 8.04 12.45
N LYS B 186 5.24 7.31 13.08
CA LYS B 186 4.53 6.22 12.39
C LYS B 186 3.75 6.70 11.17
N ALA B 187 2.99 7.80 11.32
CA ALA B 187 2.19 8.36 10.24
C ALA B 187 3.07 8.82 9.08
N ALA B 188 4.21 9.44 9.42
CA ALA B 188 5.22 9.81 8.40
C ALA B 188 5.68 8.62 7.60
N LEU B 189 6.05 7.52 8.28
CA LEU B 189 6.57 6.35 7.57
C LEU B 189 5.49 5.77 6.67
N VAL B 190 4.26 5.68 7.20
CA VAL B 190 3.10 5.23 6.40
C VAL B 190 2.84 6.11 5.16
N ASN B 191 2.82 7.43 5.37
CA ASN B 191 2.52 8.37 4.28
C ASN B 191 3.65 8.31 3.25
N LEU B 192 4.89 8.24 3.73
CA LEU B 192 6.06 8.07 2.85
C LEU B 192 5.93 6.77 2.01
N GLY B 193 5.56 5.68 2.68
CA GLY B 193 5.42 4.38 2.05
C GLY B 193 4.35 4.36 0.99
N ILE B 194 3.19 4.93 1.31
CA ILE B 194 2.05 5.02 0.37
C ILE B 194 2.38 5.98 -0.82
N GLY B 195 2.91 7.16 -0.50
CA GLY B 195 3.40 8.09 -1.54
C GLY B 195 4.43 7.47 -2.48
N SER B 196 5.35 6.71 -1.92
CA SER B 196 6.38 6.01 -2.71
C SER B 196 5.78 4.99 -3.70
N LEU B 197 4.86 4.17 -3.20
CA LEU B 197 4.14 3.22 -4.07
C LEU B 197 3.40 3.97 -5.16
N PHE B 198 2.72 5.06 -4.79
CA PHE B 198 1.87 5.76 -5.74
C PHE B 198 2.71 6.40 -6.86
N THR B 199 3.81 7.05 -6.49
CA THR B 199 4.63 7.81 -7.45
C THR B 199 5.80 7.00 -8.00
N MET B 200 5.86 5.71 -7.66
CA MET B 200 7.05 4.88 -7.86
C MET B 200 7.62 5.01 -9.28
N PHE B 201 6.73 4.99 -10.26
CA PHE B 201 7.22 4.88 -11.61
C PHE B 201 7.04 6.16 -12.39
N GLU B 202 6.90 7.27 -11.68
CA GLU B 202 6.69 8.55 -12.32
C GLU B 202 7.98 9.19 -12.72
N ASN B 203 7.99 9.79 -13.91
N ASN B 203 7.96 9.77 -13.92
CA ASN B 203 9.13 10.62 -14.31
CA ASN B 203 9.02 10.64 -14.40
C ASN B 203 8.69 12.08 -14.33
C ASN B 203 8.54 12.06 -14.16
N TRP B 204 9.34 12.87 -13.49
CA TRP B 204 8.92 14.23 -13.23
C TRP B 204 9.36 15.22 -14.28
N ASP B 205 8.41 15.86 -14.93
CA ASP B 205 8.71 16.74 -16.07
C ASP B 205 8.28 18.18 -15.84
N SER B 206 7.69 18.45 -14.68
CA SER B 206 7.27 19.80 -14.34
C SER B 206 7.49 20.14 -12.86
N TYR B 207 7.40 21.43 -12.53
CA TYR B 207 7.39 21.85 -11.14
C TYR B 207 6.13 21.32 -10.45
N ASP B 208 5.02 21.33 -11.18
CA ASP B 208 3.71 20.99 -10.63
C ASP B 208 3.56 19.53 -10.23
N ASP B 209 4.51 18.69 -10.65
CA ASP B 209 4.59 17.29 -10.22
C ASP B 209 4.85 17.17 -8.72
N TYR B 210 5.46 18.21 -8.14
CA TYR B 210 5.80 18.25 -6.73
C TYR B 210 4.57 18.42 -5.85
N HIS B 211 3.45 18.91 -6.41
CA HIS B 211 2.25 19.14 -5.64
C HIS B 211 1.72 17.85 -5.02
N ILE B 212 1.98 16.73 -5.71
CA ILE B 212 1.52 15.41 -5.25
C ILE B 212 2.05 15.00 -3.89
N LEU B 213 3.19 15.56 -3.49
CA LEU B 213 3.91 15.10 -2.29
C LEU B 213 3.33 15.54 -0.97
N TYR B 214 2.50 16.56 -0.98
CA TYR B 214 1.82 17.00 0.25
C TYR B 214 0.36 16.55 0.24
N ARG B 215 -0.09 15.96 -0.88
CA ARG B 215 -1.49 15.63 -1.05
C ARG B 215 -2.00 14.62 -0.01
N ASN B 216 -1.21 13.60 0.31
CA ASN B 216 -1.65 12.57 1.26
C ASN B 216 -1.24 12.84 2.72
N TRP B 217 -0.92 14.09 3.05
CA TRP B 217 -0.46 14.46 4.39
C TRP B 217 -1.52 15.32 5.05
N ILE B 218 -1.72 15.16 6.37
CA ILE B 218 -2.55 16.10 7.10
C ILE B 218 -1.67 17.28 7.56
N LEU B 219 -1.80 18.41 6.87
CA LEU B 219 -0.91 19.54 7.15
C LEU B 219 -1.68 20.75 7.66
N GLY B 220 -3.00 20.64 7.65
CA GLY B 220 -3.87 21.73 8.06
C GLY B 220 -4.18 22.65 6.89
N GLY B 221 -4.03 22.14 5.67
CA GLY B 221 -4.38 22.89 4.47
C GLY B 221 -3.23 22.89 3.48
N THR B 222 -3.56 23.03 2.19
CA THR B 222 -2.56 23.21 1.15
C THR B 222 -1.60 24.33 1.55
N PRO B 223 -0.27 24.11 1.41
CA PRO B 223 0.70 25.19 1.63
C PRO B 223 0.27 26.48 0.96
N ASN B 224 0.31 27.60 1.69
CA ASN B 224 -0.29 28.83 1.15
C ASN B 224 0.52 29.52 0.05
N MET B 225 1.69 28.97 -0.25
CA MET B 225 2.54 29.47 -1.35
C MET B 225 2.50 28.55 -2.56
N ALA B 226 1.80 27.43 -2.45
CA ALA B 226 1.77 26.42 -3.51
C ALA B 226 1.31 26.99 -4.86
N ASP B 227 0.39 27.96 -4.82
CA ASP B 227 -0.16 28.60 -6.02
C ASP B 227 0.57 29.89 -6.46
N ARG B 228 1.61 30.29 -5.74
CA ARG B 228 2.21 31.60 -6.00
C ARG B 228 3.71 31.65 -5.75
N TRP B 229 4.32 30.49 -5.48
CA TRP B 229 5.76 30.38 -5.22
C TRP B 229 6.65 31.00 -6.31
N HIS B 230 6.15 30.97 -7.55
CA HIS B 230 6.92 31.33 -8.75
C HIS B 230 6.89 32.83 -9.05
N GLU B 231 6.01 33.58 -8.39
CA GLU B 231 5.85 35.02 -8.61
C GLU B 231 6.88 35.75 -7.76
N ASP B 232 7.63 36.67 -8.37
CA ASP B 232 8.73 37.38 -7.65
C ASP B 232 8.23 38.07 -6.41
N ARG B 233 7.01 38.61 -6.47
CA ARG B 233 6.46 39.32 -5.36
C ARG B 233 6.31 38.40 -4.13
N TRP B 234 5.87 37.17 -4.37
CA TRP B 234 5.59 36.23 -3.26
C TRP B 234 6.86 35.52 -2.85
N PHE B 235 7.84 35.46 -3.75
CA PHE B 235 9.20 35.06 -3.37
C PHE B 235 9.80 36.04 -2.33
N GLY B 236 9.69 37.34 -2.60
CA GLY B 236 10.22 38.35 -1.67
C GLY B 236 9.42 38.45 -0.37
N TYR B 237 8.09 38.37 -0.48
CA TYR B 237 7.14 38.40 0.64
C TYR B 237 7.64 37.51 1.80
N GLN B 238 8.12 36.33 1.46
CA GLN B 238 8.49 35.33 2.47
C GLN B 238 9.78 35.65 3.21
N PHE B 239 10.56 36.62 2.73
CA PHE B 239 11.73 37.08 3.51
C PHE B 239 11.30 37.91 4.73
N LEU B 240 10.07 38.36 4.68
CA LEU B 240 9.40 39.04 5.76
C LEU B 240 8.48 38.13 6.58
N ASN B 241 7.75 37.26 5.89
CA ASN B 241 6.60 36.61 6.52
C ASN B 241 6.57 35.07 6.39
N GLY B 242 7.68 34.50 5.96
CA GLY B 242 7.84 33.05 5.89
C GLY B 242 8.60 32.55 7.11
N ALA B 243 9.29 31.43 6.92
CA ALA B 243 9.92 30.68 8.01
C ALA B 243 11.19 31.33 8.56
N ASN B 244 11.85 32.17 7.74
CA ASN B 244 13.18 32.72 8.11
C ASN B 244 13.20 34.28 8.05
N PRO B 245 12.31 34.95 8.80
CA PRO B 245 12.20 36.41 8.68
C PRO B 245 13.30 37.15 9.48
N VAL B 246 14.49 36.58 9.59
CA VAL B 246 15.49 37.04 10.57
C VAL B 246 16.78 37.56 9.92
N ILE B 247 16.87 37.47 8.59
CA ILE B 247 18.14 37.75 7.90
C ILE B 247 18.11 39.07 7.11
N LEU B 248 16.96 39.43 6.55
CA LEU B 248 16.86 40.64 5.74
C LEU B 248 17.25 41.89 6.53
N THR B 249 18.12 42.70 5.93
CA THR B 249 18.68 43.87 6.58
C THR B 249 18.57 45.05 5.63
N ARG B 250 18.37 46.27 6.17
CA ARG B 250 18.41 47.48 5.35
C ARG B 250 19.78 47.62 4.71
N CYS B 251 19.80 47.87 3.40
CA CYS B 251 21.05 48.09 2.69
C CYS B 251 21.35 49.58 2.70
N ASP B 252 22.42 49.95 3.40
CA ASP B 252 22.84 51.34 3.43
C ASP B 252 23.94 51.60 2.39
N ALA B 253 24.80 50.59 2.21
CA ALA B 253 25.79 50.58 1.14
C ALA B 253 26.03 49.15 0.67
N LEU B 254 26.07 48.94 -0.65
CA LEU B 254 26.35 47.63 -1.23
C LEU B 254 27.67 47.07 -0.72
N PRO B 255 27.70 45.78 -0.31
CA PRO B 255 29.00 45.19 -0.04
C PRO B 255 29.90 45.29 -1.28
N SER B 256 31.19 45.59 -1.05
CA SER B 256 32.18 45.71 -2.12
C SER B 256 32.18 44.47 -3.02
N ASN B 257 31.95 43.31 -2.39
CA ASN B 257 31.97 42.02 -3.08
C ASN B 257 30.65 41.67 -3.77
N PHE B 258 29.74 42.62 -3.77
CA PHE B 258 28.43 42.43 -4.37
C PHE B 258 28.15 43.61 -5.28
N PRO B 259 28.80 43.64 -6.47
CA PRO B 259 28.90 44.83 -7.32
C PRO B 259 27.67 45.09 -8.17
N VAL B 260 26.53 45.28 -7.52
CA VAL B 260 25.32 45.62 -8.23
C VAL B 260 25.39 47.10 -8.64
N THR B 261 24.96 47.37 -9.88
CA THR B 261 24.99 48.69 -10.49
C THR B 261 23.56 49.11 -10.79
N ASN B 262 23.33 50.40 -11.01
CA ASN B 262 22.00 50.85 -11.38
C ASN B 262 21.65 50.34 -12.77
N GLU B 263 22.67 49.86 -13.49
CA GLU B 263 22.48 49.26 -14.81
C GLU B 263 21.70 47.97 -14.62
N HIS B 264 22.31 47.04 -13.87
CA HIS B 264 21.72 45.75 -13.46
C HIS B 264 20.22 45.81 -13.15
N VAL B 265 19.85 46.82 -12.38
CA VAL B 265 18.64 46.80 -11.58
C VAL B 265 17.57 47.77 -12.04
N ASN B 266 17.91 48.63 -12.99
CA ASN B 266 17.09 49.79 -13.29
C ASN B 266 15.63 49.49 -13.67
N ALA B 267 15.43 48.42 -14.45
CA ALA B 267 14.09 48.03 -14.88
C ALA B 267 13.15 47.63 -13.72
N SER B 268 13.75 47.31 -12.56
CA SER B 268 13.00 46.93 -11.35
C SER B 268 12.49 48.12 -10.53
N LEU B 269 13.17 49.27 -10.62
CA LEU B 269 12.79 50.47 -9.87
C LEU B 269 11.57 51.15 -10.49
N ASP B 270 10.79 51.87 -9.70
CA ASP B 270 9.49 52.37 -10.16
C ASP B 270 8.96 53.64 -9.51
N ARG B 271 9.83 54.39 -8.83
CA ARG B 271 9.43 55.64 -8.19
C ARG B 271 9.97 56.89 -8.89
N GLY B 272 11.06 56.73 -9.65
CA GLY B 272 11.64 57.82 -10.42
C GLY B 272 13.09 58.06 -10.04
N LYS B 273 13.63 57.15 -9.24
CA LYS B 273 15.00 57.26 -8.72
C LYS B 273 15.82 56.05 -9.11
N ASN B 274 17.12 56.14 -8.87
CA ASN B 274 18.05 55.04 -9.17
CA ASN B 274 18.04 55.05 -9.18
C ASN B 274 18.45 54.25 -7.93
N LEU B 275 19.29 53.23 -8.12
CA LEU B 275 19.70 52.36 -7.02
C LEU B 275 20.27 53.13 -5.83
N ASP B 276 21.38 53.86 -6.05
CA ASP B 276 22.04 54.63 -4.98
C ASP B 276 21.07 55.56 -4.25
N GLU B 277 20.05 56.02 -4.97
CA GLU B 277 19.01 56.87 -4.41
C GLU B 277 18.02 56.09 -3.55
N GLU B 278 17.55 54.96 -4.07
CA GLU B 278 16.60 54.11 -3.34
C GLU B 278 17.23 53.54 -2.08
N ILE B 279 18.54 53.35 -2.12
CA ILE B 279 19.34 53.00 -0.96
C ILE B 279 19.32 54.09 0.14
N LYS B 280 19.35 55.36 -0.28
CA LYS B 280 19.27 56.50 0.64
C LYS B 280 17.85 56.66 1.16
N ASP B 281 16.89 56.30 0.31
CA ASP B 281 15.46 56.35 0.63
C ASP B 281 14.96 55.27 1.63
N GLY B 282 15.80 54.29 1.95
CA GLY B 282 15.42 53.13 2.79
C GLY B 282 14.42 52.18 2.12
N HIS B 283 14.62 51.95 0.83
CA HIS B 283 13.76 51.08 0.03
C HIS B 283 14.50 49.85 -0.52
N ILE B 284 15.79 49.74 -0.20
CA ILE B 284 16.59 48.61 -0.64
C ILE B 284 17.04 47.77 0.56
N TYR B 285 16.75 46.48 0.46
CA TYR B 285 17.09 45.54 1.50
C TYR B 285 17.99 44.44 0.95
N ILE B 286 18.73 43.78 1.83
CA ILE B 286 19.72 42.80 1.41
C ILE B 286 19.71 41.59 2.34
N VAL B 287 20.01 40.42 1.79
CA VAL B 287 20.40 39.25 2.58
C VAL B 287 21.80 38.80 2.17
N ASP B 288 22.58 38.42 3.16
CA ASP B 288 23.95 37.97 2.94
C ASP B 288 24.23 36.70 3.73
N PHE B 289 24.31 35.60 3.00
CA PHE B 289 24.48 34.28 3.58
C PHE B 289 25.93 33.82 3.74
N LYS B 290 26.84 34.77 3.88
CA LYS B 290 28.27 34.45 3.92
C LYS B 290 28.68 33.43 4.99
N VAL B 291 27.86 33.24 6.03
CA VAL B 291 28.22 32.27 7.06
C VAL B 291 28.28 30.85 6.47
N LEU B 292 27.63 30.66 5.33
CA LEU B 292 27.60 29.36 4.68
C LEU B 292 28.92 29.01 3.93
N VAL B 293 29.75 30.01 3.66
CA VAL B 293 31.09 29.71 3.13
C VAL B 293 31.80 28.68 4.01
N GLY B 294 32.32 27.65 3.35
CA GLY B 294 33.07 26.60 4.01
C GLY B 294 32.22 25.41 4.39
N ALA B 295 30.92 25.49 4.12
CA ALA B 295 29.99 24.43 4.51
C ALA B 295 30.29 23.14 3.75
N LYS B 296 30.32 22.01 4.46
CA LYS B 296 30.49 20.71 3.83
C LYS B 296 29.14 20.01 3.63
N SER B 297 28.81 19.76 2.36
CA SER B 297 27.54 19.14 2.00
CA SER B 297 27.54 19.13 2.02
C SER B 297 27.65 17.62 1.89
N TYR B 298 26.52 16.93 1.93
CA TYR B 298 26.48 15.48 1.83
C TYR B 298 27.22 15.05 0.54
N GLY B 299 27.96 13.95 0.63
CA GLY B 299 28.75 13.51 -0.52
C GLY B 299 30.19 13.97 -0.50
N GLY B 300 30.44 15.21 -0.06
CA GLY B 300 31.82 15.70 0.04
C GLY B 300 32.11 17.15 -0.37
N PRO B 301 31.25 17.78 -1.20
CA PRO B 301 31.50 19.16 -1.61
C PRO B 301 31.65 20.15 -0.47
N VAL B 302 32.74 20.92 -0.50
CA VAL B 302 32.99 22.02 0.45
C VAL B 302 32.81 23.35 -0.28
N LEU B 303 31.96 24.21 0.27
CA LEU B 303 31.66 25.49 -0.35
C LEU B 303 32.79 26.49 -0.14
N GLU B 304 33.22 27.14 -1.21
CA GLU B 304 34.27 28.15 -1.15
C GLU B 304 33.69 29.53 -1.49
N ASP B 305 34.49 30.58 -1.30
CA ASP B 305 34.06 31.96 -1.61
CA ASP B 305 34.04 31.94 -1.61
C ASP B 305 33.61 32.11 -3.07
N ILE B 306 34.21 31.31 -3.96
CA ILE B 306 33.85 31.35 -5.39
C ILE B 306 32.83 30.29 -5.83
N GLY B 307 32.45 29.40 -4.90
CA GLY B 307 31.57 28.27 -5.23
C GLY B 307 32.30 26.96 -4.98
N TYR B 308 32.29 26.09 -5.99
CA TYR B 308 32.95 24.77 -5.90
C TYR B 308 34.08 24.59 -6.93
N LYS B 309 35.31 24.39 -6.45
CA LYS B 309 36.49 24.23 -7.31
C LYS B 309 36.77 22.77 -7.60
N ALA B 319 24.56 8.86 -7.70
CA ALA B 319 25.24 8.98 -6.40
C ALA B 319 24.78 10.23 -5.64
N ASP B 320 24.69 10.12 -4.32
CA ASP B 320 24.08 11.18 -3.51
C ASP B 320 25.09 12.26 -3.19
N ILE B 321 25.08 13.32 -3.99
CA ILE B 321 26.01 14.44 -3.86
C ILE B 321 25.22 15.76 -3.86
N ARG B 322 25.25 16.46 -2.72
CA ARG B 322 24.43 17.65 -2.51
C ARG B 322 25.27 18.93 -2.51
N TYR B 323 24.60 20.06 -2.74
CA TYR B 323 25.23 21.37 -2.83
C TYR B 323 24.47 22.46 -2.10
N CYS B 324 25.21 23.47 -1.67
CA CYS B 324 24.65 24.66 -1.06
C CYS B 324 25.34 25.91 -1.64
N ALA B 325 24.98 27.09 -1.14
CA ALA B 325 25.58 28.35 -1.59
C ALA B 325 25.66 29.36 -0.46
N ALA B 326 26.49 30.38 -0.64
CA ALA B 326 26.55 31.52 0.27
C ALA B 326 26.22 32.82 -0.47
N PRO B 327 24.97 32.96 -0.93
CA PRO B 327 24.61 34.09 -1.76
C PRO B 327 24.43 35.42 -1.05
N LEU B 328 24.41 36.47 -1.88
CA LEU B 328 23.89 37.77 -1.48
C LEU B 328 22.70 38.01 -2.39
N ALA B 329 21.69 38.71 -1.90
CA ALA B 329 20.54 39.01 -2.71
C ALA B 329 20.00 40.35 -2.32
N LEU B 330 19.56 41.09 -3.34
CA LEU B 330 19.10 42.45 -3.15
C LEU B 330 17.60 42.59 -3.42
N PHE B 331 16.94 43.38 -2.59
CA PHE B 331 15.47 43.52 -2.63
C PHE B 331 15.05 44.97 -2.68
N TYR B 332 13.89 45.21 -3.28
CA TYR B 332 13.37 46.55 -3.44
C TYR B 332 11.91 46.65 -3.05
N VAL B 333 11.60 47.62 -2.20
CA VAL B 333 10.21 47.91 -1.83
C VAL B 333 9.60 48.78 -2.92
N ASN B 334 8.64 48.22 -3.64
CA ASN B 334 7.89 48.85 -4.73
CA ASN B 334 8.06 48.98 -4.74
C ASN B 334 7.01 49.99 -4.26
N LYS B 335 6.44 50.75 -5.21
CA LYS B 335 5.49 51.81 -4.86
C LYS B 335 4.16 51.22 -4.38
N LEU B 336 3.90 49.96 -4.73
CA LEU B 336 2.77 49.25 -4.13
C LEU B 336 3.12 48.71 -2.72
N GLY B 337 4.41 48.70 -2.39
CA GLY B 337 4.87 48.26 -1.07
C GLY B 337 5.32 46.81 -1.02
N HIS B 338 5.40 46.18 -2.19
CA HIS B 338 5.85 44.83 -2.35
C HIS B 338 7.39 44.76 -2.27
N LEU B 339 7.89 43.76 -1.54
CA LEU B 339 9.32 43.53 -1.46
C LEU B 339 9.72 42.62 -2.61
N MET B 340 10.41 43.20 -3.59
CA MET B 340 10.75 42.49 -4.83
C MET B 340 12.21 42.11 -4.88
N PRO B 341 12.50 40.88 -5.34
CA PRO B 341 13.90 40.48 -5.52
C PRO B 341 14.43 41.11 -6.82
N ILE B 342 15.59 41.75 -6.75
CA ILE B 342 16.11 42.52 -7.90
C ILE B 342 17.49 42.07 -8.39
N ALA B 343 18.24 41.40 -7.53
CA ALA B 343 19.58 40.88 -7.87
C ALA B 343 19.98 39.75 -6.96
N ILE B 344 20.58 38.73 -7.53
CA ILE B 344 21.10 37.59 -6.79
C ILE B 344 22.49 37.30 -7.30
N GLN B 345 23.43 37.23 -6.38
CA GLN B 345 24.74 36.70 -6.67
C GLN B 345 24.89 35.44 -5.84
N ILE B 346 25.12 34.31 -6.50
CA ILE B 346 24.96 33.01 -5.87
C ILE B 346 26.03 32.71 -4.82
N ASN B 347 27.24 33.24 -5.01
CA ASN B 347 28.29 33.03 -4.03
C ASN B 347 29.01 34.33 -3.61
N GLN B 348 30.01 34.22 -2.75
CA GLN B 348 30.57 35.41 -2.10
C GLN B 348 31.47 36.28 -3.01
N GLU B 349 32.39 35.64 -3.74
CA GLU B 349 33.43 36.34 -4.50
C GLU B 349 32.97 36.65 -5.93
N PRO B 350 32.77 37.94 -6.26
CA PRO B 350 32.19 38.27 -7.57
C PRO B 350 33.16 37.96 -8.71
N GLY B 351 32.61 37.69 -9.87
CA GLY B 351 33.42 37.29 -11.03
C GLY B 351 32.53 36.91 -12.21
N PRO B 352 33.17 36.54 -13.34
CA PRO B 352 32.40 36.16 -14.53
C PRO B 352 31.68 34.85 -14.29
N GLU B 353 32.28 34.00 -13.47
CA GLU B 353 31.72 32.69 -13.15
C GLU B 353 30.79 32.71 -11.92
N ASN B 354 30.60 33.90 -11.36
CA ASN B 354 29.64 34.15 -10.26
C ASN B 354 29.04 35.53 -10.46
N PRO B 355 28.17 35.67 -11.48
CA PRO B 355 27.62 36.96 -11.87
C PRO B 355 26.41 37.44 -11.08
N ILE B 356 25.92 38.62 -11.44
CA ILE B 356 24.69 39.14 -10.89
C ILE B 356 23.55 38.68 -11.77
N TRP B 357 22.61 37.93 -11.19
CA TRP B 357 21.40 37.51 -11.90
C TRP B 357 20.29 38.45 -11.51
N THR B 358 19.30 38.58 -12.38
CA THR B 358 18.31 39.61 -12.24
C THR B 358 16.97 39.06 -12.76
N PRO B 359 15.81 39.64 -12.35
CA PRO B 359 14.54 39.17 -12.91
C PRO B 359 14.40 39.39 -14.42
N HIS B 360 15.37 40.06 -15.02
CA HIS B 360 15.28 40.40 -16.44
C HIS B 360 16.25 39.59 -17.28
N GLU B 361 16.83 38.53 -16.69
CA GLU B 361 17.67 37.60 -17.43
C GLU B 361 17.01 37.28 -18.77
N GLU B 362 17.82 37.21 -19.82
CA GLU B 362 17.31 36.88 -21.15
C GLU B 362 16.77 35.44 -21.15
N ASN B 363 17.49 34.53 -20.50
CA ASN B 363 17.01 33.18 -20.23
C ASN B 363 16.21 33.18 -18.91
N GLU B 364 14.89 33.02 -19.01
CA GLU B 364 13.99 33.07 -17.84
C GLU B 364 14.41 32.06 -16.78
N HIS B 365 14.88 30.90 -17.25
CA HIS B 365 15.25 29.77 -16.42
C HIS B 365 16.45 30.07 -15.54
N ASP B 366 17.25 31.06 -15.95
CA ASP B 366 18.43 31.51 -15.19
C ASP B 366 18.01 32.29 -13.95
N TRP B 367 16.95 33.08 -14.07
CA TRP B 367 16.42 33.83 -12.94
C TRP B 367 15.79 32.89 -11.91
N MET B 368 14.91 32.01 -12.39
CA MET B 368 14.33 30.95 -11.55
C MET B 368 15.42 30.14 -10.83
N MET B 369 16.45 29.70 -11.54
CA MET B 369 17.51 28.91 -10.93
C MET B 369 18.27 29.65 -9.82
N ALA B 370 18.57 30.93 -10.06
CA ALA B 370 19.21 31.78 -9.07
C ALA B 370 18.35 31.89 -7.81
N LYS B 371 17.04 32.04 -8.02
CA LYS B 371 16.05 32.02 -6.92
C LYS B 371 16.11 30.71 -6.13
N PHE B 372 16.23 29.58 -6.82
CA PHE B 372 16.40 28.29 -6.13
C PHE B 372 17.72 28.22 -5.36
N TRP B 373 18.80 28.80 -5.91
CA TRP B 373 20.10 28.85 -5.21
C TRP B 373 20.04 29.64 -3.91
N LEU B 374 19.32 30.75 -3.94
CA LEU B 374 19.03 31.55 -2.74
C LEU B 374 18.21 30.70 -1.73
N GLY B 375 17.20 30.01 -2.24
CA GLY B 375 16.34 29.11 -1.44
C GLY B 375 17.07 28.01 -0.71
N VAL B 376 17.98 27.30 -1.37
CA VAL B 376 18.74 26.22 -0.73
C VAL B 376 19.64 26.72 0.42
N ALA B 377 20.20 27.91 0.23
CA ALA B 377 21.00 28.55 1.25
C ALA B 377 20.11 28.93 2.44
N GLU B 378 18.94 29.53 2.15
CA GLU B 378 18.02 29.98 3.18
C GLU B 378 17.53 28.77 3.99
N SER B 379 17.27 27.68 3.28
CA SER B 379 16.70 26.46 3.89
C SER B 379 17.67 25.87 4.89
N ASN B 380 18.94 25.78 4.49
CA ASN B 380 19.97 25.23 5.37
C ASN B 380 20.31 26.11 6.55
N PHE B 381 20.36 27.40 6.30
CA PHE B 381 20.51 28.44 7.31
C PHE B 381 19.31 28.42 8.27
N HIS B 382 18.11 28.46 7.72
CA HIS B 382 16.91 28.51 8.54
C HIS B 382 16.86 27.33 9.50
N GLN B 383 17.00 26.13 8.93
CA GLN B 383 16.79 24.92 9.71
CA GLN B 383 16.78 24.92 9.72
C GLN B 383 17.84 24.74 10.79
N LEU B 384 19.10 24.99 10.43
CA LEU B 384 20.21 24.75 11.35
C LEU B 384 20.56 25.89 12.31
N ASN B 385 20.53 27.12 11.81
CA ASN B 385 20.89 28.30 12.60
C ASN B 385 19.64 28.90 13.27
N THR B 386 18.72 29.37 12.45
CA THR B 386 17.55 30.10 12.92
C THR B 386 16.69 29.24 13.85
N HIS B 387 16.48 27.99 13.44
CA HIS B 387 15.59 27.11 14.18
C HIS B 387 16.36 26.27 15.23
N LEU B 388 17.10 25.26 14.79
CA LEU B 388 17.70 24.31 15.74
C LEU B 388 18.67 24.96 16.72
N LEU B 389 19.61 25.75 16.21
CA LEU B 389 20.58 26.37 17.10
C LEU B 389 19.95 27.47 17.95
N ARG B 390 19.29 28.43 17.30
CA ARG B 390 18.92 29.69 17.96
C ARG B 390 17.59 29.59 18.73
N THR B 391 16.92 28.46 18.64
CA THR B 391 15.80 28.28 19.56
C THR B 391 16.20 27.13 20.47
N HIS B 392 15.93 25.90 20.05
CA HIS B 392 16.25 24.67 20.79
C HIS B 392 17.59 24.67 21.54
N LEU B 393 18.70 24.59 20.80
CA LEU B 393 19.95 24.18 21.44
C LEU B 393 20.51 25.22 22.41
N THR B 394 20.39 26.51 22.06
CA THR B 394 20.87 27.58 22.90
C THR B 394 19.95 27.84 24.09
N THR B 395 18.62 27.82 23.88
CA THR B 395 17.73 28.02 25.03
C THR B 395 17.78 26.82 25.98
N GLU B 396 18.14 25.64 25.47
CA GLU B 396 18.28 24.46 26.33
C GLU B 396 19.23 24.72 27.49
N SER B 397 20.32 25.44 27.23
CA SER B 397 21.25 25.80 28.32
C SER B 397 20.54 26.53 29.44
N PHE B 398 19.62 27.44 29.09
CA PHE B 398 18.85 28.16 30.09
C PHE B 398 17.86 27.26 30.81
N ALA B 399 17.21 26.35 30.08
CA ALA B 399 16.28 25.40 30.72
C ALA B 399 17.06 24.64 31.78
N LEU B 400 18.26 24.17 31.41
CA LEU B 400 19.05 23.36 32.34
C LEU B 400 19.46 24.17 33.57
N SER B 401 19.90 25.40 33.36
CA SER B 401 20.34 26.24 34.48
C SER B 401 19.17 26.51 35.45
N THR B 402 17.96 26.61 34.88
CA THR B 402 16.75 26.79 35.71
C THR B 402 16.62 25.64 36.70
N TRP B 403 16.72 24.39 36.21
CA TRP B 403 16.65 23.25 37.11
C TRP B 403 17.85 23.17 38.03
N ARG B 404 19.02 23.57 37.55
CA ARG B 404 20.22 23.46 38.39
C ARG B 404 20.21 24.45 39.53
N ASN B 405 19.68 25.65 39.28
CA ASN B 405 19.96 26.82 40.15
C ASN B 405 18.82 27.49 40.86
N LEU B 406 17.59 27.30 40.38
CA LEU B 406 16.44 27.99 40.99
C LEU B 406 15.59 27.00 41.78
N ALA B 407 15.43 27.25 43.07
CA ALA B 407 14.65 26.37 43.92
C ALA B 407 13.18 26.40 43.46
N SER B 408 12.43 25.33 43.75
CA SER B 408 11.00 25.27 43.41
CA SER B 408 11.02 25.29 43.37
C SER B 408 10.23 26.42 44.05
N ALA B 409 10.69 26.91 45.22
CA ALA B 409 10.04 28.07 45.87
C ALA B 409 10.37 29.43 45.23
N HIS B 410 11.28 29.46 44.25
CA HIS B 410 11.71 30.74 43.69
C HIS B 410 10.66 31.24 42.70
N PRO B 411 10.32 32.55 42.75
CA PRO B 411 9.30 33.07 41.85
C PRO B 411 9.72 32.96 40.39
N ILE B 412 11.02 33.00 40.12
CA ILE B 412 11.48 32.93 38.73
C ILE B 412 11.48 31.47 38.24
N PHE B 413 11.65 30.53 39.16
CA PHE B 413 11.38 29.12 38.82
C PHE B 413 9.91 28.97 38.39
N LYS B 414 8.99 29.50 39.23
CA LYS B 414 7.54 29.48 38.89
C LYS B 414 7.24 30.13 37.54
N LEU B 415 7.87 31.27 37.25
CA LEU B 415 7.70 31.98 35.98
C LEU B 415 8.16 31.17 34.76
N LEU B 416 9.32 30.52 34.91
CA LEU B 416 9.93 29.84 33.77
C LEU B 416 9.36 28.46 33.53
N GLN B 417 8.86 27.81 34.59
CA GLN B 417 8.45 26.38 34.49
C GLN B 417 7.60 26.13 33.21
N PRO B 418 6.55 26.95 32.97
CA PRO B 418 5.70 26.63 31.82
C PRO B 418 6.39 26.83 30.47
N HIS B 419 7.44 27.64 30.45
CA HIS B 419 8.14 28.02 29.22
C HIS B 419 9.35 27.16 28.92
N ILE B 420 9.96 26.60 29.96
CA ILE B 420 11.09 25.70 29.74
C ILE B 420 10.66 24.27 29.45
N TYR B 421 9.38 23.96 29.61
CA TYR B 421 9.00 22.59 29.45
CA TYR B 421 8.83 22.60 29.40
C TYR B 421 9.14 22.15 27.98
N GLY B 422 9.61 20.92 27.83
CA GLY B 422 9.70 20.29 26.50
C GLY B 422 11.04 20.38 25.81
N VAL B 423 11.83 21.44 26.06
CA VAL B 423 13.06 21.62 25.28
C VAL B 423 14.12 20.56 25.59
N LEU B 424 14.24 20.22 26.88
CA LEU B 424 15.20 19.19 27.30
C LEU B 424 14.81 17.82 26.69
N ALA B 425 13.50 17.53 26.70
CA ALA B 425 12.93 16.28 26.18
C ALA B 425 13.14 16.20 24.69
N ILE B 426 12.68 17.19 23.94
CA ILE B 426 12.78 17.09 22.47
C ILE B 426 14.25 17.14 21.99
N ASP B 427 15.08 17.95 22.68
CA ASP B 427 16.50 17.98 22.32
C ASP B 427 17.20 16.65 22.64
N THR B 428 16.84 16.00 23.75
CA THR B 428 17.40 14.69 24.08
C THR B 428 16.97 13.68 23.02
N ILE B 429 15.69 13.69 22.66
CA ILE B 429 15.19 12.80 21.59
C ILE B 429 15.95 13.05 20.31
N GLY B 430 16.09 14.32 19.96
CA GLY B 430 16.62 14.76 18.68
C GLY B 430 18.13 14.67 18.49
N ARG B 431 18.86 14.57 19.60
CA ARG B 431 20.29 14.33 19.52
C ARG B 431 20.54 12.93 18.98
N LYS B 432 19.52 12.08 19.04
CA LYS B 432 19.51 10.81 18.33
C LYS B 432 18.76 10.95 16.98
N GLU B 433 17.46 11.21 17.05
CA GLU B 433 16.53 11.08 15.92
C GLU B 433 16.54 12.17 14.83
N LEU B 434 17.10 13.34 15.12
CA LEU B 434 17.07 14.46 14.15
C LEU B 434 18.42 14.86 13.54
N ILE B 435 19.42 15.10 14.39
CA ILE B 435 20.76 15.51 13.94
C ILE B 435 21.80 14.40 14.15
N GLY B 436 21.35 13.23 14.61
CA GLY B 436 22.19 12.04 14.69
C GLY B 436 22.54 11.50 13.31
N SER B 437 23.69 10.82 13.21
CA SER B 437 24.12 10.18 11.97
C SER B 437 23.01 9.31 11.35
N GLY B 438 22.62 9.63 10.12
CA GLY B 438 21.54 8.93 9.41
C GLY B 438 20.15 9.47 9.69
N GLY B 439 20.08 10.60 10.41
CA GLY B 439 18.81 11.18 10.86
C GLY B 439 18.04 12.05 9.88
N ILE B 440 17.00 12.69 10.40
CA ILE B 440 16.12 13.58 9.62
C ILE B 440 16.92 14.60 8.78
N VAL B 441 18.00 15.12 9.37
CA VAL B 441 18.89 16.06 8.68
C VAL B 441 19.67 15.40 7.53
N ASP B 442 20.30 14.26 7.82
CA ASP B 442 21.16 13.59 6.85
C ASP B 442 20.42 13.10 5.62
N GLN B 443 19.08 13.18 5.67
CA GLN B 443 18.25 12.73 4.56
C GLN B 443 17.66 13.86 3.75
N SER B 444 17.40 15.00 4.39
CA SER B 444 16.63 16.04 3.74
C SER B 444 17.33 17.40 3.50
N LEU B 445 18.54 17.58 4.04
CA LEU B 445 19.30 18.83 3.87
C LEU B 445 20.57 18.63 3.07
N SER B 446 20.99 19.66 2.33
CA SER B 446 22.33 19.64 1.68
C SER B 446 23.43 19.40 2.69
N LEU B 447 23.31 20.03 3.86
CA LEU B 447 24.39 20.01 4.85
C LEU B 447 24.38 18.75 5.72
N GLY B 448 23.43 17.87 5.46
CA GLY B 448 23.39 16.57 6.11
C GLY B 448 24.67 15.78 5.90
N GLY B 449 24.94 14.84 6.80
CA GLY B 449 26.09 13.96 6.72
C GLY B 449 27.24 14.35 7.63
N GLY B 450 27.04 15.35 8.48
CA GLY B 450 28.06 15.80 9.45
C GLY B 450 28.40 17.27 9.34
N GLY B 451 28.30 17.80 8.12
CA GLY B 451 28.56 19.22 7.86
C GLY B 451 27.61 20.13 8.62
N HIS B 452 26.44 19.60 8.98
CA HIS B 452 25.41 20.36 9.68
C HIS B 452 25.86 20.71 11.10
N VAL B 453 26.59 19.79 11.74
CA VAL B 453 27.13 20.04 13.08
C VAL B 453 28.17 21.14 13.05
N THR B 454 29.09 21.04 12.08
CA THR B 454 30.16 22.03 11.90
C THR B 454 29.62 23.43 11.59
N PHE B 455 28.54 23.47 10.82
CA PHE B 455 27.90 24.72 10.49
C PHE B 455 27.24 25.37 11.72
N MET B 456 26.55 24.56 12.53
CA MET B 456 25.99 25.05 13.79
C MET B 456 27.06 25.54 14.77
N GLU B 457 28.16 24.78 14.88
CA GLU B 457 29.35 25.23 15.63
C GLU B 457 29.83 26.60 15.11
N LYS B 458 29.99 26.73 13.79
CA LYS B 458 30.40 28.02 13.21
C LYS B 458 29.43 29.14 13.57
N CYS B 459 28.13 28.86 13.45
CA CYS B 459 27.11 29.86 13.69
C CYS B 459 27.10 30.27 15.16
N PHE B 460 27.29 29.30 16.05
CA PHE B 460 27.24 29.54 17.49
C PHE B 460 28.38 30.44 17.99
N LYS B 461 29.53 30.35 17.32
CA LYS B 461 30.68 31.21 17.61
C LYS B 461 30.29 32.69 17.53
N GLU B 462 29.29 33.01 16.70
CA GLU B 462 28.82 34.39 16.52
C GLU B 462 27.59 34.77 17.34
N VAL B 463 27.00 33.80 18.03
CA VAL B 463 25.75 34.01 18.78
C VAL B 463 25.96 34.97 19.95
N ASN B 464 25.06 35.94 20.09
CA ASN B 464 25.08 36.84 21.24
C ASN B 464 23.66 36.95 21.78
N LEU B 465 23.55 36.99 23.11
CA LEU B 465 22.24 37.11 23.78
C LEU B 465 21.42 38.31 23.27
N GLN B 466 22.11 39.39 22.86
CA GLN B 466 21.39 40.51 22.29
C GLN B 466 20.60 40.19 21.01
N ASP B 467 20.99 39.13 20.31
CA ASP B 467 20.28 38.68 19.10
C ASP B 467 18.84 38.28 19.42
N TYR B 468 18.60 37.94 20.69
CA TYR B 468 17.30 37.42 21.18
C TYR B 468 16.35 38.55 21.64
N HIS B 469 16.83 39.79 21.59
CA HIS B 469 16.06 40.95 21.96
C HIS B 469 15.38 41.43 20.70
N LEU B 470 14.07 41.20 20.56
CA LEU B 470 13.45 41.48 19.26
C LEU B 470 13.48 42.98 18.89
N PRO B 471 13.04 43.88 19.79
CA PRO B 471 13.14 45.31 19.41
C PRO B 471 14.57 45.75 18.99
N ASN B 472 15.58 45.32 19.72
CA ASN B 472 16.98 45.70 19.43
C ASN B 472 17.46 45.14 18.11
N ALA B 473 17.16 43.86 17.88
CA ALA B 473 17.53 43.15 16.65
C ALA B 473 16.89 43.76 15.40
N LEU B 474 15.60 44.13 15.47
CA LEU B 474 14.93 44.69 14.28
C LEU B 474 15.49 46.09 13.99
N LYS B 475 15.76 46.84 15.06
CA LYS B 475 16.36 48.17 14.94
C LYS B 475 17.73 48.03 14.30
N LYS B 476 18.57 47.17 14.88
CA LYS B 476 19.90 46.90 14.36
C LYS B 476 19.86 46.53 12.88
N ARG B 477 18.87 45.74 12.46
CA ARG B 477 18.75 45.28 11.07
C ARG B 477 18.24 46.39 10.15
N GLY B 478 17.66 47.43 10.71
CA GLY B 478 17.11 48.53 9.93
C GLY B 478 15.76 48.21 9.34
N VAL B 479 15.05 47.27 9.97
CA VAL B 479 13.78 46.77 9.40
C VAL B 479 12.54 47.12 10.23
N ASP B 480 12.70 47.98 11.22
CA ASP B 480 11.59 48.30 12.13
C ASP B 480 10.78 49.56 11.77
N ASP B 481 11.00 50.09 10.57
CA ASP B 481 10.24 51.27 10.13
C ASP B 481 9.18 50.90 9.12
N PRO B 482 7.90 50.93 9.53
CA PRO B 482 6.81 50.49 8.67
C PRO B 482 6.56 51.40 7.47
N SER B 483 7.04 52.65 7.52
CA SER B 483 6.87 53.59 6.41
C SER B 483 7.92 53.38 5.32
N LYS B 484 8.90 52.52 5.56
CA LYS B 484 9.89 52.19 4.55
C LYS B 484 9.85 50.72 4.17
N LEU B 485 9.36 49.89 5.09
CA LEU B 485 9.23 48.45 4.85
C LEU B 485 7.88 47.99 5.38
N PRO B 486 6.82 48.04 4.55
CA PRO B 486 5.48 47.70 5.02
C PRO B 486 5.16 46.19 4.90
N GLY B 487 4.02 45.76 5.44
CA GLY B 487 3.62 44.33 5.31
C GLY B 487 4.62 43.34 5.87
N PHE B 488 5.12 43.63 7.07
CA PHE B 488 6.09 42.79 7.79
C PHE B 488 5.42 42.35 9.08
N TYR B 489 4.69 41.22 9.04
CA TYR B 489 3.73 40.88 10.10
C TYR B 489 4.41 40.20 11.28
N TYR B 490 5.49 39.50 10.99
CA TYR B 490 6.39 38.94 12.02
C TYR B 490 6.86 40.06 12.94
N ARG B 491 7.32 41.17 12.33
CA ARG B 491 7.70 42.35 13.10
C ARG B 491 6.52 42.84 13.90
N ASP B 492 5.40 43.11 13.24
CA ASP B 492 4.30 43.77 13.92
C ASP B 492 3.76 42.92 15.09
N ASP B 493 3.54 41.63 14.81
CA ASP B 493 2.93 40.73 15.82
C ASP B 493 3.95 40.42 16.90
N GLY B 494 5.19 40.21 16.45
CA GLY B 494 6.34 39.92 17.34
C GLY B 494 6.54 41.03 18.33
N LEU B 495 6.52 42.26 17.83
CA LEU B 495 6.65 43.43 18.73
C LEU B 495 5.54 43.59 19.74
N ALA B 496 4.29 43.33 19.33
CA ALA B 496 3.16 43.38 20.25
C ALA B 496 3.34 42.33 21.35
N LEU B 497 3.73 41.13 20.96
CA LEU B 497 3.88 40.05 21.95
C LEU B 497 5.08 40.27 22.86
N TRP B 498 6.20 40.73 22.29
CA TRP B 498 7.38 41.16 23.08
C TRP B 498 6.95 42.10 24.20
N GLU B 499 6.23 43.17 23.85
CA GLU B 499 5.78 44.16 24.83
CA GLU B 499 5.78 44.16 24.84
C GLU B 499 4.89 43.55 25.91
N ALA B 500 3.98 42.66 25.50
CA ALA B 500 3.08 42.02 26.43
C ALA B 500 3.89 41.18 27.44
N ILE B 501 4.83 40.40 26.94
CA ILE B 501 5.64 39.52 27.82
C ILE B 501 6.49 40.38 28.75
N GLU B 502 7.13 41.41 28.17
CA GLU B 502 7.98 42.30 28.98
C GLU B 502 7.22 42.94 30.15
N THR B 503 6.01 43.44 29.87
CA THR B 503 5.17 44.07 30.88
C THR B 503 4.86 43.10 32.00
N PHE B 504 4.43 41.91 31.61
CA PHE B 504 4.10 40.87 32.61
C PHE B 504 5.31 40.54 33.50
N ILE B 505 6.42 40.21 32.87
CA ILE B 505 7.65 39.84 33.59
C ILE B 505 8.11 40.98 34.52
N GLY B 506 8.07 42.22 34.02
CA GLY B 506 8.36 43.41 34.87
C GLY B 506 7.52 43.43 36.13
N GLU B 507 6.22 43.19 35.97
CA GLU B 507 5.28 43.16 37.11
C GLU B 507 5.57 42.04 38.06
N ILE B 508 5.87 40.83 37.55
CA ILE B 508 6.25 39.71 38.43
C ILE B 508 7.54 40.05 39.24
N ILE B 509 8.54 40.55 38.53
CA ILE B 509 9.81 40.95 39.17
C ILE B 509 9.53 41.94 40.32
N ALA B 510 8.74 42.97 40.03
CA ALA B 510 8.45 44.00 41.06
C ALA B 510 7.73 43.46 42.31
N ILE B 511 7.00 42.36 42.16
CA ILE B 511 6.35 41.76 43.32
C ILE B 511 7.38 41.19 44.30
N PHE B 512 8.38 40.51 43.75
CA PHE B 512 9.36 39.78 44.58
C PHE B 512 10.69 40.50 44.86
N TYR B 513 11.12 41.31 43.91
CA TYR B 513 12.34 42.10 44.06
C TYR B 513 11.95 43.55 44.30
N LYS B 514 12.20 44.08 45.48
CA LYS B 514 11.75 45.44 45.80
C LYS B 514 12.68 46.53 45.27
N ASN B 515 13.90 46.16 44.87
CA ASN B 515 14.93 47.08 44.36
C ASN B 515 16.06 46.29 43.73
N ASP B 516 17.07 46.98 43.18
CA ASP B 516 18.24 46.32 42.59
C ASP B 516 19.09 45.50 43.59
N ASP B 517 19.16 45.92 44.84
CA ASP B 517 19.93 45.18 45.81
C ASP B 517 19.35 43.76 46.03
N ASP B 518 18.02 43.65 46.03
CA ASP B 518 17.32 42.34 46.11
C ASP B 518 17.76 41.42 44.99
N VAL B 519 17.93 41.97 43.79
CA VAL B 519 18.48 41.17 42.66
C VAL B 519 19.94 40.72 42.95
N LYS B 520 20.79 41.70 43.26
CA LYS B 520 22.20 41.41 43.63
C LYS B 520 22.39 40.34 44.70
N ARG B 521 21.54 40.35 45.71
CA ARG B 521 21.71 39.44 46.86
C ARG B 521 21.16 38.05 46.62
N ASP B 522 20.41 37.88 45.52
CA ASP B 522 19.70 36.63 45.33
C ASP B 522 20.68 35.61 44.75
N ASN B 523 21.20 34.73 45.61
CA ASN B 523 22.18 33.69 45.26
CA ASN B 523 22.23 33.77 45.14
C ASN B 523 21.71 32.82 44.07
N GLU B 524 20.40 32.55 44.06
CA GLU B 524 19.85 31.63 43.05
C GLU B 524 19.79 32.25 41.68
N ILE B 525 19.28 33.48 41.56
CA ILE B 525 19.20 34.08 40.21
C ILE B 525 20.63 34.39 39.69
N GLN B 526 21.55 34.69 40.64
CA GLN B 526 22.94 34.98 40.25
C GLN B 526 23.64 33.73 39.76
N SER B 527 23.43 32.62 40.45
CA SER B 527 24.00 31.31 40.06
C SER B 527 23.42 30.89 38.71
N TRP B 528 22.12 31.16 38.54
CA TRP B 528 21.39 30.84 37.30
C TRP B 528 22.06 31.45 36.07
N ILE B 529 22.28 32.77 36.07
CA ILE B 529 22.88 33.45 34.92
C ILE B 529 24.39 33.12 34.80
N TYR B 530 25.05 32.95 35.95
CA TYR B 530 26.49 32.62 35.93
C TYR B 530 26.72 31.22 35.36
N ASP B 531 25.87 30.25 35.72
CA ASP B 531 25.97 28.91 35.18
C ASP B 531 25.87 28.95 33.66
N VAL B 532 24.95 29.73 33.10
CA VAL B 532 24.91 29.82 31.64
C VAL B 532 26.14 30.56 31.08
N HIS B 533 26.51 31.66 31.72
CA HIS B 533 27.70 32.44 31.32
C HIS B 533 28.97 31.56 31.25
N LYS B 534 29.22 30.81 32.32
CA LYS B 534 30.44 30.02 32.50
C LYS B 534 30.36 28.63 31.83
N ASN B 535 29.20 27.96 31.93
CA ASN B 535 29.10 26.55 31.54
C ASN B 535 28.13 26.26 30.38
N GLY B 536 27.37 27.28 29.96
CA GLY B 536 26.28 27.11 28.99
C GLY B 536 26.68 27.58 27.61
N TRP B 537 26.80 28.89 27.43
CA TRP B 537 27.27 29.46 26.18
C TRP B 537 28.76 29.86 26.37
N ARG B 538 29.63 28.87 26.30
CA ARG B 538 31.02 29.02 26.73
C ARG B 538 31.76 29.82 25.69
N VAL B 539 32.42 30.89 26.13
CA VAL B 539 33.30 31.65 25.21
C VAL B 539 34.64 30.90 25.14
N ASN B 540 34.72 29.95 24.21
CA ASN B 540 35.88 29.10 24.02
C ASN B 540 36.76 29.64 22.88
N PRO B 541 37.98 29.08 22.70
CA PRO B 541 38.87 29.61 21.64
C PRO B 541 38.17 29.73 20.29
N GLY B 542 38.15 30.94 19.73
CA GLY B 542 37.55 31.17 18.42
C GLY B 542 36.13 31.73 18.43
N HIS B 543 35.60 31.97 19.63
CA HIS B 543 34.22 32.48 19.79
C HIS B 543 34.22 33.97 20.08
N GLN B 544 33.22 34.67 19.57
CA GLN B 544 32.93 36.03 20.02
C GLN B 544 32.39 35.95 21.44
N ASP B 545 32.30 37.09 22.12
CA ASP B 545 31.62 37.09 23.41
C ASP B 545 30.14 36.79 23.15
N HIS B 546 29.50 36.04 24.04
CA HIS B 546 28.12 35.60 23.78
C HIS B 546 27.08 36.45 24.46
N GLY B 547 27.52 37.56 25.05
CA GLY B 547 26.60 38.52 25.65
C GLY B 547 25.86 38.03 26.86
N VAL B 548 26.27 36.92 27.46
CA VAL B 548 25.60 36.46 28.67
C VAL B 548 26.30 37.13 29.85
N PRO B 549 25.57 37.96 30.63
CA PRO B 549 26.23 38.61 31.77
C PRO B 549 26.66 37.58 32.81
N ALA B 550 27.73 37.90 33.56
CA ALA B 550 28.20 36.97 34.55
C ALA B 550 27.38 37.14 35.81
N SER B 551 26.68 38.27 35.92
CA SER B 551 25.78 38.50 37.06
C SER B 551 24.70 39.49 36.63
N PHE B 552 23.67 39.65 37.47
CA PHE B 552 22.67 40.70 37.32
C PHE B 552 22.92 41.83 38.31
N GLU B 553 22.90 43.07 37.80
CA GLU B 553 23.02 44.26 38.67
C GLU B 553 21.68 44.91 39.00
N SER B 554 20.63 44.63 38.21
CA SER B 554 19.37 45.38 38.35
C SER B 554 18.13 44.56 37.94
N ARG B 555 16.97 45.01 38.41
CA ARG B 555 15.64 44.51 37.96
C ARG B 555 15.46 44.68 36.45
N GLU B 556 15.89 45.81 35.89
CA GLU B 556 15.73 46.05 34.46
CA GLU B 556 15.77 46.08 34.45
C GLU B 556 16.52 45.06 33.62
N GLN B 557 17.74 44.75 34.02
CA GLN B 557 18.55 43.75 33.32
C GLN B 557 17.96 42.31 33.40
N LEU B 558 17.44 41.96 34.57
CA LEU B 558 16.77 40.67 34.79
C LEU B 558 15.54 40.61 33.86
N LYS B 559 14.78 41.70 33.78
CA LYS B 559 13.60 41.76 32.91
C LYS B 559 13.97 41.56 31.45
N GLU B 560 15.05 42.23 31.02
CA GLU B 560 15.46 42.12 29.65
C GLU B 560 15.82 40.68 29.28
N VAL B 561 16.59 40.02 30.15
CA VAL B 561 17.05 38.67 29.84
C VAL B 561 15.88 37.66 29.90
N LEU B 562 15.00 37.80 30.89
CA LEU B 562 13.87 36.86 31.01
C LEU B 562 12.90 37.07 29.86
N THR B 563 12.69 38.33 29.47
CA THR B 563 11.82 38.64 28.32
C THR B 563 12.42 37.99 27.08
N SER B 564 13.70 38.18 26.85
CA SER B 564 14.40 37.59 25.68
C SER B 564 14.18 36.08 25.64
N LEU B 565 14.37 35.45 26.79
CA LEU B 565 14.26 33.99 26.94
C LEU B 565 12.82 33.47 26.72
N VAL B 566 11.84 34.09 27.37
CA VAL B 566 10.44 33.60 27.32
C VAL B 566 9.91 33.85 25.89
N PHE B 567 10.21 35.03 25.35
CA PHE B 567 9.84 35.33 23.99
C PHE B 567 10.41 34.30 23.04
N THR B 568 11.64 33.87 23.28
CA THR B 568 12.29 32.93 22.38
C THR B 568 11.65 31.54 22.50
N PHE B 569 11.48 31.04 23.72
CA PHE B 569 10.88 29.72 23.93
C PHE B 569 9.50 29.58 23.25
N SER B 570 8.71 30.67 23.29
CA SER B 570 7.32 30.65 22.86
C SER B 570 7.24 31.22 21.45
N CYS B 571 7.28 32.55 21.34
CA CYS B 571 7.00 33.27 20.09
C CYS B 571 8.01 33.07 18.98
N GLN B 572 9.31 33.21 19.29
CA GLN B 572 10.34 33.07 18.23
C GLN B 572 10.29 31.66 17.69
N HIS B 573 10.31 30.67 18.58
CA HIS B 573 10.23 29.30 18.11
C HIS B 573 8.99 29.08 17.25
N ALA B 574 7.81 29.58 17.69
CA ALA B 574 6.58 29.38 16.92
C ALA B 574 6.71 29.96 15.51
N ALA B 575 7.16 31.21 15.45
CA ALA B 575 7.37 31.92 14.18
C ALA B 575 8.27 31.21 13.15
N VAL B 576 9.31 30.54 13.64
CA VAL B 576 10.27 29.90 12.71
C VAL B 576 10.03 28.40 12.58
N ASN B 577 9.15 27.84 13.43
CA ASN B 577 8.83 26.43 13.37
C ASN B 577 7.46 26.13 12.71
N PHE B 578 6.37 26.70 13.21
CA PHE B 578 5.03 26.31 12.69
C PHE B 578 4.68 26.94 11.35
N SER B 579 5.57 27.85 10.92
CA SER B 579 5.52 28.47 9.58
C SER B 579 6.01 27.48 8.49
N GLN B 580 6.50 26.31 8.89
CA GLN B 580 7.19 25.41 7.94
C GLN B 580 6.31 24.68 6.92
N LYS B 581 5.08 24.38 7.30
CA LYS B 581 4.13 23.74 6.38
C LYS B 581 3.91 24.61 5.13
N ASP B 582 3.62 25.89 5.35
CA ASP B 582 3.38 26.82 4.24
C ASP B 582 4.66 27.09 3.47
N HIS B 583 5.79 27.07 4.17
CA HIS B 583 7.09 27.38 3.57
C HIS B 583 7.67 26.24 2.74
N TYR B 584 7.64 25.04 3.30
CA TYR B 584 8.33 23.93 2.71
C TYR B 584 7.41 22.86 2.09
N GLY B 585 6.11 22.95 2.35
CA GLY B 585 5.16 21.90 1.94
C GLY B 585 5.20 21.63 0.43
N PHE B 586 5.27 22.73 -0.34
CA PHE B 586 5.52 22.64 -1.80
C PHE B 586 6.98 22.95 -2.07
N THR B 587 7.73 21.89 -2.42
CA THR B 587 9.18 21.88 -2.35
C THR B 587 9.85 22.96 -3.23
N PRO B 588 9.33 23.21 -4.46
CA PRO B 588 10.03 24.27 -5.24
C PRO B 588 9.94 25.66 -4.58
N ASN B 589 9.01 25.86 -3.66
CA ASN B 589 8.98 27.11 -2.91
C ASN B 589 10.24 27.35 -2.07
N ALA B 590 10.89 26.27 -1.66
CA ALA B 590 12.02 26.36 -0.73
C ALA B 590 12.74 25.04 -0.67
N PRO B 591 13.54 24.74 -1.71
CA PRO B 591 14.33 23.54 -1.71
C PRO B 591 15.42 23.56 -0.63
N ALA B 592 15.72 22.38 -0.09
CA ALA B 592 16.72 22.26 0.96
C ALA B 592 17.89 21.39 0.52
N ILE B 593 17.75 20.76 -0.64
CA ILE B 593 18.85 20.06 -1.30
C ILE B 593 18.88 20.54 -2.76
N LEU B 594 20.07 20.80 -3.29
CA LEU B 594 20.28 20.88 -4.75
C LEU B 594 21.32 19.84 -5.13
N ARG B 595 21.21 19.32 -6.34
CA ARG B 595 21.92 18.10 -6.74
C ARG B 595 23.04 18.30 -7.78
N HIS B 596 23.16 19.53 -8.28
CA HIS B 596 24.24 19.91 -9.19
C HIS B 596 24.89 21.22 -8.75
N PRO B 597 26.18 21.45 -9.15
CA PRO B 597 26.88 22.71 -8.87
C PRO B 597 26.17 23.94 -9.45
N PRO B 598 26.50 25.15 -8.98
CA PRO B 598 25.92 26.34 -9.59
C PRO B 598 26.43 26.57 -11.03
N PRO B 599 25.73 27.40 -11.82
CA PRO B 599 26.28 27.73 -13.15
C PRO B 599 27.51 28.63 -13.08
N LYS B 600 28.42 28.45 -14.03
CA LYS B 600 29.61 29.27 -14.18
C LYS B 600 29.49 30.19 -15.42
N LYS B 601 28.33 30.16 -16.06
CA LYS B 601 28.07 30.97 -17.26
C LYS B 601 26.59 31.26 -17.30
N LYS B 602 26.19 32.37 -17.92
CA LYS B 602 24.77 32.63 -18.13
C LYS B 602 24.26 31.87 -19.34
N GLY B 603 22.94 31.75 -19.47
CA GLY B 603 22.32 31.12 -20.64
C GLY B 603 22.22 29.61 -20.69
N GLU B 604 22.73 28.91 -19.66
CA GLU B 604 22.70 27.44 -19.61
C GLU B 604 21.36 26.79 -19.19
N ALA B 605 20.58 27.46 -18.33
CA ALA B 605 19.44 26.83 -17.65
C ALA B 605 18.24 26.47 -18.53
N THR B 606 17.78 25.23 -18.38
CA THR B 606 16.53 24.75 -18.99
C THR B 606 15.61 24.17 -17.89
N LEU B 607 14.31 24.04 -18.17
CA LEU B 607 13.42 23.35 -17.22
C LEU B 607 13.95 21.98 -16.82
N GLN B 608 14.59 21.30 -17.77
CA GLN B 608 15.10 19.95 -17.54
C GLN B 608 16.33 19.96 -16.62
N SER B 609 17.23 20.93 -16.80
CA SER B 609 18.41 21.00 -15.95
C SER B 609 18.02 21.49 -14.53
N ILE B 610 16.99 22.33 -14.46
CA ILE B 610 16.48 22.83 -13.19
C ILE B 610 15.89 21.67 -12.38
N LEU B 611 14.94 20.95 -12.99
CA LEU B 611 14.39 19.73 -12.38
C LEU B 611 15.42 18.66 -11.99
N SER B 612 16.54 18.56 -12.69
CA SER B 612 17.53 17.59 -12.25
C SER B 612 18.42 18.17 -11.14
N THR B 613 18.31 19.49 -10.91
CA THR B 613 19.05 20.17 -9.84
C THR B 613 18.25 20.21 -8.54
N LEU B 614 16.95 20.45 -8.66
CA LEU B 614 16.00 20.41 -7.55
C LEU B 614 16.06 19.07 -6.83
N PRO B 615 15.55 19.00 -5.57
CA PRO B 615 15.53 17.73 -4.87
C PRO B 615 14.78 16.67 -5.66
N SER B 616 15.26 15.42 -5.59
CA SER B 616 14.55 14.26 -6.08
C SER B 616 13.20 14.10 -5.37
N LYS B 617 12.31 13.31 -5.95
CA LYS B 617 10.99 13.13 -5.36
C LYS B 617 11.09 12.56 -3.93
N SER B 618 12.05 11.67 -3.72
CA SER B 618 12.22 11.04 -2.40
C SER B 618 12.84 12.02 -1.40
N GLN B 619 13.77 12.85 -1.87
CA GLN B 619 14.37 13.90 -1.04
C GLN B 619 13.31 14.93 -0.64
N ALA B 620 12.46 15.29 -1.60
CA ALA B 620 11.34 16.21 -1.36
C ALA B 620 10.30 15.61 -0.38
N ALA B 621 9.98 14.32 -0.57
CA ALA B 621 9.00 13.62 0.28
C ALA B 621 9.47 13.61 1.73
N LYS B 622 10.76 13.33 1.90
CA LYS B 622 11.44 13.32 3.19
C LYS B 622 11.45 14.70 3.86
N ALA B 623 11.62 15.78 3.10
CA ALA B 623 11.48 17.11 3.65
C ALA B 623 10.06 17.39 4.19
N ILE B 624 9.05 16.95 3.43
CA ILE B 624 7.66 17.08 3.85
C ILE B 624 7.38 16.26 5.13
N ALA B 625 7.92 15.04 5.19
CA ALA B 625 7.77 14.14 6.37
C ALA B 625 8.35 14.82 7.60
N THR B 626 9.55 15.39 7.42
CA THR B 626 10.20 16.13 8.50
C THR B 626 9.36 17.28 9.00
N VAL B 627 8.86 18.08 8.05
CA VAL B 627 7.99 19.21 8.38
C VAL B 627 6.74 18.75 9.16
N TYR B 628 6.10 17.69 8.67
CA TYR B 628 4.97 17.07 9.41
C TYR B 628 5.29 16.77 10.91
N ILE B 629 6.39 16.10 11.16
CA ILE B 629 6.77 15.71 12.54
C ILE B 629 7.07 16.96 13.36
N LEU B 630 7.81 17.90 12.77
CA LEU B 630 8.27 19.07 13.57
C LEU B 630 7.22 20.11 13.85
N THR B 631 6.09 20.03 13.16
CA THR B 631 5.06 21.08 13.33
C THR B 631 3.76 20.53 13.94
N LYS B 632 3.80 19.31 14.45
CA LYS B 632 2.59 18.69 14.96
C LYS B 632 2.34 19.14 16.40
N PHE B 633 1.24 19.85 16.61
CA PHE B 633 0.83 20.25 17.97
C PHE B 633 0.29 19.07 18.77
N SER B 634 0.73 18.92 20.02
CA SER B 634 0.18 17.83 20.83
CA SER B 634 0.21 17.87 20.91
C SER B 634 -1.23 18.16 21.33
N GLU B 635 -2.00 17.11 21.59
CA GLU B 635 -3.36 17.28 22.05
C GLU B 635 -3.34 17.98 23.41
N ASP B 636 -2.27 17.80 24.17
CA ASP B 636 -2.19 18.41 25.51
C ASP B 636 -1.40 19.74 25.53
N GLU B 637 -1.12 20.32 24.37
CA GLU B 637 -0.31 21.54 24.39
CA GLU B 637 -0.39 21.60 24.22
C GLU B 637 -1.01 22.69 25.09
N ARG B 638 -0.20 23.49 25.77
CA ARG B 638 -0.72 24.72 26.39
C ARG B 638 -0.09 25.91 25.68
N TYR B 639 -0.92 26.85 25.32
CA TYR B 639 -0.50 27.95 24.45
C TYR B 639 -0.25 29.19 25.28
N LEU B 640 0.23 30.26 24.62
CA LEU B 640 0.85 31.38 25.31
C LEU B 640 0.00 31.98 26.44
N GLY B 641 0.57 31.96 27.65
CA GLY B 641 -0.11 32.50 28.81
C GLY B 641 -1.09 31.56 29.49
N ASN B 642 -1.25 30.35 28.95
CA ASN B 642 -2.05 29.38 29.66
C ASN B 642 -1.23 28.84 30.82
N TYR B 643 -1.57 29.31 32.01
CA TYR B 643 -0.81 28.98 33.19
C TYR B 643 -1.60 28.09 34.16
N SER B 644 -2.46 27.27 33.59
CA SER B 644 -3.32 26.40 34.38
C SER B 644 -2.51 25.36 35.16
N ALA B 645 -1.30 25.03 34.74
CA ALA B 645 -0.48 24.08 35.50
C ALA B 645 0.73 24.75 36.12
N THR B 646 0.57 25.95 36.62
CA THR B 646 1.70 26.64 37.24
C THR B 646 1.48 26.66 38.74
N ALA B 647 2.54 26.98 39.48
CA ALA B 647 2.58 26.80 40.93
C ALA B 647 2.41 28.10 41.71
N TRP B 648 1.82 29.13 41.08
CA TRP B 648 1.64 30.44 41.74
C TRP B 648 0.59 30.43 42.85
N GLU B 649 0.90 31.09 43.97
CA GLU B 649 -0.04 31.29 45.08
C GLU B 649 -0.23 32.78 45.40
N ASP B 650 0.78 33.61 45.16
CA ASP B 650 0.75 35.02 45.53
C ASP B 650 -0.36 35.73 44.78
N LYS B 651 -1.25 36.40 45.50
CA LYS B 651 -2.38 37.08 44.86
C LYS B 651 -1.98 38.15 43.86
N ASP B 652 -0.90 38.89 44.16
CA ASP B 652 -0.42 39.91 43.21
C ASP B 652 0.08 39.29 41.92
N ALA B 653 0.76 38.14 42.04
CA ALA B 653 1.20 37.40 40.84
C ALA B 653 0.01 36.90 39.98
N LEU B 654 -0.99 36.35 40.67
CA LEU B 654 -2.24 35.93 39.98
C LEU B 654 -2.92 37.10 39.27
N ASP B 655 -2.91 38.29 39.87
CA ASP B 655 -3.41 39.52 39.23
C ASP B 655 -2.59 39.91 38.00
N ALA B 656 -1.26 39.82 38.13
CA ALA B 656 -0.38 40.10 37.00
C ALA B 656 -0.62 39.13 35.84
N ILE B 657 -0.84 37.86 36.17
CA ILE B 657 -1.24 36.85 35.15
C ILE B 657 -2.54 37.25 34.47
N ASN B 658 -3.54 37.65 35.25
CA ASN B 658 -4.82 38.11 34.67
C ASN B 658 -4.65 39.17 33.59
N ARG B 659 -3.83 40.18 33.91
CA ARG B 659 -3.62 41.32 33.02
C ARG B 659 -2.92 40.88 31.79
N PHE B 660 -1.92 40.01 31.95
CA PHE B 660 -1.16 39.46 30.83
C PHE B 660 -2.09 38.71 29.87
N GLN B 661 -2.94 37.84 30.44
CA GLN B 661 -3.86 37.04 29.62
C GLN B 661 -4.85 37.93 28.87
N ASP B 662 -5.35 38.96 29.56
CA ASP B 662 -6.27 39.93 28.91
C ASP B 662 -5.57 40.70 27.80
N LYS B 663 -4.31 41.07 28.02
CA LYS B 663 -3.55 41.73 26.96
C LYS B 663 -3.36 40.83 25.73
N LEU B 664 -3.09 39.54 25.95
CA LEU B 664 -2.92 38.60 24.83
C LEU B 664 -4.22 38.40 24.03
N GLU B 665 -5.34 38.38 24.73
CA GLU B 665 -6.65 38.28 24.07
C GLU B 665 -6.84 39.49 23.15
N ASP B 666 -6.46 40.69 23.63
CA ASP B 666 -6.56 41.88 22.81
CA ASP B 666 -6.56 41.90 22.82
C ASP B 666 -5.69 41.79 21.57
N ILE B 667 -4.45 41.31 21.75
CA ILE B 667 -3.49 41.12 20.67
C ILE B 667 -4.06 40.13 19.67
N SER B 668 -4.58 39.02 20.17
CA SER B 668 -5.21 38.02 19.29
C SER B 668 -6.31 38.60 18.36
N LYS B 669 -7.28 39.29 18.94
CA LYS B 669 -8.36 39.93 18.18
C LYS B 669 -7.81 40.91 17.14
N LYS B 670 -6.84 41.73 17.53
CA LYS B 670 -6.18 42.64 16.58
C LYS B 670 -5.48 41.94 15.40
N ILE B 671 -4.76 40.83 15.66
CA ILE B 671 -4.15 40.03 14.59
C ILE B 671 -5.25 39.46 13.66
N LYS B 672 -6.31 38.93 14.24
CA LYS B 672 -7.38 38.38 13.42
C LYS B 672 -8.01 39.45 12.53
N GLN B 673 -8.26 40.64 13.08
CA GLN B 673 -8.85 41.77 12.33
C GLN B 673 -7.90 42.20 11.21
N ARG B 674 -6.61 42.27 11.53
CA ARG B 674 -5.54 42.55 10.55
C ARG B 674 -5.56 41.52 9.42
N ASN B 675 -5.64 40.24 9.78
CA ASN B 675 -5.58 39.15 8.80
C ASN B 675 -6.77 39.08 7.87
N GLU B 676 -7.93 39.56 8.33
CA GLU B 676 -9.13 39.49 7.48
C GLU B 676 -9.03 40.42 6.28
N ASN B 677 -8.13 41.39 6.34
CA ASN B 677 -7.77 42.25 5.20
C ASN B 677 -6.53 41.80 4.40
N LEU B 678 -5.97 40.63 4.68
CA LEU B 678 -4.74 40.23 3.99
C LEU B 678 -5.01 39.21 2.91
N GLU B 679 -4.18 39.24 1.86
CA GLU B 679 -4.30 38.23 0.81
CA GLU B 679 -4.24 38.25 0.79
C GLU B 679 -3.86 36.86 1.33
N VAL B 680 -2.80 36.84 2.14
CA VAL B 680 -2.29 35.63 2.80
C VAL B 680 -2.19 35.97 4.31
N PRO B 681 -3.20 35.62 5.11
CA PRO B 681 -3.15 35.84 6.57
C PRO B 681 -1.83 35.32 7.19
N TYR B 682 -1.35 36.02 8.22
CA TYR B 682 -0.15 35.60 8.99
C TYR B 682 -0.63 35.19 10.37
N ILE B 683 -0.62 33.88 10.62
CA ILE B 683 -1.30 33.33 11.78
C ILE B 683 -0.32 32.73 12.80
N TYR B 684 0.96 32.69 12.46
CA TYR B 684 1.93 31.97 13.32
C TYR B 684 2.15 32.61 14.66
N LEU B 685 1.85 33.90 14.79
CA LEU B 685 2.01 34.56 16.09
C LEU B 685 0.69 34.86 16.81
N LEU B 686 -0.37 34.13 16.46
CA LEU B 686 -1.61 34.21 17.23
C LEU B 686 -1.34 33.56 18.60
N PRO B 687 -1.62 34.27 19.73
CA PRO B 687 -1.38 33.62 21.02
C PRO B 687 -1.94 32.18 21.11
N GLU B 688 -3.09 31.91 20.47
CA GLU B 688 -3.74 30.57 20.57
C GLU B 688 -2.98 29.48 19.78
N ARG B 689 -1.99 29.90 18.99
CA ARG B 689 -1.15 29.03 18.15
C ARG B 689 0.32 28.99 18.60
N ILE B 690 0.65 29.75 19.66
CA ILE B 690 2.02 29.82 20.17
C ILE B 690 2.09 28.97 21.43
N PRO B 691 2.80 27.83 21.37
CA PRO B 691 3.04 27.01 22.58
C PRO B 691 3.81 27.81 23.61
N ASN B 692 3.55 27.61 24.90
CA ASN B 692 4.36 28.31 25.93
C ASN B 692 5.85 28.01 25.76
N GLY B 693 6.17 26.80 25.32
CA GLY B 693 7.58 26.45 25.16
C GLY B 693 8.01 25.90 23.81
N THR B 694 9.23 25.36 23.82
CA THR B 694 9.85 24.86 22.62
C THR B 694 9.89 23.36 22.82
N ALA B 695 8.89 22.66 22.29
CA ALA B 695 8.65 21.26 22.67
C ALA B 695 8.57 20.29 21.49
N ILE B 696 8.83 20.80 20.29
CA ILE B 696 8.79 19.99 19.07
C ILE B 696 9.68 20.64 18.01
N HIS C 5 5.53 -52.13 -53.91
CA HIS C 5 4.36 -51.77 -53.06
C HIS C 5 4.70 -50.76 -51.94
N HIS C 6 5.99 -50.43 -51.75
CA HIS C 6 6.38 -49.45 -50.71
C HIS C 6 6.77 -48.07 -51.29
N ALA C 7 6.58 -47.02 -50.48
CA ALA C 7 7.06 -45.70 -50.83
C ALA C 7 7.85 -45.20 -49.62
N ILE C 8 8.75 -44.26 -49.87
CA ILE C 8 9.43 -43.55 -48.81
C ILE C 8 8.83 -42.15 -48.80
N TYR C 9 8.37 -41.70 -47.63
CA TYR C 9 7.72 -40.40 -47.50
C TYR C 9 8.62 -39.54 -46.66
N ASN C 10 9.01 -38.40 -47.22
CA ASN C 10 9.68 -37.38 -46.44
C ASN C 10 8.62 -36.45 -45.89
N VAL C 11 8.54 -36.38 -44.56
CA VAL C 11 7.53 -35.56 -43.89
C VAL C 11 8.25 -34.45 -43.12
N GLU C 12 7.86 -33.21 -43.38
CA GLU C 12 8.35 -32.06 -42.60
C GLU C 12 7.14 -31.42 -41.90
N VAL C 13 7.24 -31.25 -40.58
CA VAL C 13 6.14 -30.64 -39.82
C VAL C 13 6.64 -29.32 -39.23
N GLU C 14 5.85 -28.27 -39.44
CA GLU C 14 6.15 -26.94 -38.89
CA GLU C 14 6.17 -26.95 -38.89
C GLU C 14 5.20 -26.69 -37.74
N THR C 15 5.74 -26.59 -36.52
CA THR C 15 4.93 -26.40 -35.32
C THR C 15 4.87 -24.88 -35.07
N GLY C 16 3.70 -24.38 -34.69
CA GLY C 16 3.57 -22.93 -34.47
C GLY C 16 4.47 -22.42 -33.35
N ASP C 17 4.82 -21.13 -33.39
CA ASP C 17 5.73 -20.62 -32.37
CA ASP C 17 5.71 -20.55 -32.38
C ASP C 17 4.98 -20.15 -31.10
N ARG C 18 3.68 -20.25 -31.10
CA ARG C 18 2.95 -19.77 -29.92
C ARG C 18 3.20 -20.61 -28.66
N GLU C 19 3.00 -20.00 -27.49
CA GLU C 19 3.23 -20.70 -26.23
CA GLU C 19 3.22 -20.69 -26.22
C GLU C 19 2.42 -21.98 -26.14
N HIS C 20 3.08 -23.05 -25.69
CA HIS C 20 2.51 -24.40 -25.57
C HIS C 20 2.17 -25.06 -26.88
N ALA C 21 2.62 -24.50 -27.98
CA ALA C 21 2.39 -25.12 -29.31
C ALA C 21 3.02 -26.51 -29.39
N GLY C 22 4.12 -26.72 -28.63
CA GLY C 22 4.90 -27.96 -28.79
C GLY C 22 4.23 -29.14 -28.13
N THR C 23 4.78 -30.35 -28.34
CA THR C 23 4.20 -31.50 -27.67
C THR C 23 5.25 -32.55 -27.35
N ASP C 24 5.03 -33.31 -26.28
CA ASP C 24 5.81 -34.54 -26.09
C ASP C 24 4.94 -35.79 -26.22
N ALA C 25 3.75 -35.63 -26.79
CA ALA C 25 2.93 -36.79 -27.13
C ALA C 25 3.63 -37.61 -28.20
N THR C 26 3.31 -38.90 -28.25
CA THR C 26 3.76 -39.77 -29.33
C THR C 26 2.85 -39.45 -30.51
N ILE C 27 3.47 -39.10 -31.64
CA ILE C 27 2.71 -38.66 -32.81
C ILE C 27 2.86 -39.71 -33.91
N THR C 28 1.75 -39.99 -34.59
CA THR C 28 1.78 -40.83 -35.79
C THR C 28 1.05 -40.11 -36.91
N ILE C 29 1.39 -40.46 -38.16
CA ILE C 29 0.73 -39.91 -39.31
C ILE C 29 0.14 -41.01 -40.20
N ARG C 30 -1.06 -40.77 -40.75
CA ARG C 30 -1.54 -41.68 -41.80
C ARG C 30 -1.67 -40.88 -43.07
N ILE C 31 -1.17 -41.45 -44.17
CA ILE C 31 -1.18 -40.82 -45.46
C ILE C 31 -2.17 -41.58 -46.36
N THR C 32 -3.09 -40.84 -46.99
CA THR C 32 -4.15 -41.40 -47.82
C THR C 32 -4.01 -40.98 -49.28
N GLY C 33 -4.12 -41.93 -50.20
CA GLY C 33 -4.03 -41.58 -51.60
C GLY C 33 -4.86 -42.47 -52.52
N ALA C 34 -4.60 -42.37 -53.81
CA ALA C 34 -5.45 -43.04 -54.75
C ALA C 34 -5.45 -44.57 -54.56
N LYS C 35 -4.35 -45.14 -54.07
CA LYS C 35 -4.19 -46.60 -54.04
C LYS C 35 -4.36 -47.23 -52.68
N GLY C 36 -4.72 -46.43 -51.70
CA GLY C 36 -4.97 -46.91 -50.35
C GLY C 36 -4.52 -45.93 -49.29
N ARG C 37 -4.32 -46.42 -48.07
CA ARG C 37 -3.89 -45.61 -46.94
C ARG C 37 -2.77 -46.35 -46.24
N THR C 38 -1.75 -45.61 -45.79
CA THR C 38 -0.72 -46.25 -44.97
C THR C 38 -1.33 -46.62 -43.63
N ASP C 39 -0.63 -47.47 -42.87
CA ASP C 39 -0.90 -47.58 -41.44
C ASP C 39 -0.50 -46.26 -40.78
N TYR C 40 -0.77 -46.10 -39.49
CA TYR C 40 -0.31 -44.91 -38.78
C TYR C 40 1.16 -45.14 -38.49
N LEU C 41 1.98 -44.27 -39.08
CA LEU C 41 3.46 -44.34 -38.99
C LEU C 41 4.03 -43.38 -37.92
N LYS C 42 4.99 -43.87 -37.13
CA LYS C 42 5.63 -43.04 -36.09
C LYS C 42 6.45 -41.87 -36.65
N LEU C 43 6.19 -40.66 -36.12
CA LEU C 43 7.10 -39.51 -36.26
C LEU C 43 7.73 -39.33 -34.88
N ASP C 44 8.78 -40.08 -34.63
CA ASP C 44 9.19 -40.27 -33.24
C ASP C 44 10.70 -40.30 -33.23
N LYS C 45 11.28 -39.12 -33.35
CA LYS C 45 12.70 -39.01 -33.61
C LYS C 45 13.03 -37.53 -33.40
N GLY C 46 13.48 -37.19 -32.18
CA GLY C 46 13.69 -35.80 -31.75
C GLY C 46 12.42 -35.18 -31.20
N SER C 47 12.47 -33.88 -30.86
CA SER C 47 11.35 -33.22 -30.19
C SER C 47 10.46 -32.46 -31.18
N PHE C 48 9.29 -32.05 -30.67
CA PHE C 48 8.43 -31.07 -31.39
C PHE C 48 8.27 -29.80 -30.54
N GLU C 49 9.24 -28.89 -30.61
CA GLU C 49 9.14 -27.64 -29.84
C GLU C 49 8.38 -26.58 -30.66
N ALA C 50 7.88 -25.57 -29.95
CA ALA C 50 7.24 -24.40 -30.57
C ALA C 50 8.21 -23.80 -31.59
N GLY C 51 7.72 -23.52 -32.80
CA GLY C 51 8.52 -22.92 -33.86
C GLY C 51 9.44 -23.85 -34.62
N SER C 52 9.46 -25.14 -34.29
CA SER C 52 10.38 -26.07 -34.94
C SER C 52 9.88 -26.47 -36.31
N LYS C 53 10.83 -26.82 -37.18
CA LYS C 53 10.54 -27.45 -38.45
C LYS C 53 11.32 -28.76 -38.42
N GLU C 54 10.58 -29.87 -38.35
CA GLU C 54 11.18 -31.17 -38.01
C GLU C 54 10.97 -32.10 -39.19
N GLN C 55 11.96 -32.92 -39.52
CA GLN C 55 11.86 -33.79 -40.70
CA GLN C 55 11.92 -33.78 -40.70
C GLN C 55 11.98 -35.24 -40.30
N TYR C 56 11.23 -36.08 -41.03
CA TYR C 56 11.10 -37.52 -40.77
C TYR C 56 11.12 -38.19 -42.12
N THR C 57 11.65 -39.40 -42.16
CA THR C 57 11.64 -40.17 -43.39
C THR C 57 11.04 -41.48 -42.96
N VAL C 58 9.86 -41.80 -43.49
CA VAL C 58 9.16 -43.01 -43.10
C VAL C 58 8.82 -43.85 -44.33
N GLN C 59 8.85 -45.16 -44.16
CA GLN C 59 8.46 -46.09 -45.21
C GLN C 59 7.07 -46.61 -44.93
N GLY C 60 6.28 -46.80 -45.98
CA GLY C 60 4.97 -47.37 -45.82
C GLY C 60 4.41 -47.83 -47.14
N PHE C 61 3.20 -48.33 -47.09
CA PHE C 61 2.49 -48.71 -48.30
C PHE C 61 2.45 -47.51 -49.26
N ASP C 62 2.79 -47.75 -50.53
CA ASP C 62 2.65 -46.73 -51.57
C ASP C 62 1.18 -46.43 -51.86
N VAL C 63 0.73 -45.22 -51.54
CA VAL C 63 -0.68 -44.85 -51.76
C VAL C 63 -0.88 -44.16 -53.12
N GLY C 64 0.18 -44.03 -53.92
CA GLY C 64 0.07 -43.30 -55.20
C GLY C 64 -0.08 -41.81 -54.90
N ASP C 65 -0.88 -41.11 -55.70
CA ASP C 65 -1.06 -39.64 -55.51
C ASP C 65 -1.67 -39.39 -54.15
N ILE C 66 -1.01 -38.55 -53.34
CA ILE C 66 -1.48 -38.33 -51.98
C ILE C 66 -2.68 -37.36 -52.00
N GLN C 67 -3.77 -37.75 -51.32
CA GLN C 67 -5.00 -36.94 -51.28
C GLN C 67 -5.35 -36.24 -49.96
N LEU C 68 -4.87 -36.80 -48.85
CA LEU C 68 -5.32 -36.39 -47.53
C LEU C 68 -4.30 -36.97 -46.54
N ILE C 69 -4.09 -36.28 -45.42
CA ILE C 69 -3.30 -36.88 -44.33
C ILE C 69 -4.03 -36.71 -43.00
N GLU C 70 -3.57 -37.46 -41.99
CA GLU C 70 -4.16 -37.38 -40.68
C GLU C 70 -3.04 -37.47 -39.66
N LEU C 71 -3.13 -36.66 -38.61
CA LEU C 71 -2.16 -36.72 -37.52
C LEU C 71 -2.93 -37.29 -36.36
N HIS C 72 -2.27 -38.16 -35.59
CA HIS C 72 -2.85 -38.72 -34.37
C HIS C 72 -1.84 -38.50 -33.25
N SER C 73 -2.36 -38.05 -32.11
CA SER C 73 -1.57 -37.84 -30.91
C SER C 73 -2.11 -38.79 -29.88
N ASP C 74 -1.21 -39.47 -29.14
CA ASP C 74 -1.69 -40.35 -28.07
C ASP C 74 -2.08 -39.56 -26.81
N GLY C 75 -1.90 -38.23 -26.83
CA GLY C 75 -2.35 -37.41 -25.71
C GLY C 75 -1.35 -37.38 -24.56
N GLY C 76 -0.13 -37.88 -24.78
CA GLY C 76 0.94 -37.80 -23.79
C GLY C 76 0.93 -38.94 -22.78
N GLY C 77 2.06 -39.12 -22.10
CA GLY C 77 2.13 -40.14 -21.04
C GLY C 77 1.82 -39.53 -19.69
N TYR C 78 2.08 -40.30 -18.64
CA TYR C 78 1.92 -39.83 -17.27
C TYR C 78 2.63 -38.49 -16.98
N TRP C 79 3.82 -38.30 -17.55
CA TRP C 79 4.63 -37.09 -17.28
C TRP C 79 4.39 -35.87 -18.21
N SER C 80 3.41 -35.98 -19.11
CA SER C 80 3.14 -34.92 -20.08
C SER C 80 2.41 -33.75 -19.46
N GLY C 81 2.92 -32.54 -19.72
CA GLY C 81 2.32 -31.32 -19.19
C GLY C 81 1.19 -30.79 -20.06
N ASP C 82 1.48 -30.56 -21.34
CA ASP C 82 0.51 -29.99 -22.27
C ASP C 82 0.58 -30.71 -23.62
N PRO C 83 0.01 -31.93 -23.71
CA PRO C 83 0.12 -32.68 -24.98
C PRO C 83 -0.47 -32.03 -26.23
N ASP C 84 -1.41 -31.08 -26.07
CA ASP C 84 -1.98 -30.40 -27.24
C ASP C 84 -0.87 -29.76 -28.09
N TRP C 85 -1.03 -29.82 -29.41
CA TRP C 85 0.03 -29.49 -30.35
C TRP C 85 -0.51 -28.57 -31.41
N PHE C 86 0.11 -27.39 -31.56
CA PHE C 86 -0.35 -26.45 -32.57
C PHE C 86 0.51 -26.53 -33.83
N VAL C 87 -0.10 -27.04 -34.90
CA VAL C 87 0.67 -27.31 -36.11
C VAL C 87 0.35 -26.25 -37.12
N ASN C 88 1.40 -25.68 -37.75
CA ASN C 88 1.24 -24.74 -38.82
C ASN C 88 0.94 -25.45 -40.12
N ARG C 89 1.82 -26.38 -40.50
CA ARG C 89 1.78 -26.94 -41.84
C ARG C 89 2.54 -28.29 -41.82
N VAL C 90 2.13 -29.18 -42.71
CA VAL C 90 2.90 -30.43 -42.97
C VAL C 90 3.19 -30.45 -44.45
N ILE C 91 4.42 -30.80 -44.80
CA ILE C 91 4.82 -30.92 -46.22
C ILE C 91 5.34 -32.35 -46.46
N ILE C 92 4.84 -32.99 -47.50
CA ILE C 92 5.17 -34.39 -47.80
C ILE C 92 5.68 -34.55 -49.22
N ILE C 93 6.76 -35.32 -49.36
CA ILE C 93 7.22 -35.78 -50.63
C ILE C 93 7.18 -37.32 -50.58
N SER C 94 6.48 -37.91 -51.55
CA SER C 94 6.50 -39.36 -51.79
C SER C 94 7.57 -39.71 -52.81
N SER C 95 8.32 -40.78 -52.54
CA SER C 95 9.32 -41.29 -53.50
C SER C 95 8.69 -41.76 -54.82
N THR C 96 7.38 -42.00 -54.86
CA THR C 96 6.74 -42.45 -56.12
C THR C 96 6.00 -41.34 -56.88
N GLN C 97 6.01 -40.12 -56.35
CA GLN C 97 5.21 -39.04 -56.95
C GLN C 97 6.12 -37.85 -57.18
N ASP C 98 6.01 -37.23 -58.33
CA ASP C 98 6.84 -36.09 -58.67
C ASP C 98 6.07 -34.81 -58.28
N ARG C 99 5.90 -34.60 -56.98
CA ARG C 99 5.04 -33.56 -56.42
C ARG C 99 5.56 -33.19 -55.04
N VAL C 100 5.25 -31.98 -54.61
CA VAL C 100 5.42 -31.61 -53.24
C VAL C 100 4.02 -31.32 -52.74
N TYR C 101 3.58 -32.03 -51.69
CA TYR C 101 2.24 -31.84 -51.19
C TYR C 101 2.29 -30.98 -49.95
N SER C 102 1.47 -29.93 -49.90
CA SER C 102 1.44 -29.01 -48.77
C SER C 102 0.11 -29.05 -48.05
N PHE C 103 0.15 -29.27 -46.74
CA PHE C 103 -1.04 -29.35 -45.90
C PHE C 103 -1.06 -28.29 -44.78
N PRO C 104 -1.60 -27.10 -45.07
CA PRO C 104 -1.73 -26.12 -43.97
C PRO C 104 -2.72 -26.56 -42.89
N CYS C 105 -2.47 -26.17 -41.64
CA CYS C 105 -3.36 -26.56 -40.59
C CYS C 105 -3.72 -25.28 -39.83
N PHE C 106 -2.76 -24.76 -39.05
CA PHE C 106 -3.01 -23.59 -38.17
C PHE C 106 -4.18 -23.82 -37.18
N ARG C 107 -4.21 -25.01 -36.59
CA ARG C 107 -5.17 -25.43 -35.56
C ARG C 107 -4.47 -26.33 -34.55
N TRP C 108 -5.10 -26.50 -33.39
CA TRP C 108 -4.60 -27.39 -32.37
C TRP C 108 -4.92 -28.83 -32.68
N VAL C 109 -3.89 -29.67 -32.61
CA VAL C 109 -4.07 -31.13 -32.68
C VAL C 109 -4.23 -31.66 -31.28
N ILE C 110 -5.42 -32.17 -30.98
CA ILE C 110 -5.75 -32.71 -29.66
C ILE C 110 -5.57 -34.23 -29.65
N LYS C 111 -6.37 -34.93 -30.45
CA LYS C 111 -6.13 -36.35 -30.62
C LYS C 111 -5.99 -36.72 -32.08
N ASP C 112 -6.91 -36.25 -32.91
CA ASP C 112 -6.88 -36.59 -34.34
C ASP C 112 -7.11 -35.34 -35.13
N MET C 113 -6.42 -35.22 -36.26
CA MET C 113 -6.58 -34.09 -37.17
C MET C 113 -6.45 -34.55 -38.64
N VAL C 114 -7.51 -34.35 -39.42
CA VAL C 114 -7.45 -34.57 -40.86
C VAL C 114 -6.98 -33.27 -41.54
N LEU C 115 -6.01 -33.38 -42.43
CA LEU C 115 -5.53 -32.24 -43.17
C LEU C 115 -5.71 -32.41 -44.66
N PHE C 116 -6.29 -31.37 -45.23
CA PHE C 116 -6.57 -31.29 -46.65
C PHE C 116 -5.41 -30.59 -47.38
N PRO C 117 -5.20 -30.91 -48.66
CA PRO C 117 -3.94 -30.67 -49.38
C PRO C 117 -4.04 -29.61 -50.46
N GLY C 118 -3.13 -28.63 -50.45
CA GLY C 118 -3.14 -27.53 -51.43
C GLY C 118 -4.15 -26.38 -51.22
N GLU C 119 -4.76 -26.03 -52.32
CA GLU C 119 -5.55 -24.86 -52.41
C GLU C 119 -6.90 -25.07 -51.77
N ALA C 120 -7.50 -23.95 -51.37
CA ALA C 120 -8.85 -23.93 -50.83
C ALA C 120 -9.83 -24.35 -51.92
N THR C 121 -10.91 -25.01 -51.49
CA THR C 121 -11.97 -25.44 -52.39
C THR C 121 -13.37 -25.14 -51.86
N LEU C 122 -14.26 -24.87 -52.81
CA LEU C 122 -15.71 -24.90 -52.54
C LEU C 122 -16.21 -26.35 -52.52
N PRO C 123 -17.28 -26.64 -51.74
CA PRO C 123 -17.73 -28.03 -51.54
C PRO C 123 -18.05 -28.80 -52.83
N PHE C 124 -18.38 -28.10 -53.90
CA PHE C 124 -18.77 -28.75 -55.15
C PHE C 124 -17.60 -28.91 -56.10
N ASN C 125 -16.45 -28.32 -55.75
CA ASN C 125 -15.21 -28.49 -56.53
C ASN C 125 -14.83 -29.98 -56.59
N GLU C 126 -14.33 -30.42 -57.75
CA GLU C 126 -14.08 -31.84 -58.03
C GLU C 126 -12.96 -32.38 -57.15
N VAL C 127 -13.27 -33.37 -56.36
CA VAL C 127 -12.37 -33.83 -55.31
C VAL C 127 -12.52 -35.36 -55.14
N PRO C 128 -11.46 -36.09 -54.71
CA PRO C 128 -11.67 -37.54 -54.47
C PRO C 128 -12.79 -37.81 -53.50
N ALA C 129 -13.46 -38.95 -53.66
CA ALA C 129 -14.60 -39.31 -52.78
C ALA C 129 -14.25 -39.24 -51.30
N ILE C 130 -13.06 -39.73 -50.95
CA ILE C 130 -12.65 -39.75 -49.55
C ILE C 130 -12.49 -38.32 -48.98
N VAL C 131 -12.07 -37.39 -49.84
CA VAL C 131 -11.91 -35.98 -49.44
C VAL C 131 -13.30 -35.38 -49.17
N SER C 132 -14.26 -35.61 -50.09
CA SER C 132 -15.62 -35.12 -49.87
C SER C 132 -16.22 -35.70 -48.60
N GLU C 133 -16.01 -36.99 -48.37
CA GLU C 133 -16.52 -37.65 -47.18
C GLU C 133 -15.93 -37.11 -45.88
N GLN C 134 -14.63 -36.88 -45.87
CA GLN C 134 -14.01 -36.34 -44.66
C GLN C 134 -14.43 -34.86 -44.43
N ARG C 135 -14.62 -34.12 -45.50
CA ARG C 135 -15.12 -32.71 -45.38
C ARG C 135 -16.50 -32.70 -44.70
N GLN C 136 -17.36 -33.64 -45.09
CA GLN C 136 -18.68 -33.73 -44.50
C GLN C 136 -18.60 -34.10 -43.03
N LYS C 137 -17.73 -35.07 -42.73
CA LYS C 137 -17.56 -35.53 -41.38
C LYS C 137 -17.00 -34.38 -40.50
N GLU C 138 -16.11 -33.58 -41.07
CA GLU C 138 -15.55 -32.43 -40.35
C GLU C 138 -16.70 -31.49 -39.94
N LEU C 139 -17.58 -31.17 -40.89
CA LEU C 139 -18.70 -30.29 -40.60
C LEU C 139 -19.71 -30.89 -39.64
N GLU C 140 -19.86 -32.20 -39.61
CA GLU C 140 -20.78 -32.80 -38.68
C GLU C 140 -20.22 -32.69 -37.29
N GLN C 141 -18.91 -32.88 -37.15
CA GLN C 141 -18.26 -32.74 -35.87
C GLN C 141 -18.27 -31.28 -35.40
N ARG C 142 -18.04 -30.35 -36.32
CA ARG C 142 -18.13 -28.90 -36.00
C ARG C 142 -19.44 -28.52 -35.30
N LYS C 143 -20.56 -29.02 -35.85
CA LYS C 143 -21.90 -28.73 -35.28
C LYS C 143 -22.15 -29.30 -33.88
N LEU C 144 -21.39 -30.34 -33.52
CA LEU C 144 -21.48 -30.93 -32.20
C LEU C 144 -20.64 -30.13 -31.23
N THR C 145 -19.50 -29.67 -31.73
CA THR C 145 -18.55 -28.90 -30.93
C THR C 145 -19.00 -27.45 -30.72
N TYR C 146 -19.53 -26.85 -31.79
CA TYR C 146 -19.88 -25.43 -31.81
C TYR C 146 -21.41 -25.25 -31.80
N GLN C 147 -21.97 -25.03 -30.62
CA GLN C 147 -23.43 -24.97 -30.48
C GLN C 147 -23.93 -23.57 -30.11
N TRP C 148 -25.16 -23.24 -30.55
CA TRP C 148 -25.85 -21.98 -30.16
C TRP C 148 -26.29 -21.98 -28.71
N ASP C 149 -26.24 -20.81 -28.08
CA ASP C 149 -26.84 -20.60 -26.78
C ASP C 149 -27.30 -19.13 -26.78
N TYR C 150 -28.13 -18.76 -25.82
CA TYR C 150 -28.78 -17.44 -25.84
C TYR C 150 -28.92 -16.91 -24.43
N VAL C 151 -28.59 -15.64 -24.26
CA VAL C 151 -28.83 -14.94 -23.00
C VAL C 151 -30.36 -14.79 -22.80
N SER C 152 -31.09 -14.58 -23.89
CA SER C 152 -32.55 -14.38 -23.86
C SER C 152 -33.06 -14.39 -25.29
N ASP C 153 -34.39 -14.32 -25.45
CA ASP C 153 -35.03 -14.26 -26.77
C ASP C 153 -34.65 -13.00 -27.50
N ASP C 154 -34.17 -12.01 -26.77
CA ASP C 154 -33.90 -10.69 -27.32
C ASP C 154 -32.39 -10.35 -27.44
N MET C 155 -31.56 -11.39 -27.47
CA MET C 155 -30.11 -11.21 -27.68
C MET C 155 -29.61 -12.08 -28.85
N PRO C 156 -28.52 -11.66 -29.52
CA PRO C 156 -27.96 -12.47 -30.62
C PRO C 156 -27.36 -13.79 -30.06
N GLY C 157 -27.33 -14.84 -30.89
CA GLY C 157 -26.87 -16.15 -30.43
C GLY C 157 -25.39 -16.09 -30.05
N ASN C 158 -25.02 -16.79 -28.99
CA ASN C 158 -23.60 -16.89 -28.61
C ASN C 158 -23.16 -18.35 -28.57
N ILE C 159 -21.86 -18.59 -28.40
CA ILE C 159 -21.38 -20.00 -28.32
C ILE C 159 -21.78 -20.59 -26.99
N LYS C 160 -22.18 -21.85 -27.00
CA LYS C 160 -22.48 -22.55 -25.75
C LYS C 160 -21.18 -22.94 -25.03
N ALA C 161 -20.97 -22.44 -23.82
CA ALA C 161 -19.73 -22.66 -23.06
C ALA C 161 -19.87 -21.99 -21.70
N LYS C 162 -19.77 -22.78 -20.64
CA LYS C 162 -19.90 -22.27 -19.29
C LYS C 162 -18.73 -21.32 -18.93
N THR C 163 -17.50 -21.72 -19.25
CA THR C 163 -16.32 -20.90 -19.00
C THR C 163 -15.36 -20.95 -20.19
N HIS C 164 -14.35 -20.08 -20.17
CA HIS C 164 -13.36 -20.04 -21.22
C HIS C 164 -12.69 -21.40 -21.43
N ASP C 165 -12.42 -22.12 -20.35
CA ASP C 165 -11.72 -23.39 -20.52
C ASP C 165 -12.61 -24.52 -21.04
N ASP C 166 -13.93 -24.30 -21.12
CA ASP C 166 -14.86 -25.20 -21.82
C ASP C 166 -14.84 -25.00 -23.33
N LEU C 167 -14.21 -23.92 -23.79
CA LEU C 167 -14.17 -23.66 -25.22
C LEU C 167 -13.17 -24.60 -25.89
N PRO C 168 -13.45 -24.96 -27.18
CA PRO C 168 -12.44 -25.62 -27.99
C PRO C 168 -11.15 -24.79 -27.98
N ARG C 169 -9.99 -25.45 -27.96
CA ARG C 169 -8.74 -24.71 -27.89
C ARG C 169 -8.55 -23.76 -29.06
N ASP C 170 -9.09 -24.13 -30.24
CA ASP C 170 -8.97 -23.30 -31.42
C ASP C 170 -9.59 -21.91 -31.24
N VAL C 171 -10.54 -21.79 -30.32
CA VAL C 171 -11.18 -20.51 -30.11
C VAL C 171 -10.91 -19.91 -28.73
N GLN C 172 -10.04 -20.56 -27.95
CA GLN C 172 -9.62 -19.97 -26.68
C GLN C 172 -8.63 -18.86 -26.97
N PHE C 173 -8.44 -17.96 -26.02
CA PHE C 173 -7.25 -17.10 -26.05
C PHE C 173 -6.00 -17.94 -26.18
N THR C 174 -5.02 -17.45 -26.96
CA THR C 174 -3.64 -17.96 -26.89
C THR C 174 -3.22 -17.81 -25.43
N ASP C 175 -2.23 -18.58 -24.98
CA ASP C 175 -1.69 -18.39 -23.63
C ASP C 175 -1.13 -16.97 -23.43
N GLU C 176 -0.58 -16.40 -24.49
CA GLU C 176 -0.10 -15.02 -24.45
C GLU C 176 -1.24 -14.03 -24.13
N LYS C 177 -2.38 -14.18 -24.82
CA LYS C 177 -3.55 -13.33 -24.52
C LYS C 177 -4.15 -13.56 -23.14
N SER C 178 -4.19 -14.82 -22.69
CA SER C 178 -4.66 -15.10 -21.31
C SER C 178 -3.77 -14.41 -20.30
N ARG C 179 -2.45 -14.46 -20.51
CA ARG C 179 -1.54 -13.81 -19.57
C ARG C 179 -1.75 -12.30 -19.63
N SER C 180 -1.83 -11.75 -20.87
CA SER C 180 -2.03 -10.30 -21.00
C SER C 180 -3.27 -9.87 -20.22
N TYR C 181 -4.37 -10.59 -20.43
CA TYR C 181 -5.64 -10.32 -19.77
C TYR C 181 -5.52 -10.49 -18.25
N GLN C 182 -5.00 -11.63 -17.80
CA GLN C 182 -4.94 -11.87 -16.34
C GLN C 182 -4.00 -10.89 -15.62
N GLU C 183 -2.87 -10.59 -16.23
CA GLU C 183 -1.95 -9.62 -15.65
C GLU C 183 -2.57 -8.22 -15.61
N SER C 184 -3.37 -7.89 -16.62
CA SER C 184 -4.01 -6.60 -16.62
C SER C 184 -5.04 -6.52 -15.47
N ARG C 185 -5.70 -7.64 -15.17
CA ARG C 185 -6.65 -7.69 -14.06
C ARG C 185 -5.93 -7.52 -12.73
N LYS C 186 -4.78 -8.16 -12.60
CA LYS C 186 -3.95 -8.02 -11.41
C LYS C 186 -3.41 -6.60 -11.25
N ALA C 187 -2.80 -6.07 -12.30
CA ALA C 187 -2.30 -4.69 -12.27
C ALA C 187 -3.41 -3.71 -11.90
N ALA C 188 -4.61 -3.93 -12.44
CA ALA C 188 -5.75 -3.03 -12.17
C ALA C 188 -6.06 -3.04 -10.69
N LEU C 189 -6.12 -4.22 -10.09
CA LEU C 189 -6.40 -4.34 -8.64
C LEU C 189 -5.31 -3.67 -7.79
N VAL C 190 -4.06 -3.83 -8.20
CA VAL C 190 -2.94 -3.21 -7.46
C VAL C 190 -2.97 -1.67 -7.58
N ASN C 191 -3.15 -1.18 -8.81
CA ASN C 191 -3.27 0.27 -9.02
C ASN C 191 -4.45 0.89 -8.27
N LEU C 192 -5.57 0.17 -8.24
CA LEU C 192 -6.76 0.61 -7.50
C LEU C 192 -6.48 0.67 -6.00
N GLY C 193 -5.82 -0.37 -5.49
CA GLY C 193 -5.49 -0.45 -4.06
C GLY C 193 -4.50 0.60 -3.64
N ILE C 194 -3.46 0.81 -4.45
CA ILE C 194 -2.49 1.91 -4.19
C ILE C 194 -3.17 3.29 -4.28
N GLY C 195 -3.94 3.53 -5.34
CA GLY C 195 -4.65 4.80 -5.49
C GLY C 195 -5.65 5.00 -4.34
N SER C 196 -6.29 3.92 -3.92
CA SER C 196 -7.26 3.99 -2.81
C SER C 196 -6.57 4.45 -1.50
N LEU C 197 -5.42 3.87 -1.20
CA LEU C 197 -4.66 4.28 -0.01
C LEU C 197 -4.18 5.73 -0.11
N PHE C 198 -3.72 6.11 -1.31
CA PHE C 198 -3.19 7.45 -1.48
C PHE C 198 -4.27 8.54 -1.33
N THR C 199 -5.45 8.30 -1.90
CA THR C 199 -6.54 9.31 -1.91
C THR C 199 -7.57 9.11 -0.80
N MET C 200 -7.32 8.14 0.08
CA MET C 200 -8.33 7.68 1.04
C MET C 200 -9.02 8.83 1.79
N PHE C 201 -8.25 9.80 2.26
CA PHE C 201 -8.84 10.83 3.12
C PHE C 201 -8.98 12.18 2.42
N GLU C 202 -8.97 12.16 1.08
CA GLU C 202 -9.16 13.40 0.32
C GLU C 202 -10.63 13.71 0.13
N ASN C 203 -10.96 14.99 0.29
CA ASN C 203 -12.29 15.43 -0.08
C ASN C 203 -12.09 16.15 -1.40
N TRP C 204 -12.76 15.73 -2.45
CA TRP C 204 -12.55 16.43 -3.69
C TRP C 204 -13.37 17.68 -3.82
N ASP C 205 -12.73 18.79 -4.16
CA ASP C 205 -13.45 20.03 -4.27
C ASP C 205 -13.20 20.71 -5.62
N SER C 206 -12.58 19.97 -6.53
CA SER C 206 -12.37 20.52 -7.86
C SER C 206 -12.42 19.44 -8.91
N TYR C 207 -12.69 19.84 -10.15
CA TYR C 207 -12.57 18.90 -11.27
C TYR C 207 -11.15 18.35 -11.38
N ASP C 208 -10.16 19.19 -11.13
CA ASP C 208 -8.77 18.81 -11.29
C ASP C 208 -8.28 17.72 -10.30
N ASP C 209 -9.01 17.55 -9.20
CA ASP C 209 -8.79 16.40 -8.31
C ASP C 209 -8.89 15.05 -9.03
N TYR C 210 -9.67 14.98 -10.12
CA TYR C 210 -9.78 13.72 -10.86
C TYR C 210 -8.53 13.33 -11.64
N HIS C 211 -7.63 14.26 -11.89
CA HIS C 211 -6.45 13.96 -12.68
C HIS C 211 -5.59 12.94 -11.98
N ILE C 212 -5.66 12.90 -10.64
CA ILE C 212 -4.84 11.96 -9.91
C ILE C 212 -5.12 10.53 -10.29
N LEU C 213 -6.35 10.24 -10.75
CA LEU C 213 -6.82 8.86 -10.86
C LEU C 213 -6.22 8.09 -12.03
N TYR C 214 -5.64 8.79 -13.01
CA TYR C 214 -4.95 8.10 -14.10
C TYR C 214 -3.44 8.16 -13.91
N ARG C 215 -3.00 8.83 -12.83
CA ARG C 215 -1.59 9.13 -12.68
C ARG C 215 -0.73 7.90 -12.48
N ASN C 216 -1.20 6.95 -11.70
CA ASN C 216 -0.45 5.72 -11.42
C ASN C 216 -0.79 4.54 -12.34
N TRP C 217 -1.27 4.83 -13.55
CA TRP C 217 -1.64 3.81 -14.53
C TRP C 217 -0.80 4.01 -15.77
N ILE C 218 -0.44 2.91 -16.40
CA ILE C 218 0.31 2.94 -17.64
C ILE C 218 -0.74 2.91 -18.75
N LEU C 219 -1.00 4.07 -19.38
CA LEU C 219 -2.16 4.20 -20.28
C LEU C 219 -1.99 4.35 -21.83
N GLY C 220 -0.82 4.49 -22.43
CA GLY C 220 0.37 5.07 -21.90
C GLY C 220 0.34 6.45 -22.55
N GLY C 221 0.29 7.46 -21.71
CA GLY C 221 0.17 8.83 -22.13
C GLY C 221 -1.07 9.35 -21.41
N THR C 222 -0.93 10.55 -20.84
CA THR C 222 -2.07 11.30 -20.34
C THR C 222 -3.20 11.29 -21.39
N PRO C 223 -4.44 11.04 -20.93
CA PRO C 223 -5.63 11.14 -21.79
C PRO C 223 -5.59 12.47 -22.56
N ASN C 224 -5.74 12.42 -23.88
CA ASN C 224 -5.45 13.60 -24.67
C ASN C 224 -6.55 14.67 -24.56
N MET C 225 -7.60 14.35 -23.82
CA MET C 225 -8.64 15.35 -23.49
C MET C 225 -8.48 15.94 -22.07
N ALA C 226 -7.45 15.50 -21.34
CA ALA C 226 -7.31 15.91 -19.95
C ALA C 226 -7.17 17.45 -19.80
N ASP C 227 -6.48 18.08 -20.76
CA ASP C 227 -6.18 19.51 -20.71
C ASP C 227 -7.25 20.39 -21.35
N ARG C 228 -8.28 19.79 -21.93
CA ARG C 228 -9.21 20.56 -22.75
C ARG C 228 -10.65 20.11 -22.67
N TRP C 229 -10.95 19.15 -21.78
CA TRP C 229 -12.29 18.57 -21.66
C TRP C 229 -13.38 19.64 -21.46
N HIS C 230 -13.01 20.76 -20.84
CA HIS C 230 -13.99 21.73 -20.37
C HIS C 230 -14.37 22.72 -21.46
N GLU C 231 -13.67 22.69 -22.62
CA GLU C 231 -13.89 23.64 -23.71
C GLU C 231 -14.96 23.10 -24.67
N ASP C 232 -15.95 23.93 -24.98
CA ASP C 232 -17.04 23.51 -25.87
C ASP C 232 -16.49 22.94 -27.18
N ARG C 233 -15.50 23.58 -27.79
CA ARG C 233 -14.92 23.04 -29.05
C ARG C 233 -14.49 21.57 -28.90
N TRP C 234 -13.85 21.25 -27.77
CA TRP C 234 -13.27 19.90 -27.60
C TRP C 234 -14.34 18.93 -27.10
N PHE C 235 -15.34 19.43 -26.37
CA PHE C 235 -16.54 18.64 -26.10
C PHE C 235 -17.17 18.21 -27.44
N GLY C 236 -17.38 19.16 -28.35
CA GLY C 236 -18.04 18.87 -29.65
C GLY C 236 -17.21 17.94 -30.49
N TYR C 237 -15.91 18.17 -30.50
CA TYR C 237 -14.97 17.40 -31.32
C TYR C 237 -15.15 15.90 -31.12
N GLN C 238 -15.38 15.51 -29.86
CA GLN C 238 -15.44 14.08 -29.51
C GLN C 238 -16.67 13.31 -30.03
N PHE C 239 -17.68 14.04 -30.48
CA PHE C 239 -18.80 13.40 -31.15
C PHE C 239 -18.44 12.94 -32.56
N LEU C 240 -17.30 13.40 -33.07
CA LEU C 240 -16.74 12.99 -34.36
C LEU C 240 -15.59 12.01 -34.17
N ASN C 241 -14.74 12.29 -33.18
CA ASN C 241 -13.40 11.67 -33.11
C ASN C 241 -13.09 11.01 -31.77
N GLY C 242 -14.10 10.90 -30.90
CA GLY C 242 -13.99 10.24 -29.58
C GLY C 242 -14.48 8.80 -29.70
N ALA C 243 -14.89 8.21 -28.58
CA ALA C 243 -15.16 6.76 -28.53
C ALA C 243 -16.48 6.35 -29.19
N ASN C 244 -17.42 7.31 -29.35
CA ASN C 244 -18.80 7.01 -29.77
C ASN C 244 -19.17 7.80 -31.02
N PRO C 245 -18.39 7.68 -32.11
CA PRO C 245 -18.63 8.59 -33.26
C PRO C 245 -19.82 8.17 -34.15
N VAL C 246 -20.84 7.56 -33.55
CA VAL C 246 -21.82 6.76 -34.35
C VAL C 246 -23.24 7.32 -34.30
N ILE C 247 -23.48 8.29 -33.40
CA ILE C 247 -24.86 8.73 -33.17
C ILE C 247 -25.18 10.10 -33.79
N LEU C 248 -24.16 10.94 -33.99
CA LEU C 248 -24.41 12.29 -34.48
C LEU C 248 -25.07 12.17 -35.86
N THR C 249 -26.13 12.94 -36.12
CA THR C 249 -26.72 12.93 -37.48
C THR C 249 -26.96 14.36 -37.93
N ARG C 250 -27.06 14.58 -39.25
CA ARG C 250 -27.46 15.88 -39.80
CA ARG C 250 -27.45 15.90 -39.76
C ARG C 250 -28.89 16.20 -39.36
N CYS C 251 -29.14 17.41 -38.87
CA CYS C 251 -30.46 17.80 -38.44
C CYS C 251 -31.13 18.50 -39.61
N ASP C 252 -32.22 17.90 -40.10
CA ASP C 252 -32.99 18.42 -41.21
C ASP C 252 -34.13 19.32 -40.70
N ALA C 253 -34.42 19.22 -39.41
CA ALA C 253 -35.44 20.02 -38.73
C ALA C 253 -35.40 19.66 -37.26
N LEU C 254 -35.74 20.59 -36.37
CA LEU C 254 -35.74 20.21 -34.95
C LEU C 254 -36.88 19.22 -34.66
N PRO C 255 -36.61 18.19 -33.84
CA PRO C 255 -37.67 17.32 -33.38
C PRO C 255 -38.71 18.14 -32.63
N SER C 256 -39.95 17.69 -32.73
CA SER C 256 -41.09 18.41 -32.14
C SER C 256 -40.90 18.55 -30.62
N ASN C 257 -40.26 17.56 -30.00
CA ASN C 257 -40.01 17.54 -28.55
C ASN C 257 -38.71 18.22 -28.10
N PHE C 258 -38.07 18.92 -29.03
CA PHE C 258 -36.79 19.63 -28.75
C PHE C 258 -36.93 21.02 -29.33
N PRO C 259 -37.68 21.90 -28.61
CA PRO C 259 -38.15 23.16 -29.20
C PRO C 259 -37.10 24.28 -29.15
N VAL C 260 -35.97 24.04 -29.83
CA VAL C 260 -34.86 25.00 -29.89
C VAL C 260 -35.24 26.05 -30.94
N THR C 261 -35.10 27.33 -30.59
CA THR C 261 -35.41 28.37 -31.55
C THR C 261 -34.16 29.12 -31.95
N ASN C 262 -34.29 29.99 -32.96
CA ASN C 262 -33.18 30.92 -33.27
C ASN C 262 -32.78 31.77 -32.06
N GLU C 263 -33.76 32.16 -31.25
CA GLU C 263 -33.46 32.92 -30.04
C GLU C 263 -32.50 32.22 -29.06
N HIS C 264 -32.71 30.91 -28.88
CA HIS C 264 -31.90 30.11 -27.96
C HIS C 264 -30.45 30.10 -28.38
N VAL C 265 -30.18 30.02 -29.69
CA VAL C 265 -28.81 29.70 -30.15
C VAL C 265 -28.13 30.77 -31.00
N ASN C 266 -28.82 31.89 -31.21
CA ASN C 266 -28.30 32.87 -32.17
C ASN C 266 -26.89 33.32 -31.84
N ALA C 267 -26.59 33.45 -30.55
CA ALA C 267 -25.24 33.93 -30.11
C ALA C 267 -24.12 32.94 -30.44
N SER C 268 -24.49 31.69 -30.77
CA SER C 268 -23.50 30.67 -31.15
C SER C 268 -23.25 30.61 -32.65
N LEU C 269 -24.13 31.21 -33.45
CA LEU C 269 -24.04 31.05 -34.89
C LEU C 269 -23.07 32.13 -35.40
N ASP C 270 -22.26 31.84 -36.42
CA ASP C 270 -21.20 32.79 -36.78
C ASP C 270 -20.88 32.88 -38.24
N ARG C 271 -21.79 32.38 -39.07
CA ARG C 271 -21.59 32.42 -40.52
C ARG C 271 -22.47 33.46 -41.21
N GLY C 272 -23.13 34.31 -40.43
CA GLY C 272 -24.06 35.32 -40.95
C GLY C 272 -25.51 34.88 -41.20
N LYS C 273 -25.88 33.67 -40.78
CA LYS C 273 -27.20 33.09 -41.02
C LYS C 273 -27.87 32.67 -39.73
N ASN C 274 -29.20 32.60 -39.74
CA ASN C 274 -29.93 32.18 -38.55
CA ASN C 274 -29.92 32.19 -38.55
C ASN C 274 -30.09 30.66 -38.52
N LEU C 275 -30.66 30.14 -37.45
CA LEU C 275 -30.79 28.68 -37.27
C LEU C 275 -31.45 27.98 -38.46
N ASP C 276 -32.58 28.49 -38.95
CA ASP C 276 -33.27 27.78 -40.02
CA ASP C 276 -33.31 27.82 -40.05
C ASP C 276 -32.43 27.69 -41.27
N GLU C 277 -31.64 28.73 -41.51
CA GLU C 277 -30.79 28.77 -42.69
C GLU C 277 -29.60 27.82 -42.52
N GLU C 278 -29.08 27.75 -41.30
CA GLU C 278 -27.95 26.85 -41.05
C GLU C 278 -28.40 25.40 -41.16
N ILE C 279 -29.60 25.13 -40.67
CA ILE C 279 -30.18 23.78 -40.88
C ILE C 279 -30.18 23.42 -42.39
N LYS C 280 -30.69 24.34 -43.20
CA LYS C 280 -30.77 24.08 -44.63
C LYS C 280 -29.39 23.99 -45.26
N ASP C 281 -28.43 24.72 -44.71
CA ASP C 281 -27.06 24.69 -45.23
C ASP C 281 -26.27 23.45 -44.82
N GLY C 282 -26.83 22.61 -43.95
CA GLY C 282 -26.14 21.36 -43.56
C GLY C 282 -25.05 21.57 -42.51
N HIS C 283 -25.20 22.62 -41.70
CA HIS C 283 -24.24 22.89 -40.66
C HIS C 283 -24.76 22.55 -39.26
N ILE C 284 -25.98 22.03 -39.16
CA ILE C 284 -26.59 21.70 -37.87
C ILE C 284 -26.73 20.17 -37.75
N TYR C 285 -26.22 19.63 -36.64
CA TYR C 285 -26.15 18.18 -36.36
C TYR C 285 -26.81 17.96 -34.99
N ILE C 286 -27.18 16.71 -34.72
CA ILE C 286 -27.98 16.41 -33.54
C ILE C 286 -27.68 15.01 -33.05
N VAL C 287 -27.82 14.81 -31.73
CA VAL C 287 -27.81 13.50 -31.15
C VAL C 287 -29.13 13.35 -30.39
N ASP C 288 -29.73 12.18 -30.50
CA ASP C 288 -30.95 11.88 -29.79
C ASP C 288 -30.84 10.53 -29.10
N PHE C 289 -30.74 10.58 -27.75
CA PHE C 289 -30.57 9.38 -26.94
C PHE C 289 -31.88 8.78 -26.43
N LYS C 290 -32.93 8.94 -27.23
CA LYS C 290 -34.28 8.46 -26.94
C LYS C 290 -34.30 6.99 -26.52
N VAL C 291 -33.41 6.17 -27.09
CA VAL C 291 -33.37 4.76 -26.73
C VAL C 291 -33.21 4.48 -25.22
N LEU C 292 -32.63 5.43 -24.48
CA LEU C 292 -32.40 5.27 -23.06
C LEU C 292 -33.65 5.47 -22.19
N VAL C 293 -34.73 6.00 -22.77
CA VAL C 293 -36.03 6.10 -22.01
C VAL C 293 -36.39 4.73 -21.49
N GLY C 294 -36.76 4.68 -20.21
CA GLY C 294 -37.18 3.44 -19.59
C GLY C 294 -36.01 2.70 -18.96
N ALA C 295 -34.77 3.20 -19.15
CA ALA C 295 -33.60 2.48 -18.62
C ALA C 295 -33.62 2.42 -17.11
N LYS C 296 -33.24 1.26 -16.57
CA LYS C 296 -33.26 1.04 -15.14
C LYS C 296 -31.84 1.08 -14.62
N SER C 297 -31.60 2.05 -13.75
CA SER C 297 -30.28 2.25 -13.19
C SER C 297 -30.08 1.64 -11.80
N TYR C 298 -28.82 1.44 -11.46
CA TYR C 298 -28.46 0.81 -10.19
C TYR C 298 -29.14 1.53 -9.02
N GLY C 299 -29.81 0.77 -8.16
CA GLY C 299 -30.44 1.36 -6.97
C GLY C 299 -31.93 1.59 -7.15
N GLY C 300 -32.41 1.42 -8.37
CA GLY C 300 -33.85 1.42 -8.67
C GLY C 300 -34.49 2.51 -9.56
N PRO C 301 -33.80 3.65 -9.80
CA PRO C 301 -34.48 4.63 -10.69
C PRO C 301 -34.82 4.09 -12.08
N VAL C 302 -36.01 4.43 -12.58
CA VAL C 302 -36.40 4.12 -13.93
C VAL C 302 -36.61 5.43 -14.69
N LEU C 303 -35.89 5.57 -15.79
CA LEU C 303 -35.97 6.79 -16.60
C LEU C 303 -37.28 6.93 -17.39
N GLU C 304 -37.92 8.10 -17.24
CA GLU C 304 -39.14 8.40 -18.00
C GLU C 304 -38.87 9.52 -19.01
N ASP C 305 -39.84 9.78 -19.88
CA ASP C 305 -39.72 10.88 -20.85
CA ASP C 305 -39.74 10.88 -20.84
C ASP C 305 -39.47 12.22 -20.15
N ILE C 306 -40.05 12.40 -18.96
CA ILE C 306 -39.85 13.66 -18.21
C ILE C 306 -38.54 13.66 -17.37
N GLY C 307 -37.87 12.51 -17.31
CA GLY C 307 -36.74 12.36 -16.39
C GLY C 307 -37.08 11.38 -15.28
N TYR C 308 -37.04 11.86 -14.04
CA TYR C 308 -37.31 11.04 -12.84
C TYR C 308 -38.35 11.72 -11.94
N LYS C 309 -39.21 10.89 -11.34
CA LYS C 309 -40.34 11.37 -10.54
C LYS C 309 -39.89 11.96 -9.21
N ALA C 319 -26.59 5.58 0.13
CA ALA C 319 -26.95 4.48 -0.76
C ALA C 319 -26.39 4.71 -2.16
N ASP C 320 -26.07 3.60 -2.82
CA ASP C 320 -25.62 3.61 -4.20
C ASP C 320 -26.83 3.70 -5.15
N ILE C 321 -27.21 4.93 -5.50
CA ILE C 321 -28.33 5.19 -6.40
C ILE C 321 -27.77 6.00 -7.58
N ARG C 322 -28.03 5.50 -8.80
CA ARG C 322 -27.42 6.05 -10.02
C ARG C 322 -28.49 6.52 -10.98
N TYR C 323 -28.10 7.46 -11.85
CA TYR C 323 -29.06 8.10 -12.74
C TYR C 323 -28.50 8.15 -14.17
N CYS C 324 -29.40 8.10 -15.14
CA CYS C 324 -29.00 8.29 -16.52
C CYS C 324 -29.93 9.36 -17.14
N ALA C 325 -29.92 9.50 -18.47
CA ALA C 325 -30.76 10.49 -19.12
C ALA C 325 -30.98 10.03 -20.57
N ALA C 326 -31.99 10.59 -21.21
CA ALA C 326 -32.21 10.36 -22.66
C ALA C 326 -32.23 11.75 -23.32
N PRO C 327 -31.07 12.38 -23.42
CA PRO C 327 -31.04 13.78 -23.88
C PRO C 327 -31.13 13.96 -25.40
N LEU C 328 -31.46 15.17 -25.80
CA LEU C 328 -31.15 15.61 -27.16
C LEU C 328 -30.11 16.71 -27.10
N ALA C 329 -29.26 16.77 -28.12
CA ALA C 329 -28.27 17.89 -28.15
C ALA C 329 -28.05 18.35 -29.56
N LEU C 330 -27.96 19.68 -29.74
CA LEU C 330 -27.79 20.28 -31.07
C LEU C 330 -26.38 20.83 -31.18
N PHE C 331 -25.80 20.72 -32.37
CA PHE C 331 -24.41 21.08 -32.62
C PHE C 331 -24.38 21.89 -33.90
N TYR C 332 -23.38 22.73 -34.00
CA TYR C 332 -23.27 23.64 -35.14
C TYR C 332 -21.83 23.65 -35.64
N VAL C 333 -21.63 23.48 -36.94
CA VAL C 333 -20.27 23.62 -37.52
C VAL C 333 -19.95 25.10 -37.76
N ASN C 334 -19.04 25.63 -36.94
CA ASN C 334 -18.80 27.10 -36.98
C ASN C 334 -17.94 27.47 -38.17
N LYS C 335 -17.71 28.76 -38.39
CA LYS C 335 -16.96 29.15 -39.58
C LYS C 335 -15.51 28.64 -39.63
N LEU C 336 -14.93 28.24 -38.49
CA LEU C 336 -13.59 27.64 -38.48
C LEU C 336 -13.61 26.12 -38.68
N GLY C 337 -14.81 25.57 -38.85
CA GLY C 337 -15.00 24.15 -39.11
C GLY C 337 -15.06 23.33 -37.83
N HIS C 338 -15.23 23.97 -36.68
CA HIS C 338 -15.35 23.25 -35.41
C HIS C 338 -16.80 22.89 -35.13
N LEU C 339 -17.04 21.67 -34.69
CA LEU C 339 -18.38 21.27 -34.27
C LEU C 339 -18.66 21.74 -32.84
N MET C 340 -19.58 22.68 -32.66
CA MET C 340 -19.85 23.27 -31.32
C MET C 340 -21.19 22.84 -30.78
N PRO C 341 -21.26 22.50 -29.45
CA PRO C 341 -22.53 22.17 -28.78
C PRO C 341 -23.29 23.46 -28.54
N ILE C 342 -24.52 23.54 -29.05
CA ILE C 342 -25.28 24.80 -28.94
C ILE C 342 -26.55 24.72 -28.11
N ALA C 343 -27.07 23.49 -27.91
CA ALA C 343 -28.24 23.31 -27.04
C ALA C 343 -28.29 21.91 -26.54
N ILE C 344 -28.73 21.76 -25.28
CA ILE C 344 -28.95 20.42 -24.71
C ILE C 344 -30.28 20.45 -23.98
N GLN C 345 -31.08 19.40 -24.18
CA GLN C 345 -32.25 19.14 -23.36
C GLN C 345 -32.03 17.76 -22.71
N ILE C 346 -31.99 17.73 -21.38
CA ILE C 346 -31.49 16.57 -20.64
C ILE C 346 -32.38 15.33 -20.84
N ASN C 347 -33.70 15.55 -20.98
CA ASN C 347 -34.61 14.45 -21.17
C ASN C 347 -35.57 14.66 -22.33
N GLN C 348 -36.45 13.69 -22.58
CA GLN C 348 -37.18 13.69 -23.87
C GLN C 348 -38.36 14.65 -23.97
N GLU C 349 -39.07 14.87 -22.86
CA GLU C 349 -40.36 15.59 -22.88
C GLU C 349 -40.12 17.04 -22.42
N PRO C 350 -40.26 18.00 -23.33
CA PRO C 350 -39.79 19.36 -23.01
C PRO C 350 -40.72 20.09 -22.05
N GLY C 351 -40.21 21.08 -21.33
CA GLY C 351 -41.05 21.89 -20.46
C GLY C 351 -40.19 22.68 -19.50
N PRO C 352 -40.82 23.45 -18.59
CA PRO C 352 -40.00 24.25 -17.68
C PRO C 352 -39.21 23.40 -16.66
N GLU C 353 -39.64 22.17 -16.38
CA GLU C 353 -38.84 21.30 -15.53
C GLU C 353 -37.78 20.50 -16.34
N ASN C 354 -37.82 20.61 -17.67
CA ASN C 354 -36.82 19.93 -18.51
C ASN C 354 -36.46 20.91 -19.62
N PRO C 355 -35.74 22.00 -19.29
CA PRO C 355 -35.69 23.04 -20.32
C PRO C 355 -34.51 22.88 -21.30
N ILE C 356 -34.34 23.89 -22.15
CA ILE C 356 -33.22 23.93 -23.05
C ILE C 356 -32.04 24.71 -22.43
N TRP C 357 -30.89 24.06 -22.39
CA TRP C 357 -29.69 24.68 -21.86
C TRP C 357 -28.76 25.03 -23.00
N THR C 358 -28.04 26.14 -22.88
CA THR C 358 -27.11 26.58 -23.94
C THR C 358 -25.80 27.05 -23.32
N PRO C 359 -24.75 27.19 -24.13
CA PRO C 359 -23.46 27.70 -23.59
C PRO C 359 -23.62 29.09 -22.95
N HIS C 360 -24.74 29.77 -23.22
CA HIS C 360 -24.99 31.15 -22.75
C HIS C 360 -25.78 31.25 -21.46
N GLU C 361 -25.91 30.13 -20.76
CA GLU C 361 -26.56 30.10 -19.45
C GLU C 361 -26.07 31.20 -18.56
N GLU C 362 -27.00 31.84 -17.87
CA GLU C 362 -26.68 32.89 -16.89
C GLU C 362 -25.78 32.30 -15.79
N ASN C 363 -26.10 31.08 -15.35
CA ASN C 363 -25.28 30.34 -14.40
C ASN C 363 -24.41 29.34 -15.19
N GLU C 364 -23.12 29.65 -15.31
CA GLU C 364 -22.22 28.80 -16.11
C GLU C 364 -22.22 27.33 -15.68
N HIS C 365 -22.46 27.09 -14.39
CA HIS C 365 -22.46 25.74 -13.84
C HIS C 365 -23.61 24.92 -14.41
N ASP C 366 -24.71 25.62 -14.77
CA ASP C 366 -25.86 24.92 -15.35
C ASP C 366 -25.53 24.35 -16.73
N TRP C 367 -24.68 25.04 -17.48
CA TRP C 367 -24.24 24.54 -18.80
C TRP C 367 -23.29 23.38 -18.61
N MET C 368 -22.38 23.50 -17.65
CA MET C 368 -21.45 22.39 -17.39
C MET C 368 -22.25 21.18 -17.00
N MET C 369 -23.22 21.34 -16.08
CA MET C 369 -24.02 20.21 -15.63
C MET C 369 -24.79 19.56 -16.80
N ALA C 370 -25.32 20.37 -17.70
CA ALA C 370 -26.04 19.80 -18.86
C ALA C 370 -25.10 18.91 -19.70
N LYS C 371 -23.87 19.39 -19.88
CA LYS C 371 -22.86 18.63 -20.66
C LYS C 371 -22.58 17.29 -19.98
N PHE C 372 -22.54 17.30 -18.66
CA PHE C 372 -22.30 16.05 -17.95
C PHE C 372 -23.49 15.10 -18.09
N TRP C 373 -24.71 15.63 -18.14
CA TRP C 373 -25.90 14.77 -18.34
C TRP C 373 -25.83 14.16 -19.73
N LEU C 374 -25.36 14.96 -20.67
CA LEU C 374 -25.21 14.44 -22.05
C LEU C 374 -24.15 13.31 -22.05
N GLY C 375 -23.08 13.53 -21.29
CA GLY C 375 -21.97 12.60 -21.15
C GLY C 375 -22.36 11.26 -20.54
N VAL C 376 -23.19 11.27 -19.50
CA VAL C 376 -23.60 9.99 -18.88
C VAL C 376 -24.48 9.17 -19.83
N ALA C 377 -25.31 9.83 -20.61
CA ALA C 377 -26.14 9.16 -21.61
C ALA C 377 -25.21 8.56 -22.65
N GLU C 378 -24.32 9.39 -23.19
CA GLU C 378 -23.34 8.90 -24.17
C GLU C 378 -22.54 7.68 -23.67
N SER C 379 -22.06 7.75 -22.43
CA SER C 379 -21.22 6.69 -21.85
C SER C 379 -21.98 5.37 -21.77
N ASN C 380 -23.21 5.41 -21.25
CA ASN C 380 -23.99 4.18 -21.18
C ASN C 380 -24.40 3.60 -22.54
N PHE C 381 -24.81 4.48 -23.44
CA PHE C 381 -25.07 4.09 -24.86
C PHE C 381 -23.82 3.51 -25.55
N HIS C 382 -22.68 4.20 -25.41
CA HIS C 382 -21.44 3.78 -26.04
C HIS C 382 -21.03 2.37 -25.58
N GLN C 383 -20.96 2.20 -24.28
CA GLN C 383 -20.35 0.98 -23.73
CA GLN C 383 -20.35 0.98 -23.73
C GLN C 383 -21.23 -0.24 -24.01
N LEU C 384 -22.54 -0.07 -23.87
CA LEU C 384 -23.47 -1.19 -23.98
C LEU C 384 -23.98 -1.42 -25.39
N ASN C 385 -24.31 -0.34 -26.11
CA ASN C 385 -24.85 -0.49 -27.46
C ASN C 385 -23.73 -0.47 -28.52
N THR C 386 -23.04 0.65 -28.64
CA THR C 386 -22.01 0.78 -29.68
C THR C 386 -20.91 -0.25 -29.56
N HIS C 387 -20.44 -0.46 -28.34
CA HIS C 387 -19.30 -1.34 -28.14
C HIS C 387 -19.73 -2.81 -27.89
N LEU C 388 -20.33 -3.09 -26.74
CA LEU C 388 -20.59 -4.49 -26.37
C LEU C 388 -21.56 -5.16 -27.32
N LEU C 389 -22.74 -4.58 -27.55
CA LEU C 389 -23.69 -5.26 -28.39
C LEU C 389 -23.22 -5.27 -29.85
N ARG C 390 -22.88 -4.08 -30.36
CA ARG C 390 -22.78 -3.92 -31.83
C ARG C 390 -21.39 -4.31 -32.42
N THR C 391 -20.45 -4.63 -31.56
CA THR C 391 -19.18 -5.25 -32.00
C THR C 391 -19.23 -6.69 -31.45
N HIS C 392 -18.73 -6.90 -30.24
CA HIS C 392 -18.71 -8.25 -29.60
C HIS C 392 -19.93 -9.15 -29.83
N LEU C 393 -21.04 -8.83 -29.18
CA LEU C 393 -22.11 -9.81 -29.06
C LEU C 393 -22.78 -10.16 -30.37
N THR C 394 -23.04 -9.15 -31.20
CA THR C 394 -23.63 -9.41 -32.52
C THR C 394 -22.66 -10.11 -33.50
N THR C 395 -21.38 -9.69 -33.54
CA THR C 395 -20.46 -10.34 -34.47
C THR C 395 -20.11 -11.75 -33.99
N GLU C 396 -20.24 -12.02 -32.69
CA GLU C 396 -20.02 -13.36 -32.16
C GLU C 396 -20.87 -14.41 -32.91
N SER C 397 -22.12 -14.05 -33.25
CA SER C 397 -23.00 -14.98 -34.01
C SER C 397 -22.36 -15.42 -35.34
N PHE C 398 -21.74 -14.47 -36.03
CA PHE C 398 -21.04 -14.79 -37.28
C PHE C 398 -19.79 -15.63 -37.00
N ALA C 399 -19.09 -15.37 -35.89
CA ALA C 399 -17.89 -16.20 -35.59
C ALA C 399 -18.32 -17.65 -35.40
N LEU C 400 -19.38 -17.84 -34.64
CA LEU C 400 -19.91 -19.16 -34.37
C LEU C 400 -20.34 -19.84 -35.67
N SER C 401 -21.07 -19.12 -36.54
CA SER C 401 -21.52 -19.72 -37.81
C SER C 401 -20.35 -20.16 -38.70
N THR C 402 -19.27 -19.40 -38.65
CA THR C 402 -18.09 -19.73 -39.41
C THR C 402 -17.56 -21.09 -38.96
N TRP C 403 -17.43 -21.31 -37.65
CA TRP C 403 -16.98 -22.61 -37.17
C TRP C 403 -18.01 -23.71 -37.43
N ARG C 404 -19.30 -23.39 -37.39
CA ARG C 404 -20.33 -24.42 -37.61
C ARG C 404 -20.42 -24.91 -39.06
N ASN C 405 -20.20 -24.00 -40.00
CA ASN C 405 -20.68 -24.19 -41.39
C ASN C 405 -19.66 -24.17 -42.50
N LEU C 406 -18.50 -23.56 -42.25
CA LEU C 406 -17.46 -23.46 -43.27
C LEU C 406 -16.33 -24.46 -42.98
N ALA C 407 -16.05 -25.35 -43.95
CA ALA C 407 -15.03 -26.39 -43.72
C ALA C 407 -13.64 -25.75 -43.71
N SER C 408 -12.65 -26.42 -43.10
CA SER C 408 -11.31 -25.85 -43.00
CA SER C 408 -11.32 -25.80 -42.99
C SER C 408 -10.74 -25.56 -44.37
N ALA C 409 -11.19 -26.34 -45.37
CA ALA C 409 -10.70 -26.19 -46.76
C ALA C 409 -11.36 -25.01 -47.49
N HIS C 410 -12.41 -24.46 -46.90
CA HIS C 410 -13.16 -23.42 -47.60
C HIS C 410 -12.38 -22.08 -47.63
N PRO C 411 -12.28 -21.42 -48.80
CA PRO C 411 -11.58 -20.14 -48.90
C PRO C 411 -12.12 -19.08 -47.94
N ILE C 412 -13.42 -19.10 -47.67
CA ILE C 412 -14.00 -18.07 -46.81
C ILE C 412 -13.71 -18.38 -45.35
N PHE C 413 -13.58 -19.67 -45.00
CA PHE C 413 -13.04 -20.05 -43.69
C PHE C 413 -11.62 -19.46 -43.51
N LYS C 414 -10.78 -19.62 -44.53
CA LYS C 414 -9.40 -19.11 -44.49
C LYS C 414 -9.38 -17.59 -44.36
N LEU C 415 -10.23 -16.93 -45.15
CA LEU C 415 -10.39 -15.48 -45.10
C LEU C 415 -10.77 -15.02 -43.69
N LEU C 416 -11.78 -15.65 -43.10
CA LEU C 416 -12.34 -15.18 -41.83
C LEU C 416 -11.56 -15.57 -40.59
N GLN C 417 -10.86 -16.71 -40.64
CA GLN C 417 -10.14 -17.20 -39.45
C GLN C 417 -9.35 -16.11 -38.65
N PRO C 418 -8.53 -15.28 -39.32
CA PRO C 418 -7.75 -14.27 -38.56
C PRO C 418 -8.62 -13.17 -37.95
N HIS C 419 -9.82 -12.97 -38.53
CA HIS C 419 -10.76 -11.92 -38.07
C HIS C 419 -11.74 -12.37 -37.02
N ILE C 420 -12.04 -13.68 -37.00
CA ILE C 420 -12.99 -14.19 -36.01
C ILE C 420 -12.33 -14.58 -34.69
N TYR C 421 -11.00 -14.67 -34.69
CA TYR C 421 -10.34 -15.10 -33.49
CA TYR C 421 -10.19 -15.02 -33.49
C TYR C 421 -10.49 -14.06 -32.36
N GLY C 422 -10.62 -14.56 -31.12
CA GLY C 422 -10.76 -13.69 -29.96
C GLY C 422 -12.17 -13.47 -29.48
N VAL C 423 -13.15 -13.34 -30.40
CA VAL C 423 -14.49 -12.86 -29.97
C VAL C 423 -15.25 -13.88 -29.14
N LEU C 424 -15.14 -15.16 -29.52
CA LEU C 424 -15.72 -16.26 -28.72
C LEU C 424 -15.09 -16.32 -27.33
N ALA C 425 -13.75 -16.16 -27.27
CA ALA C 425 -13.00 -16.18 -26.01
C ALA C 425 -13.38 -15.04 -25.09
N ILE C 426 -13.22 -13.81 -25.58
CA ILE C 426 -13.48 -12.63 -24.69
C ILE C 426 -14.94 -12.59 -24.23
N ASP C 427 -15.86 -12.91 -25.15
CA ASP C 427 -17.28 -12.90 -24.81
C ASP C 427 -17.67 -13.97 -23.79
N THR C 428 -17.06 -15.15 -23.92
CA THR C 428 -17.28 -16.21 -22.92
C THR C 428 -16.74 -15.79 -21.53
N ILE C 429 -15.54 -15.24 -21.52
CA ILE C 429 -14.97 -14.67 -20.28
C ILE C 429 -15.87 -13.53 -19.75
N GLY C 430 -16.27 -12.67 -20.67
CA GLY C 430 -17.06 -11.49 -20.38
C GLY C 430 -18.43 -11.78 -19.78
N ARG C 431 -19.04 -12.88 -20.23
CA ARG C 431 -20.33 -13.28 -19.68
C ARG C 431 -20.18 -13.59 -18.20
N LYS C 432 -19.00 -14.09 -17.84
CA LYS C 432 -18.70 -14.47 -16.47
C LYS C 432 -17.79 -13.49 -15.69
N GLU C 433 -17.41 -12.37 -16.32
CA GLU C 433 -16.44 -11.41 -15.74
C GLU C 433 -16.62 -9.90 -16.09
N LEU C 434 -17.70 -9.51 -16.76
CA LEU C 434 -17.91 -8.08 -17.11
C LEU C 434 -19.37 -7.65 -17.19
N ILE C 435 -20.20 -8.52 -17.76
CA ILE C 435 -21.63 -8.26 -17.89
C ILE C 435 -22.38 -9.02 -16.81
N GLY C 436 -21.73 -10.05 -16.25
CA GLY C 436 -22.31 -10.83 -15.15
C GLY C 436 -22.53 -9.99 -13.90
N SER C 437 -23.55 -10.35 -13.11
CA SER C 437 -23.79 -9.70 -11.81
C SER C 437 -22.50 -9.38 -11.03
N GLY C 438 -22.43 -8.17 -10.46
CA GLY C 438 -21.26 -7.73 -9.69
C GLY C 438 -20.03 -7.38 -10.49
N GLY C 439 -20.04 -7.71 -11.79
CA GLY C 439 -18.90 -7.49 -12.68
C GLY C 439 -18.53 -6.04 -12.99
N ILE C 440 -17.83 -5.85 -14.09
CA ILE C 440 -17.26 -4.55 -14.46
C ILE C 440 -18.33 -3.47 -14.68
N VAL C 441 -19.44 -3.85 -15.33
CA VAL C 441 -20.54 -2.97 -15.65
C VAL C 441 -21.31 -2.57 -14.40
N ASP C 442 -21.48 -3.52 -13.47
CA ASP C 442 -22.25 -3.25 -12.28
C ASP C 442 -21.57 -2.21 -11.41
N GLN C 443 -20.26 -2.09 -11.58
CA GLN C 443 -19.49 -1.22 -10.72
C GLN C 443 -19.25 0.16 -11.30
N SER C 444 -19.19 0.27 -12.62
CA SER C 444 -18.73 1.51 -13.24
C SER C 444 -19.77 2.28 -14.09
N LEU C 445 -20.94 1.70 -14.31
CA LEU C 445 -21.97 2.27 -15.19
C LEU C 445 -23.27 2.55 -14.43
N SER C 446 -23.95 3.66 -14.74
CA SER C 446 -25.32 3.87 -14.23
C SER C 446 -26.26 2.69 -14.46
N LEU C 447 -26.25 2.11 -15.65
CA LEU C 447 -27.18 1.02 -15.98
C LEU C 447 -26.75 -0.34 -15.38
N GLY C 448 -25.67 -0.34 -14.62
CA GLY C 448 -25.20 -1.57 -13.96
C GLY C 448 -26.29 -2.05 -13.02
N GLY C 449 -26.29 -3.33 -12.70
CA GLY C 449 -27.25 -3.89 -11.76
C GLY C 449 -28.35 -4.69 -12.41
N GLY C 450 -28.32 -4.82 -13.73
CA GLY C 450 -29.35 -5.56 -14.44
C GLY C 450 -30.03 -4.81 -15.57
N GLY C 451 -30.21 -3.50 -15.40
CA GLY C 451 -30.78 -2.68 -16.46
C GLY C 451 -29.93 -2.65 -17.72
N HIS C 452 -28.63 -2.95 -17.60
CA HIS C 452 -27.75 -3.04 -18.78
C HIS C 452 -28.17 -4.10 -19.80
N VAL C 453 -28.60 -5.25 -19.27
CA VAL C 453 -29.07 -6.34 -20.10
C VAL C 453 -30.38 -5.98 -20.85
N THR C 454 -31.36 -5.46 -20.11
CA THR C 454 -32.61 -5.03 -20.70
C THR C 454 -32.33 -3.97 -21.78
N PHE C 455 -31.39 -3.08 -21.47
CA PHE C 455 -31.04 -2.00 -22.43
C PHE C 455 -30.47 -2.60 -23.70
N MET C 456 -29.53 -3.55 -23.58
CA MET C 456 -28.95 -4.19 -24.79
C MET C 456 -30.00 -4.93 -25.59
N GLU C 457 -30.95 -5.58 -24.89
CA GLU C 457 -32.10 -6.24 -25.54
C GLU C 457 -32.92 -5.25 -26.37
N LYS C 458 -33.24 -4.12 -25.73
CA LYS C 458 -33.95 -3.03 -26.40
C LYS C 458 -33.20 -2.56 -27.66
N CYS C 459 -31.89 -2.32 -27.54
CA CYS C 459 -31.08 -1.90 -28.70
C CYS C 459 -31.06 -2.96 -29.78
N PHE C 460 -30.95 -4.21 -29.35
CA PHE C 460 -30.82 -5.32 -30.32
C PHE C 460 -32.07 -5.47 -31.20
N LYS C 461 -33.25 -5.24 -30.63
CA LYS C 461 -34.48 -5.26 -31.44
C LYS C 461 -34.42 -4.37 -32.68
N GLU C 462 -33.59 -3.31 -32.61
CA GLU C 462 -33.41 -2.38 -33.71
C GLU C 462 -32.24 -2.65 -34.65
N VAL C 463 -31.31 -3.51 -34.23
CA VAL C 463 -30.11 -3.82 -35.05
C VAL C 463 -30.47 -4.30 -36.46
N ASN C 464 -29.83 -3.74 -37.48
CA ASN C 464 -29.93 -4.22 -38.85
C ASN C 464 -28.53 -4.42 -39.42
N LEU C 465 -28.31 -5.49 -40.19
CA LEU C 465 -27.00 -5.73 -40.83
C LEU C 465 -26.51 -4.52 -41.63
N GLN C 466 -27.45 -3.74 -42.17
CA GLN C 466 -27.07 -2.54 -42.90
C GLN C 466 -26.39 -1.48 -42.06
N ASP C 467 -26.60 -1.55 -40.74
CA ASP C 467 -25.95 -0.61 -39.83
C ASP C 467 -24.43 -0.76 -39.87
N TYR C 468 -23.96 -1.94 -40.28
CA TYR C 468 -22.52 -2.31 -40.28
C TYR C 468 -21.84 -1.93 -41.61
N HIS C 469 -22.62 -1.37 -42.53
CA HIS C 469 -22.08 -0.97 -43.81
C HIS C 469 -21.70 0.53 -43.65
N LEU C 470 -20.41 0.81 -43.46
CA LEU C 470 -19.97 2.17 -43.13
C LEU C 470 -20.36 3.27 -44.14
N PRO C 471 -20.06 3.09 -45.45
CA PRO C 471 -20.50 4.14 -46.39
C PRO C 471 -22.00 4.43 -46.31
N ASN C 472 -22.82 3.37 -46.30
CA ASN C 472 -24.29 3.49 -46.24
C ASN C 472 -24.75 4.15 -44.95
N ALA C 473 -24.14 3.77 -43.83
CA ALA C 473 -24.53 4.32 -42.55
C ALA C 473 -24.14 5.80 -42.44
N LEU C 474 -22.94 6.16 -42.91
CA LEU C 474 -22.54 7.58 -42.91
C LEU C 474 -23.45 8.43 -43.81
N LYS C 475 -23.79 7.90 -44.98
CA LYS C 475 -24.72 8.58 -45.90
C LYS C 475 -26.09 8.75 -45.26
N LYS C 476 -26.60 7.69 -44.64
CA LYS C 476 -27.90 7.71 -44.00
C LYS C 476 -27.98 8.77 -42.86
N ARG C 477 -26.89 8.87 -42.11
CA ARG C 477 -26.82 9.85 -41.00
C ARG C 477 -26.58 11.27 -41.49
N GLY C 478 -26.24 11.42 -42.76
CA GLY C 478 -26.01 12.76 -43.32
C GLY C 478 -24.69 13.40 -42.89
N VAL C 479 -23.69 12.58 -42.59
CA VAL C 479 -22.42 13.06 -42.06
C VAL C 479 -21.24 12.74 -42.97
N ASP C 480 -21.52 12.38 -44.21
CA ASP C 480 -20.42 11.99 -45.11
C ASP C 480 -19.92 13.10 -46.06
N ASP C 481 -20.45 14.32 -45.88
CA ASP C 481 -20.03 15.42 -46.74
C ASP C 481 -19.00 16.31 -46.03
N PRO C 482 -17.72 16.14 -46.38
CA PRO C 482 -16.61 16.83 -45.71
C PRO C 482 -16.62 18.37 -45.88
N SER C 483 -17.34 18.86 -46.88
CA SER C 483 -17.51 20.31 -47.07
C SER C 483 -18.45 20.91 -45.99
N LYS C 484 -19.41 20.10 -45.51
CA LYS C 484 -20.37 20.57 -44.55
C LYS C 484 -19.97 20.19 -43.12
N LEU C 485 -19.35 19.02 -43.00
CA LEU C 485 -18.93 18.49 -41.70
C LEU C 485 -17.45 18.10 -41.83
N PRO C 486 -16.54 19.06 -41.57
CA PRO C 486 -15.11 18.83 -41.72
C PRO C 486 -14.52 18.28 -40.40
N GLY C 487 -13.28 17.84 -40.44
CA GLY C 487 -12.59 17.40 -39.22
C GLY C 487 -13.19 16.13 -38.60
N PHE C 488 -13.61 15.21 -39.45
CA PHE C 488 -14.26 13.97 -38.98
C PHE C 488 -13.36 12.79 -39.38
N TYR C 489 -12.45 12.38 -38.48
CA TYR C 489 -11.34 11.52 -38.92
C TYR C 489 -11.72 10.04 -38.84
N TYR C 490 -12.66 9.73 -37.94
CA TYR C 490 -13.26 8.41 -37.91
C TYR C 490 -13.85 8.12 -39.29
N ARG C 491 -14.59 9.08 -39.85
CA ARG C 491 -15.19 8.94 -41.22
C ARG C 491 -14.10 8.76 -42.24
N ASP C 492 -13.14 9.68 -42.27
CA ASP C 492 -12.15 9.69 -43.35
C ASP C 492 -11.31 8.40 -43.38
N ASP C 493 -10.75 8.05 -42.21
CA ASP C 493 -9.90 6.86 -42.06
C ASP C 493 -10.74 5.58 -42.24
N GLY C 494 -11.92 5.57 -41.62
CA GLY C 494 -12.84 4.41 -41.70
C GLY C 494 -13.20 4.12 -43.18
N LEU C 495 -13.55 5.17 -43.92
CA LEU C 495 -13.88 4.96 -45.35
C LEU C 495 -12.71 4.45 -46.20
N ALA C 496 -11.51 4.98 -45.98
CA ALA C 496 -10.28 4.45 -46.61
C ALA C 496 -10.06 2.94 -46.36
N LEU C 497 -10.19 2.56 -45.10
CA LEU C 497 -10.03 1.17 -44.69
C LEU C 497 -11.18 0.32 -45.25
N TRP C 498 -12.40 0.86 -45.27
CA TRP C 498 -13.54 0.07 -45.78
C TRP C 498 -13.24 -0.34 -47.23
N GLU C 499 -12.80 0.64 -48.02
CA GLU C 499 -12.53 0.43 -49.45
CA GLU C 499 -12.55 0.43 -49.44
C GLU C 499 -11.43 -0.61 -49.64
N ALA C 500 -10.41 -0.53 -48.78
CA ALA C 500 -9.25 -1.46 -48.87
C ALA C 500 -9.67 -2.89 -48.60
N ILE C 501 -10.48 -3.07 -47.55
CA ILE C 501 -10.98 -4.37 -47.16
C ILE C 501 -11.94 -4.89 -48.25
N GLU C 502 -12.78 -4.00 -48.78
CA GLU C 502 -13.76 -4.40 -49.80
C GLU C 502 -13.04 -4.88 -51.07
N THR C 503 -12.02 -4.15 -51.49
CA THR C 503 -11.25 -4.48 -52.69
C THR C 503 -10.61 -5.85 -52.51
N PHE C 504 -9.97 -6.04 -51.35
CA PHE C 504 -9.29 -7.28 -51.04
C PHE C 504 -10.27 -8.46 -51.09
N ILE C 505 -11.38 -8.35 -50.36
CA ILE C 505 -12.35 -9.41 -50.27
C ILE C 505 -12.95 -9.70 -51.66
N GLY C 506 -13.17 -8.65 -52.46
CA GLY C 506 -13.68 -8.85 -53.84
C GLY C 506 -12.71 -9.70 -54.65
N GLU C 507 -11.41 -9.42 -54.49
CA GLU C 507 -10.37 -10.16 -55.22
C GLU C 507 -10.28 -11.61 -54.77
N ILE C 508 -10.37 -11.84 -53.46
CA ILE C 508 -10.44 -13.21 -52.93
C ILE C 508 -11.67 -13.98 -53.48
N ILE C 509 -12.85 -13.36 -53.43
CA ILE C 509 -14.08 -14.00 -53.91
C ILE C 509 -13.90 -14.38 -55.40
N ALA C 510 -13.32 -13.49 -56.18
CA ALA C 510 -13.19 -13.70 -57.65
C ALA C 510 -12.26 -14.85 -58.02
N ILE C 511 -11.39 -15.22 -57.09
CA ILE C 511 -10.47 -16.35 -57.32
C ILE C 511 -11.23 -17.66 -57.25
N PHE C 512 -12.17 -17.78 -56.32
CA PHE C 512 -12.82 -19.04 -56.02
C PHE C 512 -14.24 -19.17 -56.56
N TYR C 513 -14.89 -18.04 -56.77
CA TYR C 513 -16.28 -17.99 -57.25
C TYR C 513 -16.16 -17.29 -58.57
N LYS C 514 -16.41 -18.03 -59.67
CA LYS C 514 -16.22 -17.43 -61.00
C LYS C 514 -17.45 -16.64 -61.48
N ASN C 515 -18.58 -16.82 -60.80
CA ASN C 515 -19.83 -16.20 -61.20
C ASN C 515 -20.81 -16.37 -60.07
N ASP C 516 -22.05 -15.90 -60.28
CA ASP C 516 -23.09 -16.05 -59.27
C ASP C 516 -23.60 -17.48 -59.03
N ASP C 517 -23.63 -18.34 -60.06
CA ASP C 517 -24.05 -19.72 -59.86
CA ASP C 517 -24.02 -19.74 -59.91
C ASP C 517 -23.14 -20.42 -58.85
N ASP C 518 -21.83 -20.09 -58.89
CA ASP C 518 -20.83 -20.62 -57.94
C ASP C 518 -21.20 -20.28 -56.52
N VAL C 519 -21.72 -19.06 -56.32
CA VAL C 519 -22.16 -18.65 -54.96
C VAL C 519 -23.40 -19.45 -54.59
N LYS C 520 -24.36 -19.51 -55.52
CA LYS C 520 -25.59 -20.23 -55.27
C LYS C 520 -25.38 -21.71 -54.97
N ARG C 521 -24.37 -22.31 -55.60
CA ARG C 521 -24.10 -23.76 -55.48
C ARG C 521 -23.29 -24.11 -54.25
N ASP C 522 -22.72 -23.09 -53.61
CA ASP C 522 -21.89 -23.33 -52.44
C ASP C 522 -22.76 -23.54 -51.21
N ASN C 523 -23.02 -24.80 -50.89
CA ASN C 523 -23.91 -25.12 -49.80
C ASN C 523 -23.38 -24.66 -48.44
N GLU C 524 -22.06 -24.52 -48.31
CA GLU C 524 -21.48 -24.11 -47.00
C GLU C 524 -21.70 -22.62 -46.74
N ILE C 525 -21.44 -21.79 -47.73
CA ILE C 525 -21.67 -20.33 -47.59
C ILE C 525 -23.18 -20.04 -47.43
N GLN C 526 -24.01 -20.85 -48.10
CA GLN C 526 -25.45 -20.77 -47.91
C GLN C 526 -25.86 -21.13 -46.51
N SER C 527 -25.30 -22.21 -45.97
CA SER C 527 -25.59 -22.64 -44.62
C SER C 527 -25.08 -21.64 -43.59
N TRP C 528 -23.94 -21.05 -43.89
CA TRP C 528 -23.29 -20.05 -43.04
C TRP C 528 -24.24 -18.84 -42.85
N ILE C 529 -24.73 -18.27 -43.94
CA ILE C 529 -25.61 -17.09 -43.83
C ILE C 529 -26.97 -17.47 -43.24
N TYR C 530 -27.53 -18.63 -43.65
CA TYR C 530 -28.81 -19.09 -43.08
C TYR C 530 -28.75 -19.31 -41.57
N ASP C 531 -27.63 -19.85 -41.08
CA ASP C 531 -27.52 -20.15 -39.66
C ASP C 531 -27.65 -18.83 -38.90
N VAL C 532 -26.98 -17.79 -39.35
CA VAL C 532 -27.05 -16.49 -38.63
C VAL C 532 -28.47 -15.93 -38.78
N HIS C 533 -29.00 -15.93 -40.00
CA HIS C 533 -30.43 -15.54 -40.26
C HIS C 533 -31.47 -16.20 -39.34
N LYS C 534 -31.39 -17.52 -39.19
CA LYS C 534 -32.39 -18.27 -38.46
C LYS C 534 -32.07 -18.38 -36.98
N ASN C 535 -30.79 -18.58 -36.65
CA ASN C 535 -30.41 -18.89 -35.28
C ASN C 535 -29.51 -17.85 -34.59
N GLY C 536 -29.00 -16.89 -35.35
CA GLY C 536 -28.00 -15.92 -34.82
C GLY C 536 -28.68 -14.63 -34.40
N TRP C 537 -29.20 -13.89 -35.39
CA TRP C 537 -29.91 -12.65 -35.09
C TRP C 537 -31.38 -12.94 -35.36
N ARG C 538 -32.01 -13.61 -34.39
CA ARG C 538 -33.36 -14.12 -34.56
C ARG C 538 -34.38 -12.93 -34.57
N VAL C 539 -35.15 -12.84 -35.64
CA VAL C 539 -36.23 -11.85 -35.69
C VAL C 539 -37.39 -12.39 -34.83
N ASN C 540 -37.35 -12.10 -33.54
CA ASN C 540 -38.34 -12.59 -32.57
C ASN C 540 -39.47 -11.59 -32.36
N PRO C 541 -40.49 -11.95 -31.55
CA PRO C 541 -41.58 -11.00 -31.34
C PRO C 541 -41.05 -9.67 -30.88
N GLY C 542 -41.50 -8.62 -31.55
CA GLY C 542 -41.14 -7.29 -31.13
C GLY C 542 -39.87 -6.76 -31.78
N HIS C 543 -39.28 -7.54 -32.69
CA HIS C 543 -38.01 -7.15 -33.34
C HIS C 543 -38.29 -6.56 -34.70
N GLN C 544 -37.53 -5.52 -35.04
CA GLN C 544 -37.44 -5.10 -36.43
C GLN C 544 -36.75 -6.22 -37.20
N ASP C 545 -36.89 -6.22 -38.52
CA ASP C 545 -36.10 -7.14 -39.32
C ASP C 545 -34.60 -6.85 -39.03
N HIS C 546 -33.78 -7.90 -38.93
CA HIS C 546 -32.34 -7.70 -38.66
C HIS C 546 -31.43 -7.58 -39.91
N GLY C 547 -32.04 -7.60 -41.09
CA GLY C 547 -31.29 -7.43 -42.35
C GLY C 547 -30.34 -8.55 -42.78
N VAL C 548 -30.45 -9.72 -42.15
CA VAL C 548 -29.55 -10.83 -42.47
C VAL C 548 -30.21 -11.65 -43.58
N PRO C 549 -29.59 -11.74 -44.77
CA PRO C 549 -30.23 -12.56 -45.81
C PRO C 549 -30.33 -14.04 -45.41
N ALA C 550 -31.33 -14.71 -45.98
CA ALA C 550 -31.52 -16.13 -45.76
C ALA C 550 -30.61 -16.96 -46.67
N SER C 551 -30.10 -16.34 -47.73
CA SER C 551 -29.27 -17.00 -48.74
C SER C 551 -28.42 -15.96 -49.44
N PHE C 552 -27.41 -16.40 -50.20
CA PHE C 552 -26.67 -15.54 -51.11
C PHE C 552 -26.97 -15.85 -52.57
N GLU C 553 -27.21 -14.80 -53.34
CA GLU C 553 -27.55 -14.94 -54.74
C GLU C 553 -26.45 -14.46 -55.62
N SER C 554 -25.49 -13.70 -55.06
CA SER C 554 -24.45 -13.09 -55.92
C SER C 554 -23.10 -12.90 -55.21
N ARG C 555 -22.06 -12.73 -56.03
CA ARG C 555 -20.73 -12.39 -55.49
C ARG C 555 -20.73 -11.01 -54.80
N GLU C 556 -21.42 -10.04 -55.38
CA GLU C 556 -21.46 -8.69 -54.81
C GLU C 556 -22.16 -8.70 -53.46
N GLN C 557 -23.22 -9.48 -53.32
CA GLN C 557 -23.89 -9.60 -52.01
C GLN C 557 -22.96 -10.25 -50.97
N LEU C 558 -22.25 -11.29 -51.39
CA LEU C 558 -21.31 -11.97 -50.50
C LEU C 558 -20.19 -10.99 -50.09
N LYS C 559 -19.68 -10.24 -51.06
CA LYS C 559 -18.68 -9.22 -50.77
C LYS C 559 -19.16 -8.17 -49.76
N GLU C 560 -20.40 -7.70 -49.92
CA GLU C 560 -20.93 -6.71 -49.00
C GLU C 560 -21.02 -7.22 -47.57
N VAL C 561 -21.58 -8.42 -47.37
CA VAL C 561 -21.68 -8.98 -46.02
C VAL C 561 -20.29 -9.23 -45.39
N LEU C 562 -19.37 -9.74 -46.20
CA LEU C 562 -18.04 -10.10 -45.67
C LEU C 562 -17.25 -8.85 -45.32
N THR C 563 -17.35 -7.85 -46.18
CA THR C 563 -16.75 -6.53 -45.89
C THR C 563 -17.31 -5.92 -44.60
N SER C 564 -18.64 -5.87 -44.47
CA SER C 564 -19.29 -5.42 -43.22
C SER C 564 -18.73 -6.14 -41.97
N LEU C 565 -18.66 -7.46 -42.07
CA LEU C 565 -18.20 -8.29 -40.96
C LEU C 565 -16.73 -8.06 -40.61
N VAL C 566 -15.85 -8.13 -41.61
CA VAL C 566 -14.39 -7.98 -41.39
C VAL C 566 -14.09 -6.55 -40.93
N PHE C 567 -14.78 -5.57 -41.53
CA PHE C 567 -14.58 -4.17 -41.06
C PHE C 567 -14.98 -4.03 -39.59
N THR C 568 -16.08 -4.64 -39.22
CA THR C 568 -16.55 -4.53 -37.84
C THR C 568 -15.58 -5.17 -36.85
N PHE C 569 -15.18 -6.42 -37.14
CA PHE C 569 -14.28 -7.18 -36.23
C PHE C 569 -12.99 -6.42 -35.96
N SER C 570 -12.47 -5.74 -36.98
CA SER C 570 -11.17 -5.06 -36.89
C SER C 570 -11.38 -3.58 -36.60
N CYS C 571 -11.69 -2.83 -37.65
CA CYS C 571 -11.74 -1.35 -37.61
C CYS C 571 -12.79 -0.77 -36.68
N GLN C 572 -14.04 -1.20 -36.80
CA GLN C 572 -15.10 -0.60 -35.98
C GLN C 572 -14.80 -0.84 -34.52
N HIS C 573 -14.50 -2.09 -34.18
CA HIS C 573 -14.22 -2.42 -32.77
C HIS C 573 -13.04 -1.58 -32.29
N ALA C 574 -11.98 -1.47 -33.09
CA ALA C 574 -10.81 -0.65 -32.68
C ALA C 574 -11.21 0.83 -32.40
N ALA C 575 -11.96 1.42 -33.35
CA ALA C 575 -12.40 2.81 -33.22
C ALA C 575 -13.24 3.11 -31.96
N VAL C 576 -14.08 2.15 -31.54
CA VAL C 576 -14.97 2.37 -30.37
C VAL C 576 -14.41 1.77 -29.06
N ASN C 577 -13.33 1.01 -29.21
CA ASN C 577 -12.67 0.40 -28.05
C ASN C 577 -11.35 1.07 -27.63
N PHE C 578 -10.37 1.15 -28.53
CA PHE C 578 -9.03 1.63 -28.13
C PHE C 578 -8.99 3.15 -27.92
N SER C 579 -10.09 3.79 -28.31
CA SER C 579 -10.30 5.23 -28.10
C SER C 579 -10.66 5.52 -26.65
N GLN C 580 -10.89 4.48 -25.84
CA GLN C 580 -11.45 4.63 -24.48
C GLN C 580 -10.52 5.27 -23.45
N LYS C 581 -9.22 5.08 -23.62
CA LYS C 581 -8.26 5.74 -22.68
C LYS C 581 -8.34 7.29 -22.77
N ASP C 582 -8.28 7.82 -23.99
CA ASP C 582 -8.37 9.28 -24.20
C ASP C 582 -9.75 9.81 -23.81
N HIS C 583 -10.78 9.00 -24.06
CA HIS C 583 -12.17 9.43 -23.83
C HIS C 583 -12.51 9.42 -22.31
N TYR C 584 -12.19 8.31 -21.66
CA TYR C 584 -12.67 8.09 -20.32
C TYR C 584 -11.59 8.28 -19.26
N GLY C 585 -10.32 8.41 -19.66
CA GLY C 585 -9.19 8.42 -18.67
C GLY C 585 -9.31 9.53 -17.63
N PHE C 586 -9.74 10.69 -18.09
CA PHE C 586 -10.11 11.81 -17.23
C PHE C 586 -11.63 11.84 -17.09
N THR C 587 -12.08 11.44 -15.92
CA THR C 587 -13.48 11.11 -15.72
C THR C 587 -14.50 12.25 -16.03
N PRO C 588 -14.22 13.52 -15.61
CA PRO C 588 -15.16 14.59 -15.98
C PRO C 588 -15.32 14.75 -17.50
N ASN C 589 -14.34 14.28 -18.27
CA ASN C 589 -14.52 14.29 -19.75
C ASN C 589 -15.71 13.45 -20.22
N ALA C 590 -16.05 12.41 -19.48
CA ALA C 590 -17.07 11.47 -19.92
C ALA C 590 -17.47 10.62 -18.73
N PRO C 591 -18.31 11.18 -17.84
CA PRO C 591 -18.76 10.39 -16.66
C PRO C 591 -19.71 9.29 -17.12
N ALA C 592 -19.70 8.15 -16.43
CA ALA C 592 -20.53 7.01 -16.80
C ALA C 592 -21.53 6.68 -15.67
N ILE C 593 -21.34 7.34 -14.53
CA ILE C 593 -22.33 7.31 -13.45
C ILE C 593 -22.63 8.74 -13.05
N LEU C 594 -23.89 9.05 -12.74
CA LEU C 594 -24.20 10.28 -12.01
C LEU C 594 -25.07 9.90 -10.80
N ARG C 595 -24.91 10.66 -9.71
CA ARG C 595 -25.40 10.25 -8.39
C ARG C 595 -26.64 10.97 -7.85
N HIS C 596 -27.12 11.97 -8.59
CA HIS C 596 -28.32 12.74 -8.26
C HIS C 596 -29.13 12.96 -9.52
N PRO C 597 -30.46 13.19 -9.37
CA PRO C 597 -31.32 13.39 -10.54
C PRO C 597 -31.07 14.78 -11.15
N PRO C 598 -31.53 14.98 -12.39
CA PRO C 598 -31.36 16.23 -13.11
C PRO C 598 -32.18 17.36 -12.46
N PRO C 599 -31.77 18.62 -12.71
CA PRO C 599 -32.52 19.74 -12.13
C PRO C 599 -33.90 19.86 -12.78
N LYS C 600 -34.84 20.45 -12.03
CA LYS C 600 -36.18 20.71 -12.50
C LYS C 600 -36.41 22.23 -12.62
N LYS C 601 -35.34 22.99 -12.47
CA LYS C 601 -35.33 24.42 -12.76
C LYS C 601 -33.91 24.93 -13.00
N LYS C 602 -33.77 26.17 -13.46
CA LYS C 602 -32.44 26.74 -13.73
C LYS C 602 -31.88 27.45 -12.49
N GLY C 603 -30.58 27.70 -12.49
CA GLY C 603 -29.89 28.50 -11.50
C GLY C 603 -29.45 27.74 -10.24
N GLU C 604 -29.70 26.43 -10.21
CA GLU C 604 -29.37 25.55 -9.06
C GLU C 604 -27.89 25.10 -8.98
N ALA C 605 -27.25 24.82 -10.13
CA ALA C 605 -25.92 24.22 -10.09
C ALA C 605 -24.85 25.12 -9.48
N THR C 606 -23.99 24.50 -8.69
CA THR C 606 -22.78 25.12 -8.15
C THR C 606 -21.68 24.07 -8.39
N LEU C 607 -20.42 24.48 -8.27
CA LEU C 607 -19.32 23.52 -8.33
C LEU C 607 -19.55 22.37 -7.33
N GLN C 608 -20.00 22.68 -6.11
CA GLN C 608 -20.24 21.62 -5.11
C GLN C 608 -21.35 20.62 -5.47
N SER C 609 -22.49 21.10 -5.94
CA SER C 609 -23.58 20.23 -6.33
C SER C 609 -23.14 19.38 -7.54
N ILE C 610 -22.40 19.97 -8.47
CA ILE C 610 -21.82 19.19 -9.59
C ILE C 610 -20.90 18.07 -9.11
N LEU C 611 -19.95 18.39 -8.24
CA LEU C 611 -19.03 17.36 -7.74
C LEU C 611 -19.73 16.22 -6.99
N SER C 612 -20.83 16.53 -6.29
CA SER C 612 -21.62 15.48 -5.63
C SER C 612 -22.46 14.63 -6.59
N THR C 613 -22.66 15.14 -7.81
CA THR C 613 -23.43 14.44 -8.83
C THR C 613 -22.52 13.59 -9.74
N LEU C 614 -21.36 14.12 -10.08
CA LEU C 614 -20.34 13.35 -10.79
C LEU C 614 -19.96 12.06 -10.02
N PRO C 615 -19.37 11.07 -10.71
CA PRO C 615 -18.93 9.83 -10.05
C PRO C 615 -18.05 10.05 -8.81
N SER C 616 -18.24 9.21 -7.79
CA SER C 616 -17.35 9.28 -6.61
C SER C 616 -15.89 8.97 -7.00
N LYS C 617 -14.89 9.26 -6.15
CA LYS C 617 -13.52 8.82 -6.53
C LYS C 617 -13.38 7.33 -6.85
N SER C 618 -14.07 6.47 -6.10
CA SER C 618 -13.96 5.02 -6.37
C SER C 618 -14.72 4.63 -7.62
N GLN C 619 -15.85 5.28 -7.87
CA GLN C 619 -16.58 5.01 -9.11
C GLN C 619 -15.70 5.37 -10.34
N ALA C 620 -15.10 6.55 -10.30
CA ALA C 620 -14.18 7.04 -11.36
C ALA C 620 -12.97 6.10 -11.47
N ALA C 621 -12.37 5.74 -10.34
CA ALA C 621 -11.21 4.84 -10.33
C ALA C 621 -11.55 3.52 -11.00
N LYS C 622 -12.75 3.02 -10.76
CA LYS C 622 -13.16 1.72 -11.33
C LYS C 622 -13.44 1.84 -12.82
N ALA C 623 -13.94 3.01 -13.23
CA ALA C 623 -14.08 3.27 -14.69
C ALA C 623 -12.71 3.21 -15.36
N ILE C 624 -11.71 3.85 -14.73
CA ILE C 624 -10.37 3.89 -15.32
C ILE C 624 -9.75 2.48 -15.39
N ALA C 625 -9.98 1.70 -14.33
CA ALA C 625 -9.48 0.33 -14.25
C ALA C 625 -10.08 -0.51 -15.37
N THR C 626 -11.39 -0.35 -15.55
CA THR C 626 -12.09 -1.05 -16.65
C THR C 626 -11.46 -0.69 -18.01
N VAL C 627 -11.28 0.60 -18.25
CA VAL C 627 -10.65 1.05 -19.49
C VAL C 627 -9.23 0.49 -19.67
N TYR C 628 -8.44 0.49 -18.60
CA TYR C 628 -7.11 -0.15 -18.64
C TYR C 628 -7.19 -1.60 -19.18
N ILE C 629 -8.07 -2.39 -18.60
CA ILE C 629 -8.23 -3.81 -18.99
C ILE C 629 -8.72 -3.97 -20.44
N LEU C 630 -9.71 -3.16 -20.81
CA LEU C 630 -10.36 -3.32 -22.12
C LEU C 630 -9.54 -2.79 -23.29
N THR C 631 -8.51 -1.98 -23.02
CA THR C 631 -7.71 -1.34 -24.06
C THR C 631 -6.28 -1.91 -24.18
N LYS C 632 -5.99 -2.95 -23.41
CA LYS C 632 -4.65 -3.52 -23.36
C LYS C 632 -4.39 -4.46 -24.54
N PHE C 633 -3.49 -4.06 -25.42
CA PHE C 633 -3.13 -4.94 -26.54
C PHE C 633 -2.24 -6.07 -26.02
N SER C 634 -2.47 -7.29 -26.49
CA SER C 634 -1.58 -8.38 -26.10
CA SER C 634 -1.58 -8.41 -26.14
C SER C 634 -0.23 -8.31 -26.82
N GLU C 635 0.82 -8.84 -26.17
CA GLU C 635 2.14 -8.91 -26.81
C GLU C 635 2.12 -9.67 -28.14
N ASP C 636 1.20 -10.63 -28.28
CA ASP C 636 1.11 -11.42 -29.52
C ASP C 636 0.04 -10.89 -30.47
N GLU C 637 -0.42 -9.65 -30.29
CA GLU C 637 -1.53 -9.16 -31.14
C GLU C 637 -1.08 -9.19 -32.58
N ARG C 638 -2.00 -9.51 -33.50
CA ARG C 638 -1.75 -9.33 -34.93
C ARG C 638 -2.72 -8.28 -35.46
N TYR C 639 -2.16 -7.30 -36.18
CA TYR C 639 -2.85 -6.09 -36.62
C TYR C 639 -3.28 -6.25 -38.05
N LEU C 640 -4.09 -5.31 -38.51
CA LEU C 640 -4.89 -5.51 -39.71
C LEU C 640 -4.03 -5.90 -40.92
N GLY C 641 -4.37 -7.04 -41.52
CA GLY C 641 -3.72 -7.53 -42.74
C GLY C 641 -2.51 -8.42 -42.45
N ASN C 642 -2.13 -8.56 -41.18
CA ASN C 642 -1.05 -9.49 -40.81
C ASN C 642 -1.62 -10.89 -40.85
N TYR C 643 -1.36 -11.57 -41.95
CA TYR C 643 -1.91 -12.90 -42.21
C TYR C 643 -0.81 -13.98 -42.08
N SER C 644 0.19 -13.70 -41.22
CA SER C 644 1.31 -14.62 -41.01
C SER C 644 0.86 -15.96 -40.39
N ALA C 645 -0.30 -16.00 -39.75
CA ALA C 645 -0.79 -17.25 -39.21
C ALA C 645 -2.08 -17.74 -39.92
N THR C 646 -2.16 -17.50 -41.21
CA THR C 646 -3.31 -17.96 -41.98
C THR C 646 -2.93 -19.13 -42.85
N ALA C 647 -3.94 -19.83 -43.37
CA ALA C 647 -3.77 -21.13 -44.04
C ALA C 647 -3.79 -21.05 -45.57
N TRP C 648 -3.55 -19.87 -46.13
CA TRP C 648 -3.54 -19.68 -47.59
C TRP C 648 -2.33 -20.33 -48.29
N GLU C 649 -2.61 -20.99 -49.43
CA GLU C 649 -1.59 -21.57 -50.29
C GLU C 649 -1.72 -21.11 -51.73
N ASP C 650 -2.95 -20.83 -52.17
N ASP C 650 -2.94 -20.80 -52.16
CA ASP C 650 -3.21 -20.47 -53.57
CA ASP C 650 -3.22 -20.44 -53.54
C ASP C 650 -2.42 -19.21 -53.90
C ASP C 650 -2.44 -19.19 -53.91
N LYS C 651 -1.66 -19.26 -54.99
CA LYS C 651 -0.78 -18.13 -55.36
C LYS C 651 -1.53 -16.84 -55.67
N ASP C 652 -2.71 -16.96 -56.27
CA ASP C 652 -3.52 -15.78 -56.57
C ASP C 652 -3.99 -15.13 -55.25
N ALA C 653 -4.30 -15.94 -54.24
CA ALA C 653 -4.72 -15.40 -52.94
C ALA C 653 -3.54 -14.72 -52.24
N LEU C 654 -2.35 -15.33 -52.33
CA LEU C 654 -1.14 -14.67 -51.82
C LEU C 654 -0.88 -13.32 -52.49
N ASP C 655 -1.09 -13.21 -53.80
CA ASP C 655 -0.93 -11.94 -54.52
C ASP C 655 -1.97 -10.89 -54.05
N ALA C 656 -3.19 -11.34 -53.81
CA ALA C 656 -4.27 -10.43 -53.37
C ALA C 656 -3.93 -9.94 -51.98
N ILE C 657 -3.39 -10.84 -51.15
CA ILE C 657 -2.92 -10.44 -49.81
C ILE C 657 -1.84 -9.36 -49.93
N ASN C 658 -0.85 -9.55 -50.82
CA ASN C 658 0.20 -8.54 -51.02
C ASN C 658 -0.32 -7.16 -51.38
N ARG C 659 -1.29 -7.11 -52.27
CA ARG C 659 -1.83 -5.83 -52.73
C ARG C 659 -2.54 -5.13 -51.57
N PHE C 660 -3.23 -5.93 -50.77
CA PHE C 660 -4.04 -5.42 -49.64
C PHE C 660 -3.09 -4.84 -48.62
N GLN C 661 -2.06 -5.62 -48.26
CA GLN C 661 -1.01 -5.13 -47.36
C GLN C 661 -0.33 -3.83 -47.81
N ASP C 662 -0.02 -3.75 -49.11
CA ASP C 662 0.56 -2.53 -49.66
C ASP C 662 -0.39 -1.33 -49.59
N LYS C 663 -1.67 -1.56 -49.84
CA LYS C 663 -2.69 -0.47 -49.79
C LYS C 663 -2.80 0.01 -48.35
N LEU C 664 -2.75 -0.95 -47.41
CA LEU C 664 -2.84 -0.54 -45.98
C LEU C 664 -1.60 0.26 -45.59
N GLU C 665 -0.44 -0.10 -46.13
CA GLU C 665 0.73 0.71 -45.85
C GLU C 665 0.59 2.15 -46.36
N ASP C 666 0.03 2.30 -47.54
CA ASP C 666 -0.21 3.62 -48.06
CA ASP C 666 -0.27 3.61 -48.11
C ASP C 666 -1.22 4.40 -47.20
N ILE C 667 -2.27 3.73 -46.74
CA ILE C 667 -3.29 4.38 -45.88
C ILE C 667 -2.60 4.84 -44.58
N SER C 668 -1.78 3.96 -44.01
CA SER C 668 -1.03 4.30 -42.77
CA SER C 668 -1.00 4.27 -42.79
C SER C 668 -0.20 5.57 -42.94
N LYS C 669 0.56 5.66 -44.02
CA LYS C 669 1.40 6.84 -44.23
C LYS C 669 0.55 8.09 -44.38
N LYS C 670 -0.54 7.98 -45.12
CA LYS C 670 -1.45 9.13 -45.28
C LYS C 670 -2.07 9.62 -43.96
N ILE C 671 -2.44 8.68 -43.09
CA ILE C 671 -2.97 9.06 -41.79
C ILE C 671 -1.88 9.76 -40.96
N LYS C 672 -0.67 9.22 -40.97
CA LYS C 672 0.41 9.85 -40.18
C LYS C 672 0.70 11.28 -40.66
N GLN C 673 0.75 11.48 -41.99
CA GLN C 673 0.93 12.81 -42.58
C GLN C 673 -0.21 13.76 -42.19
N ARG C 674 -1.45 13.28 -42.30
CA ARG C 674 -2.64 14.04 -41.87
C ARG C 674 -2.50 14.45 -40.39
N ASN C 675 -2.11 13.49 -39.55
CA ASN C 675 -1.99 13.71 -38.10
C ASN C 675 -0.87 14.68 -37.70
N GLU C 676 0.20 14.78 -38.46
CA GLU C 676 1.22 15.75 -38.04
C GLU C 676 0.73 17.19 -38.10
N ASN C 677 -0.31 17.45 -38.88
CA ASN C 677 -0.93 18.77 -38.96
C ASN C 677 -2.17 18.98 -38.04
N LEU C 678 -2.43 18.02 -37.13
CA LEU C 678 -3.60 18.11 -36.26
C LEU C 678 -3.20 18.52 -34.88
N GLU C 679 -4.03 19.33 -34.22
CA GLU C 679 -3.83 19.64 -32.81
C GLU C 679 -3.89 18.38 -31.98
N VAL C 680 -4.80 17.48 -32.32
CA VAL C 680 -4.91 16.22 -31.61
C VAL C 680 -4.99 15.09 -32.67
N PRO C 681 -3.86 14.42 -32.98
CA PRO C 681 -3.82 13.30 -33.90
C PRO C 681 -4.89 12.25 -33.58
N TYR C 682 -5.50 11.72 -34.62
CA TYR C 682 -6.50 10.65 -34.50
C TYR C 682 -5.81 9.35 -34.91
N ILE C 683 -5.48 8.51 -33.94
CA ILE C 683 -4.58 7.38 -34.23
C ILE C 683 -5.28 6.02 -34.25
N TYR C 684 -6.56 5.98 -33.86
CA TYR C 684 -7.20 4.69 -33.53
C TYR C 684 -7.42 3.80 -34.74
N LEU C 685 -7.39 4.42 -35.91
CA LEU C 685 -7.61 3.67 -37.15
C LEU C 685 -6.35 3.55 -38.00
N LEU C 686 -5.19 3.71 -37.38
CA LEU C 686 -3.93 3.33 -38.03
C LEU C 686 -3.90 1.81 -38.18
N PRO C 687 -3.63 1.28 -39.38
CA PRO C 687 -3.62 -0.19 -39.52
C PRO C 687 -2.74 -0.93 -38.48
N GLU C 688 -1.62 -0.32 -38.07
CA GLU C 688 -0.69 -0.89 -37.07
CA GLU C 688 -0.72 -0.95 -37.10
C GLU C 688 -1.26 -0.96 -35.66
N ARG C 689 -2.40 -0.28 -35.44
CA ARG C 689 -3.07 -0.23 -34.13
C ARG C 689 -4.44 -0.89 -34.16
N ILE C 690 -4.85 -1.41 -35.33
CA ILE C 690 -6.14 -2.10 -35.43
C ILE C 690 -5.93 -3.63 -35.41
N PRO C 691 -6.38 -4.32 -34.36
CA PRO C 691 -6.26 -5.80 -34.33
C PRO C 691 -7.07 -6.39 -35.48
N ASN C 692 -6.63 -7.52 -36.04
CA ASN C 692 -7.48 -8.22 -37.03
C ASN C 692 -8.85 -8.52 -36.48
N GLY C 693 -8.93 -8.78 -35.17
CA GLY C 693 -10.20 -9.20 -34.58
C GLY C 693 -10.65 -8.44 -33.34
N THR C 694 -11.76 -8.90 -32.76
CA THR C 694 -12.35 -8.32 -31.56
C THR C 694 -12.02 -9.28 -30.43
N ALA C 695 -10.95 -8.96 -29.69
CA ALA C 695 -10.33 -9.95 -28.78
C ALA C 695 -10.21 -9.41 -27.37
N ILE C 696 -10.69 -8.19 -27.17
CA ILE C 696 -10.60 -7.59 -25.84
C ILE C 696 -11.74 -6.58 -25.66
N HIS D 6 18.96 -14.53 -68.95
CA HIS D 6 18.26 -14.25 -67.64
C HIS D 6 17.76 -15.51 -66.94
N ALA D 7 17.59 -15.41 -65.63
CA ALA D 7 16.94 -16.46 -64.87
C ALA D 7 15.80 -15.83 -64.06
N ILE D 8 14.86 -16.65 -63.68
CA ILE D 8 13.79 -16.22 -62.80
C ILE D 8 14.06 -16.89 -61.47
N TYR D 9 14.20 -16.09 -60.43
CA TYR D 9 14.45 -16.63 -59.10
C TYR D 9 13.20 -16.58 -58.23
N ASN D 10 12.76 -17.74 -57.70
CA ASN D 10 11.76 -17.80 -56.64
C ASN D 10 12.48 -17.64 -55.31
N VAL D 11 12.15 -16.56 -54.59
CA VAL D 11 12.76 -16.24 -53.30
C VAL D 11 11.70 -16.31 -52.21
N GLU D 12 11.94 -17.16 -51.20
CA GLU D 12 11.06 -17.24 -50.05
C GLU D 12 11.86 -16.83 -48.83
N VAL D 13 11.29 -15.93 -48.02
CA VAL D 13 11.95 -15.49 -46.82
C VAL D 13 11.11 -15.84 -45.62
N GLU D 14 11.73 -16.47 -44.63
CA GLU D 14 11.10 -16.73 -43.35
CA GLU D 14 11.11 -16.75 -43.34
C GLU D 14 11.61 -15.75 -42.30
N THR D 15 10.70 -14.93 -41.78
CA THR D 15 11.04 -13.95 -40.77
C THR D 15 10.77 -14.62 -39.42
N GLY D 16 11.68 -14.43 -38.48
CA GLY D 16 11.51 -14.99 -37.17
C GLY D 16 10.25 -14.45 -36.48
N ASP D 17 9.77 -15.23 -35.52
CA ASP D 17 8.58 -14.86 -34.75
C ASP D 17 8.76 -13.89 -33.61
N ARG D 18 9.97 -13.63 -33.22
CA ARG D 18 10.18 -12.86 -32.01
C ARG D 18 9.69 -11.39 -32.17
N GLU D 19 9.35 -10.75 -31.04
CA GLU D 19 8.91 -9.35 -31.08
CA GLU D 19 8.91 -9.36 -31.08
C GLU D 19 9.88 -8.49 -31.89
N HIS D 20 9.31 -7.63 -32.73
CA HIS D 20 10.03 -6.69 -33.61
C HIS D 20 10.86 -7.35 -34.71
N ALA D 21 10.67 -8.65 -34.89
CA ALA D 21 11.35 -9.35 -36.02
C ALA D 21 11.00 -8.80 -37.41
N GLY D 22 9.76 -8.32 -37.57
CA GLY D 22 9.32 -7.79 -38.87
C GLY D 22 9.98 -6.50 -39.29
N THR D 23 9.72 -6.08 -40.54
CA THR D 23 10.29 -4.83 -41.00
C THR D 23 9.36 -4.21 -42.03
N ASP D 24 9.38 -2.87 -42.10
CA ASP D 24 8.76 -2.19 -43.24
C ASP D 24 9.80 -1.44 -44.07
N ALA D 25 11.08 -1.67 -43.82
CA ALA D 25 12.12 -1.16 -44.71
C ALA D 25 11.97 -1.73 -46.13
N THR D 26 12.49 -1.00 -47.13
CA THR D 26 12.60 -1.52 -48.48
C THR D 26 13.77 -2.53 -48.54
N ILE D 27 13.44 -3.77 -48.91
CA ILE D 27 14.42 -4.84 -49.00
C ILE D 27 14.78 -5.16 -50.45
N THR D 28 16.08 -5.27 -50.71
CA THR D 28 16.57 -5.75 -52.00
C THR D 28 17.47 -6.96 -51.78
N ILE D 29 17.63 -7.79 -52.81
CA ILE D 29 18.50 -8.97 -52.73
C ILE D 29 19.45 -9.01 -53.94
N ARG D 30 20.74 -9.22 -53.69
CA ARG D 30 21.69 -9.46 -54.77
C ARG D 30 22.15 -10.93 -54.72
N ILE D 31 22.00 -11.63 -55.84
CA ILE D 31 22.35 -13.05 -55.96
C ILE D 31 23.70 -13.24 -56.69
N THR D 32 24.60 -14.02 -56.11
CA THR D 32 25.94 -14.28 -56.70
C THR D 32 26.13 -15.76 -56.97
N GLY D 33 26.58 -16.11 -58.18
CA GLY D 33 26.79 -17.50 -58.55
C GLY D 33 28.01 -17.71 -59.43
N ALA D 34 28.18 -18.94 -59.91
CA ALA D 34 29.36 -19.28 -60.75
C ALA D 34 29.60 -18.30 -61.90
N LYS D 35 28.50 -17.85 -62.54
CA LYS D 35 28.57 -17.10 -63.79
C LYS D 35 28.59 -15.59 -63.60
N GLY D 36 28.37 -15.13 -62.37
CA GLY D 36 28.34 -13.68 -62.11
C GLY D 36 27.38 -13.30 -61.01
N ARG D 37 26.83 -12.09 -61.08
CA ARG D 37 25.85 -11.62 -60.08
C ARG D 37 24.77 -10.69 -60.63
N THR D 38 23.60 -10.75 -60.00
CA THR D 38 22.46 -9.94 -60.40
C THR D 38 22.68 -8.52 -59.89
N ASP D 39 21.82 -7.58 -60.30
CA ASP D 39 21.75 -6.31 -59.59
C ASP D 39 21.01 -6.60 -58.28
N TYR D 40 20.93 -5.62 -57.39
CA TYR D 40 20.04 -5.72 -56.24
C TYR D 40 18.59 -5.75 -56.75
N LEU D 41 17.89 -6.84 -56.45
CA LEU D 41 16.51 -7.05 -56.91
C LEU D 41 15.48 -6.79 -55.79
N LYS D 42 14.35 -6.16 -56.14
CA LYS D 42 13.40 -5.74 -55.11
C LYS D 42 12.53 -6.88 -54.61
N LEU D 43 12.39 -6.97 -53.28
CA LEU D 43 11.38 -7.82 -52.65
C LEU D 43 10.37 -6.87 -52.02
N ASP D 44 9.42 -6.41 -52.82
CA ASP D 44 8.61 -5.25 -52.49
C ASP D 44 7.20 -5.52 -52.94
N LYS D 45 6.50 -6.34 -52.18
CA LYS D 45 5.24 -6.89 -52.62
C LYS D 45 4.72 -7.53 -51.36
N GLY D 46 3.84 -6.84 -50.60
CA GLY D 46 3.25 -7.41 -49.37
C GLY D 46 4.13 -7.03 -48.17
N SER D 47 3.77 -7.46 -46.98
CA SER D 47 4.58 -7.10 -45.80
C SER D 47 5.58 -8.20 -45.36
N PHE D 48 6.44 -7.83 -44.40
CA PHE D 48 7.31 -8.81 -43.71
C PHE D 48 6.98 -8.80 -42.23
N GLU D 49 5.95 -9.52 -41.86
CA GLU D 49 5.57 -9.56 -40.46
C GLU D 49 6.37 -10.63 -39.71
N ALA D 50 6.49 -10.48 -38.41
CA ALA D 50 7.07 -11.57 -37.57
C ALA D 50 6.35 -12.92 -37.80
N GLY D 51 7.14 -13.99 -37.99
CA GLY D 51 6.60 -15.34 -38.22
C GLY D 51 6.21 -15.61 -39.66
N SER D 52 6.32 -14.62 -40.53
CA SER D 52 5.82 -14.81 -41.90
C SER D 52 6.77 -15.58 -42.81
N LYS D 53 6.17 -16.27 -43.80
CA LYS D 53 6.93 -16.87 -44.89
C LYS D 53 6.42 -16.25 -46.16
N GLU D 54 7.27 -15.43 -46.78
CA GLU D 54 6.80 -14.58 -47.84
C GLU D 54 7.50 -14.93 -49.14
N GLN D 55 6.75 -14.97 -50.24
CA GLN D 55 7.32 -15.37 -51.53
C GLN D 55 7.43 -14.25 -52.55
N TYR D 56 8.51 -14.29 -53.33
CA TYR D 56 8.80 -13.30 -54.35
C TYR D 56 9.29 -14.02 -55.59
N THR D 57 9.00 -13.41 -56.74
CA THR D 57 9.49 -13.92 -58.05
C THR D 57 10.22 -12.76 -58.68
N VAL D 58 11.53 -12.92 -58.89
CA VAL D 58 12.30 -11.84 -59.50
C VAL D 58 13.13 -12.37 -60.67
N GLN D 59 13.46 -11.46 -61.59
CA GLN D 59 14.18 -11.80 -62.82
C GLN D 59 15.49 -11.05 -62.86
N GLY D 60 16.56 -11.76 -63.21
CA GLY D 60 17.84 -11.12 -63.43
C GLY D 60 18.82 -12.00 -64.19
N PHE D 61 20.06 -11.51 -64.25
CA PHE D 61 21.21 -12.26 -64.77
C PHE D 61 21.19 -13.70 -64.25
N ASP D 62 21.36 -14.67 -65.15
CA ASP D 62 21.53 -16.07 -64.73
C ASP D 62 22.92 -16.28 -64.12
N VAL D 63 22.98 -16.50 -62.82
CA VAL D 63 24.30 -16.68 -62.18
C VAL D 63 24.80 -18.12 -62.27
N GLY D 64 24.05 -19.01 -62.91
CA GLY D 64 24.36 -20.44 -62.83
C GLY D 64 24.19 -20.95 -61.40
N ASP D 65 25.15 -21.73 -60.92
CA ASP D 65 25.06 -22.28 -59.55
C ASP D 65 25.16 -21.12 -58.56
N ILE D 66 24.14 -20.98 -57.70
CA ILE D 66 24.15 -19.87 -56.74
C ILE D 66 25.15 -20.15 -55.63
N GLN D 67 25.95 -19.15 -55.29
CA GLN D 67 27.02 -19.31 -54.29
C GLN D 67 26.87 -18.52 -52.98
N LEU D 68 26.32 -17.31 -53.09
CA LEU D 68 26.02 -16.49 -51.93
C LEU D 68 24.94 -15.48 -52.28
N ILE D 69 24.29 -14.94 -51.25
CA ILE D 69 23.35 -13.84 -51.44
C ILE D 69 23.64 -12.69 -50.48
N GLU D 70 23.16 -11.51 -50.86
CA GLU D 70 23.27 -10.32 -50.05
C GLU D 70 21.87 -9.70 -49.92
N LEU D 71 21.42 -9.50 -48.69
CA LEU D 71 20.17 -8.81 -48.44
C LEU D 71 20.54 -7.39 -48.08
N HIS D 72 19.78 -6.42 -48.59
CA HIS D 72 20.00 -5.03 -48.22
C HIS D 72 18.70 -4.41 -47.75
N SER D 73 18.78 -3.70 -46.63
CA SER D 73 17.68 -2.90 -46.10
C SER D 73 18.04 -1.41 -46.18
N ASP D 74 17.07 -0.59 -46.58
CA ASP D 74 17.31 0.84 -46.67
C ASP D 74 17.14 1.50 -45.31
N GLY D 75 16.90 0.69 -44.28
CA GLY D 75 16.76 1.15 -42.91
C GLY D 75 15.45 1.86 -42.64
N GLY D 76 14.52 1.73 -43.57
CA GLY D 76 13.20 2.29 -43.43
C GLY D 76 13.11 3.77 -43.81
N GLY D 77 11.89 4.27 -43.94
CA GLY D 77 11.71 5.67 -44.22
C GLY D 77 11.38 6.49 -42.99
N TYR D 78 10.80 7.66 -43.25
CA TYR D 78 10.49 8.63 -42.22
C TYR D 78 9.64 8.03 -41.09
N TRP D 79 8.67 7.20 -41.46
CA TRP D 79 7.70 6.62 -40.52
C TRP D 79 8.03 5.22 -39.95
N SER D 80 9.12 4.58 -40.41
CA SER D 80 9.54 3.26 -39.92
C SER D 80 9.94 3.24 -38.43
N GLY D 81 9.18 2.50 -37.62
CA GLY D 81 9.43 2.39 -36.18
C GLY D 81 10.65 1.56 -35.83
N ASP D 82 10.78 0.39 -36.45
CA ASP D 82 11.86 -0.57 -36.13
C ASP D 82 12.31 -1.34 -37.38
N PRO D 83 13.09 -0.69 -38.25
CA PRO D 83 13.50 -1.31 -39.52
C PRO D 83 14.30 -2.60 -39.36
N ASP D 84 14.93 -2.85 -38.19
CA ASP D 84 15.76 -4.06 -38.00
C ASP D 84 14.91 -5.29 -38.23
N TRP D 85 15.49 -6.32 -38.84
CA TRP D 85 14.68 -7.41 -39.38
C TRP D 85 15.32 -8.73 -39.01
N PHE D 86 14.61 -9.56 -38.23
CA PHE D 86 15.18 -10.85 -37.84
C PHE D 86 14.74 -11.93 -38.83
N VAL D 87 15.71 -12.43 -39.60
CA VAL D 87 15.46 -13.39 -40.67
C VAL D 87 15.89 -14.78 -40.20
N ASN D 88 14.95 -15.72 -40.24
CA ASN D 88 15.26 -17.13 -39.99
C ASN D 88 16.08 -17.71 -41.15
N ARG D 89 15.52 -17.63 -42.35
CA ARG D 89 16.12 -18.33 -43.48
C ARG D 89 15.61 -17.76 -44.79
N VAL D 90 16.44 -17.87 -45.83
CA VAL D 90 16.02 -17.54 -47.19
C VAL D 90 16.16 -18.83 -48.02
N ILE D 91 15.16 -19.11 -48.87
CA ILE D 91 15.21 -20.26 -49.77
C ILE D 91 15.04 -19.73 -51.18
N ILE D 92 15.90 -20.18 -52.10
CA ILE D 92 15.85 -19.71 -53.47
C ILE D 92 15.85 -20.90 -54.46
N ILE D 93 15.07 -20.75 -55.53
CA ILE D 93 15.07 -21.71 -56.62
C ILE D 93 15.30 -20.92 -57.89
N SER D 94 16.34 -21.29 -58.63
CA SER D 94 16.66 -20.62 -59.88
C SER D 94 16.08 -21.44 -61.02
N SER D 95 15.54 -20.76 -62.04
CA SER D 95 14.88 -21.45 -63.16
C SER D 95 15.89 -22.27 -63.95
N THR D 96 17.18 -21.94 -63.80
CA THR D 96 18.25 -22.62 -64.56
C THR D 96 19.02 -23.69 -63.77
N GLN D 97 18.63 -23.94 -62.52
CA GLN D 97 19.34 -24.90 -61.67
C GLN D 97 18.36 -25.85 -61.04
N ASP D 98 18.78 -27.11 -60.89
CA ASP D 98 17.96 -28.15 -60.29
C ASP D 98 18.35 -28.40 -58.85
N ARG D 99 18.36 -27.31 -58.07
CA ARG D 99 18.66 -27.37 -56.64
CA ARG D 99 18.71 -27.31 -56.66
C ARG D 99 17.69 -26.46 -55.90
N VAL D 100 17.53 -26.73 -54.61
CA VAL D 100 16.85 -25.82 -53.71
C VAL D 100 17.96 -25.32 -52.79
N TYR D 101 18.25 -24.02 -52.89
CA TYR D 101 19.30 -23.35 -52.12
C TYR D 101 18.71 -22.79 -50.83
N SER D 102 19.27 -23.20 -49.71
CA SER D 102 18.75 -22.84 -48.42
C SER D 102 19.83 -22.03 -47.69
N PHE D 103 19.47 -20.83 -47.22
CA PHE D 103 20.39 -19.91 -46.56
C PHE D 103 19.93 -19.66 -45.12
N PRO D 104 20.46 -20.43 -44.16
CA PRO D 104 20.05 -20.19 -42.77
C PRO D 104 20.65 -18.88 -42.28
N CYS D 105 19.93 -18.16 -41.42
CA CYS D 105 20.43 -16.89 -40.95
C CYS D 105 20.33 -16.85 -39.44
N PHE D 106 19.11 -16.67 -38.94
CA PHE D 106 18.83 -16.58 -37.51
C PHE D 106 19.66 -15.49 -36.86
N ARG D 107 19.72 -14.34 -37.53
CA ARG D 107 20.34 -13.14 -36.98
C ARG D 107 19.57 -11.92 -37.45
N TRP D 108 19.87 -10.78 -36.83
CA TRP D 108 19.30 -9.51 -37.23
C TRP D 108 19.95 -8.92 -38.49
N VAL D 109 19.11 -8.52 -39.43
CA VAL D 109 19.49 -7.73 -40.59
C VAL D 109 19.30 -6.25 -40.27
N ILE D 110 20.39 -5.51 -40.29
CA ILE D 110 20.35 -4.07 -40.04
C ILE D 110 20.32 -3.33 -41.39
N LYS D 111 21.44 -3.34 -42.11
CA LYS D 111 21.56 -2.70 -43.41
C LYS D 111 21.94 -3.74 -44.47
N ASP D 112 22.99 -4.52 -44.20
CA ASP D 112 23.47 -5.52 -45.16
C ASP D 112 23.71 -6.84 -44.48
N MET D 113 23.35 -7.92 -45.17
CA MET D 113 23.60 -9.27 -44.67
C MET D 113 23.99 -10.18 -45.81
N VAL D 114 25.18 -10.75 -45.72
CA VAL D 114 25.64 -11.79 -46.65
C VAL D 114 25.24 -13.18 -46.11
N LEU D 115 24.64 -14.02 -46.96
CA LEU D 115 24.36 -15.40 -46.55
C LEU D 115 24.92 -16.42 -47.52
N PHE D 116 25.28 -17.61 -47.02
CA PHE D 116 25.78 -18.72 -47.85
C PHE D 116 24.82 -19.88 -47.82
N PRO D 117 24.68 -20.63 -48.95
CA PRO D 117 23.75 -21.76 -48.96
C PRO D 117 24.36 -23.04 -48.39
N GLY D 118 23.50 -23.90 -47.84
CA GLY D 118 23.89 -25.28 -47.52
C GLY D 118 24.49 -25.47 -46.14
N GLU D 119 25.29 -26.51 -45.99
CA GLU D 119 25.78 -26.98 -44.72
C GLU D 119 26.93 -26.11 -44.19
N ALA D 120 27.12 -26.15 -42.88
CA ALA D 120 28.26 -25.52 -42.20
C ALA D 120 29.58 -26.05 -42.73
N THR D 121 30.61 -25.20 -42.68
CA THR D 121 31.95 -25.58 -43.20
C THR D 121 33.03 -25.06 -42.28
N LEU D 122 34.13 -25.81 -42.23
CA LEU D 122 35.40 -25.33 -41.69
C LEU D 122 36.06 -24.41 -42.73
N PRO D 123 36.88 -23.43 -42.29
CA PRO D 123 37.34 -22.40 -43.23
C PRO D 123 38.17 -22.93 -44.42
N PHE D 124 38.88 -24.05 -44.21
CA PHE D 124 39.68 -24.69 -45.25
C PHE D 124 38.90 -25.60 -46.20
N ASN D 125 37.63 -25.89 -45.89
CA ASN D 125 36.81 -26.70 -46.80
C ASN D 125 36.65 -25.99 -48.15
N GLU D 126 36.78 -26.74 -49.25
CA GLU D 126 36.76 -26.15 -50.59
C GLU D 126 35.44 -25.44 -50.89
N VAL D 127 35.57 -24.16 -51.19
CA VAL D 127 34.44 -23.29 -51.38
C VAL D 127 34.86 -22.31 -52.47
N PRO D 128 33.90 -21.72 -53.26
CA PRO D 128 34.35 -20.67 -54.21
C PRO D 128 35.11 -19.55 -53.49
N ALA D 129 36.03 -18.90 -54.19
CA ALA D 129 36.87 -17.85 -53.65
C ALA D 129 36.07 -16.71 -53.03
N ILE D 130 34.94 -16.38 -53.67
CA ILE D 130 34.12 -15.25 -53.27
C ILE D 130 33.53 -15.51 -51.86
N VAL D 131 33.28 -16.78 -51.57
CA VAL D 131 32.71 -17.20 -50.30
C VAL D 131 33.81 -17.09 -49.23
N SER D 132 34.99 -17.61 -49.55
CA SER D 132 36.17 -17.43 -48.67
C SER D 132 36.43 -15.96 -48.38
N GLU D 133 36.39 -15.14 -49.40
CA GLU D 133 36.60 -13.68 -49.24
C GLU D 133 35.56 -13.04 -48.31
N GLN D 134 34.30 -13.40 -48.48
CA GLN D 134 33.22 -12.81 -47.70
C GLN D 134 33.27 -13.32 -46.25
N ARG D 135 33.68 -14.58 -46.09
CA ARG D 135 33.91 -15.15 -44.76
C ARG D 135 34.99 -14.39 -44.02
N GLN D 136 36.13 -14.16 -44.67
CA GLN D 136 37.22 -13.32 -44.08
C GLN D 136 36.75 -11.92 -43.71
N LYS D 137 36.02 -11.28 -44.60
CA LYS D 137 35.44 -9.95 -44.34
C LYS D 137 34.50 -9.97 -43.12
N GLU D 138 33.66 -11.00 -43.01
CA GLU D 138 32.77 -11.16 -41.85
C GLU D 138 33.59 -11.14 -40.56
N LEU D 139 34.65 -11.96 -40.50
CA LEU D 139 35.50 -12.04 -39.30
C LEU D 139 36.21 -10.73 -38.96
N GLU D 140 36.63 -10.00 -39.98
CA GLU D 140 37.24 -8.68 -39.76
C GLU D 140 36.25 -7.72 -39.07
N GLN D 141 35.02 -7.69 -39.58
CA GLN D 141 33.93 -6.88 -39.04
CA GLN D 141 34.01 -6.84 -39.00
C GLN D 141 33.63 -7.29 -37.59
N ARG D 142 33.56 -8.60 -37.34
CA ARG D 142 33.30 -9.12 -35.98
C ARG D 142 34.26 -8.52 -34.94
N LYS D 143 35.54 -8.39 -35.30
CA LYS D 143 36.59 -7.92 -34.37
C LYS D 143 36.51 -6.42 -34.09
N LEU D 144 35.83 -5.71 -34.97
CA LEU D 144 35.50 -4.31 -34.68
C LEU D 144 34.25 -4.21 -33.79
N THR D 145 33.27 -5.07 -34.06
CA THR D 145 31.99 -5.01 -33.33
C THR D 145 32.08 -5.56 -31.92
N TYR D 146 32.89 -6.61 -31.79
CA TYR D 146 32.94 -7.38 -30.58
C TYR D 146 34.32 -7.22 -29.97
N GLN D 147 34.41 -6.37 -28.97
CA GLN D 147 35.72 -6.02 -28.39
C GLN D 147 35.85 -6.37 -26.91
N TRP D 148 37.10 -6.67 -26.51
CA TRP D 148 37.42 -7.02 -25.11
C TRP D 148 37.39 -5.79 -24.22
N ASP D 149 36.91 -5.98 -22.99
CA ASP D 149 37.00 -4.95 -21.95
C ASP D 149 37.19 -5.71 -20.65
N TYR D 150 37.63 -4.99 -19.60
CA TYR D 150 38.00 -5.65 -18.36
C TYR D 150 37.61 -4.77 -17.18
N VAL D 151 37.02 -5.39 -16.16
CA VAL D 151 36.70 -4.69 -14.90
C VAL D 151 38.03 -4.36 -14.19
N SER D 152 39.01 -5.24 -14.33
CA SER D 152 40.30 -5.05 -13.64
C SER D 152 41.29 -6.06 -14.21
N ASP D 153 42.55 -5.95 -13.81
CA ASP D 153 43.57 -6.92 -14.24
C ASP D 153 43.29 -8.33 -13.73
N ASP D 154 42.43 -8.44 -12.73
CA ASP D 154 42.19 -9.74 -12.09
C ASP D 154 40.77 -10.30 -12.35
N MET D 155 40.17 -9.90 -13.46
CA MET D 155 38.83 -10.35 -13.82
C MET D 155 38.83 -10.84 -15.26
N PRO D 156 38.02 -11.89 -15.56
CA PRO D 156 37.91 -12.42 -16.93
C PRO D 156 37.45 -11.33 -17.90
N GLY D 157 37.89 -11.35 -19.17
CA GLY D 157 37.45 -10.37 -20.16
C GLY D 157 35.96 -10.44 -20.46
N ASN D 158 35.37 -9.25 -20.63
CA ASN D 158 33.97 -9.09 -20.96
C ASN D 158 33.79 -8.30 -22.24
N ILE D 159 32.56 -8.21 -22.70
CA ILE D 159 32.27 -7.43 -23.90
C ILE D 159 32.32 -5.93 -23.58
N LYS D 160 32.91 -5.17 -24.50
CA LYS D 160 32.91 -3.72 -24.43
C LYS D 160 31.53 -3.17 -24.85
N ALA D 161 30.85 -2.58 -23.87
CA ALA D 161 29.50 -2.00 -24.07
C ALA D 161 29.15 -1.22 -22.81
N LYS D 162 28.85 0.06 -22.98
CA LYS D 162 28.51 0.87 -21.81
C LYS D 162 27.12 0.49 -21.27
N THR D 163 26.14 0.29 -22.15
CA THR D 163 24.80 -0.13 -21.70
C THR D 163 24.32 -1.28 -22.57
N HIS D 164 23.22 -1.92 -22.16
CA HIS D 164 22.61 -2.98 -22.95
C HIS D 164 22.37 -2.50 -24.38
N ASP D 165 21.85 -1.30 -24.51
CA ASP D 165 21.46 -0.85 -25.83
C ASP D 165 22.66 -0.48 -26.73
N ASP D 166 23.85 -0.41 -26.14
CA ASP D 166 25.12 -0.34 -26.94
C ASP D 166 25.55 -1.69 -27.53
N LEU D 167 24.97 -2.79 -27.06
CA LEU D 167 25.31 -4.10 -27.64
C LEU D 167 24.76 -4.27 -29.06
N PRO D 168 25.49 -5.02 -29.89
CA PRO D 168 24.92 -5.50 -31.16
C PRO D 168 23.61 -6.22 -30.90
N ARG D 169 22.64 -6.00 -31.79
CA ARG D 169 21.30 -6.54 -31.58
C ARG D 169 21.32 -8.06 -31.47
N ASP D 170 22.24 -8.71 -32.18
CA ASP D 170 22.41 -10.18 -32.11
C ASP D 170 22.69 -10.68 -30.70
N VAL D 171 23.31 -9.84 -29.86
CA VAL D 171 23.59 -10.26 -28.47
C VAL D 171 22.76 -9.56 -27.37
N GLN D 172 21.85 -8.69 -27.77
CA GLN D 172 20.90 -8.11 -26.80
C GLN D 172 19.87 -9.15 -26.36
N PHE D 173 19.23 -8.91 -25.21
CA PHE D 173 18.02 -9.65 -24.89
C PHE D 173 17.01 -9.49 -26.04
N THR D 174 16.21 -10.52 -26.29
CA THR D 174 14.97 -10.38 -27.04
C THR D 174 14.12 -9.33 -26.34
N ASP D 175 13.17 -8.72 -27.04
CA ASP D 175 12.29 -7.78 -26.36
C ASP D 175 11.48 -8.50 -25.28
N GLU D 176 11.17 -9.76 -25.53
CA GLU D 176 10.42 -10.57 -24.55
C GLU D 176 11.20 -10.70 -23.25
N LYS D 177 12.50 -10.99 -23.37
CA LYS D 177 13.33 -11.10 -22.18
C LYS D 177 13.61 -9.74 -21.53
N SER D 178 13.85 -8.70 -22.34
CA SER D 178 13.87 -7.33 -21.78
C SER D 178 12.62 -7.01 -20.96
N ARG D 179 11.42 -7.30 -21.47
CA ARG D 179 10.20 -7.05 -20.72
C ARG D 179 10.11 -7.91 -19.45
N SER D 180 10.50 -9.18 -19.56
CA SER D 180 10.45 -10.09 -18.43
C SER D 180 11.34 -9.51 -17.34
N TYR D 181 12.55 -9.10 -17.72
CA TYR D 181 13.50 -8.52 -16.77
C TYR D 181 13.00 -7.19 -16.15
N GLN D 182 12.61 -6.24 -16.98
N GLN D 182 12.59 -6.28 -17.04
CA GLN D 182 12.18 -4.94 -16.44
CA GLN D 182 12.12 -4.95 -16.66
C GLN D 182 10.92 -5.07 -15.58
C GLN D 182 10.92 -5.00 -15.73
N GLU D 183 9.97 -5.88 -16.03
CA GLU D 183 8.74 -6.12 -15.25
CA GLU D 183 8.77 -6.02 -15.21
C GLU D 183 9.07 -6.73 -13.88
N SER D 184 10.06 -7.64 -13.85
CA SER D 184 10.52 -8.24 -12.57
C SER D 184 11.09 -7.20 -11.64
N ARG D 185 11.87 -6.25 -12.18
CA ARG D 185 12.43 -5.16 -11.37
CA ARG D 185 12.42 -5.15 -11.38
C ARG D 185 11.30 -4.28 -10.82
N LYS D 186 10.30 -4.00 -11.67
CA LYS D 186 9.16 -3.20 -11.20
C LYS D 186 8.34 -3.94 -10.15
N ALA D 187 8.02 -5.20 -10.42
CA ALA D 187 7.30 -6.03 -9.42
C ALA D 187 8.05 -6.11 -8.09
N ALA D 188 9.38 -6.28 -8.16
CA ALA D 188 10.19 -6.31 -6.91
C ALA D 188 9.99 -5.04 -6.08
N LEU D 189 10.06 -3.89 -6.75
CA LEU D 189 9.93 -2.60 -6.07
C LEU D 189 8.57 -2.49 -5.43
N VAL D 190 7.54 -2.95 -6.14
CA VAL D 190 6.15 -2.93 -5.64
C VAL D 190 5.99 -3.90 -4.44
N ASN D 191 6.53 -5.11 -4.58
CA ASN D 191 6.40 -6.15 -3.53
C ASN D 191 7.16 -5.73 -2.28
N LEU D 192 8.35 -5.18 -2.48
CA LEU D 192 9.10 -4.54 -1.38
C LEU D 192 8.34 -3.45 -0.64
N GLY D 193 7.74 -2.53 -1.41
CA GLY D 193 6.99 -1.40 -0.84
C GLY D 193 5.73 -1.88 -0.11
N ILE D 194 5.02 -2.85 -0.68
CA ILE D 194 3.82 -3.40 -0.02
C ILE D 194 4.22 -4.17 1.27
N GLY D 195 5.23 -5.05 1.15
CA GLY D 195 5.78 -5.79 2.30
C GLY D 195 6.28 -4.84 3.38
N SER D 196 6.91 -3.75 2.96
CA SER D 196 7.37 -2.74 3.91
C SER D 196 6.22 -2.13 4.74
N LEU D 197 5.18 -1.66 4.04
CA LEU D 197 4.00 -1.11 4.72
C LEU D 197 3.37 -2.13 5.66
N PHE D 198 3.26 -3.36 5.20
CA PHE D 198 2.54 -4.37 5.98
C PHE D 198 3.29 -4.70 7.28
N THR D 199 4.61 -4.81 7.20
CA THR D 199 5.43 -5.29 8.32
C THR D 199 6.08 -4.13 9.05
N MET D 200 5.69 -2.91 8.70
CA MET D 200 6.35 -1.69 9.16
C MET D 200 6.59 -1.68 10.67
N PHE D 201 5.57 -2.00 11.45
CA PHE D 201 5.72 -1.86 12.90
C PHE D 201 5.88 -3.17 13.66
N GLU D 202 6.21 -4.22 12.94
CA GLU D 202 6.49 -5.51 13.57
C GLU D 202 7.85 -5.50 14.17
N ASN D 203 7.91 -5.89 15.44
N ASN D 203 7.91 -5.85 15.46
CA ASN D 203 9.19 -6.11 16.10
CA ASN D 203 9.19 -6.11 16.10
C ASN D 203 9.49 -7.60 16.07
C ASN D 203 9.43 -7.60 15.95
N TRP D 204 10.61 -7.95 15.48
CA TRP D 204 10.96 -9.35 15.31
C TRP D 204 11.62 -9.96 16.54
N ASP D 205 11.15 -11.17 16.72
CA ASP D 205 10.92 -11.74 18.02
C ASP D 205 11.08 -13.28 17.87
N SER D 206 11.01 -13.78 16.62
CA SER D 206 11.20 -15.22 16.35
C SER D 206 11.77 -15.49 14.94
N TYR D 207 12.28 -16.72 14.73
CA TYR D 207 12.68 -17.15 13.38
C TYR D 207 11.49 -17.15 12.45
N ASP D 208 10.34 -17.58 12.98
CA ASP D 208 9.14 -17.68 12.17
C ASP D 208 8.61 -16.37 11.61
N ASP D 209 9.04 -15.24 12.18
CA ASP D 209 8.65 -13.92 11.64
C ASP D 209 9.10 -13.76 10.18
N TYR D 210 10.20 -14.42 9.81
CA TYR D 210 10.80 -14.30 8.47
C TYR D 210 9.98 -14.92 7.36
N HIS D 211 9.10 -15.87 7.70
CA HIS D 211 8.21 -16.51 6.72
C HIS D 211 7.32 -15.48 6.00
N ILE D 212 7.00 -14.38 6.68
CA ILE D 212 6.11 -13.33 6.10
C ILE D 212 6.70 -12.71 4.82
N LEU D 213 8.02 -12.70 4.74
CA LEU D 213 8.74 -12.00 3.67
C LEU D 213 8.61 -12.63 2.29
N TYR D 214 8.34 -13.93 2.20
CA TYR D 214 8.18 -14.54 0.87
C TYR D 214 6.73 -14.65 0.46
N ARG D 215 5.84 -14.22 1.34
CA ARG D 215 4.43 -14.51 1.17
C ARG D 215 3.79 -13.75 -0.01
N ASN D 216 4.21 -12.49 -0.20
CA ASN D 216 3.64 -11.66 -1.26
C ASN D 216 4.44 -11.67 -2.57
N TRP D 217 5.18 -12.75 -2.78
CA TRP D 217 6.02 -12.93 -3.97
C TRP D 217 5.57 -14.13 -4.78
N ILE D 218 5.65 -14.02 -6.10
CA ILE D 218 5.37 -15.19 -6.94
C ILE D 218 6.69 -15.91 -7.09
N LEU D 219 6.87 -16.97 -6.30
CA LEU D 219 8.13 -17.70 -6.28
C LEU D 219 7.96 -19.15 -6.79
N GLY D 220 6.73 -19.53 -7.08
CA GLY D 220 6.46 -20.88 -7.61
C GLY D 220 6.25 -21.89 -6.49
N GLY D 221 6.00 -21.38 -5.28
CA GLY D 221 5.73 -22.26 -4.13
C GLY D 221 6.54 -21.85 -2.92
N THR D 222 6.04 -22.18 -1.73
CA THR D 222 6.79 -21.95 -0.51
C THR D 222 8.19 -22.59 -0.62
N PRO D 223 9.24 -21.90 -0.16
CA PRO D 223 10.58 -22.51 -0.25
C PRO D 223 10.58 -23.88 0.42
N ASN D 224 11.14 -24.89 -0.24
CA ASN D 224 11.04 -26.26 0.26
C ASN D 224 11.81 -26.57 1.54
N MET D 225 12.66 -25.65 1.98
CA MET D 225 13.36 -25.78 3.28
C MET D 225 12.66 -25.02 4.42
N ALA D 226 11.57 -24.32 4.11
CA ALA D 226 10.99 -23.37 5.09
C ALA D 226 10.54 -24.09 6.36
N ASP D 227 10.09 -25.34 6.20
CA ASP D 227 9.55 -26.12 7.33
C ASP D 227 10.61 -26.99 8.04
N ARG D 228 11.84 -27.01 7.53
CA ARG D 228 12.81 -28.00 8.02
C ARG D 228 14.23 -27.48 8.15
N TRP D 229 14.38 -26.17 7.96
CA TRP D 229 15.68 -25.51 7.88
C TRP D 229 16.52 -25.73 9.17
N HIS D 230 15.81 -25.83 10.31
CA HIS D 230 16.41 -25.88 11.64
C HIS D 230 16.96 -27.28 11.98
N GLU D 231 16.61 -28.27 11.18
CA GLU D 231 17.00 -29.65 11.43
C GLU D 231 18.37 -29.98 10.80
N ASP D 232 19.25 -30.54 11.62
CA ASP D 232 20.62 -30.89 11.19
C ASP D 232 20.65 -31.69 9.89
N ARG D 233 19.77 -32.67 9.75
CA ARG D 233 19.74 -33.53 8.58
C ARG D 233 19.50 -32.68 7.31
N TRP D 234 18.52 -31.78 7.39
CA TRP D 234 18.17 -30.90 6.25
C TRP D 234 19.19 -29.77 6.01
N PHE D 235 19.88 -29.34 7.08
CA PHE D 235 21.03 -28.42 6.94
C PHE D 235 22.15 -29.09 6.14
N GLY D 236 22.49 -30.35 6.51
CA GLY D 236 23.50 -31.12 5.78
C GLY D 236 23.12 -31.44 4.35
N TYR D 237 21.85 -31.80 4.18
CA TYR D 237 21.29 -32.17 2.89
C TYR D 237 21.62 -31.13 1.81
N GLN D 238 21.59 -29.86 2.19
CA GLN D 238 21.70 -28.76 1.18
C GLN D 238 23.14 -28.56 0.70
N PHE D 239 24.09 -29.21 1.36
CA PHE D 239 25.47 -29.17 0.85
C PHE D 239 25.64 -30.09 -0.34
N LEU D 240 24.67 -30.97 -0.56
CA LEU D 240 24.60 -31.85 -1.72
C LEU D 240 23.58 -31.32 -2.72
N ASN D 241 22.46 -30.81 -2.23
CA ASN D 241 21.32 -30.60 -3.12
C ASN D 241 20.74 -29.21 -3.09
N GLY D 242 21.44 -28.29 -2.40
CA GLY D 242 21.07 -26.87 -2.31
C GLY D 242 21.69 -26.06 -3.44
N ALA D 243 21.81 -24.74 -3.25
CA ALA D 243 22.27 -23.86 -4.33
C ALA D 243 23.77 -23.93 -4.53
N ASN D 244 24.50 -24.45 -3.53
CA ASN D 244 25.99 -24.44 -3.56
C ASN D 244 26.62 -25.84 -3.42
N PRO D 245 26.30 -26.76 -4.34
CA PRO D 245 26.71 -28.15 -4.13
C PRO D 245 28.17 -28.41 -4.58
N VAL D 246 29.05 -27.45 -4.42
CA VAL D 246 30.32 -27.48 -5.18
C VAL D 246 31.56 -27.50 -4.30
N ILE D 247 31.38 -27.39 -2.98
CA ILE D 247 32.54 -27.21 -2.11
C ILE D 247 32.79 -28.43 -1.20
N LEU D 248 31.75 -29.17 -0.87
CA LEU D 248 31.92 -30.37 -0.04
C LEU D 248 32.94 -31.31 -0.68
N THR D 249 33.89 -31.77 0.14
CA THR D 249 34.95 -32.66 -0.31
C THR D 249 35.08 -33.86 0.66
N ARG D 250 35.47 -35.03 0.16
CA ARG D 250 35.84 -36.14 1.08
C ARG D 250 37.01 -35.70 1.98
N CYS D 251 36.90 -35.96 3.28
CA CYS D 251 37.96 -35.69 4.22
C CYS D 251 38.79 -36.97 4.38
N ASP D 252 40.04 -36.93 3.94
CA ASP D 252 40.93 -38.09 4.10
C ASP D 252 41.84 -37.92 5.31
N ALA D 253 41.91 -36.70 5.80
CA ALA D 253 42.67 -36.36 6.99
C ALA D 253 42.28 -34.94 7.38
N LEU D 254 42.04 -34.69 8.67
CA LEU D 254 41.73 -33.34 9.12
C LEU D 254 42.85 -32.36 8.80
N PRO D 255 42.49 -31.11 8.44
CA PRO D 255 43.46 -30.03 8.37
C PRO D 255 43.98 -29.74 9.77
N SER D 256 45.26 -29.34 9.87
CA SER D 256 45.90 -29.16 11.18
C SER D 256 45.29 -28.00 11.93
N ASN D 257 44.69 -27.08 11.18
CA ASN D 257 44.07 -25.92 11.74
C ASN D 257 42.60 -26.17 12.09
N PHE D 258 42.18 -27.42 11.98
CA PHE D 258 40.81 -27.86 12.27
C PHE D 258 40.90 -29.11 13.16
N PRO D 259 41.20 -28.91 14.45
CA PRO D 259 41.64 -30.01 15.30
C PRO D 259 40.48 -30.79 15.91
N VAL D 260 39.60 -31.33 15.06
CA VAL D 260 38.44 -32.07 15.56
C VAL D 260 38.90 -33.45 16.03
N THR D 261 38.40 -33.88 17.20
CA THR D 261 38.81 -35.16 17.78
C THR D 261 37.63 -36.12 17.82
N ASN D 262 37.89 -37.40 18.07
CA ASN D 262 36.78 -38.34 18.23
CA ASN D 262 36.82 -38.37 18.24
C ASN D 262 35.91 -37.93 19.41
N GLU D 263 36.51 -37.35 20.45
CA GLU D 263 35.77 -36.90 21.62
C GLU D 263 34.74 -35.84 21.29
N HIS D 264 35.10 -34.93 20.39
CA HIS D 264 34.18 -33.89 19.90
C HIS D 264 32.88 -34.48 19.32
N VAL D 265 32.99 -35.58 18.55
CA VAL D 265 31.94 -36.01 17.63
C VAL D 265 31.46 -37.47 17.78
N ASN D 266 31.95 -38.21 18.78
CA ASN D 266 31.55 -39.60 18.89
CA ASN D 266 31.56 -39.61 18.93
C ASN D 266 30.06 -39.75 19.11
N ALA D 267 29.45 -38.80 19.81
CA ALA D 267 27.97 -38.80 20.02
C ALA D 267 27.15 -38.72 18.72
N SER D 268 27.78 -38.30 17.62
CA SER D 268 27.10 -38.19 16.31
C SER D 268 27.31 -39.43 15.47
N LEU D 269 28.36 -40.19 15.79
CA LEU D 269 28.69 -41.40 15.03
C LEU D 269 27.72 -42.53 15.37
N ASP D 270 27.45 -43.42 14.43
CA ASP D 270 26.44 -44.47 14.68
C ASP D 270 26.64 -45.74 13.85
N ARG D 271 27.84 -45.95 13.32
CA ARG D 271 28.10 -47.14 12.49
C ARG D 271 29.04 -48.14 13.20
N GLY D 272 29.30 -47.90 14.48
CA GLY D 272 30.22 -48.72 15.27
C GLY D 272 31.71 -48.40 15.15
N LYS D 273 32.05 -47.28 14.50
CA LYS D 273 33.44 -46.86 14.27
C LYS D 273 33.71 -45.46 14.84
N ASN D 274 34.96 -45.18 15.21
CA ASN D 274 35.31 -43.83 15.68
C ASN D 274 35.59 -42.87 14.52
N LEU D 275 35.92 -41.62 14.82
CA LEU D 275 36.15 -40.62 13.77
C LEU D 275 37.22 -41.09 12.80
N ASP D 276 38.40 -41.42 13.34
CA ASP D 276 39.51 -41.78 12.47
C ASP D 276 39.12 -42.93 11.54
N GLU D 277 38.30 -43.86 12.04
CA GLU D 277 37.87 -44.99 11.23
C GLU D 277 36.82 -44.59 10.19
N GLU D 278 35.97 -43.64 10.55
CA GLU D 278 34.98 -43.12 9.60
C GLU D 278 35.65 -42.31 8.48
N ILE D 279 36.65 -41.52 8.82
CA ILE D 279 37.50 -40.86 7.81
C ILE D 279 38.07 -41.87 6.81
N LYS D 280 38.69 -42.94 7.31
CA LYS D 280 39.21 -44.00 6.45
C LYS D 280 38.12 -44.69 5.62
N ASP D 281 36.94 -44.86 6.22
CA ASP D 281 35.79 -45.46 5.53
C ASP D 281 35.09 -44.59 4.50
N GLY D 282 35.50 -43.32 4.40
CA GLY D 282 34.97 -42.37 3.43
C GLY D 282 33.54 -41.94 3.73
N HIS D 283 33.23 -41.83 5.01
CA HIS D 283 31.93 -41.33 5.45
C HIS D 283 32.07 -39.95 6.07
N ILE D 284 33.27 -39.37 5.99
CA ILE D 284 33.54 -38.04 6.53
C ILE D 284 33.85 -37.00 5.41
N TYR D 285 33.16 -35.86 5.48
CA TYR D 285 33.21 -34.88 4.40
C TYR D 285 33.46 -33.51 5.02
N ILE D 286 34.07 -32.61 4.26
CA ILE D 286 34.47 -31.32 4.80
C ILE D 286 34.16 -30.21 3.80
N VAL D 287 33.85 -29.04 4.33
CA VAL D 287 33.91 -27.77 3.58
C VAL D 287 34.94 -26.83 4.24
N ASP D 288 35.69 -26.10 3.43
CA ASP D 288 36.68 -25.17 3.93
C ASP D 288 36.58 -23.88 3.13
N PHE D 289 36.14 -22.84 3.82
CA PHE D 289 35.89 -21.53 3.22
C PHE D 289 37.07 -20.54 3.37
N LYS D 290 38.28 -21.11 3.40
CA LYS D 290 39.54 -20.37 3.56
C LYS D 290 39.66 -19.18 2.62
N VAL D 291 39.15 -19.34 1.38
CA VAL D 291 39.22 -18.26 0.40
C VAL D 291 38.64 -16.95 0.90
N LEU D 292 37.71 -17.02 1.86
CA LEU D 292 37.07 -15.81 2.43
C LEU D 292 37.99 -15.00 3.35
N VAL D 293 39.10 -15.57 3.79
CA VAL D 293 40.01 -14.79 4.63
C VAL D 293 40.41 -13.49 3.89
N GLY D 294 40.33 -12.36 4.58
CA GLY D 294 40.68 -11.07 4.02
C GLY D 294 39.51 -10.34 3.43
N ALA D 295 38.37 -11.03 3.33
CA ALA D 295 37.20 -10.48 2.72
C ALA D 295 36.79 -9.21 3.45
N LYS D 296 36.53 -8.13 2.69
CA LYS D 296 36.08 -6.86 3.28
C LYS D 296 34.57 -6.69 3.13
N SER D 297 33.87 -6.54 4.26
CA SER D 297 32.43 -6.40 4.24
C SER D 297 31.96 -4.96 4.42
N TYR D 298 30.68 -4.74 4.18
CA TYR D 298 30.10 -3.41 4.18
C TYR D 298 30.29 -2.79 5.56
N GLY D 299 30.73 -1.53 5.58
CA GLY D 299 30.93 -0.84 6.85
C GLY D 299 32.35 -0.97 7.39
N GLY D 300 33.21 -1.67 6.66
CA GLY D 300 34.64 -1.66 6.95
C GLY D 300 35.35 -2.89 7.50
N PRO D 301 34.62 -3.82 8.20
CA PRO D 301 35.30 -5.02 8.73
C PRO D 301 36.11 -5.80 7.69
N VAL D 302 37.36 -6.08 8.02
CA VAL D 302 38.19 -6.96 7.20
C VAL D 302 38.45 -8.25 7.96
N LEU D 303 38.22 -9.39 7.31
CA LEU D 303 38.30 -10.69 7.98
C LEU D 303 39.71 -11.28 8.04
N GLU D 304 40.12 -11.69 9.25
CA GLU D 304 41.39 -12.35 9.49
C GLU D 304 41.19 -13.83 9.78
N ASP D 305 42.28 -14.60 9.74
CA ASP D 305 42.25 -16.03 10.07
C ASP D 305 41.74 -16.31 11.50
N ILE D 306 41.86 -15.33 12.37
CA ILE D 306 41.40 -15.45 13.75
C ILE D 306 39.95 -15.03 13.89
N GLY D 307 39.48 -14.20 12.96
CA GLY D 307 38.15 -13.62 13.03
C GLY D 307 38.27 -12.13 12.84
N TYR D 308 37.70 -11.36 13.77
CA TYR D 308 37.72 -9.90 13.66
C TYR D 308 38.46 -9.24 14.81
N ALA D 319 24.52 2.03 12.59
CA ALA D 319 25.30 1.93 11.36
C ALA D 319 25.18 0.55 10.74
N ASP D 320 25.25 0.55 9.41
CA ASP D 320 25.15 -0.68 8.63
C ASP D 320 26.55 -1.29 8.60
N ILE D 321 26.79 -2.24 9.49
CA ILE D 321 28.12 -2.86 9.58
C ILE D 321 27.94 -4.37 9.50
N ARG D 322 28.54 -4.97 8.47
CA ARG D 322 28.25 -6.36 8.13
C ARG D 322 29.47 -7.28 8.32
N TYR D 323 29.21 -8.57 8.51
CA TYR D 323 30.25 -9.55 8.86
C TYR D 323 30.14 -10.83 8.06
N CYS D 324 31.28 -11.48 7.86
CA CYS D 324 31.35 -12.79 7.24
C CYS D 324 32.30 -13.65 8.08
N ALA D 325 32.61 -14.86 7.62
CA ALA D 325 33.57 -15.73 8.28
C ALA D 325 34.24 -16.61 7.23
N ALA D 326 35.31 -17.32 7.63
CA ALA D 326 35.95 -18.31 6.77
C ALA D 326 35.99 -19.67 7.48
N PRO D 327 34.83 -20.33 7.63
CA PRO D 327 34.71 -21.53 8.44
C PRO D 327 35.22 -22.82 7.84
N LEU D 328 35.47 -23.79 8.72
CA LEU D 328 35.53 -25.17 8.31
C LEU D 328 34.39 -25.89 8.97
N ALA D 329 33.87 -26.92 8.30
CA ALA D 329 32.79 -27.71 8.84
C ALA D 329 32.94 -29.15 8.42
N LEU D 330 32.70 -30.05 9.37
CA LEU D 330 32.87 -31.47 9.15
C LEU D 330 31.49 -32.14 9.10
N PHE D 331 31.31 -33.09 8.22
CA PHE D 331 30.01 -33.73 8.02
C PHE D 331 30.20 -35.24 8.05
N TYR D 332 29.16 -35.96 8.43
CA TYR D 332 29.20 -37.43 8.54
C TYR D 332 27.99 -38.07 7.87
N VAL D 333 28.24 -39.07 7.04
CA VAL D 333 27.18 -39.87 6.45
C VAL D 333 26.76 -40.98 7.42
N ASN D 334 25.60 -40.79 8.06
CA ASN D 334 25.17 -41.69 9.12
C ASN D 334 24.62 -42.99 8.56
N LYS D 335 24.17 -43.88 9.45
CA LYS D 335 23.76 -45.21 9.04
C LYS D 335 22.60 -45.18 8.07
N LEU D 336 21.70 -44.19 8.23
CA LEU D 336 20.52 -44.00 7.36
C LEU D 336 20.88 -43.33 6.02
N GLY D 337 22.13 -42.91 5.91
CA GLY D 337 22.65 -42.31 4.68
C GLY D 337 22.48 -40.81 4.65
N HIS D 338 22.22 -40.21 5.81
CA HIS D 338 22.03 -38.76 5.92
C HIS D 338 23.34 -38.04 6.20
N LEU D 339 23.59 -36.97 5.45
CA LEU D 339 24.80 -36.18 5.65
C LEU D 339 24.60 -35.21 6.80
N MET D 340 25.24 -35.49 7.92
CA MET D 340 24.98 -34.74 9.15
C MET D 340 26.14 -33.82 9.46
N PRO D 341 25.84 -32.56 9.84
CA PRO D 341 26.83 -31.61 10.35
C PRO D 341 27.30 -32.04 11.74
N ILE D 342 28.60 -32.34 11.89
CA ILE D 342 29.12 -32.82 13.20
C ILE D 342 30.06 -31.83 13.90
N ALA D 343 30.68 -30.93 13.15
CA ALA D 343 31.61 -29.97 13.75
C ALA D 343 31.75 -28.72 12.90
N ILE D 344 31.76 -27.57 13.56
CA ILE D 344 31.99 -26.27 12.91
C ILE D 344 33.03 -25.48 13.66
N GLN D 345 34.01 -24.99 12.91
CA GLN D 345 34.92 -23.95 13.37
C GLN D 345 34.70 -22.68 12.52
N ILE D 346 34.28 -21.59 13.17
CA ILE D 346 33.81 -20.38 12.47
C ILE D 346 34.89 -19.70 11.63
N ASN D 347 36.14 -19.75 12.10
CA ASN D 347 37.24 -19.13 11.35
C ASN D 347 38.46 -20.06 11.23
N GLN D 348 39.52 -19.56 10.61
CA GLN D 348 40.57 -20.44 10.09
C GLN D 348 41.59 -20.93 11.14
N GLU D 349 41.93 -20.07 12.07
CA GLU D 349 43.00 -20.32 13.06
C GLU D 349 42.41 -20.83 14.39
N PRO D 350 42.66 -22.12 14.73
CA PRO D 350 41.96 -22.66 15.90
C PRO D 350 42.44 -22.06 17.23
N GLY D 351 41.60 -22.19 18.27
CA GLY D 351 41.92 -21.64 19.59
C GLY D 351 40.71 -21.58 20.50
N PRO D 352 40.91 -21.16 21.77
CA PRO D 352 39.76 -21.07 22.67
C PRO D 352 38.79 -19.94 22.30
N GLU D 353 39.27 -18.91 21.59
CA GLU D 353 38.39 -17.85 21.10
C GLU D 353 37.82 -18.11 19.69
N ASN D 354 38.14 -19.29 19.16
CA ASN D 354 37.61 -19.79 17.88
C ASN D 354 37.49 -21.31 18.00
N PRO D 355 36.58 -21.79 18.88
CA PRO D 355 36.50 -23.20 19.21
C PRO D 355 35.81 -24.07 18.15
N ILE D 356 35.73 -25.36 18.45
CA ILE D 356 34.94 -26.29 17.69
C ILE D 356 33.55 -26.41 18.33
N TRP D 357 32.52 -26.19 17.50
CA TRP D 357 31.12 -26.26 17.90
C TRP D 357 30.54 -27.53 17.30
N THR D 358 29.65 -28.20 18.03
CA THR D 358 29.06 -29.44 17.55
C THR D 358 27.55 -29.42 17.87
N PRO D 359 26.78 -30.38 17.33
CA PRO D 359 25.36 -30.37 17.64
C PRO D 359 25.04 -30.62 19.11
N HIS D 360 26.05 -31.01 19.89
CA HIS D 360 25.85 -31.37 21.32
C HIS D 360 26.31 -30.24 22.23
N GLU D 361 26.27 -29.01 21.73
CA GLU D 361 26.54 -27.86 22.56
C GLU D 361 25.58 -27.90 23.74
N GLU D 362 26.06 -27.43 24.91
CA GLU D 362 25.23 -27.35 26.12
C GLU D 362 24.26 -26.20 25.97
N ASN D 363 24.71 -25.12 25.33
CA ASN D 363 23.83 -24.04 24.91
C ASN D 363 23.40 -24.27 23.46
N GLU D 364 22.14 -24.69 23.28
CA GLU D 364 21.61 -25.04 21.95
C GLU D 364 21.76 -23.88 20.95
N HIS D 365 21.52 -22.65 21.40
CA HIS D 365 21.63 -21.43 20.58
C HIS D 365 23.04 -21.22 19.99
N ASP D 366 24.05 -21.75 20.68
CA ASP D 366 25.44 -21.70 20.21
C ASP D 366 25.65 -22.56 18.96
N TRP D 367 25.02 -23.72 18.91
CA TRP D 367 25.13 -24.59 17.75
C TRP D 367 24.39 -23.94 16.57
N MET D 368 23.22 -23.39 16.85
CA MET D 368 22.40 -22.70 15.82
C MET D 368 23.19 -21.53 15.24
N MET D 369 23.77 -20.70 16.11
CA MET D 369 24.61 -19.56 15.69
C MET D 369 25.80 -20.00 14.83
N ALA D 370 26.44 -21.11 15.23
CA ALA D 370 27.55 -21.66 14.45
C ALA D 370 27.08 -21.99 13.02
N LYS D 371 25.92 -22.61 12.91
CA LYS D 371 25.34 -22.95 11.61
C LYS D 371 25.03 -21.70 10.75
N PHE D 372 24.53 -20.64 11.38
CA PHE D 372 24.33 -19.35 10.68
C PHE D 372 25.66 -18.75 10.15
N TRP D 373 26.72 -18.80 10.97
CA TRP D 373 28.05 -18.39 10.54
C TRP D 373 28.55 -19.15 9.33
N LEU D 374 28.39 -20.48 9.33
CA LEU D 374 28.72 -21.29 8.17
C LEU D 374 27.87 -20.83 6.97
N GLY D 375 26.57 -20.65 7.21
CA GLY D 375 25.63 -20.12 6.21
C GLY D 375 26.00 -18.78 5.58
N VAL D 376 26.39 -17.79 6.38
CA VAL D 376 26.79 -16.49 5.78
C VAL D 376 28.05 -16.61 4.90
N ALA D 377 28.97 -17.49 5.28
CA ALA D 377 30.13 -17.80 4.44
C ALA D 377 29.66 -18.46 3.14
N GLU D 378 28.81 -19.48 3.26
CA GLU D 378 28.31 -20.18 2.09
C GLU D 378 27.60 -19.20 1.15
N SER D 379 26.77 -18.33 1.71
CA SER D 379 25.97 -17.38 0.92
C SER D 379 26.83 -16.46 0.07
N ASN D 380 27.86 -15.88 0.69
CA ASN D 380 28.73 -14.97 -0.04
C ASN D 380 29.61 -15.69 -1.06
N PHE D 381 30.14 -16.85 -0.69
CA PHE D 381 30.89 -17.72 -1.59
C PHE D 381 30.00 -18.13 -2.78
N HIS D 382 28.77 -18.58 -2.48
CA HIS D 382 27.88 -19.08 -3.53
C HIS D 382 27.54 -17.98 -4.56
N GLN D 383 27.09 -16.83 -4.08
CA GLN D 383 26.60 -15.79 -4.97
CA GLN D 383 26.60 -15.80 -4.98
C GLN D 383 27.73 -15.23 -5.85
N LEU D 384 28.86 -14.99 -5.22
CA LEU D 384 29.95 -14.29 -5.88
C LEU D 384 30.90 -15.20 -6.64
N ASN D 385 31.24 -16.33 -6.06
CA ASN D 385 32.18 -17.25 -6.69
C ASN D 385 31.47 -18.28 -7.57
N THR D 386 30.69 -19.13 -6.94
CA THR D 386 30.04 -20.22 -7.64
C THR D 386 29.12 -19.73 -8.76
N HIS D 387 28.35 -18.70 -8.44
CA HIS D 387 27.34 -18.24 -9.39
C HIS D 387 27.91 -17.15 -10.32
N LEU D 388 28.09 -15.94 -9.78
CA LEU D 388 28.45 -14.80 -10.64
C LEU D 388 29.77 -15.00 -11.38
N LEU D 389 30.84 -15.31 -10.64
CA LEU D 389 32.11 -15.50 -11.29
C LEU D 389 32.13 -16.75 -12.19
N ARG D 390 31.80 -17.93 -11.64
CA ARG D 390 32.08 -19.19 -12.34
C ARG D 390 31.02 -19.65 -13.34
N THR D 391 29.94 -18.88 -13.46
CA THR D 391 29.01 -19.12 -14.56
C THR D 391 29.11 -17.86 -15.44
N HIS D 392 28.31 -16.85 -15.13
CA HIS D 392 28.27 -15.58 -15.90
C HIS D 392 29.63 -15.05 -16.34
N LEU D 393 30.44 -14.58 -15.41
CA LEU D 393 31.55 -13.69 -15.80
C LEU D 393 32.66 -14.42 -16.54
N THR D 394 32.97 -15.63 -16.12
CA THR D 394 34.00 -16.41 -16.80
C THR D 394 33.52 -16.96 -18.14
N THR D 395 32.26 -17.44 -18.21
CA THR D 395 31.80 -18.00 -19.52
C THR D 395 31.54 -16.88 -20.54
N GLU D 396 31.35 -15.67 -20.04
CA GLU D 396 31.16 -14.50 -20.90
C GLU D 396 32.37 -14.37 -21.87
N SER D 397 33.57 -14.73 -21.40
CA SER D 397 34.77 -14.62 -22.23
C SER D 397 34.65 -15.52 -23.46
N PHE D 398 34.12 -16.72 -23.24
CA PHE D 398 33.92 -17.65 -24.34
C PHE D 398 32.82 -17.23 -25.27
N ALA D 399 31.75 -16.67 -24.74
CA ALA D 399 30.66 -16.13 -25.56
C ALA D 399 31.23 -15.06 -26.50
N LEU D 400 32.02 -14.13 -25.93
CA LEU D 400 32.63 -13.07 -26.76
C LEU D 400 33.56 -13.64 -27.80
N SER D 401 34.39 -14.61 -27.41
CA SER D 401 35.32 -15.23 -28.36
C SER D 401 34.58 -15.89 -29.52
N THR D 402 33.40 -16.45 -29.21
CA THR D 402 32.58 -17.07 -30.26
C THR D 402 32.22 -16.05 -31.33
N TRP D 403 31.72 -14.89 -30.92
CA TRP D 403 31.41 -13.80 -31.87
C TRP D 403 32.66 -13.20 -32.58
N ARG D 404 33.76 -13.10 -31.86
CA ARG D 404 34.99 -12.55 -32.46
C ARG D 404 35.59 -13.46 -33.50
N ASN D 405 35.49 -14.78 -33.28
CA ASN D 405 36.40 -15.73 -33.98
C ASN D 405 35.80 -16.80 -34.88
N LEU D 406 34.52 -17.13 -34.66
CA LEU D 406 33.86 -18.19 -35.46
C LEU D 406 32.87 -17.59 -36.46
N ALA D 407 33.06 -17.91 -37.74
CA ALA D 407 32.24 -17.39 -38.78
C ALA D 407 30.84 -17.99 -38.61
N SER D 408 29.83 -17.28 -39.12
CA SER D 408 28.44 -17.76 -39.03
CA SER D 408 28.45 -17.79 -38.96
C SER D 408 28.29 -19.13 -39.67
N ALA D 409 29.09 -19.38 -40.72
CA ALA D 409 29.09 -20.69 -41.40
C ALA D 409 29.77 -21.82 -40.63
N HIS D 410 30.45 -21.49 -39.53
CA HIS D 410 31.20 -22.50 -38.82
C HIS D 410 30.24 -23.41 -38.02
N PRO D 411 30.42 -24.75 -38.09
CA PRO D 411 29.56 -25.67 -37.31
C PRO D 411 29.59 -25.42 -35.80
N ILE D 412 30.74 -24.97 -35.27
CA ILE D 412 30.83 -24.76 -33.82
C ILE D 412 30.15 -23.44 -33.46
N PHE D 413 30.16 -22.48 -34.40
CA PHE D 413 29.33 -21.27 -34.20
C PHE D 413 27.84 -21.71 -34.08
N LYS D 414 27.39 -22.58 -34.99
CA LYS D 414 25.99 -23.02 -34.97
C LYS D 414 25.65 -23.79 -33.71
N LEU D 415 26.59 -24.64 -33.28
CA LEU D 415 26.48 -25.37 -32.04
C LEU D 415 26.35 -24.49 -30.80
N LEU D 416 27.19 -23.46 -30.72
CA LEU D 416 27.26 -22.62 -29.53
C LEU D 416 26.20 -21.54 -29.47
N GLN D 417 25.70 -21.11 -30.61
CA GLN D 417 24.75 -19.99 -30.66
C GLN D 417 23.58 -20.10 -29.62
N PRO D 418 22.88 -21.24 -29.55
CA PRO D 418 21.74 -21.28 -28.58
C PRO D 418 22.22 -21.26 -27.13
N HIS D 419 23.47 -21.63 -26.90
CA HIS D 419 24.03 -21.69 -25.52
C HIS D 419 24.70 -20.43 -25.01
N ILE D 420 25.23 -19.62 -25.93
CA ILE D 420 25.87 -18.35 -25.58
C ILE D 420 24.88 -17.22 -25.48
N TYR D 421 23.65 -17.41 -25.98
CA TYR D 421 22.74 -16.32 -25.95
CA TYR D 421 22.61 -16.37 -25.91
C TYR D 421 22.42 -15.92 -24.48
N GLY D 422 22.29 -14.61 -24.25
CA GLY D 422 21.88 -14.11 -22.95
C GLY D 422 23.01 -13.63 -22.09
N VAL D 423 24.15 -14.31 -22.09
CA VAL D 423 25.21 -13.98 -21.12
C VAL D 423 25.79 -12.55 -21.31
N LEU D 424 26.01 -12.15 -22.56
CA LEU D 424 26.54 -10.81 -22.85
C LEU D 424 25.52 -9.75 -22.44
N ALA D 425 24.24 -10.01 -22.75
CA ALA D 425 23.15 -9.09 -22.36
C ALA D 425 23.02 -8.94 -20.85
N ILE D 426 22.85 -10.07 -20.13
CA ILE D 426 22.65 -9.97 -18.68
C ILE D 426 23.87 -9.42 -17.95
N ASP D 427 25.07 -9.75 -18.42
CA ASP D 427 26.28 -9.27 -17.73
C ASP D 427 26.48 -7.78 -17.95
N THR D 428 26.16 -7.30 -19.15
CA THR D 428 26.23 -5.86 -19.46
C THR D 428 25.22 -5.10 -18.58
N ILE D 429 23.99 -5.60 -18.48
CA ILE D 429 23.00 -4.99 -17.57
C ILE D 429 23.51 -5.02 -16.14
N GLY D 430 24.03 -6.18 -15.74
CA GLY D 430 24.48 -6.41 -14.37
C GLY D 430 25.71 -5.65 -13.89
N ARG D 431 26.60 -5.29 -14.82
CA ARG D 431 27.82 -4.57 -14.44
C ARG D 431 27.47 -3.23 -13.78
N LYS D 432 26.37 -2.64 -14.23
CA LYS D 432 25.70 -1.55 -13.56
C LYS D 432 24.82 -2.07 -12.41
N GLU D 433 23.67 -2.64 -12.79
CA GLU D 433 22.52 -2.89 -11.89
C GLU D 433 22.63 -4.00 -10.83
N LEU D 434 23.68 -4.82 -10.91
CA LEU D 434 23.83 -5.94 -9.95
C LEU D 434 25.02 -5.75 -9.04
N ILE D 435 26.19 -5.54 -9.63
CA ILE D 435 27.44 -5.41 -8.87
C ILE D 435 27.97 -3.99 -8.77
N GLY D 436 27.34 -3.05 -9.49
CA GLY D 436 27.70 -1.62 -9.42
C GLY D 436 27.41 -0.97 -8.08
N SER D 437 27.89 0.26 -7.90
CA SER D 437 27.73 0.97 -6.62
C SER D 437 26.26 1.06 -6.22
N GLY D 438 25.96 0.53 -5.04
CA GLY D 438 24.60 0.62 -4.48
C GLY D 438 23.60 -0.30 -5.15
N GLY D 439 24.11 -1.26 -5.91
CA GLY D 439 23.28 -2.22 -6.62
C GLY D 439 22.83 -3.38 -5.75
N ILE D 440 22.19 -4.35 -6.39
CA ILE D 440 21.62 -5.52 -5.71
C ILE D 440 22.52 -6.15 -4.63
N VAL D 441 23.78 -6.39 -4.98
CA VAL D 441 24.79 -6.98 -4.09
C VAL D 441 25.14 -6.08 -2.90
N ASP D 442 25.22 -4.78 -3.15
CA ASP D 442 25.55 -3.86 -2.08
C ASP D 442 24.47 -3.86 -1.01
N GLN D 443 23.25 -4.23 -1.40
CA GLN D 443 22.14 -4.14 -0.49
C GLN D 443 21.89 -5.40 0.32
N SER D 444 22.30 -6.55 -0.20
CA SER D 444 21.82 -7.83 0.34
C SER D 444 22.92 -8.82 0.79
N LEU D 445 24.18 -8.50 0.51
CA LEU D 445 25.33 -9.36 0.84
C LEU D 445 26.25 -8.69 1.86
N SER D 446 26.76 -9.46 2.82
CA SER D 446 27.82 -8.95 3.73
C SER D 446 28.98 -8.28 2.97
N LEU D 447 29.43 -8.96 1.90
CA LEU D 447 30.55 -8.47 1.06
C LEU D 447 30.20 -7.30 0.15
N GLY D 448 28.94 -6.90 0.17
CA GLY D 448 28.49 -5.67 -0.49
C GLY D 448 29.36 -4.48 -0.11
N GLY D 449 29.44 -3.52 -1.03
CA GLY D 449 30.11 -2.26 -0.75
C GLY D 449 31.49 -2.10 -1.39
N GLY D 450 31.93 -3.13 -2.13
CA GLY D 450 33.24 -3.07 -2.79
C GLY D 450 34.06 -4.32 -2.57
N GLY D 451 33.92 -4.92 -1.39
CA GLY D 451 34.68 -6.14 -1.09
C GLY D 451 34.28 -7.32 -1.96
N HIS D 452 33.10 -7.24 -2.56
CA HIS D 452 32.61 -8.28 -3.47
C HIS D 452 33.48 -8.42 -4.73
N VAL D 453 33.89 -7.28 -5.28
CA VAL D 453 34.79 -7.27 -6.46
C VAL D 453 36.14 -7.86 -6.10
N THR D 454 36.71 -7.40 -4.99
CA THR D 454 38.01 -7.92 -4.54
C THR D 454 37.98 -9.42 -4.31
N PHE D 455 36.87 -9.90 -3.77
CA PHE D 455 36.70 -11.32 -3.46
C PHE D 455 36.63 -12.09 -4.77
N MET D 456 35.85 -11.60 -5.74
CA MET D 456 35.77 -12.33 -7.03
C MET D 456 37.12 -12.39 -7.74
N GLU D 457 37.89 -11.31 -7.62
CA GLU D 457 39.25 -11.24 -8.20
C GLU D 457 40.14 -12.27 -7.54
N LYS D 458 40.08 -12.34 -6.20
CA LYS D 458 40.81 -13.38 -5.47
C LYS D 458 40.43 -14.81 -5.88
N CYS D 459 39.11 -15.05 -6.03
CA CYS D 459 38.63 -16.33 -6.51
C CYS D 459 39.10 -16.61 -7.94
N PHE D 460 39.09 -15.60 -8.79
CA PHE D 460 39.41 -15.83 -10.19
C PHE D 460 40.88 -16.21 -10.39
N LYS D 461 41.75 -15.67 -9.53
CA LYS D 461 43.16 -16.03 -9.53
C LYS D 461 43.37 -17.54 -9.46
N GLU D 462 42.40 -18.25 -8.85
CA GLU D 462 42.48 -19.69 -8.68
C GLU D 462 41.72 -20.47 -9.75
N VAL D 463 40.91 -19.79 -10.54
CA VAL D 463 40.06 -20.51 -11.53
C VAL D 463 40.88 -21.31 -12.54
N ASN D 464 40.47 -22.55 -12.80
CA ASN D 464 41.10 -23.39 -13.83
C ASN D 464 39.97 -23.97 -14.65
N LEU D 465 40.17 -24.11 -15.96
CA LEU D 465 39.11 -24.61 -16.84
C LEU D 465 38.75 -26.05 -16.49
N GLN D 466 39.66 -26.76 -15.82
CA GLN D 466 39.37 -28.15 -15.40
C GLN D 466 38.32 -28.19 -14.32
N ASP D 467 38.14 -27.07 -13.62
CA ASP D 467 37.07 -26.94 -12.62
C ASP D 467 35.68 -27.13 -13.21
N TYR D 468 35.57 -26.85 -14.52
CA TYR D 468 34.30 -26.91 -15.27
C TYR D 468 33.96 -28.31 -15.80
N HIS D 469 34.86 -29.29 -15.58
CA HIS D 469 34.68 -30.63 -16.05
C HIS D 469 34.00 -31.41 -14.92
N LEU D 470 32.71 -31.69 -15.06
CA LEU D 470 31.94 -32.21 -13.92
C LEU D 470 32.47 -33.58 -13.44
N PRO D 471 32.68 -34.55 -14.35
CA PRO D 471 33.20 -35.84 -13.84
C PRO D 471 34.54 -35.69 -13.12
N ASN D 472 35.44 -34.90 -13.69
CA ASN D 472 36.77 -34.79 -13.07
C ASN D 472 36.71 -34.05 -11.76
N ALA D 473 35.86 -33.00 -11.69
CA ALA D 473 35.70 -32.23 -10.47
C ALA D 473 35.12 -33.03 -9.31
N LEU D 474 34.12 -33.86 -9.60
CA LEU D 474 33.50 -34.69 -8.56
C LEU D 474 34.47 -35.77 -8.07
N LYS D 475 35.23 -36.35 -9.00
CA LYS D 475 36.29 -37.33 -8.66
C LYS D 475 37.33 -36.66 -7.77
N LYS D 476 37.81 -35.49 -8.18
CA LYS D 476 38.81 -34.75 -7.43
C LYS D 476 38.35 -34.41 -6.01
N ARG D 477 37.06 -34.14 -5.87
CA ARG D 477 36.51 -33.79 -4.57
C ARG D 477 36.25 -35.05 -3.75
N GLY D 478 36.30 -36.21 -4.39
CA GLY D 478 36.02 -37.50 -3.70
C GLY D 478 34.55 -37.73 -3.37
N VAL D 479 33.67 -37.17 -4.21
CA VAL D 479 32.23 -37.17 -3.88
C VAL D 479 31.42 -37.92 -4.93
N ASP D 480 32.11 -38.70 -5.77
CA ASP D 480 31.45 -39.42 -6.85
C ASP D 480 31.14 -40.89 -6.55
N ASP D 481 31.29 -41.32 -5.30
CA ASP D 481 31.00 -42.71 -4.95
C ASP D 481 29.68 -42.77 -4.20
N PRO D 482 28.63 -43.27 -4.88
CA PRO D 482 27.29 -43.28 -4.27
C PRO D 482 27.15 -44.27 -3.11
N SER D 483 28.02 -45.27 -3.05
CA SER D 483 28.00 -46.19 -1.91
C SER D 483 28.52 -45.55 -0.62
N LYS D 484 29.33 -44.50 -0.74
CA LYS D 484 29.89 -43.76 0.40
C LYS D 484 29.12 -42.46 0.66
N LEU D 485 28.66 -41.84 -0.43
CA LEU D 485 27.93 -40.58 -0.31
C LEU D 485 26.61 -40.68 -1.09
N PRO D 486 25.53 -41.15 -0.40
CA PRO D 486 24.26 -41.34 -1.09
C PRO D 486 23.43 -40.05 -1.09
N GLY D 487 22.38 -40.03 -1.90
CA GLY D 487 21.39 -38.92 -1.91
C GLY D 487 21.99 -37.59 -2.34
N PHE D 488 22.73 -37.63 -3.44
CA PHE D 488 23.44 -36.45 -4.00
C PHE D 488 22.91 -36.30 -5.43
N TYR D 489 21.81 -35.56 -5.58
CA TYR D 489 21.09 -35.60 -6.88
C TYR D 489 21.73 -34.62 -7.87
N TYR D 490 22.33 -33.56 -7.35
CA TYR D 490 23.18 -32.69 -8.22
C TYR D 490 24.20 -33.54 -8.98
N ARG D 491 24.93 -34.41 -8.26
CA ARG D 491 25.81 -35.37 -8.90
C ARG D 491 25.10 -36.26 -9.89
N ASP D 492 24.06 -36.98 -9.44
CA ASP D 492 23.49 -38.02 -10.30
C ASP D 492 22.91 -37.42 -11.57
N ASP D 493 22.13 -36.35 -11.39
CA ASP D 493 21.53 -35.70 -12.56
C ASP D 493 22.58 -34.99 -13.38
N GLY D 494 23.51 -34.29 -12.73
CA GLY D 494 24.56 -33.56 -13.47
C GLY D 494 25.37 -34.47 -14.36
N LEU D 495 25.76 -35.64 -13.82
CA LEU D 495 26.57 -36.59 -14.61
C LEU D 495 25.80 -37.19 -15.76
N ALA D 496 24.52 -37.47 -15.58
CA ALA D 496 23.67 -37.94 -16.70
C ALA D 496 23.62 -36.89 -17.81
N LEU D 497 23.43 -35.64 -17.43
CA LEU D 497 23.36 -34.53 -18.41
C LEU D 497 24.70 -34.29 -19.09
N TRP D 498 25.76 -34.27 -18.28
CA TRP D 498 27.11 -34.18 -18.86
C TRP D 498 27.33 -35.21 -19.97
N GLU D 499 27.02 -36.50 -19.71
CA GLU D 499 27.21 -37.57 -20.69
CA GLU D 499 27.23 -37.56 -20.68
C GLU D 499 26.39 -37.33 -21.95
N ALA D 500 25.16 -36.86 -21.79
CA ALA D 500 24.27 -36.63 -22.95
C ALA D 500 24.84 -35.52 -23.82
N ILE D 501 25.24 -34.44 -23.15
CA ILE D 501 25.86 -33.29 -23.86
C ILE D 501 27.17 -33.73 -24.56
N GLU D 502 28.04 -34.40 -23.82
CA GLU D 502 29.32 -34.88 -24.39
C GLU D 502 29.12 -35.76 -25.63
N THR D 503 28.17 -36.69 -25.55
CA THR D 503 27.88 -37.55 -26.67
C THR D 503 27.43 -36.76 -27.91
N PHE D 504 26.48 -35.84 -27.70
CA PHE D 504 25.98 -35.03 -28.80
C PHE D 504 27.12 -34.21 -29.46
N ILE D 505 27.90 -33.53 -28.63
CA ILE D 505 28.98 -32.65 -29.10
C ILE D 505 30.03 -33.50 -29.85
N GLY D 506 30.35 -34.68 -29.34
CA GLY D 506 31.27 -35.59 -30.07
C GLY D 506 30.77 -36.00 -31.44
N GLU D 507 29.47 -36.29 -31.53
CA GLU D 507 28.83 -36.59 -32.79
C GLU D 507 28.86 -35.43 -33.77
N ILE D 508 28.53 -34.23 -33.28
CA ILE D 508 28.65 -33.02 -34.12
C ILE D 508 30.10 -32.83 -34.61
N ILE D 509 31.07 -32.94 -33.70
CA ILE D 509 32.46 -32.76 -34.11
C ILE D 509 32.85 -33.74 -35.24
N ALA D 510 32.44 -35.01 -35.10
CA ALA D 510 32.82 -36.08 -36.07
C ALA D 510 32.26 -35.84 -37.48
N ILE D 511 31.12 -35.16 -37.54
CA ILE D 511 30.52 -34.80 -38.83
C ILE D 511 31.43 -33.87 -39.62
N PHE D 512 32.04 -32.90 -38.94
CA PHE D 512 32.76 -31.80 -39.64
C PHE D 512 34.29 -31.88 -39.61
N TYR D 513 34.81 -32.45 -38.53
CA TYR D 513 36.24 -32.71 -38.36
C TYR D 513 36.46 -34.21 -38.51
N LYS D 514 37.19 -34.59 -39.55
CA LYS D 514 37.35 -36.01 -39.84
C LYS D 514 38.51 -36.67 -39.10
N ASN D 515 39.39 -35.84 -38.53
CA ASN D 515 40.53 -36.34 -37.77
C ASN D 515 41.11 -35.17 -37.01
N ASP D 516 42.21 -35.40 -36.30
CA ASP D 516 42.86 -34.33 -35.53
C ASP D 516 43.48 -33.24 -36.37
N ASP D 517 43.95 -33.56 -37.58
CA ASP D 517 44.55 -32.53 -38.43
C ASP D 517 43.52 -31.47 -38.85
N ASP D 518 42.29 -31.91 -39.13
CA ASP D 518 41.19 -30.98 -39.43
C ASP D 518 41.03 -29.98 -38.27
N VAL D 519 41.19 -30.45 -37.04
CA VAL D 519 41.14 -29.55 -35.87
C VAL D 519 42.32 -28.55 -35.89
N LYS D 520 43.54 -29.10 -36.04
CA LYS D 520 44.75 -28.28 -36.08
C LYS D 520 44.71 -27.19 -37.11
N ARG D 521 44.18 -27.49 -38.29
CA ARG D 521 44.23 -26.58 -39.40
C ARG D 521 43.11 -25.55 -39.35
N ASP D 522 42.16 -25.71 -38.44
CA ASP D 522 40.97 -24.80 -38.46
C ASP D 522 41.33 -23.53 -37.75
N ASN D 523 41.65 -22.50 -38.53
CA ASN D 523 42.11 -21.21 -37.99
CA ASN D 523 42.13 -21.23 -37.91
C ASN D 523 41.07 -20.55 -37.05
N GLU D 524 39.78 -20.82 -37.33
CA GLU D 524 38.70 -20.19 -36.53
C GLU D 524 38.62 -20.82 -35.14
N ILE D 525 38.62 -22.15 -35.05
CA ILE D 525 38.54 -22.76 -33.71
C ILE D 525 39.87 -22.52 -32.94
N GLN D 526 40.99 -22.46 -33.68
CA GLN D 526 42.29 -22.12 -33.03
C GLN D 526 42.30 -20.69 -32.48
N SER D 527 41.82 -19.73 -33.28
CA SER D 527 41.69 -18.32 -32.83
C SER D 527 40.74 -18.17 -31.65
N TRP D 528 39.68 -18.96 -31.68
CA TRP D 528 38.65 -18.94 -30.63
C TRP D 528 39.25 -19.28 -29.28
N ILE D 529 39.98 -20.39 -29.21
CA ILE D 529 40.54 -20.81 -27.92
C ILE D 529 41.72 -19.93 -27.53
N TYR D 530 42.53 -19.55 -28.52
CA TYR D 530 43.69 -18.69 -28.23
C TYR D 530 43.22 -17.32 -27.70
N ASP D 531 42.13 -16.77 -28.27
CA ASP D 531 41.60 -15.49 -27.78
C ASP D 531 41.24 -15.56 -26.29
N VAL D 532 40.55 -16.63 -25.85
CA VAL D 532 40.26 -16.76 -24.42
C VAL D 532 41.54 -16.98 -23.60
N HIS D 533 42.42 -17.83 -24.10
CA HIS D 533 43.73 -18.11 -23.47
C HIS D 533 44.52 -16.82 -23.20
N LYS D 534 44.61 -15.98 -24.23
CA LYS D 534 45.52 -14.83 -24.17
C LYS D 534 44.84 -13.57 -23.63
N ASN D 535 43.58 -13.38 -24.01
CA ASN D 535 42.84 -12.13 -23.76
C ASN D 535 41.63 -12.26 -22.87
N GLY D 536 41.22 -13.49 -22.59
CA GLY D 536 39.97 -13.74 -21.84
C GLY D 536 40.24 -14.02 -20.39
N TRP D 537 40.87 -15.17 -20.11
CA TRP D 537 41.20 -15.51 -18.74
C TRP D 537 42.70 -15.27 -18.55
N ARG D 538 43.07 -14.02 -18.41
CA ARG D 538 44.49 -13.63 -18.52
C ARG D 538 45.24 -14.14 -17.29
N VAL D 539 46.33 -14.87 -17.53
CA VAL D 539 47.21 -15.27 -16.42
C VAL D 539 48.07 -14.05 -16.08
N ASN D 540 47.54 -13.18 -15.24
CA ASN D 540 48.22 -11.95 -14.82
C ASN D 540 49.02 -12.15 -13.52
N PRO D 541 49.79 -11.12 -13.09
CA PRO D 541 50.56 -11.31 -11.84
C PRO D 541 49.70 -11.74 -10.64
N GLY D 542 50.13 -12.80 -9.96
CA GLY D 542 49.38 -13.31 -8.81
C GLY D 542 48.41 -14.43 -9.16
N HIS D 543 48.25 -14.71 -10.46
CA HIS D 543 47.31 -15.72 -10.94
C HIS D 543 47.94 -17.08 -11.03
N GLN D 544 47.15 -18.11 -10.73
CA GLN D 544 47.53 -19.45 -11.14
C GLN D 544 47.30 -19.55 -12.64
N ASP D 545 47.85 -20.57 -13.26
CA ASP D 545 47.47 -20.86 -14.63
C ASP D 545 45.97 -21.15 -14.65
N HIS D 546 45.30 -20.79 -15.73
CA HIS D 546 43.85 -20.92 -15.79
C HIS D 546 43.36 -22.10 -16.60
N GLY D 547 44.29 -22.94 -17.03
CA GLY D 547 43.98 -24.18 -17.75
C GLY D 547 43.37 -24.04 -19.15
N VAL D 548 43.48 -22.85 -19.74
CA VAL D 548 42.94 -22.65 -21.06
C VAL D 548 44.06 -22.95 -22.05
N PRO D 549 43.86 -23.93 -22.94
CA PRO D 549 44.94 -24.23 -23.91
C PRO D 549 45.17 -23.11 -24.88
N ALA D 550 46.42 -22.93 -25.32
CA ALA D 550 46.72 -21.97 -26.39
C ALA D 550 46.24 -22.45 -27.76
N SER D 551 46.00 -23.75 -27.90
CA SER D 551 45.53 -24.32 -29.17
C SER D 551 44.81 -25.66 -28.92
N PHE D 552 44.11 -26.16 -29.93
CA PHE D 552 43.51 -27.48 -29.89
C PHE D 552 44.35 -28.45 -30.72
N GLU D 553 44.74 -29.57 -30.12
CA GLU D 553 45.48 -30.56 -30.89
C GLU D 553 44.67 -31.78 -31.31
N SER D 554 43.45 -31.96 -30.78
CA SER D 554 42.64 -33.14 -31.11
C SER D 554 41.15 -32.91 -31.05
N ARG D 555 40.39 -33.80 -31.72
CA ARG D 555 38.93 -33.82 -31.61
C ARG D 555 38.50 -34.07 -30.18
N GLU D 556 39.21 -34.92 -29.44
CA GLU D 556 38.81 -35.21 -28.07
CA GLU D 556 38.90 -35.24 -28.04
C GLU D 556 38.99 -34.02 -27.14
N GLN D 557 40.05 -33.25 -27.33
CA GLN D 557 40.26 -32.04 -26.55
C GLN D 557 39.19 -30.98 -26.85
N LEU D 558 38.85 -30.83 -28.12
CA LEU D 558 37.79 -29.90 -28.51
C LEU D 558 36.47 -30.30 -27.86
N LYS D 559 36.17 -31.61 -27.86
CA LYS D 559 34.94 -32.12 -27.29
C LYS D 559 34.93 -31.82 -25.81
N GLU D 560 36.05 -32.06 -25.14
CA GLU D 560 36.11 -31.79 -23.69
C GLU D 560 35.83 -30.34 -23.35
N VAL D 561 36.46 -29.42 -24.09
CA VAL D 561 36.29 -28.01 -23.76
C VAL D 561 34.87 -27.58 -24.10
N LEU D 562 34.37 -27.94 -25.27
CA LEU D 562 32.98 -27.59 -25.64
C LEU D 562 31.96 -28.16 -24.68
N THR D 563 32.14 -29.42 -24.27
CA THR D 563 31.20 -30.01 -23.29
C THR D 563 31.25 -29.22 -22.00
N SER D 564 32.46 -28.91 -21.52
CA SER D 564 32.60 -28.11 -20.27
C SER D 564 31.82 -26.79 -20.40
N LEU D 565 31.94 -26.15 -21.56
CA LEU D 565 31.32 -24.85 -21.77
C LEU D 565 29.80 -24.94 -21.86
N VAL D 566 29.28 -25.81 -22.72
CA VAL D 566 27.82 -25.96 -22.90
C VAL D 566 27.15 -26.43 -21.59
N PHE D 567 27.78 -27.37 -20.89
CA PHE D 567 27.28 -27.79 -19.61
C PHE D 567 27.21 -26.65 -18.59
N THR D 568 28.23 -25.78 -18.57
CA THR D 568 28.20 -24.66 -17.63
C THR D 568 27.09 -23.66 -18.00
N PHE D 569 27.03 -23.25 -19.25
CA PHE D 569 26.03 -22.27 -19.69
C PHE D 569 24.62 -22.69 -19.32
N SER D 570 24.34 -23.99 -19.43
CA SER D 570 23.01 -24.51 -19.23
C SER D 570 22.88 -25.09 -17.84
N CYS D 571 23.38 -26.31 -17.67
CA CYS D 571 23.13 -27.09 -16.45
C CYS D 571 23.73 -26.51 -15.18
N GLN D 572 25.02 -26.15 -15.23
CA GLN D 572 25.67 -25.68 -14.02
C GLN D 572 25.02 -24.39 -13.57
N HIS D 573 24.81 -23.48 -14.53
CA HIS D 573 24.15 -22.26 -14.14
C HIS D 573 22.75 -22.55 -13.55
N ALA D 574 21.99 -23.44 -14.20
CA ALA D 574 20.63 -23.73 -13.69
C ALA D 574 20.71 -24.24 -12.26
N ALA D 575 21.61 -25.19 -12.00
CA ALA D 575 21.72 -25.82 -10.65
C ALA D 575 22.10 -24.84 -9.55
N VAL D 576 22.88 -23.81 -9.88
CA VAL D 576 23.32 -22.86 -8.84
C VAL D 576 22.48 -21.60 -8.82
N ASN D 577 21.66 -21.43 -9.87
CA ASN D 577 20.78 -20.27 -9.97
C ASN D 577 19.30 -20.49 -9.61
N PHE D 578 18.63 -21.45 -10.24
CA PHE D 578 17.17 -21.60 -10.04
C PHE D 578 16.85 -22.37 -8.75
N SER D 579 17.92 -22.91 -8.14
CA SER D 579 17.84 -23.44 -6.76
C SER D 579 17.68 -22.37 -5.69
N GLN D 580 17.81 -21.08 -6.03
CA GLN D 580 17.89 -20.02 -5.00
C GLN D 580 16.57 -19.71 -4.28
N LYS D 581 15.43 -19.95 -4.93
CA LYS D 581 14.15 -19.72 -4.21
C LYS D 581 14.04 -20.66 -3.01
N ASP D 582 14.28 -21.93 -3.21
CA ASP D 582 14.19 -22.91 -2.10
C ASP D 582 15.28 -22.66 -1.04
N HIS D 583 16.46 -22.28 -1.52
CA HIS D 583 17.62 -22.03 -0.65
C HIS D 583 17.48 -20.75 0.17
N TYR D 584 17.17 -19.63 -0.48
CA TYR D 584 17.20 -18.36 0.19
C TYR D 584 15.82 -17.80 0.57
N GLY D 585 14.73 -18.32 -0.01
CA GLY D 585 13.38 -17.78 0.23
C GLY D 585 13.06 -17.54 1.70
N PHE D 586 13.39 -18.53 2.53
CA PHE D 586 13.31 -18.40 3.98
C PHE D 586 14.69 -18.04 4.56
N THR D 587 14.82 -16.81 5.02
CA THR D 587 16.14 -16.18 5.21
C THR D 587 16.98 -16.95 6.23
N PRO D 588 16.39 -17.35 7.39
CA PRO D 588 17.20 -18.12 8.34
C PRO D 588 17.82 -19.42 7.77
N ASN D 589 17.26 -19.98 6.71
CA ASN D 589 17.87 -21.14 6.07
C ASN D 589 19.27 -20.84 5.44
N ALA D 590 19.52 -19.58 5.12
CA ALA D 590 20.72 -19.15 4.40
C ALA D 590 20.91 -17.63 4.47
N PRO D 591 21.29 -17.10 5.64
CA PRO D 591 21.53 -15.68 5.78
C PRO D 591 22.73 -15.27 4.91
N ALA D 592 22.67 -14.06 4.35
CA ALA D 592 23.73 -13.58 3.46
C ALA D 592 24.42 -12.36 4.05
N ILE D 593 23.87 -11.88 5.16
CA ILE D 593 24.42 -10.79 5.92
C ILE D 593 24.36 -11.20 7.39
N LEU D 594 25.41 -10.91 8.16
CA LEU D 594 25.31 -10.95 9.65
C LEU D 594 25.78 -9.62 10.19
N ARG D 595 25.16 -9.19 11.30
CA ARG D 595 25.25 -7.81 11.77
C ARG D 595 26.14 -7.64 13.00
N HIS D 596 26.55 -8.77 13.59
CA HIS D 596 27.52 -8.75 14.69
C HIS D 596 28.66 -9.72 14.45
N PRO D 597 29.82 -9.51 15.11
CA PRO D 597 30.97 -10.42 14.96
C PRO D 597 30.73 -11.76 15.66
N PRO D 598 31.56 -12.78 15.35
CA PRO D 598 31.40 -14.11 15.93
C PRO D 598 31.68 -14.09 17.45
N PRO D 599 31.23 -15.12 18.19
CA PRO D 599 31.50 -15.10 19.64
C PRO D 599 32.95 -15.51 19.95
N LYS D 600 33.49 -15.06 21.09
CA LYS D 600 34.85 -15.44 21.46
C LYS D 600 34.89 -16.50 22.58
N LYS D 601 33.69 -16.92 23.03
CA LYS D 601 33.56 -17.95 24.06
C LYS D 601 32.22 -18.66 23.89
N LYS D 602 32.12 -19.84 24.47
CA LYS D 602 30.88 -20.59 24.39
C LYS D 602 29.89 -20.08 25.44
N GLY D 603 28.62 -20.45 25.26
CA GLY D 603 27.58 -20.19 26.26
C GLY D 603 26.90 -18.83 26.22
N GLU D 604 27.23 -18.01 25.22
CA GLU D 604 26.72 -16.62 25.16
C GLU D 604 25.43 -16.39 24.33
N ALA D 605 25.18 -17.25 23.33
CA ALA D 605 24.04 -17.08 22.42
C ALA D 605 22.65 -17.24 23.06
N THR D 606 21.76 -16.33 22.72
CA THR D 606 20.33 -16.41 23.07
C THR D 606 19.55 -16.25 21.78
N LEU D 607 18.26 -16.61 21.78
CA LEU D 607 17.42 -16.29 20.64
C LEU D 607 17.49 -14.79 20.34
N GLN D 608 17.35 -13.94 21.36
CA GLN D 608 17.47 -12.49 21.18
C GLN D 608 18.77 -12.05 20.48
N SER D 609 19.91 -12.56 20.94
CA SER D 609 21.20 -12.17 20.36
C SER D 609 21.33 -12.71 18.93
N ILE D 610 20.89 -13.96 18.72
CA ILE D 610 20.81 -14.54 17.38
C ILE D 610 19.97 -13.64 16.44
N LEU D 611 18.73 -13.36 16.83
CA LEU D 611 17.87 -12.45 16.06
C LEU D 611 18.50 -11.14 15.69
N SER D 612 19.36 -10.59 16.55
CA SER D 612 19.96 -9.29 16.27
C SER D 612 21.20 -9.41 15.38
N THR D 613 21.66 -10.63 15.18
CA THR D 613 22.84 -10.94 14.35
C THR D 613 22.40 -11.31 12.92
N LEU D 614 21.27 -12.02 12.84
CA LEU D 614 20.59 -12.34 11.58
C LEU D 614 20.24 -11.06 10.80
N PRO D 615 20.02 -11.17 9.47
CA PRO D 615 19.70 -9.97 8.69
C PRO D 615 18.45 -9.28 9.22
N SER D 616 18.39 -7.96 9.11
CA SER D 616 17.21 -7.17 9.43
C SER D 616 16.05 -7.57 8.52
N LYS D 617 14.84 -7.14 8.86
CA LYS D 617 13.71 -7.48 8.01
C LYS D 617 13.88 -6.89 6.59
N SER D 618 14.45 -5.69 6.48
CA SER D 618 14.66 -5.11 5.15
C SER D 618 15.80 -5.79 4.38
N GLN D 619 16.87 -6.16 5.07
CA GLN D 619 17.96 -6.88 4.43
C GLN D 619 17.47 -8.23 3.90
N ALA D 620 16.68 -8.92 4.71
CA ALA D 620 16.09 -10.17 4.29
C ALA D 620 15.14 -9.94 3.11
N ALA D 621 14.31 -8.90 3.18
CA ALA D 621 13.34 -8.63 2.10
C ALA D 621 14.06 -8.37 0.77
N LYS D 622 15.19 -7.66 0.86
CA LYS D 622 16.00 -7.34 -0.33
C LYS D 622 16.68 -8.58 -0.92
N ALA D 623 17.13 -9.52 -0.07
CA ALA D 623 17.62 -10.80 -0.56
C ALA D 623 16.52 -11.55 -1.33
N ILE D 624 15.29 -11.53 -0.82
CA ILE D 624 14.21 -12.22 -1.48
C ILE D 624 13.90 -11.54 -2.82
N ALA D 625 13.87 -10.20 -2.84
CA ALA D 625 13.64 -9.46 -4.11
C ALA D 625 14.71 -9.85 -5.15
N THR D 626 15.95 -9.91 -4.69
CA THR D 626 17.08 -10.34 -5.53
C THR D 626 16.87 -11.69 -6.16
N VAL D 627 16.50 -12.66 -5.32
CA VAL D 627 16.22 -14.01 -5.79
C VAL D 627 15.08 -14.03 -6.79
N TYR D 628 14.03 -13.24 -6.54
CA TYR D 628 12.90 -13.18 -7.47
C TYR D 628 13.36 -12.76 -8.88
N ILE D 629 14.15 -11.69 -8.92
CA ILE D 629 14.63 -11.15 -10.21
C ILE D 629 15.56 -12.17 -10.87
N LEU D 630 16.50 -12.72 -10.10
CA LEU D 630 17.51 -13.67 -10.68
C LEU D 630 17.01 -15.03 -11.12
N THR D 631 15.83 -15.44 -10.64
CA THR D 631 15.29 -16.78 -10.97
C THR D 631 14.05 -16.75 -11.87
N LYS D 632 13.74 -15.57 -12.42
CA LYS D 632 12.51 -15.44 -13.28
C LYS D 632 12.79 -15.96 -14.69
N PHE D 633 12.14 -17.05 -15.09
CA PHE D 633 12.21 -17.54 -16.47
C PHE D 633 11.41 -16.60 -17.39
N SER D 634 11.98 -16.22 -18.52
CA SER D 634 11.20 -15.43 -19.49
C SER D 634 10.20 -16.33 -20.20
N GLU D 635 9.08 -15.75 -20.64
CA GLU D 635 8.08 -16.58 -21.27
CA GLU D 635 8.02 -16.44 -21.35
C GLU D 635 8.58 -17.05 -22.63
N ASP D 636 9.66 -16.47 -23.14
CA ASP D 636 10.25 -16.95 -24.40
C ASP D 636 11.49 -17.86 -24.21
N GLU D 637 11.69 -18.36 -22.98
CA GLU D 637 12.93 -19.11 -22.78
CA GLU D 637 12.85 -19.21 -22.62
C GLU D 637 12.88 -20.45 -23.50
N ARG D 638 14.06 -20.85 -23.98
CA ARG D 638 14.19 -22.09 -24.66
C ARG D 638 15.05 -22.96 -23.76
N TYR D 639 14.56 -24.17 -23.48
CA TYR D 639 15.19 -25.04 -22.51
C TYR D 639 16.10 -26.08 -23.20
N LEU D 640 16.81 -26.86 -22.41
CA LEU D 640 17.95 -27.67 -22.90
C LEU D 640 17.65 -28.53 -24.14
N GLY D 641 18.32 -28.22 -25.23
CA GLY D 641 18.23 -29.04 -26.43
C GLY D 641 17.14 -28.54 -27.36
N ASN D 642 16.43 -27.48 -26.96
CA ASN D 642 15.41 -26.90 -27.85
C ASN D 642 16.18 -26.08 -28.86
N TYR D 643 16.29 -26.60 -30.08
CA TYR D 643 17.13 -26.00 -31.09
C TYR D 643 16.26 -25.52 -32.28
N SER D 644 15.03 -25.11 -31.96
CA SER D 644 14.09 -24.62 -32.99
C SER D 644 14.60 -23.34 -33.67
N ALA D 645 15.47 -22.58 -32.99
CA ALA D 645 16.01 -21.33 -33.56
C ALA D 645 17.50 -21.45 -33.90
N THR D 646 17.93 -22.61 -34.39
CA THR D 646 19.34 -22.82 -34.73
C THR D 646 19.47 -22.91 -36.25
N ALA D 647 20.70 -22.75 -36.75
CA ALA D 647 20.95 -22.57 -38.18
C ALA D 647 21.38 -23.87 -38.91
N TRP D 648 21.17 -25.02 -38.29
CA TRP D 648 21.65 -26.30 -38.84
C TRP D 648 20.89 -26.69 -40.11
N GLU D 649 21.61 -27.15 -41.14
CA GLU D 649 21.06 -27.70 -42.41
C GLU D 649 21.51 -29.15 -42.65
N ASP D 650 22.70 -29.49 -42.14
CA ASP D 650 23.31 -30.80 -42.43
C ASP D 650 22.44 -31.89 -41.83
N LYS D 651 22.04 -32.86 -42.65
CA LYS D 651 21.17 -33.97 -42.23
C LYS D 651 21.73 -34.84 -41.12
N ASP D 652 23.04 -35.10 -41.12
CA ASP D 652 23.67 -35.81 -40.01
C ASP D 652 23.63 -35.03 -38.71
N ALA D 653 23.79 -33.70 -38.79
CA ALA D 653 23.68 -32.87 -37.61
C ALA D 653 22.23 -32.91 -37.06
N LEU D 654 21.26 -32.90 -37.97
CA LEU D 654 19.86 -32.97 -37.55
C LEU D 654 19.58 -34.33 -36.86
N ASP D 655 20.15 -35.41 -37.39
CA ASP D 655 20.04 -36.72 -36.76
C ASP D 655 20.67 -36.74 -35.35
N ALA D 656 21.87 -36.12 -35.22
CA ALA D 656 22.54 -36.00 -33.92
C ALA D 656 21.69 -35.25 -32.89
N ILE D 657 21.07 -34.18 -33.35
CA ILE D 657 20.13 -33.42 -32.53
C ILE D 657 18.96 -34.30 -32.08
N ASN D 658 18.36 -35.07 -33.00
CA ASN D 658 17.25 -36.02 -32.63
C ASN D 658 17.63 -36.95 -31.49
N ARG D 659 18.81 -37.58 -31.62
CA ARG D 659 19.27 -38.54 -30.60
C ARG D 659 19.50 -37.86 -29.30
N PHE D 660 20.05 -36.64 -29.34
CA PHE D 660 20.31 -35.88 -28.10
C PHE D 660 19.00 -35.51 -27.39
N GLN D 661 18.04 -34.98 -28.14
CA GLN D 661 16.72 -34.62 -27.58
C GLN D 661 16.03 -35.87 -26.99
N ASP D 662 16.08 -36.95 -27.76
CA ASP D 662 15.57 -38.25 -27.26
C ASP D 662 16.24 -38.72 -25.94
N LYS D 663 17.56 -38.57 -25.83
CA LYS D 663 18.26 -38.92 -24.59
C LYS D 663 17.83 -38.02 -23.43
N LEU D 664 17.70 -36.73 -23.69
CA LEU D 664 17.22 -35.79 -22.65
C LEU D 664 15.82 -36.14 -22.17
N GLU D 665 14.95 -36.57 -23.08
CA GLU D 665 13.61 -37.00 -22.69
C GLU D 665 13.66 -38.24 -21.75
N ASP D 666 14.58 -39.17 -22.02
CA ASP D 666 14.73 -40.33 -21.14
CA ASP D 666 14.79 -40.35 -21.16
C ASP D 666 15.26 -39.89 -19.79
N ILE D 667 16.20 -38.96 -19.79
CA ILE D 667 16.76 -38.42 -18.56
C ILE D 667 15.69 -37.72 -17.74
N SER D 668 14.84 -36.92 -18.39
CA SER D 668 13.76 -36.23 -17.69
CA SER D 668 13.71 -36.23 -17.74
C SER D 668 12.80 -37.23 -17.02
N LYS D 669 12.40 -38.27 -17.75
CA LYS D 669 11.52 -39.33 -17.21
C LYS D 669 12.16 -39.96 -15.99
N LYS D 670 13.43 -40.33 -16.11
CA LYS D 670 14.17 -40.96 -15.00
C LYS D 670 14.30 -40.12 -13.76
N ILE D 671 14.56 -38.81 -13.91
CA ILE D 671 14.60 -37.88 -12.76
C ILE D 671 13.22 -37.77 -12.10
N LYS D 672 12.18 -37.71 -12.90
CA LYS D 672 10.82 -37.57 -12.36
C LYS D 672 10.45 -38.82 -11.55
N GLN D 673 10.78 -40.00 -12.07
CA GLN D 673 10.63 -41.28 -11.35
C GLN D 673 11.39 -41.32 -10.04
N ARG D 674 12.66 -40.92 -10.09
CA ARG D 674 13.51 -40.76 -8.90
C ARG D 674 12.84 -39.79 -7.93
N ASN D 675 12.35 -38.66 -8.42
CA ASN D 675 11.71 -37.65 -7.56
C ASN D 675 10.44 -38.07 -6.83
N GLU D 676 9.64 -38.96 -7.44
CA GLU D 676 8.37 -39.34 -6.78
C GLU D 676 8.61 -40.19 -5.55
N ASN D 677 9.85 -40.64 -5.37
CA ASN D 677 10.23 -41.39 -4.19
C ASN D 677 11.08 -40.62 -3.18
N LEU D 678 11.21 -39.29 -3.35
CA LEU D 678 12.04 -38.48 -2.45
C LEU D 678 11.21 -37.60 -1.57
N GLU D 679 11.70 -37.35 -0.36
CA GLU D 679 11.04 -36.44 0.59
CA GLU D 679 10.99 -36.44 0.56
C GLU D 679 10.99 -35.02 0.01
N VAL D 680 12.08 -34.61 -0.63
CA VAL D 680 12.17 -33.28 -1.25
C VAL D 680 12.72 -33.52 -2.66
N PRO D 681 11.83 -33.53 -3.67
CA PRO D 681 12.20 -33.66 -5.08
C PRO D 681 13.32 -32.69 -5.45
N TYR D 682 14.27 -33.18 -6.25
CA TYR D 682 15.35 -32.31 -6.81
C TYR D 682 15.05 -32.02 -8.28
N ILE D 683 14.62 -30.80 -8.59
CA ILE D 683 14.02 -30.55 -9.90
C ILE D 683 14.86 -29.62 -10.77
N TYR D 684 15.91 -29.02 -10.21
CA TYR D 684 16.65 -27.98 -10.92
C TYR D 684 17.37 -28.47 -12.16
N LEU D 685 17.63 -29.77 -12.24
CA LEU D 685 18.32 -30.36 -13.39
C LEU D 685 17.43 -31.20 -14.32
N LEU D 686 16.10 -30.98 -14.21
CA LEU D 686 15.18 -31.45 -15.27
C LEU D 686 15.47 -30.66 -16.56
N PRO D 687 15.67 -31.36 -17.70
CA PRO D 687 15.90 -30.65 -18.95
C PRO D 687 14.89 -29.55 -19.25
N GLU D 688 13.63 -29.76 -18.87
CA GLU D 688 12.54 -28.81 -19.18
C GLU D 688 12.67 -27.53 -18.35
N ARG D 689 13.54 -27.57 -17.34
CA ARG D 689 13.77 -26.45 -16.42
C ARG D 689 15.17 -25.82 -16.57
N ILE D 690 15.99 -26.35 -17.50
CA ILE D 690 17.36 -25.86 -17.70
C ILE D 690 17.37 -25.03 -18.98
N PRO D 691 17.57 -23.69 -18.85
CA PRO D 691 17.68 -22.87 -20.08
C PRO D 691 18.89 -23.29 -20.89
N ASN D 692 18.82 -23.20 -22.23
CA ASN D 692 20.04 -23.43 -23.03
C ASN D 692 21.25 -22.58 -22.55
N GLY D 693 20.97 -21.38 -22.05
CA GLY D 693 22.06 -20.41 -21.78
C GLY D 693 21.97 -19.80 -20.39
N THR D 694 22.89 -18.88 -20.11
CA THR D 694 22.99 -18.15 -18.86
C THR D 694 22.49 -16.78 -19.22
N ALA D 695 21.21 -16.53 -18.95
CA ALA D 695 20.53 -15.31 -19.43
C ALA D 695 19.87 -14.53 -18.31
N ILE D 696 20.05 -14.99 -17.08
CA ILE D 696 19.45 -14.27 -15.94
C ILE D 696 20.31 -14.54 -14.69
FE FE2 E . -19.91 -1.98 23.05
CA CA F . -15.13 25.75 25.19
CA CA G . -6.87 34.10 37.02
C ACY H . -16.09 -20.52 20.39
C ACY H . -15.83 -20.77 20.54
O ACY H . -16.94 -20.51 21.32
O ACY H . -14.99 -20.78 19.60
OXT ACY H . -16.10 -19.84 19.33
OXT ACY H . -15.85 -21.57 21.50
CH3 ACY H . -14.94 -21.46 20.59
CH3 ACY H . -16.88 -19.70 20.50
C ACY I . -18.26 11.53 16.57
C ACY I . -18.32 11.58 15.71
O ACY I . -18.30 12.65 17.11
O ACY I . -18.96 12.30 14.91
OXT ACY I . -19.02 11.14 15.66
OXT ACY I . -17.50 10.69 15.37
CH3 ACY I . -17.21 10.59 17.06
CH3 ACY I . -18.52 11.80 17.18
C ACY J . -17.32 -9.72 13.86
O ACY J . -18.13 -9.28 13.02
OXT ACY J . -16.96 -10.94 14.01
CH3 ACY J . -16.75 -8.66 14.75
C ACY K . -13.87 -44.16 27.57
O ACY K . -14.61 -43.16 27.65
OXT ACY K . -12.61 -44.11 27.53
CH3 ACY K . -14.58 -45.49 27.50
C ACY L . -6.65 -0.54 30.09
O ACY L . -5.95 -0.21 29.10
OXT ACY L . -6.25 -0.69 31.28
CH3 ACY L . -8.07 -0.81 29.80
C ACY M . -36.07 -36.93 26.75
O ACY M . -36.45 -37.88 27.50
OXT ACY M . -36.82 -36.25 25.98
CH3 ACY M . -34.60 -36.61 26.81
C ACY N . -10.06 -26.29 35.57
O ACY N . -11.03 -26.12 34.79
OXT ACY N . -10.18 -26.30 36.82
CH3 ACY N . -8.68 -26.50 35.00
C ACY O . -8.08 -7.60 3.30
O ACY O . -7.22 -8.38 3.75
OXT ACY O . -8.26 -6.46 3.78
CH3 ACY O . -8.92 -8.04 2.16
C1 GOL P . -18.11 -44.37 29.84
O1 GOL P . -18.72 -45.64 29.72
C2 GOL P . -16.84 -44.54 30.65
O2 GOL P . -17.21 -45.18 31.86
C3 GOL P . -16.32 -43.16 31.01
O3 GOL P . -15.12 -43.29 31.71
C1 GOL Q . -30.90 -1.71 51.21
O1 GOL Q . -30.78 -3.08 50.89
C2 GOL Q . -29.65 -1.33 52.02
O2 GOL Q . -28.46 -1.63 51.34
C3 GOL Q . -29.62 0.10 52.58
O3 GOL Q . -29.80 0.99 51.53
C1 GOL R . -12.82 34.67 30.12
O1 GOL R . -11.89 35.01 29.10
C2 GOL R . -13.86 35.80 30.24
O2 GOL R . -13.15 37.03 30.19
C3 GOL R . -14.64 35.68 31.57
O3 GOL R . -15.57 36.73 31.74
C1 GOL S . -34.08 -13.87 23.86
O1 GOL S . -33.59 -12.57 24.16
C2 GOL S . -32.97 -14.87 23.62
O2 GOL S . -33.55 -16.15 23.42
C3 GOL S . -32.08 -15.00 24.83
O3 GOL S . -31.31 -13.87 24.95
C1 GOL T . -0.40 -20.29 2.46
O1 GOL T . -1.18 -21.41 2.81
C2 GOL T . -1.38 -19.27 1.91
O2 GOL T . -2.38 -20.05 1.33
C3 GOL T . -0.73 -18.27 0.96
O3 GOL T . -1.46 -17.06 0.88
C1 GOL U . -12.69 15.74 36.30
O1 GOL U . -11.90 15.91 37.46
C2 GOL U . -12.96 17.11 35.70
O2 GOL U . -14.16 17.18 34.95
C3 GOL U . -11.70 17.50 34.91
O3 GOL U . -10.85 18.21 35.75
C1 GOL V . -10.66 -14.29 42.34
O1 GOL V . -11.21 -15.56 41.97
C2 GOL V . -11.80 -13.26 42.42
O2 GOL V . -12.56 -13.46 41.27
C3 GOL V . -11.29 -11.84 42.23
O3 GOL V . -11.39 -11.09 43.41
C1 GOL W . -6.35 -27.85 12.52
O1 GOL W . -6.91 -29.03 11.99
C2 GOL W . -4.86 -27.80 12.23
O2 GOL W . -4.18 -28.56 13.21
C3 GOL W . -4.33 -26.37 12.31
O3 GOL W . -4.80 -25.58 11.23
C1 GOL X . -3.66 3.75 47.41
C1 GOL X . -3.94 3.98 48.58
O1 GOL X . -4.58 4.12 46.40
O1 GOL X . -2.81 4.65 48.03
C2 GOL X . -4.36 2.83 48.43
C2 GOL X . -4.20 2.63 47.89
O2 GOL X . -4.74 1.58 47.81
O2 GOL X . -4.32 2.71 46.49
C3 GOL X . -5.52 3.56 49.10
C3 GOL X . -5.43 1.94 48.50
O3 GOL X . -6.49 2.69 49.66
O3 GOL X . -6.54 2.81 48.38
C1 GOL Y . -26.21 -11.32 33.05
O1 GOL Y . -26.67 -11.47 34.38
C2 GOL Y . -26.19 -12.68 32.37
O2 GOL Y . -24.91 -13.21 32.54
C3 GOL Y . -26.55 -12.62 30.88
O3 GOL Y . -27.90 -12.20 30.65
CL CL Z . -23.44 14.85 47.79
CL CL AA . -25.44 43.48 44.11
CA CA BA . -11.32 9.69 48.37
FE FE2 CA . 11.25 23.19 16.95
CA CA DA . 1.48 6.98 38.04
C ACY EA . 11.55 32.09 -0.17
O ACY EA . 11.21 33.28 -0.21
OXT ACY EA . 12.42 31.63 0.59
CH3 ACY EA . 10.87 31.17 -1.10
C ACY FA . -4.16 25.31 17.38
O ACY FA . -3.20 24.53 17.50
OXT ACY FA . -4.30 26.39 18.01
CH3 ACY FA . -5.17 24.88 16.38
C ACY GA . 8.26 9.22 -2.25
O ACY GA . 7.63 9.84 -3.13
OXT ACY GA . 9.38 8.70 -2.43
CH3 ACY GA . 7.64 9.13 -0.89
C ACY HA . 9.59 9.46 23.29
O ACY HA . 9.35 9.73 24.48
OXT ACY HA . 8.70 9.47 22.41
CH3 ACY HA . 10.98 9.08 22.91
C1 GOL IA . 12.16 46.49 36.02
O1 GOL IA . 12.49 47.05 34.76
C2 GOL IA . 10.72 46.83 36.38
O2 GOL IA . 9.87 46.34 35.36
C3 GOL IA . 10.32 46.27 37.74
O3 GOL IA . 10.54 44.89 37.80
C1 GOL JA . -10.33 37.38 30.55
O1 GOL JA . -10.95 38.63 30.70
C2 GOL JA . -9.95 37.05 29.11
O2 GOL JA . -8.62 36.63 28.86
C3 GOL JA . -10.41 38.21 28.25
O3 GOL JA . -11.74 37.90 28.40
C1 GOL KA . 3.78 12.13 -14.19
C1 GOL KA . 2.59 13.73 -13.46
O1 GOL KA . 4.29 11.89 -12.91
O1 GOL KA . 1.70 14.45 -14.28
C2 GOL KA . 4.40 13.40 -14.80
C2 GOL KA . 3.82 13.29 -14.27
O2 GOL KA . 5.69 13.75 -14.32
O2 GOL KA . 4.80 12.75 -13.41
C3 GOL KA . 3.43 14.56 -14.61
C3 GOL KA . 4.46 14.43 -15.04
O3 GOL KA . 4.02 15.70 -15.17
O3 GOL KA . 3.65 15.58 -15.06
C1 GOL LA . 25.93 33.92 13.05
O1 GOL LA . 25.40 32.79 13.71
C2 GOL LA . 24.99 34.55 12.02
O2 GOL LA . 23.71 33.97 12.02
C3 GOL LA . 25.66 34.47 10.65
O3 GOL LA . 24.74 34.86 9.63
CL CL MA . 3.70 32.41 44.55
FE FE2 NA . -13.92 -4.70 -26.94
CA CA OA . 1.54 -28.28 -25.99
CA CA PA . 14.31 -33.10 -35.57
C ACY QA . -17.84 13.91 -24.86
C ACY QA . -17.81 14.00 -24.92
O ACY QA . -18.42 12.82 -25.06
O ACY QA . -17.87 13.23 -23.90
OXT ACY QA . -17.20 14.25 -23.81
OXT ACY QA . -17.21 15.10 -24.97
CH3 ACY QA . -17.97 14.87 -25.97
CH3 ACY QA . -18.50 13.61 -26.17
C ACY RA . -8.71 -16.49 -18.78
O ACY RA . -8.38 -17.10 -19.82
OXT ACY RA . -7.97 -15.65 -18.25
CH3 ACY RA . -10.01 -16.80 -18.10
C ACY SA . 0.17 -0.93 -31.03
O ACY SA . -0.83 -1.63 -30.90
OXT ACY SA . 0.59 -0.57 -32.15
CH3 ACY SA . 0.89 -0.53 -29.77
C ACY TA . -9.52 4.56 -5.60
O ACY TA . -9.74 5.67 -5.07
OXT ACY TA . -8.57 4.31 -6.40
CH3 ACY TA . -10.44 3.44 -5.26
C ACY UA . -16.43 3.46 -17.93
O ACY UA . -17.31 2.97 -17.16
OXT ACY UA . -16.32 4.68 -18.20
CH3 ACY UA . -15.48 2.49 -18.56
C ACY VA . -8.28 21.42 -16.87
O ACY VA . -7.64 20.38 -17.18
OXT ACY VA . -9.26 21.47 -16.07
CH3 ACY VA . -7.83 22.72 -17.48
C1 GOL WA . 7.27 -4.15 -49.05
C1 GOL WA . 7.64 -4.37 -48.19
O1 GOL WA . 8.14 -3.14 -48.61
O1 GOL WA . 8.35 -4.46 -46.97
C2 GOL WA . 5.86 -3.55 -49.07
C2 GOL WA . 6.30 -3.68 -47.97
O2 GOL WA . 5.48 -3.31 -50.40
O2 GOL WA . 5.32 -3.99 -48.97
C3 GOL WA . 5.98 -2.25 -48.28
C3 GOL WA . 6.49 -2.18 -47.98
O3 GOL WA . 6.93 -1.45 -48.93
O3 GOL WA . 5.20 -1.64 -48.09
C1 GOL XA . -7.72 18.12 -3.38
O1 GOL XA . -9.12 17.97 -3.05
C2 GOL XA . -7.57 19.59 -3.76
O2 GOL XA . -8.74 19.85 -4.43
C3 GOL XA . -6.39 20.00 -4.64
O3 GOL XA . -5.19 19.62 -3.99
C1 GOL YA . -26.81 35.26 -36.36
O1 GOL YA . -27.79 36.26 -36.51
C2 GOL YA . -25.58 35.86 -36.99
O2 GOL YA . -26.00 36.22 -38.28
C3 GOL YA . -24.49 34.79 -37.09
O3 GOL YA . -23.36 35.28 -37.72
C1 GOL ZA . -18.00 -8.97 -56.48
O1 GOL ZA . -18.55 -7.68 -56.31
C2 GOL ZA . -16.66 -8.77 -57.19
O2 GOL ZA . -15.80 -8.12 -56.29
C3 GOL ZA . -16.07 -10.09 -57.63
O3 GOL ZA . -15.81 -10.90 -56.51
C1 GOL AB . 11.08 -37.77 -29.51
O1 GOL AB . 11.26 -39.15 -29.77
C2 GOL AB . 9.70 -37.51 -28.92
O2 GOL AB . 9.66 -38.03 -27.61
C3 GOL AB . 8.58 -38.09 -29.79
O3 GOL AB . 7.49 -37.18 -29.89
C1 GOL BB . -40.59 23.05 -37.29
O1 GOL BB . -39.37 23.02 -38.00
C2 GOL BB . -40.54 22.23 -35.99
O2 GOL BB . -39.26 21.75 -35.58
C3 GOL BB . -41.54 21.10 -36.05
O3 GOL BB . -41.65 20.60 -34.77
CL CL CB . -5.50 -21.45 -50.40
CL CL DB . 1.88 -48.76 -44.20
CA CA EB . 3.38 -12.01 -49.25
C ACY FB . 22.61 -24.56 4.22
O ACY FB . 23.53 -24.22 3.48
OXT ACY FB . 21.81 -23.80 4.76
CH3 ACY FB . 22.43 -26.00 4.50
FE FE2 GB . 22.46 -16.22 -13.13
CA CA HB . 11.76 -4.74 -36.79
C ACY IB . 20.78 -13.21 -1.17
O ACY IB . 21.39 -12.19 -0.77
OXT ACY IB . 20.63 -14.25 -0.47
CH3 ACY IB . 20.20 -13.13 -2.55
C ACY JB . 10.61 -4.72 3.76
O ACY JB . 10.53 -5.10 4.95
OXT ACY JB . 10.01 -5.24 2.78
CH3 ACY JB . 11.51 -3.54 3.49
C ACY KB . 17.23 -3.89 -20.77
O ACY KB . 17.07 -3.93 -19.53
OXT ACY KB . 16.86 -4.81 -21.53
CH3 ACY KB . 17.87 -2.66 -21.36
C ACY LB . 10.03 -23.68 11.03
O ACY LB . 9.64 -23.30 9.90
OXT ACY LB . 9.95 -24.86 11.42
CH3 ACY LB . 10.62 -22.70 12.01
C1 GOL MB . 36.13 -37.03 -30.11
O1 GOL MB . 36.29 -37.52 -28.80
C2 GOL MB . 35.10 -37.91 -30.80
O2 GOL MB . 33.88 -37.68 -30.12
C3 GOL MB . 35.01 -37.54 -32.27
O3 GOL MB . 34.25 -36.39 -32.39
C1 GOL NB . 6.22 -12.08 16.56
C1 GOL NB . 5.62 -12.03 15.96
O1 GOL NB . 6.45 -13.43 16.23
O1 GOL NB . 6.68 -12.83 16.45
C2 GOL NB . 6.63 -11.14 15.43
C2 GOL NB . 6.17 -10.62 15.80
O2 GOL NB . 7.53 -10.20 15.94
O2 GOL NB . 7.54 -10.67 16.12
C3 GOL NB . 5.46 -10.49 14.69
C3 GOL NB . 5.99 -10.14 14.35
O3 GOL NB . 4.60 -11.46 14.13
O3 GOL NB . 5.14 -9.01 14.30
C1 GOL OB . 9.28 -32.72 8.26
O1 GOL OB . 8.98 -31.36 8.45
C2 GOL OB . 10.79 -32.87 8.19
O2 GOL OB . 11.39 -31.87 8.99
C3 GOL OB . 11.20 -34.25 8.72
O3 GOL OB . 12.58 -34.44 8.54
CL CL PB . 24.74 -27.22 -41.09
#